data_6ZOH
#
_entry.id   6ZOH
#
_cell.length_a   145.143
_cell.length_b   160.129
_cell.length_c   243.588
_cell.angle_alpha   90.000
_cell.angle_beta   90.000
_cell.angle_gamma   90.000
#
_symmetry.space_group_name_H-M   'P 21 21 21'
#
loop_
_entity.id
_entity.type
_entity.pdbx_description
1 polymer 'Multidrug efflux pump subunit AcrB'
2 polymer DARPIN
3 non-polymer DODECYL-BETA-D-MALTOSIDE
4 non-polymer 1,2-ETHANEDIOL
5 non-polymer GLYCEROL
6 non-polymer DODECANE
7 non-polymer DECYLAMINE-N,N-DIMETHYL-N-OXIDE
8 non-polymer '(2S,12Z,14E,16S,17S,18R,19R,20R,21S,22R,23S,24E)-8-formyl-5,6,9,17,19-pentahydroxy-23-methoxy-2,4,12,16,18,20,22-heptam ethyl-1,11-dioxo-1,2-dihydro-2,7-(epoxypentadeca[1,11,13]trienoimino)naphtho[2,1-b]furan-21-yl acetate'
9 non-polymer '(2S)-3-hydroxypropane-1,2-diyl didecanoate'
10 non-polymer PHOSPHATIDYLETHANOLAMINE
11 non-polymer DECANE
12 non-polymer '(2S)-3-{[(R)-(2-aminoethoxy)(hydroxy)phosphoryl]oxy}-2-hydroxypropyl hexadecanoate'
13 non-polymer HEXANE
14 water water
#
loop_
_entity_poly.entity_id
_entity_poly.type
_entity_poly.pdbx_seq_one_letter_code
_entity_poly.pdbx_strand_id
1 'polypeptide(L)'
;MPNFFIDRPIFAWVIAIIIMLAGGLAILKLPVAQYPTIAPPAVTISASYPGADAKTVQDTVTQVIEQNMNGIDNLMYMSS
NSDSTGTVQITLTFESGTDADIAQVQVQNKLQLAMPLLPQEVQQQGVSVEKSSSSFLMVVGVINTDGTMTQEDISDYVAA
NMKDAISRTSGVGDVQLFGSQYAMRIWMNPNELNKFQLTPVDVITAIKAQNAQVAAGQLGGTPPVKGQQLNASIIAQTRL
TSTEEFGKILLKVNQDGSRVLLRDVAKIELGGENYDIIAEFNGQPASGLGIKLATGANALDTAAAIRAELAKMEPFFPSG
LKIVYPYDTTPFVKISIHEVVKTLVEAIILVFLVMYLFLQNFRATLIPTIAVPVVLLGTFAVLAAFGFSINTLTMFGMVL
AIGLLVDDAIVVVENVERVMAEEGLPPKEATRKSMGQIQGALVGIAMVLSAVFVPMAFFGGSTGAIYRQFSITIVSAMAL
SVLVALILTPALCATMLKPIAKGDHGEGKKGFFGWFNRMFEKSTHHYTDSVGGILRSTGRYLVLYLIIVVGMAYLFVRLP
SSFLPDEDQGVFMTMVQLPAGATQERTQKVLNEVTHYYLTKEKNNVESVFAVNGFGFAPRPQNTGIAFVSLKDWADRPGE
ENKVEAITMRATRAFSQIKDAMVFAFNLPAIVELGTATGFDFELIDQAGLGHEKLTQARNQLLAEAAKHPDMLTSVRPNG
LEDTPQFKIDIDQEKAQALGVSINDINTTLGAAWGGSYVNDFIDRGRVKKVYVMSEAKYRMLPDDIGDWYVRAADGQMVP
FSAFSSSRWEYGSPRLERYNGLPSMEILGQAAPGKSTGEAMELMEQLASKLPTGVGYDWTGMSYQERLSGNQAPSLYAIS
LIVVFLCLAALYESWSIPFSVMLVVPLGVIGALLAATFRGLTNDVYFQVGLLTTIGLSAKNAILIVEFAKDLMDKEGKGL
IEATLDAVRMRLRPILMTSLAFILGVMPLVISTGAGSGAQNAVGTGVMGGMVTATVLAIFFVPVFFVVVRRRFSRKNEDI
EHSHTVDHHLEHHHHHH
;
A,B,C
2 'polypeptide(L)'
;MRGSHHHHHHGSDLGKKLLEAARAGRDDEVRILMANGADVNAADVVGWTPLHLAAYWGHLEIVEVLLKNGADVNAYDTLG
STPLHLAAHFGHLEIVEVLLKNGADVNAKDDNGITPLHLAANRGHLEIVEVLLKYGADVNAQDKFGKTAFDISINNGNED
LAEILQKLN
;
D,E
#
loop_
_chem_comp.id
_chem_comp.type
_chem_comp.name
_chem_comp.formula
3YI non-polymer '(2S,12Z,14E,16S,17S,18R,19R,20R,21S,22R,23S,24E)-8-formyl-5,6,9,17,19-pentahydroxy-23-methoxy-2,4,12,16,18,20,22-heptam ethyl-1,11-dioxo-1,2-dihydro-2,7-(epoxypentadeca[1,11,13]trienoimino)naphtho[2,1-b]furan-21-yl acetate' 'C38 H47 N O13'
D10 non-polymer DECANE 'C10 H22'
D12 non-polymer DODECANE 'C12 H26'
DDQ non-polymer DECYLAMINE-N,N-DIMETHYL-N-OXIDE 'C12 H27 N O'
DDR non-polymer '(2S)-3-hydroxypropane-1,2-diyl didecanoate' 'C23 H44 O5'
EDO non-polymer 1,2-ETHANEDIOL 'C2 H6 O2'
GOL non-polymer GLYCEROL 'C3 H8 O3'
HEX non-polymer HEXANE 'C6 H14'
LMT D-saccharide DODECYL-BETA-D-MALTOSIDE 'C24 H46 O11'
LPX non-polymer '(2S)-3-{[(R)-(2-aminoethoxy)(hydroxy)phosphoryl]oxy}-2-hydroxypropyl hexadecanoate' 'C21 H44 N O7 P'
PTY non-polymer PHOSPHATIDYLETHANOLAMINE 'C40 H80 N O8 P'
#
# COMPACT_ATOMS: atom_id res chain seq x y z
N MET A 1 8.19 -43.76 -18.47
CA MET A 1 7.52 -43.39 -17.18
C MET A 1 6.39 -44.38 -16.88
N PRO A 2 5.49 -44.71 -17.84
CA PRO A 2 4.50 -45.77 -17.61
C PRO A 2 5.14 -47.09 -17.15
N ASN A 3 6.18 -47.53 -17.85
CA ASN A 3 6.94 -48.79 -17.57
C ASN A 3 7.44 -48.78 -16.12
N PHE A 4 7.96 -47.65 -15.64
CA PHE A 4 8.50 -47.46 -14.27
C PHE A 4 7.39 -47.72 -13.25
N PHE A 5 6.23 -47.05 -13.42
CA PHE A 5 5.12 -47.02 -12.43
C PHE A 5 4.25 -48.28 -12.55
N ILE A 6 4.32 -49.01 -13.66
CA ILE A 6 3.66 -50.33 -13.82
C ILE A 6 4.33 -51.33 -12.85
N ASP A 7 5.65 -51.23 -12.68
CA ASP A 7 6.46 -52.08 -11.77
C ASP A 7 6.37 -51.54 -10.33
N ARG A 8 6.03 -50.26 -10.16
CA ARG A 8 5.90 -49.58 -8.84
C ARG A 8 4.51 -48.98 -8.69
N PRO A 9 3.44 -49.79 -8.48
CA PRO A 9 2.10 -49.25 -8.27
C PRO A 9 1.95 -48.41 -7.00
N ILE A 10 2.62 -48.80 -5.91
CA ILE A 10 2.54 -48.11 -4.58
C ILE A 10 3.16 -46.70 -4.71
N PHE A 11 4.23 -46.56 -5.48
CA PHE A 11 4.86 -45.25 -5.83
C PHE A 11 3.81 -44.40 -6.56
N ALA A 12 3.23 -44.93 -7.63
CA ALA A 12 2.17 -44.27 -8.44
C ALA A 12 1.03 -43.81 -7.53
N TRP A 13 0.61 -44.65 -6.58
CA TRP A 13 -0.45 -44.36 -5.58
C TRP A 13 -0.01 -43.20 -4.68
N VAL A 14 1.26 -43.19 -4.24
CA VAL A 14 1.84 -42.15 -3.33
C VAL A 14 1.74 -40.79 -4.02
N ILE A 15 2.11 -40.70 -5.30
CA ILE A 15 2.07 -39.45 -6.12
C ILE A 15 0.63 -38.95 -6.19
N ALA A 16 -0.32 -39.86 -6.48
CA ALA A 16 -1.77 -39.56 -6.59
C ALA A 16 -2.29 -39.00 -5.26
N ILE A 17 -1.89 -39.61 -4.13
CA ILE A 17 -2.31 -39.20 -2.76
C ILE A 17 -1.75 -37.80 -2.46
N ILE A 18 -0.43 -37.59 -2.65
CA ILE A 18 0.26 -36.29 -2.42
C ILE A 18 -0.46 -35.20 -3.23
N ILE A 19 -0.74 -35.46 -4.52
CA ILE A 19 -1.50 -34.55 -5.42
C ILE A 19 -2.85 -34.22 -4.77
N MET A 20 -3.54 -35.22 -4.21
CA MET A 20 -4.89 -35.07 -3.61
C MET A 20 -4.79 -34.35 -2.26
N LEU A 21 -3.72 -34.56 -1.49
CA LEU A 21 -3.45 -33.81 -0.23
C LEU A 21 -3.25 -32.33 -0.57
N ALA A 22 -2.36 -32.03 -1.52
CA ALA A 22 -2.06 -30.67 -2.02
C ALA A 22 -3.36 -30.01 -2.50
N GLY A 23 -4.17 -30.74 -3.26
CA GLY A 23 -5.49 -30.30 -3.76
C GLY A 23 -6.49 -30.10 -2.64
N GLY A 24 -6.54 -31.05 -1.70
CA GLY A 24 -7.41 -31.00 -0.51
C GLY A 24 -7.04 -29.84 0.40
N LEU A 25 -5.75 -29.68 0.71
CA LEU A 25 -5.20 -28.60 1.55
C LEU A 25 -5.43 -27.25 0.87
N ALA A 26 -5.43 -27.21 -0.46
CA ALA A 26 -5.68 -26.00 -1.28
C ALA A 26 -7.15 -25.57 -1.12
N ILE A 27 -8.09 -26.52 -1.19
CA ILE A 27 -9.56 -26.27 -1.09
C ILE A 27 -9.88 -25.59 0.25
N LEU A 28 -9.16 -25.91 1.32
CA LEU A 28 -9.38 -25.35 2.68
C LEU A 28 -8.85 -23.91 2.75
N LYS A 29 -7.75 -23.60 2.06
CA LYS A 29 -7.02 -22.31 2.15
C LYS A 29 -7.39 -21.38 0.99
N LEU A 30 -7.86 -21.91 -0.14
CA LEU A 30 -8.20 -21.13 -1.36
C LEU A 30 -9.35 -20.17 -1.04
N PRO A 31 -9.27 -18.88 -1.47
CA PRO A 31 -10.41 -17.98 -1.38
C PRO A 31 -11.58 -18.46 -2.27
N VAL A 32 -12.82 -18.18 -1.84
CA VAL A 32 -14.06 -18.47 -2.62
C VAL A 32 -14.74 -17.14 -2.97
N ALA A 33 -15.16 -17.00 -4.23
CA ALA A 33 -15.87 -15.82 -4.77
C ALA A 33 -16.86 -16.28 -5.85
N GLN A 34 -17.69 -15.37 -6.34
CA GLN A 34 -18.66 -15.64 -7.45
C GLN A 34 -17.92 -15.54 -8.78
N TYR A 35 -17.14 -14.47 -8.95
CA TYR A 35 -16.30 -14.18 -10.14
C TYR A 35 -14.95 -13.61 -9.69
N PRO A 36 -13.93 -13.57 -10.57
CA PRO A 36 -12.71 -12.80 -10.27
C PRO A 36 -13.00 -11.29 -10.24
N THR A 37 -12.31 -10.54 -9.38
CA THR A 37 -12.48 -9.06 -9.22
C THR A 37 -11.99 -8.36 -10.48
N ILE A 38 -12.92 -7.98 -11.36
CA ILE A 38 -12.65 -7.28 -12.66
C ILE A 38 -13.00 -5.80 -12.54
N ALA A 39 -13.84 -5.43 -11.57
CA ALA A 39 -14.32 -4.05 -11.34
C ALA A 39 -13.13 -3.12 -11.10
N PRO A 40 -13.10 -1.92 -11.72
CA PRO A 40 -12.03 -0.96 -11.49
C PRO A 40 -12.06 -0.40 -10.08
N PRO A 41 -10.90 -0.25 -9.39
CA PRO A 41 -10.85 0.38 -8.07
C PRO A 41 -11.41 1.82 -8.10
N ALA A 42 -12.18 2.19 -7.08
CA ALA A 42 -12.79 3.52 -6.91
C ALA A 42 -12.53 4.03 -5.49
N VAL A 43 -11.86 5.18 -5.37
CA VAL A 43 -11.66 5.91 -4.08
C VAL A 43 -12.70 7.04 -4.03
N THR A 44 -13.47 7.10 -2.94
CA THR A 44 -14.57 8.09 -2.75
C THR A 44 -14.21 9.02 -1.59
N ILE A 45 -14.08 10.32 -1.89
CA ILE A 45 -13.95 11.41 -0.87
C ILE A 45 -15.37 11.85 -0.49
N SER A 46 -15.71 11.75 0.79
CA SER A 46 -17.01 12.19 1.36
C SER A 46 -16.78 13.25 2.44
N ALA A 47 -17.33 14.45 2.26
CA ALA A 47 -17.34 15.55 3.25
C ALA A 47 -18.80 16.00 3.47
N SER A 48 -19.05 16.66 4.60
CA SER A 48 -20.39 17.13 5.04
C SER A 48 -20.30 18.57 5.53
N TYR A 49 -21.12 19.47 4.96
CA TYR A 49 -21.25 20.89 5.38
C TYR A 49 -22.67 21.09 5.92
N PRO A 50 -22.89 20.93 7.24
CA PRO A 50 -24.22 21.06 7.84
C PRO A 50 -24.87 22.42 7.55
N GLY A 51 -26.09 22.40 7.00
CA GLY A 51 -26.91 23.60 6.71
C GLY A 51 -26.61 24.21 5.35
N ALA A 52 -25.66 23.63 4.60
CA ALA A 52 -25.18 24.15 3.30
C ALA A 52 -26.09 23.67 2.18
N ASP A 53 -26.39 24.56 1.23
CA ASP A 53 -27.11 24.24 -0.04
C ASP A 53 -26.12 23.66 -1.04
N ALA A 54 -26.62 23.04 -2.11
CA ALA A 54 -25.84 22.33 -3.17
C ALA A 54 -24.68 23.20 -3.64
N LYS A 55 -24.92 24.49 -3.90
CA LYS A 55 -23.92 25.42 -4.51
C LYS A 55 -22.86 25.78 -3.47
N THR A 56 -23.28 26.13 -2.24
CA THR A 56 -22.38 26.46 -1.10
C THR A 56 -21.37 25.33 -0.91
N VAL A 57 -21.83 24.08 -0.97
CA VAL A 57 -20.99 22.85 -0.83
C VAL A 57 -20.01 22.79 -2.01
N GLN A 58 -20.53 22.97 -3.23
CA GLN A 58 -19.76 22.82 -4.50
C GLN A 58 -18.62 23.85 -4.53
N ASP A 59 -18.91 25.10 -4.18
CA ASP A 59 -18.01 26.27 -4.43
C ASP A 59 -17.08 26.50 -3.24
N THR A 60 -17.28 25.81 -2.11
CA THR A 60 -16.42 25.91 -0.90
C THR A 60 -15.70 24.58 -0.59
N VAL A 61 -16.15 23.45 -1.18
CA VAL A 61 -15.58 22.10 -0.89
C VAL A 61 -15.26 21.37 -2.20
N THR A 62 -16.27 20.98 -2.96
CA THR A 62 -16.16 20.11 -4.16
C THR A 62 -15.05 20.66 -5.08
N GLN A 63 -15.21 21.90 -5.55
CA GLN A 63 -14.27 22.55 -6.50
C GLN A 63 -12.88 22.63 -5.88
N VAL A 64 -12.78 23.06 -4.62
CA VAL A 64 -11.49 23.23 -3.89
C VAL A 64 -10.77 21.88 -3.82
N ILE A 65 -11.50 20.79 -3.53
CA ILE A 65 -10.94 19.41 -3.45
C ILE A 65 -10.57 18.93 -4.86
N GLU A 66 -11.51 19.04 -5.81
CA GLU A 66 -11.35 18.62 -7.23
C GLU A 66 -10.08 19.26 -7.83
N GLN A 67 -9.84 20.54 -7.53
CA GLN A 67 -8.70 21.32 -8.10
C GLN A 67 -7.36 20.78 -7.59
N ASN A 68 -7.35 20.10 -6.44
CA ASN A 68 -6.12 19.51 -5.83
C ASN A 68 -5.91 18.07 -6.34
N MET A 69 -6.97 17.41 -6.83
CA MET A 69 -6.89 16.04 -7.42
C MET A 69 -6.12 16.11 -8.75
N ASN A 70 -4.79 15.95 -8.68
CA ASN A 70 -3.87 15.99 -9.85
C ASN A 70 -2.60 15.21 -9.50
N GLY A 71 -1.93 14.66 -10.53
CA GLY A 71 -0.74 13.80 -10.38
C GLY A 71 -1.08 12.49 -9.69
N ILE A 72 -2.30 11.99 -9.91
CA ILE A 72 -2.82 10.71 -9.35
C ILE A 72 -2.69 9.63 -10.44
N ASP A 73 -1.92 8.58 -10.18
CA ASP A 73 -1.57 7.51 -11.15
C ASP A 73 -2.79 6.66 -11.47
N ASN A 74 -2.93 6.25 -12.73
CA ASN A 74 -3.92 5.23 -13.22
C ASN A 74 -5.35 5.73 -13.02
N LEU A 75 -5.57 7.04 -12.98
CA LEU A 75 -6.91 7.67 -12.83
C LEU A 75 -7.62 7.70 -14.19
N MET A 76 -8.79 7.06 -14.30
CA MET A 76 -9.59 6.98 -15.54
C MET A 76 -10.46 8.23 -15.68
N TYR A 77 -11.34 8.48 -14.70
CA TYR A 77 -12.22 9.66 -14.62
C TYR A 77 -12.52 9.98 -13.15
N MET A 78 -13.15 11.13 -12.92
CA MET A 78 -13.54 11.65 -11.57
C MET A 78 -14.92 12.31 -11.66
N SER A 79 -15.94 11.68 -11.08
CA SER A 79 -17.30 12.24 -10.92
C SER A 79 -17.48 12.76 -9.49
N SER A 80 -18.25 13.84 -9.32
CA SER A 80 -18.59 14.43 -7.99
C SER A 80 -20.05 14.87 -7.97
N ASN A 81 -20.68 14.81 -6.79
CA ASN A 81 -22.07 15.27 -6.53
C ASN A 81 -22.06 16.19 -5.30
N SER A 82 -22.73 17.34 -5.40
CA SER A 82 -22.91 18.33 -4.31
C SER A 82 -24.40 18.62 -4.12
N ASP A 83 -25.02 18.08 -3.07
CA ASP A 83 -26.51 18.09 -2.89
C ASP A 83 -26.90 19.07 -1.78
N SER A 84 -28.20 19.33 -1.65
CA SER A 84 -28.82 20.37 -0.78
C SER A 84 -28.82 19.94 0.69
N THR A 85 -28.46 18.68 0.96
CA THR A 85 -28.40 18.10 2.33
C THR A 85 -27.12 18.60 3.03
N GLY A 86 -26.14 19.06 2.25
CA GLY A 86 -24.82 19.52 2.73
C GLY A 86 -23.70 18.54 2.42
N THR A 87 -24.01 17.48 1.66
CA THR A 87 -23.09 16.36 1.35
C THR A 87 -22.38 16.63 0.03
N VAL A 88 -21.09 16.28 -0.04
CA VAL A 88 -20.29 16.17 -1.30
C VAL A 88 -19.73 14.75 -1.37
N GLN A 89 -19.60 14.21 -2.58
CA GLN A 89 -19.10 12.83 -2.82
C GLN A 89 -18.33 12.79 -4.14
N ILE A 90 -16.99 12.92 -4.05
CA ILE A 90 -16.05 12.87 -5.22
C ILE A 90 -15.53 11.44 -5.35
N THR A 91 -15.92 10.74 -6.42
CA THR A 91 -15.49 9.36 -6.74
C THR A 91 -14.42 9.40 -7.84
N LEU A 92 -13.19 9.00 -7.51
CA LEU A 92 -12.08 8.83 -8.47
C LEU A 92 -11.97 7.35 -8.84
N THR A 93 -12.25 7.01 -10.11
CA THR A 93 -12.23 5.62 -10.65
C THR A 93 -10.88 5.38 -11.33
N PHE A 94 -10.24 4.25 -11.03
CA PHE A 94 -8.85 3.89 -11.43
C PHE A 94 -8.85 2.73 -12.41
N GLU A 95 -7.79 2.61 -13.21
CA GLU A 95 -7.55 1.50 -14.17
C GLU A 95 -7.60 0.15 -13.44
N SER A 96 -8.15 -0.88 -14.08
CA SER A 96 -8.16 -2.28 -13.60
C SER A 96 -6.72 -2.76 -13.41
N GLY A 97 -6.35 -3.19 -12.20
CA GLY A 97 -4.99 -3.61 -11.83
C GLY A 97 -4.32 -2.64 -10.87
N THR A 98 -4.88 -1.43 -10.72
CA THR A 98 -4.40 -0.37 -9.79
C THR A 98 -4.47 -0.89 -8.36
N ASP A 99 -3.40 -0.72 -7.59
CA ASP A 99 -3.34 -1.02 -6.13
C ASP A 99 -4.22 0.01 -5.41
N ALA A 100 -5.35 -0.44 -4.85
CA ALA A 100 -6.36 0.41 -4.17
C ALA A 100 -5.74 1.09 -2.94
N ASP A 101 -4.79 0.42 -2.28
CA ASP A 101 -4.04 0.96 -1.11
C ASP A 101 -3.31 2.25 -1.52
N ILE A 102 -2.58 2.20 -2.63
CA ILE A 102 -1.76 3.33 -3.16
C ILE A 102 -2.70 4.42 -3.69
N ALA A 103 -3.73 4.03 -4.44
CA ALA A 103 -4.76 4.94 -5.02
C ALA A 103 -5.39 5.79 -3.89
N GLN A 104 -5.67 5.18 -2.74
CA GLN A 104 -6.23 5.86 -1.54
C GLN A 104 -5.16 6.81 -0.97
N VAL A 105 -3.93 6.32 -0.79
CA VAL A 105 -2.78 7.09 -0.23
C VAL A 105 -2.52 8.33 -1.11
N GLN A 106 -2.60 8.18 -2.44
CA GLN A 106 -2.35 9.27 -3.42
C GLN A 106 -3.49 10.29 -3.34
N VAL A 107 -4.74 9.83 -3.50
CA VAL A 107 -5.96 10.69 -3.45
C VAL A 107 -5.97 11.46 -2.13
N GLN A 108 -5.61 10.80 -1.03
CA GLN A 108 -5.62 11.38 0.34
C GLN A 108 -4.46 12.36 0.50
N ASN A 109 -3.32 12.08 -0.12
CA ASN A 109 -2.11 12.95 -0.11
C ASN A 109 -2.48 14.33 -0.68
N LYS A 110 -3.35 14.36 -1.69
CA LYS A 110 -3.79 15.59 -2.39
C LYS A 110 -4.90 16.29 -1.57
N LEU A 111 -5.85 15.52 -1.05
CA LEU A 111 -6.96 16.03 -0.18
C LEU A 111 -6.36 16.80 1.01
N GLN A 112 -5.19 16.36 1.51
CA GLN A 112 -4.50 16.96 2.68
C GLN A 112 -4.02 18.38 2.35
N LEU A 113 -3.77 18.67 1.07
CA LEU A 113 -3.40 20.03 0.57
C LEU A 113 -4.66 20.91 0.52
N ALA A 114 -5.82 20.32 0.26
CA ALA A 114 -7.13 21.01 0.14
C ALA A 114 -7.73 21.30 1.52
N MET A 115 -7.46 20.43 2.51
CA MET A 115 -8.11 20.44 3.85
C MET A 115 -8.08 21.83 4.47
N PRO A 116 -6.92 22.53 4.54
CA PRO A 116 -6.85 23.83 5.19
C PRO A 116 -7.69 24.93 4.51
N LEU A 117 -8.01 24.75 3.22
CA LEU A 117 -8.81 25.70 2.41
C LEU A 117 -10.32 25.45 2.62
N LEU A 118 -10.70 24.32 3.22
CA LEU A 118 -12.12 23.95 3.45
C LEU A 118 -12.65 24.70 4.67
N PRO A 119 -13.97 24.92 4.79
CA PRO A 119 -14.55 25.54 5.98
C PRO A 119 -14.28 24.72 7.24
N GLN A 120 -14.19 25.39 8.40
CA GLN A 120 -13.89 24.76 9.72
C GLN A 120 -15.00 23.76 10.06
N GLU A 121 -16.23 24.05 9.65
CA GLU A 121 -17.44 23.22 9.90
C GLU A 121 -17.33 21.90 9.10
N VAL A 122 -16.78 21.95 7.89
CA VAL A 122 -16.63 20.77 6.97
C VAL A 122 -15.50 19.88 7.49
N GLN A 123 -14.42 20.49 8.00
CA GLN A 123 -13.27 19.78 8.62
C GLN A 123 -13.75 19.00 9.85
N GLN A 124 -14.57 19.64 10.69
CA GLN A 124 -15.02 19.11 12.02
C GLN A 124 -16.12 18.05 11.84
N GLN A 125 -16.68 17.89 10.64
CA GLN A 125 -17.65 16.80 10.32
C GLN A 125 -16.88 15.56 9.85
N GLY A 126 -15.56 15.68 9.67
CA GLY A 126 -14.68 14.60 9.19
C GLY A 126 -14.85 14.38 7.71
N VAL A 127 -13.81 14.67 6.92
CA VAL A 127 -13.73 14.30 5.48
C VAL A 127 -13.17 12.88 5.42
N SER A 128 -13.88 11.95 4.76
CA SER A 128 -13.53 10.52 4.69
C SER A 128 -13.03 10.19 3.28
N VAL A 129 -11.97 9.37 3.19
CA VAL A 129 -11.45 8.77 1.92
C VAL A 129 -11.53 7.25 2.08
N GLU A 130 -12.37 6.59 1.26
CA GLU A 130 -12.70 5.15 1.37
C GLU A 130 -12.52 4.48 0.01
N LYS A 131 -12.06 3.21 0.03
CA LYS A 131 -11.83 2.37 -1.17
C LYS A 131 -12.70 1.12 -1.05
N SER A 132 -13.97 1.23 -1.46
CA SER A 132 -15.00 0.16 -1.34
C SER A 132 -15.84 0.09 -2.62
N SER A 133 -16.57 -1.01 -2.79
CA SER A 133 -17.61 -1.19 -3.85
C SER A 133 -18.74 -0.20 -3.58
N SER A 134 -19.48 0.18 -4.64
CA SER A 134 -20.54 1.22 -4.62
C SER A 134 -21.85 0.64 -4.07
N SER A 135 -22.05 -0.69 -4.20
CA SER A 135 -23.25 -1.43 -3.72
C SER A 135 -22.92 -2.14 -2.41
N PHE A 136 -23.95 -2.52 -1.65
CA PHE A 136 -23.84 -3.15 -0.30
C PHE A 136 -23.53 -4.64 -0.43
N LEU A 137 -22.51 -5.09 0.30
CA LEU A 137 -22.18 -6.53 0.50
C LEU A 137 -23.32 -7.21 1.23
N MET A 138 -23.77 -6.60 2.33
CA MET A 138 -24.89 -7.07 3.19
C MET A 138 -25.46 -5.88 3.99
N VAL A 139 -26.62 -6.08 4.61
CA VAL A 139 -27.23 -5.14 5.58
C VAL A 139 -27.49 -5.91 6.88
N VAL A 140 -26.91 -5.45 7.99
CA VAL A 140 -27.12 -6.02 9.35
C VAL A 140 -28.20 -5.17 10.04
N GLY A 141 -29.46 -5.59 9.94
CA GLY A 141 -30.60 -4.95 10.63
C GLY A 141 -30.58 -5.27 12.11
N VAL A 142 -31.07 -4.34 12.93
CA VAL A 142 -31.22 -4.51 14.41
C VAL A 142 -32.61 -3.98 14.81
N ILE A 143 -33.40 -4.83 15.48
CA ILE A 143 -34.79 -4.52 15.95
C ILE A 143 -34.87 -4.79 17.46
N ASN A 144 -36.00 -4.43 18.08
CA ASN A 144 -36.35 -4.80 19.47
C ASN A 144 -37.67 -5.58 19.42
N THR A 145 -37.63 -6.87 19.79
CA THR A 145 -38.79 -7.81 19.71
C THR A 145 -39.76 -7.54 20.87
N ASP A 146 -39.28 -7.00 21.99
CA ASP A 146 -40.09 -6.64 23.17
C ASP A 146 -40.67 -5.23 23.01
N GLY A 147 -40.24 -4.50 21.97
CA GLY A 147 -40.66 -3.11 21.70
C GLY A 147 -40.29 -2.18 22.84
N THR A 148 -39.19 -2.47 23.54
CA THR A 148 -38.68 -1.71 24.71
C THR A 148 -37.94 -0.44 24.25
N MET A 149 -37.39 -0.45 23.04
CA MET A 149 -36.57 0.63 22.45
C MET A 149 -37.22 1.15 21.16
N THR A 150 -37.17 2.48 20.95
CA THR A 150 -37.67 3.18 19.75
C THR A 150 -36.67 3.02 18.60
N GLN A 151 -37.02 3.51 17.40
CA GLN A 151 -36.14 3.54 16.20
C GLN A 151 -34.87 4.30 16.53
N GLU A 152 -34.97 5.41 17.28
CA GLU A 152 -33.84 6.29 17.66
C GLU A 152 -32.95 5.57 18.70
N ASP A 153 -33.54 4.94 19.71
CA ASP A 153 -32.83 4.20 20.79
C ASP A 153 -31.96 3.11 20.17
N ILE A 154 -32.49 2.34 19.21
CA ILE A 154 -31.78 1.24 18.52
C ILE A 154 -30.62 1.83 17.72
N SER A 155 -30.90 2.88 16.93
CA SER A 155 -29.91 3.58 16.06
C SER A 155 -28.71 4.05 16.91
N ASP A 156 -28.98 4.71 18.04
CA ASP A 156 -27.92 5.20 18.98
C ASP A 156 -27.10 4.01 19.47
N TYR A 157 -27.75 2.91 19.89
CA TYR A 157 -27.08 1.71 20.41
C TYR A 157 -26.15 1.12 19.33
N VAL A 158 -26.69 0.91 18.12
CA VAL A 158 -25.94 0.35 16.95
C VAL A 158 -24.71 1.23 16.71
N ALA A 159 -24.88 2.55 16.75
CA ALA A 159 -23.83 3.56 16.49
C ALA A 159 -22.77 3.53 17.60
N ALA A 160 -23.21 3.38 18.85
CA ALA A 160 -22.38 3.59 20.07
C ALA A 160 -21.76 2.28 20.57
N ASN A 161 -22.23 1.12 20.10
CA ASN A 161 -21.86 -0.20 20.67
C ASN A 161 -21.49 -1.24 19.60
N MET A 162 -21.80 -1.00 18.31
CA MET A 162 -21.63 -2.01 17.23
C MET A 162 -20.86 -1.40 16.04
N LYS A 163 -21.32 -0.26 15.53
CA LYS A 163 -20.84 0.43 14.31
C LYS A 163 -19.31 0.38 14.22
N ASP A 164 -18.61 0.93 15.22
CA ASP A 164 -17.15 1.21 15.18
C ASP A 164 -16.36 -0.09 14.96
N ALA A 165 -16.66 -1.13 15.73
CA ALA A 165 -15.98 -2.46 15.68
C ALA A 165 -16.14 -3.08 14.28
N ILE A 166 -17.31 -2.91 13.66
CA ILE A 166 -17.62 -3.42 12.30
C ILE A 166 -16.80 -2.64 11.27
N SER A 167 -16.72 -1.31 11.44
CA SER A 167 -15.96 -0.37 10.56
C SER A 167 -14.46 -0.73 10.55
N ARG A 168 -13.95 -1.29 11.66
CA ARG A 168 -12.52 -1.64 11.86
C ARG A 168 -12.22 -3.06 11.36
N THR A 169 -13.24 -3.86 11.09
CA THR A 169 -13.11 -5.25 10.54
C THR A 169 -12.48 -5.18 9.15
N SER A 170 -11.50 -6.05 8.87
CA SER A 170 -10.75 -6.10 7.59
C SER A 170 -11.68 -6.52 6.45
N GLY A 171 -11.65 -5.78 5.33
CA GLY A 171 -12.49 -6.02 4.15
C GLY A 171 -13.72 -5.11 4.13
N VAL A 172 -14.02 -4.46 5.25
CA VAL A 172 -15.15 -3.49 5.39
C VAL A 172 -14.65 -2.11 4.94
N GLY A 173 -14.90 -1.76 3.68
CA GLY A 173 -14.46 -0.50 3.06
C GLY A 173 -15.24 0.69 3.58
N ASP A 174 -16.56 0.52 3.79
CA ASP A 174 -17.48 1.58 4.26
C ASP A 174 -18.62 0.94 5.05
N VAL A 175 -19.07 1.61 6.13
CA VAL A 175 -20.24 1.20 6.96
C VAL A 175 -21.21 2.39 7.06
N GLN A 176 -22.46 2.17 6.66
CA GLN A 176 -23.54 3.19 6.67
C GLN A 176 -24.53 2.86 7.78
N LEU A 177 -24.70 3.76 8.75
CA LEU A 177 -25.69 3.63 9.86
C LEU A 177 -27.06 4.07 9.34
N PHE A 178 -28.00 3.12 9.23
CA PHE A 178 -29.42 3.37 8.86
C PHE A 178 -30.13 3.95 10.08
N GLY A 179 -29.89 5.24 10.31
CA GLY A 179 -30.24 5.97 11.54
C GLY A 179 -29.12 6.91 11.92
N SER A 180 -29.13 7.42 13.15
CA SER A 180 -28.13 8.37 13.68
C SER A 180 -27.75 8.01 15.11
N GLN A 181 -26.48 8.21 15.48
CA GLN A 181 -26.02 8.23 16.89
C GLN A 181 -26.67 9.42 17.58
N TYR A 182 -26.97 9.31 18.88
CA TYR A 182 -27.51 10.43 19.70
C TYR A 182 -26.46 11.54 19.76
N ALA A 183 -26.93 12.78 19.81
CA ALA A 183 -26.17 14.00 20.16
C ALA A 183 -26.95 14.74 21.25
N MET A 184 -26.29 15.62 21.99
CA MET A 184 -26.99 16.55 22.92
C MET A 184 -27.68 17.62 22.06
N ARG A 185 -29.00 17.52 21.91
CA ARG A 185 -29.83 18.42 21.08
C ARG A 185 -30.31 19.60 21.94
N ILE A 186 -29.80 20.80 21.65
CA ILE A 186 -30.25 22.08 22.25
C ILE A 186 -31.24 22.74 21.27
N TRP A 187 -32.54 22.44 21.42
CA TRP A 187 -33.63 22.97 20.56
C TRP A 187 -33.98 24.39 21.02
N MET A 188 -33.39 25.41 20.39
CA MET A 188 -33.50 26.83 20.81
C MET A 188 -34.92 27.35 20.49
N ASN A 189 -35.43 28.22 21.36
CA ASN A 189 -36.73 28.93 21.22
C ASN A 189 -36.42 30.42 21.02
N PRO A 190 -36.82 31.02 19.89
CA PRO A 190 -36.50 32.43 19.61
C PRO A 190 -37.29 33.42 20.49
N ASN A 191 -38.49 33.03 20.92
CA ASN A 191 -39.37 33.87 21.79
C ASN A 191 -38.67 34.07 23.14
N GLU A 192 -38.17 32.98 23.73
CA GLU A 192 -37.48 32.96 25.04
C GLU A 192 -36.09 33.61 24.91
N LEU A 193 -35.39 33.36 23.80
CA LEU A 193 -34.04 33.92 23.53
C LEU A 193 -34.12 35.46 23.50
N ASN A 194 -35.07 36.00 22.73
CA ASN A 194 -35.30 37.47 22.57
C ASN A 194 -35.74 38.05 23.91
N LYS A 195 -36.56 37.32 24.67
CA LYS A 195 -37.14 37.73 25.98
C LYS A 195 -36.02 38.12 26.94
N PHE A 196 -34.95 37.31 27.02
CA PHE A 196 -33.79 37.52 27.92
C PHE A 196 -32.66 38.26 27.16
N GLN A 197 -32.92 38.68 25.93
CA GLN A 197 -31.99 39.45 25.05
C GLN A 197 -30.72 38.63 24.81
N LEU A 198 -30.90 37.39 24.31
CA LEU A 198 -29.81 36.44 23.97
C LEU A 198 -30.03 35.93 22.54
N THR A 199 -28.95 35.45 21.91
CA THR A 199 -28.94 34.90 20.53
C THR A 199 -28.38 33.48 20.55
N PRO A 200 -28.54 32.70 19.46
CA PRO A 200 -27.81 31.44 19.30
C PRO A 200 -26.29 31.55 19.52
N VAL A 201 -25.73 32.75 19.31
CA VAL A 201 -24.28 33.04 19.48
C VAL A 201 -23.92 32.94 20.98
N ASP A 202 -24.80 33.43 21.85
CA ASP A 202 -24.62 33.40 23.33
C ASP A 202 -24.72 31.95 23.83
N VAL A 203 -25.65 31.18 23.27
CA VAL A 203 -25.89 29.74 23.62
C VAL A 203 -24.63 28.95 23.29
N ILE A 204 -24.04 29.17 22.11
CA ILE A 204 -22.82 28.46 21.62
C ILE A 204 -21.63 28.81 22.52
N THR A 205 -21.46 30.09 22.86
CA THR A 205 -20.37 30.62 23.73
C THR A 205 -20.46 29.96 25.11
N ALA A 206 -21.68 29.87 25.67
CA ALA A 206 -21.97 29.31 27.01
C ALA A 206 -21.65 27.80 27.03
N ILE A 207 -22.14 27.06 26.04
CA ILE A 207 -21.93 25.59 25.92
C ILE A 207 -20.42 25.31 25.85
N LYS A 208 -19.70 26.01 24.97
CA LYS A 208 -18.23 25.86 24.79
C LYS A 208 -17.51 26.09 26.12
N ALA A 209 -17.95 27.09 26.88
CA ALA A 209 -17.33 27.54 28.15
C ALA A 209 -17.64 26.55 29.29
N GLN A 210 -18.90 26.08 29.39
CA GLN A 210 -19.44 25.33 30.56
C GLN A 210 -19.54 23.83 30.27
N ASN A 211 -19.45 23.42 28.99
CA ASN A 211 -19.21 22.01 28.58
C ASN A 211 -17.77 21.90 28.05
N ALA A 212 -16.81 22.13 28.95
CA ALA A 212 -15.35 22.13 28.66
C ALA A 212 -14.66 21.02 29.45
N GLN A 213 -13.59 20.47 28.88
CA GLN A 213 -12.67 19.49 29.55
C GLN A 213 -11.32 20.20 29.74
N VAL A 214 -11.09 20.75 30.93
CA VAL A 214 -9.95 21.66 31.25
C VAL A 214 -8.78 20.86 31.84
N ALA A 215 -7.61 20.95 31.22
CA ALA A 215 -6.32 20.41 31.72
C ALA A 215 -5.74 21.40 32.73
N ALA A 216 -5.77 21.05 34.03
CA ALA A 216 -5.53 21.98 35.16
C ALA A 216 -4.21 21.64 35.88
N GLY A 217 -3.42 20.71 35.35
CA GLY A 217 -2.12 20.31 35.94
C GLY A 217 -2.29 19.49 37.19
N GLN A 218 -1.32 19.56 38.11
CA GLN A 218 -1.24 18.72 39.34
C GLN A 218 -0.81 19.58 40.53
N LEU A 219 -1.21 19.16 41.74
CA LEU A 219 -0.59 19.61 43.01
C LEU A 219 0.77 18.90 43.13
N GLY A 220 1.80 19.63 43.57
CA GLY A 220 3.19 19.13 43.66
C GLY A 220 3.71 18.67 42.30
N GLY A 221 3.30 19.34 41.23
CA GLY A 221 3.70 19.03 39.85
C GLY A 221 5.14 19.41 39.58
N THR A 222 5.79 18.74 38.62
CA THR A 222 7.21 18.96 38.25
C THR A 222 7.31 20.22 37.41
N PRO A 223 8.39 21.03 37.54
CA PRO A 223 9.39 20.85 38.58
C PRO A 223 8.86 21.24 39.96
N PRO A 224 9.04 20.40 41.01
CA PRO A 224 8.51 20.69 42.33
C PRO A 224 9.52 21.47 43.20
N VAL A 225 9.05 22.03 44.32
CA VAL A 225 9.92 22.56 45.42
C VAL A 225 10.45 21.38 46.23
N LYS A 226 11.54 21.59 46.97
CA LYS A 226 12.14 20.59 47.89
C LYS A 226 11.19 20.38 49.09
N GLY A 227 11.05 19.14 49.55
CA GLY A 227 10.22 18.75 50.70
C GLY A 227 8.75 18.67 50.36
N GLN A 228 8.41 18.55 49.07
CA GLN A 228 7.01 18.33 48.60
C GLN A 228 6.66 16.86 48.86
N GLN A 229 5.54 16.63 49.56
CA GLN A 229 5.09 15.27 50.01
C GLN A 229 3.80 14.85 49.28
N LEU A 230 3.05 15.81 48.72
CA LEU A 230 1.75 15.58 48.05
C LEU A 230 1.89 15.74 46.54
N ASN A 231 1.39 14.77 45.77
CA ASN A 231 1.23 14.82 44.29
C ASN A 231 -0.17 14.33 43.93
N ALA A 232 -0.98 15.17 43.29
CA ALA A 232 -2.39 14.88 42.92
C ALA A 232 -2.78 15.67 41.68
N SER A 233 -3.35 14.99 40.68
CA SER A 233 -3.94 15.60 39.46
C SER A 233 -5.02 16.61 39.87
N ILE A 234 -5.02 17.80 39.27
CA ILE A 234 -6.10 18.82 39.46
C ILE A 234 -7.18 18.55 38.42
N ILE A 235 -8.39 18.23 38.88
CA ILE A 235 -9.61 18.04 38.03
C ILE A 235 -10.45 19.31 38.14
N ALA A 236 -10.52 20.09 37.05
CA ALA A 236 -11.35 21.31 36.93
C ALA A 236 -12.67 20.93 36.25
N GLN A 237 -13.09 21.69 35.22
CA GLN A 237 -14.31 21.38 34.41
C GLN A 237 -14.09 20.07 33.64
N THR A 238 -15.10 19.20 33.65
CA THR A 238 -15.19 17.98 32.80
C THR A 238 -16.39 18.12 31.86
N ARG A 239 -16.44 17.32 30.79
CA ARG A 239 -17.57 17.29 29.83
C ARG A 239 -18.86 16.98 30.60
N LEU A 240 -19.97 17.63 30.21
CA LEU A 240 -21.32 17.33 30.72
C LEU A 240 -21.75 15.96 30.17
N THR A 241 -22.62 15.25 30.90
CA THR A 241 -22.95 13.82 30.64
C THR A 241 -24.46 13.59 30.48
N SER A 242 -25.31 14.57 30.82
CA SER A 242 -26.78 14.42 30.89
C SER A 242 -27.48 15.67 30.36
N THR A 243 -28.72 15.51 29.88
CA THR A 243 -29.65 16.61 29.50
C THR A 243 -29.76 17.61 30.66
N GLU A 244 -29.89 17.10 31.88
CA GLU A 244 -30.02 17.90 33.13
CA GLU A 244 -30.03 17.91 33.12
C GLU A 244 -28.85 18.87 33.24
N GLU A 245 -27.62 18.35 33.14
CA GLU A 245 -26.35 19.12 33.29
C GLU A 245 -26.32 20.27 32.28
N PHE A 246 -26.65 19.99 31.01
CA PHE A 246 -26.77 21.01 29.93
C PHE A 246 -27.88 22.00 30.29
N GLY A 247 -28.99 21.49 30.81
CA GLY A 247 -30.16 22.26 31.28
C GLY A 247 -29.77 23.45 32.15
N LYS A 248 -28.85 23.24 33.11
CA LYS A 248 -28.52 24.23 34.16
C LYS A 248 -27.26 25.03 33.79
N ILE A 249 -26.85 25.00 32.52
CA ILE A 249 -25.81 25.92 31.97
C ILE A 249 -26.32 27.36 32.16
N LEU A 250 -25.56 28.19 32.87
CA LEU A 250 -25.92 29.59 33.20
C LEU A 250 -25.58 30.49 32.01
N LEU A 251 -26.60 30.99 31.29
CA LEU A 251 -26.43 31.87 30.11
C LEU A 251 -26.11 33.29 30.57
N LYS A 252 -26.87 33.83 31.54
CA LYS A 252 -26.62 35.17 32.13
C LYS A 252 -27.36 35.31 33.47
N VAL A 253 -26.89 36.24 34.31
CA VAL A 253 -27.53 36.66 35.59
C VAL A 253 -28.17 38.02 35.36
N ASN A 254 -29.51 38.09 35.44
CA ASN A 254 -30.31 39.34 35.23
C ASN A 254 -29.90 40.39 36.26
N GLN A 255 -30.22 41.66 35.99
CA GLN A 255 -29.91 42.83 36.85
C GLN A 255 -30.39 42.56 38.30
N ASP A 256 -31.60 42.02 38.45
CA ASP A 256 -32.26 41.78 39.76
C ASP A 256 -31.57 40.63 40.50
N GLY A 257 -30.84 39.76 39.79
CA GLY A 257 -30.05 38.66 40.36
C GLY A 257 -30.58 37.29 39.98
N SER A 258 -31.75 37.23 39.32
CA SER A 258 -32.37 35.98 38.80
C SER A 258 -31.49 35.38 37.69
N ARG A 259 -31.46 34.05 37.58
CA ARG A 259 -30.57 33.29 36.67
C ARG A 259 -31.33 32.86 35.42
N VAL A 260 -30.72 33.07 34.24
CA VAL A 260 -31.21 32.56 32.92
C VAL A 260 -30.38 31.31 32.56
N LEU A 261 -30.98 30.13 32.65
CA LEU A 261 -30.33 28.83 32.33
C LEU A 261 -30.68 28.44 30.89
N LEU A 262 -29.88 27.54 30.29
CA LEU A 262 -30.05 27.09 28.89
C LEU A 262 -31.46 26.50 28.69
N ARG A 263 -31.98 25.81 29.71
CA ARG A 263 -33.32 25.14 29.66
C ARG A 263 -34.44 26.18 29.66
N ASP A 264 -34.15 27.43 30.07
CA ASP A 264 -35.13 28.54 30.08
C ASP A 264 -35.34 29.09 28.66
N VAL A 265 -34.40 28.84 27.73
CA VAL A 265 -34.45 29.36 26.33
C VAL A 265 -34.36 28.23 25.30
N ALA A 266 -34.38 26.96 25.72
CA ALA A 266 -34.23 25.80 24.82
C ALA A 266 -34.79 24.53 25.46
N LYS A 267 -35.43 23.68 24.65
CA LYS A 267 -35.77 22.28 25.01
C LYS A 267 -34.52 21.42 24.81
N ILE A 268 -34.10 20.71 25.86
CA ILE A 268 -32.82 19.94 25.91
C ILE A 268 -33.16 18.44 26.00
N GLU A 269 -32.85 17.69 24.95
CA GLU A 269 -33.14 16.24 24.84
C GLU A 269 -31.97 15.53 24.17
N LEU A 270 -31.80 14.23 24.45
CA LEU A 270 -30.87 13.31 23.74
C LEU A 270 -31.55 12.89 22.44
N GLY A 271 -30.95 13.20 21.29
CA GLY A 271 -31.54 12.95 19.96
C GLY A 271 -30.47 12.86 18.88
N GLY A 272 -30.80 12.24 17.75
CA GLY A 272 -29.87 11.92 16.65
C GLY A 272 -29.06 13.14 16.21
N GLU A 273 -27.80 12.92 15.79
CA GLU A 273 -26.95 13.92 15.10
C GLU A 273 -27.78 14.54 13.97
N ASN A 274 -28.44 13.69 13.17
CA ASN A 274 -29.40 14.09 12.11
C ASN A 274 -30.67 13.22 12.25
N TYR A 275 -31.77 13.67 11.65
CA TYR A 275 -33.10 12.99 11.66
C TYR A 275 -33.48 12.66 10.21
N ASP A 276 -32.49 12.29 9.40
CA ASP A 276 -32.60 12.15 7.92
C ASP A 276 -32.93 10.70 7.55
N ILE A 277 -32.25 9.73 8.16
CA ILE A 277 -32.42 8.28 7.85
C ILE A 277 -33.31 7.63 8.93
N ILE A 278 -34.40 6.98 8.49
CA ILE A 278 -35.37 6.23 9.35
C ILE A 278 -35.66 4.88 8.68
N ALA A 279 -35.28 3.77 9.31
CA ALA A 279 -35.38 2.40 8.76
C ALA A 279 -36.55 1.65 9.43
N GLU A 280 -37.17 0.73 8.69
CA GLU A 280 -38.20 -0.22 9.18
C GLU A 280 -37.89 -1.62 8.63
N PHE A 281 -37.93 -2.64 9.49
CA PHE A 281 -37.75 -4.07 9.12
C PHE A 281 -39.09 -4.79 9.27
N ASN A 282 -39.69 -5.20 8.15
CA ASN A 282 -40.99 -5.92 8.08
C ASN A 282 -42.08 -5.08 8.77
N GLY A 283 -42.00 -3.74 8.65
CA GLY A 283 -43.03 -2.80 9.12
C GLY A 283 -42.71 -2.21 10.50
N GLN A 284 -41.98 -2.93 11.35
CA GLN A 284 -41.68 -2.50 12.74
C GLN A 284 -40.39 -1.67 12.77
N PRO A 285 -40.19 -0.81 13.79
CA PRO A 285 -39.02 0.07 13.85
C PRO A 285 -37.71 -0.72 13.89
N ALA A 286 -36.68 -0.21 13.21
CA ALA A 286 -35.36 -0.86 13.07
C ALA A 286 -34.27 0.19 12.81
N SER A 287 -33.01 -0.19 13.09
CA SER A 287 -31.79 0.46 12.57
C SER A 287 -30.94 -0.61 11.90
N GLY A 288 -29.67 -0.31 11.58
CA GLY A 288 -28.73 -1.31 11.05
C GLY A 288 -27.52 -0.70 10.38
N LEU A 289 -26.68 -1.55 9.77
CA LEU A 289 -25.39 -1.20 9.14
C LEU A 289 -25.39 -1.69 7.69
N GLY A 290 -25.45 -0.77 6.74
CA GLY A 290 -25.14 -1.02 5.32
C GLY A 290 -23.64 -1.16 5.15
N ILE A 291 -23.14 -2.40 5.06
CA ILE A 291 -21.69 -2.72 4.97
C ILE A 291 -21.30 -2.85 3.50
N LYS A 292 -20.24 -2.13 3.09
CA LYS A 292 -19.70 -2.11 1.71
C LYS A 292 -18.32 -2.79 1.71
N LEU A 293 -18.11 -3.71 0.78
CA LEU A 293 -16.87 -4.53 0.67
C LEU A 293 -15.72 -3.65 0.16
N ALA A 294 -14.59 -3.65 0.89
CA ALA A 294 -13.34 -2.94 0.52
C ALA A 294 -12.86 -3.47 -0.84
N THR A 295 -12.24 -2.59 -1.65
CA THR A 295 -11.75 -2.92 -3.01
C THR A 295 -10.78 -4.11 -2.93
N GLY A 296 -11.10 -5.20 -3.65
CA GLY A 296 -10.24 -6.39 -3.78
C GLY A 296 -10.38 -7.37 -2.63
N ALA A 297 -11.16 -7.01 -1.59
CA ALA A 297 -11.41 -7.86 -0.39
C ALA A 297 -12.37 -8.99 -0.77
N ASN A 298 -12.33 -10.09 0.00
CA ASN A 298 -13.15 -11.32 -0.24
C ASN A 298 -14.47 -11.20 0.52
N ALA A 299 -15.60 -11.24 -0.21
CA ALA A 299 -16.97 -11.08 0.31
C ALA A 299 -17.24 -12.11 1.41
N LEU A 300 -17.05 -13.41 1.09
CA LEU A 300 -17.34 -14.55 2.00
C LEU A 300 -16.50 -14.42 3.29
N ASP A 301 -15.19 -14.20 3.16
CA ASP A 301 -14.25 -14.09 4.30
C ASP A 301 -14.60 -12.88 5.16
N THR A 302 -14.98 -11.76 4.54
CA THR A 302 -15.34 -10.48 5.22
C THR A 302 -16.69 -10.66 5.94
N ALA A 303 -17.68 -11.22 5.26
CA ALA A 303 -19.03 -11.51 5.80
C ALA A 303 -18.90 -12.38 7.06
N ALA A 304 -18.03 -13.40 7.02
CA ALA A 304 -17.74 -14.32 8.14
C ALA A 304 -17.19 -13.54 9.34
N ALA A 305 -16.24 -12.63 9.10
CA ALA A 305 -15.57 -11.80 10.11
C ALA A 305 -16.58 -10.82 10.73
N ILE A 306 -17.47 -10.25 9.91
CA ILE A 306 -18.59 -9.36 10.36
C ILE A 306 -19.44 -10.14 11.36
N ARG A 307 -19.88 -11.36 10.97
CA ARG A 307 -20.74 -12.24 11.80
CA ARG A 307 -20.74 -12.25 11.79
C ARG A 307 -20.02 -12.61 13.10
N ALA A 308 -18.72 -12.84 13.03
CA ALA A 308 -17.85 -13.19 14.19
C ALA A 308 -17.83 -12.04 15.20
N GLU A 309 -17.82 -10.79 14.71
CA GLU A 309 -17.79 -9.55 15.55
C GLU A 309 -19.18 -9.31 16.16
N LEU A 310 -20.24 -9.61 15.41
CA LEU A 310 -21.65 -9.49 15.86
C LEU A 310 -21.94 -10.51 16.96
N ALA A 311 -21.31 -11.69 16.88
CA ALA A 311 -21.42 -12.78 17.87
C ALA A 311 -20.85 -12.33 19.22
N LYS A 312 -19.79 -11.51 19.21
CA LYS A 312 -19.13 -10.96 20.41
C LYS A 312 -20.05 -9.95 21.12
N MET A 313 -20.89 -9.24 20.36
CA MET A 313 -21.74 -8.13 20.86
C MET A 313 -23.03 -8.68 21.47
N GLU A 314 -23.64 -9.69 20.84
CA GLU A 314 -24.99 -10.24 21.17
C GLU A 314 -25.14 -10.45 22.68
N PRO A 315 -24.19 -11.14 23.37
CA PRO A 315 -24.31 -11.39 24.80
C PRO A 315 -24.60 -10.15 25.68
N PHE A 316 -24.14 -8.97 25.26
CA PHE A 316 -24.15 -7.72 26.07
C PHE A 316 -25.25 -6.76 25.57
N PHE A 317 -26.18 -7.25 24.74
CA PHE A 317 -27.34 -6.47 24.24
C PHE A 317 -28.30 -6.15 25.39
N PRO A 318 -29.08 -5.06 25.29
CA PRO A 318 -30.20 -4.84 26.21
C PRO A 318 -31.31 -5.87 25.89
N SER A 319 -32.25 -6.06 26.82
CA SER A 319 -33.39 -6.99 26.68
C SER A 319 -34.20 -6.63 25.43
N GLY A 320 -34.37 -7.60 24.52
CA GLY A 320 -35.24 -7.47 23.33
C GLY A 320 -34.46 -7.22 22.05
N LEU A 321 -33.32 -6.53 22.13
CA LEU A 321 -32.49 -6.18 20.94
C LEU A 321 -32.05 -7.46 20.24
N LYS A 322 -32.20 -7.52 18.92
CA LYS A 322 -32.01 -8.75 18.09
C LYS A 322 -31.48 -8.35 16.70
N ILE A 323 -30.40 -9.00 16.26
CA ILE A 323 -29.84 -8.85 14.89
C ILE A 323 -30.73 -9.62 13.92
N VAL A 324 -31.06 -9.01 12.79
CA VAL A 324 -31.77 -9.66 11.64
C VAL A 324 -30.91 -9.44 10.39
N TYR A 325 -31.07 -10.30 9.37
CA TYR A 325 -30.25 -10.32 8.14
C TYR A 325 -31.16 -10.12 6.93
N PRO A 326 -31.68 -8.89 6.72
CA PRO A 326 -32.65 -8.63 5.67
C PRO A 326 -32.10 -8.48 4.23
N TYR A 327 -30.77 -8.49 4.08
CA TYR A 327 -30.09 -8.38 2.76
C TYR A 327 -28.64 -8.88 2.91
N ASP A 328 -28.30 -9.93 2.16
CA ASP A 328 -26.96 -10.57 2.16
C ASP A 328 -26.71 -11.16 0.77
N THR A 329 -25.61 -10.76 0.12
CA THR A 329 -25.23 -11.20 -1.25
C THR A 329 -24.33 -12.44 -1.18
N THR A 330 -23.84 -12.78 0.02
CA THR A 330 -22.84 -13.87 0.23
C THR A 330 -23.50 -15.24 0.22
N PRO A 331 -24.69 -15.46 0.86
CA PRO A 331 -25.31 -16.79 0.89
C PRO A 331 -25.47 -17.42 -0.50
N PHE A 332 -25.89 -16.61 -1.49
CA PHE A 332 -26.01 -17.05 -2.91
C PHE A 332 -24.67 -17.60 -3.40
N VAL A 333 -23.58 -16.86 -3.15
CA VAL A 333 -22.20 -17.26 -3.55
C VAL A 333 -21.87 -18.60 -2.87
N LYS A 334 -22.11 -18.70 -1.56
CA LYS A 334 -21.79 -19.90 -0.73
C LYS A 334 -22.64 -21.08 -1.19
N ILE A 335 -23.90 -20.84 -1.56
CA ILE A 335 -24.90 -21.90 -1.92
C ILE A 335 -24.74 -22.27 -3.41
N SER A 336 -24.59 -21.27 -4.29
CA SER A 336 -24.47 -21.46 -5.77
C SER A 336 -23.19 -22.23 -6.10
N ILE A 337 -22.12 -22.03 -5.34
CA ILE A 337 -20.81 -22.75 -5.49
C ILE A 337 -20.99 -24.19 -5.02
N HIS A 338 -21.67 -24.39 -3.89
CA HIS A 338 -21.98 -25.74 -3.31
C HIS A 338 -22.81 -26.55 -4.30
N GLU A 339 -23.67 -25.90 -5.09
CA GLU A 339 -24.52 -26.56 -6.13
C GLU A 339 -23.63 -27.09 -7.26
N VAL A 340 -22.57 -26.37 -7.63
CA VAL A 340 -21.61 -26.78 -8.70
C VAL A 340 -20.70 -27.88 -8.16
N VAL A 341 -20.34 -27.82 -6.88
CA VAL A 341 -19.56 -28.88 -6.17
C VAL A 341 -20.38 -30.18 -6.18
N LYS A 342 -21.70 -30.07 -6.06
CA LYS A 342 -22.64 -31.22 -5.97
C LYS A 342 -22.73 -31.91 -7.33
N THR A 343 -22.83 -31.15 -8.43
CA THR A 343 -22.92 -31.65 -9.82
C THR A 343 -21.58 -32.29 -10.23
N LEU A 344 -20.47 -31.82 -9.66
CA LEU A 344 -19.12 -32.46 -9.81
C LEU A 344 -19.17 -33.88 -9.24
N VAL A 345 -19.57 -34.01 -7.97
CA VAL A 345 -19.68 -35.30 -7.22
C VAL A 345 -20.68 -36.22 -7.94
N GLU A 346 -21.79 -35.65 -8.42
CA GLU A 346 -22.87 -36.40 -9.15
C GLU A 346 -22.32 -36.94 -10.47
N ALA A 347 -21.53 -36.14 -11.20
CA ALA A 347 -20.94 -36.50 -12.51
C ALA A 347 -19.94 -37.65 -12.35
N ILE A 348 -19.18 -37.66 -11.25
CA ILE A 348 -18.19 -38.73 -10.89
C ILE A 348 -18.95 -40.05 -10.66
N ILE A 349 -20.14 -39.97 -10.04
CA ILE A 349 -21.03 -41.15 -9.78
C ILE A 349 -21.64 -41.60 -11.11
N LEU A 350 -22.22 -40.67 -11.88
CA LEU A 350 -22.88 -40.94 -13.19
C LEU A 350 -21.85 -41.47 -14.21
N VAL A 351 -20.57 -41.14 -14.02
CA VAL A 351 -19.42 -41.72 -14.81
C VAL A 351 -19.27 -43.20 -14.41
N PHE A 352 -19.14 -43.47 -13.11
CA PHE A 352 -18.93 -44.83 -12.53
C PHE A 352 -19.97 -45.82 -13.07
N LEU A 353 -21.24 -45.38 -13.20
CA LEU A 353 -22.36 -46.22 -13.69
C LEU A 353 -22.15 -46.57 -15.17
N VAL A 354 -21.84 -45.58 -16.01
CA VAL A 354 -21.58 -45.76 -17.47
C VAL A 354 -20.28 -46.54 -17.65
N MET A 355 -19.31 -46.37 -16.75
CA MET A 355 -18.01 -47.10 -16.76
C MET A 355 -18.26 -48.58 -16.40
N TYR A 356 -19.20 -48.86 -15.50
CA TYR A 356 -19.58 -50.22 -15.05
C TYR A 356 -20.37 -50.93 -16.15
N LEU A 357 -21.10 -50.17 -16.98
CA LEU A 357 -21.94 -50.70 -18.08
C LEU A 357 -21.06 -51.36 -19.16
N PHE A 358 -19.83 -50.87 -19.34
CA PHE A 358 -18.91 -51.27 -20.44
C PHE A 358 -17.84 -52.24 -19.93
N LEU A 359 -17.13 -51.88 -18.85
CA LEU A 359 -16.04 -52.71 -18.27
C LEU A 359 -16.65 -53.90 -17.51
N GLN A 360 -17.74 -53.67 -16.78
CA GLN A 360 -18.59 -54.72 -16.14
C GLN A 360 -17.79 -55.46 -15.06
N ASN A 361 -16.74 -54.82 -14.53
CA ASN A 361 -15.89 -55.30 -13.41
C ASN A 361 -15.70 -54.14 -12.44
N PHE A 362 -16.26 -54.26 -11.22
CA PHE A 362 -16.28 -53.20 -10.17
C PHE A 362 -14.88 -52.57 -10.03
N ARG A 363 -13.83 -53.38 -10.11
CA ARG A 363 -12.41 -52.96 -9.91
C ARG A 363 -11.93 -52.18 -11.13
N ALA A 364 -12.22 -52.66 -12.35
CA ALA A 364 -11.87 -52.02 -13.63
C ALA A 364 -12.58 -50.67 -13.76
N THR A 365 -13.82 -50.59 -13.25
CA THR A 365 -14.71 -49.40 -13.29
C THR A 365 -14.09 -48.23 -12.50
N LEU A 366 -13.31 -48.54 -11.46
CA LEU A 366 -12.76 -47.53 -10.52
C LEU A 366 -11.57 -46.78 -11.15
N ILE A 367 -10.88 -47.38 -12.12
CA ILE A 367 -9.62 -46.82 -12.70
C ILE A 367 -9.91 -45.44 -13.28
N PRO A 368 -10.93 -45.28 -14.18
CA PRO A 368 -11.33 -43.95 -14.66
C PRO A 368 -11.95 -43.07 -13.57
N THR A 369 -12.68 -43.67 -12.62
CA THR A 369 -13.43 -42.99 -11.54
C THR A 369 -12.46 -42.46 -10.48
N ILE A 370 -11.29 -43.07 -10.32
CA ILE A 370 -10.22 -42.65 -9.37
C ILE A 370 -9.41 -41.51 -10.00
N ALA A 371 -9.14 -41.61 -11.30
CA ALA A 371 -8.31 -40.66 -12.08
C ALA A 371 -8.88 -39.24 -12.01
N VAL A 372 -10.21 -39.11 -12.12
CA VAL A 372 -10.93 -37.80 -12.23
C VAL A 372 -10.74 -37.02 -10.93
N PRO A 373 -11.13 -37.56 -9.75
CA PRO A 373 -10.89 -36.87 -8.47
C PRO A 373 -9.44 -36.40 -8.25
N VAL A 374 -8.46 -37.20 -8.69
CA VAL A 374 -7.00 -36.93 -8.52
C VAL A 374 -6.61 -35.67 -9.30
N VAL A 375 -7.06 -35.59 -10.56
CA VAL A 375 -6.75 -34.46 -11.49
C VAL A 375 -7.44 -33.18 -10.99
N LEU A 376 -8.75 -33.28 -10.70
CA LEU A 376 -9.59 -32.15 -10.23
C LEU A 376 -8.99 -31.57 -8.94
N LEU A 377 -8.75 -32.41 -7.92
CA LEU A 377 -8.06 -31.99 -6.67
C LEU A 377 -6.71 -31.40 -7.04
N GLY A 378 -5.95 -32.08 -7.91
CA GLY A 378 -4.66 -31.58 -8.45
C GLY A 378 -4.80 -30.18 -9.02
N THR A 379 -5.85 -29.91 -9.78
CA THR A 379 -6.13 -28.62 -10.45
C THR A 379 -6.31 -27.53 -9.39
N PHE A 380 -7.01 -27.82 -8.28
CA PHE A 380 -7.20 -26.90 -7.13
C PHE A 380 -5.83 -26.45 -6.59
N ALA A 381 -4.86 -27.37 -6.53
CA ALA A 381 -3.48 -27.11 -6.06
C ALA A 381 -2.77 -26.18 -7.06
N VAL A 382 -2.99 -26.38 -8.36
CA VAL A 382 -2.40 -25.56 -9.47
C VAL A 382 -3.00 -24.15 -9.42
N LEU A 383 -4.32 -24.04 -9.20
CA LEU A 383 -5.04 -22.74 -9.02
C LEU A 383 -4.38 -21.95 -7.88
N ALA A 384 -4.18 -22.59 -6.74
CA ALA A 384 -3.57 -22.00 -5.51
C ALA A 384 -2.19 -21.42 -5.85
N ALA A 385 -1.34 -22.21 -6.51
CA ALA A 385 0.03 -21.82 -6.94
C ALA A 385 -0.04 -20.57 -7.83
N PHE A 386 -0.98 -20.56 -8.77
CA PHE A 386 -1.17 -19.48 -9.79
C PHE A 386 -1.97 -18.32 -9.19
N GLY A 387 -2.47 -18.47 -7.96
CA GLY A 387 -3.07 -17.39 -7.15
C GLY A 387 -4.51 -17.12 -7.50
N PHE A 388 -5.19 -18.08 -8.15
CA PHE A 388 -6.62 -17.99 -8.54
C PHE A 388 -7.48 -18.35 -7.32
N SER A 389 -8.80 -18.15 -7.42
CA SER A 389 -9.79 -18.43 -6.35
C SER A 389 -10.80 -19.47 -6.84
N ILE A 390 -11.45 -20.18 -5.91
CA ILE A 390 -12.56 -21.13 -6.21
C ILE A 390 -13.81 -20.30 -6.50
N ASN A 391 -14.01 -19.95 -7.78
CA ASN A 391 -15.16 -19.11 -8.24
C ASN A 391 -16.03 -19.95 -9.19
N THR A 392 -17.19 -19.40 -9.59
CA THR A 392 -18.18 -20.05 -10.49
C THR A 392 -17.48 -20.62 -11.72
N LEU A 393 -16.57 -19.84 -12.32
CA LEU A 393 -15.97 -20.12 -13.66
C LEU A 393 -14.92 -21.23 -13.53
N THR A 394 -14.03 -21.14 -12.54
CA THR A 394 -13.03 -22.19 -12.21
C THR A 394 -13.77 -23.49 -11.87
N MET A 395 -14.82 -23.40 -11.04
CA MET A 395 -15.66 -24.55 -10.60
C MET A 395 -16.36 -25.19 -11.81
N PHE A 396 -16.76 -24.39 -12.81
CA PHE A 396 -17.37 -24.88 -14.07
C PHE A 396 -16.28 -25.37 -15.02
N GLY A 397 -15.07 -24.79 -14.93
CA GLY A 397 -13.87 -25.31 -15.60
C GLY A 397 -13.59 -26.76 -15.19
N MET A 398 -13.77 -27.06 -13.91
CA MET A 398 -13.58 -28.42 -13.31
C MET A 398 -14.65 -29.36 -13.87
N VAL A 399 -15.90 -28.88 -13.97
CA VAL A 399 -17.08 -29.68 -14.45
C VAL A 399 -16.87 -30.02 -15.93
N LEU A 400 -16.51 -29.04 -16.76
CA LEU A 400 -16.23 -29.23 -18.20
C LEU A 400 -14.97 -30.06 -18.38
N ALA A 401 -13.99 -29.91 -17.48
CA ALA A 401 -12.71 -30.67 -17.48
C ALA A 401 -13.00 -32.18 -17.39
N ILE A 402 -13.96 -32.59 -16.54
CA ILE A 402 -14.33 -34.02 -16.29
C ILE A 402 -14.42 -34.78 -17.62
N GLY A 403 -15.01 -34.16 -18.65
CA GLY A 403 -15.10 -34.72 -20.01
C GLY A 403 -13.74 -35.09 -20.57
N LEU A 404 -12.77 -34.17 -20.44
CA LEU A 404 -11.38 -34.32 -20.97
C LEU A 404 -10.60 -35.31 -20.10
N LEU A 405 -10.95 -35.43 -18.81
CA LEU A 405 -10.23 -36.26 -17.80
C LEU A 405 -10.55 -37.74 -18.00
N VAL A 406 -11.84 -38.09 -18.15
CA VAL A 406 -12.32 -39.49 -18.32
C VAL A 406 -11.83 -40.02 -19.69
N ASP A 407 -11.83 -39.17 -20.72
CA ASP A 407 -11.36 -39.55 -22.08
C ASP A 407 -9.91 -40.06 -21.98
N ASP A 408 -9.04 -39.30 -21.30
CA ASP A 408 -7.62 -39.70 -21.02
C ASP A 408 -7.60 -41.07 -20.35
N ALA A 409 -8.47 -41.28 -19.36
CA ALA A 409 -8.57 -42.54 -18.58
C ALA A 409 -9.16 -43.66 -19.45
N ILE A 410 -10.34 -43.43 -20.02
CA ILE A 410 -11.07 -44.39 -20.91
C ILE A 410 -10.12 -44.85 -22.02
N VAL A 411 -9.49 -43.91 -22.73
CA VAL A 411 -8.51 -44.20 -23.82
C VAL A 411 -7.48 -45.21 -23.31
N VAL A 412 -6.91 -44.97 -22.11
CA VAL A 412 -5.83 -45.81 -21.52
C VAL A 412 -6.40 -47.17 -21.10
N VAL A 413 -7.54 -47.19 -20.41
CA VAL A 413 -8.17 -48.44 -19.87
C VAL A 413 -8.75 -49.27 -21.03
N GLU A 414 -9.52 -48.64 -21.92
CA GLU A 414 -10.23 -49.30 -23.05
C GLU A 414 -9.21 -50.01 -23.95
N ASN A 415 -8.12 -49.33 -24.30
CA ASN A 415 -7.09 -49.81 -25.27
C ASN A 415 -6.36 -51.03 -24.68
N VAL A 416 -6.19 -51.07 -23.35
CA VAL A 416 -5.56 -52.21 -22.62
C VAL A 416 -6.53 -53.41 -22.67
N GLU A 417 -7.81 -53.18 -22.38
CA GLU A 417 -8.88 -54.21 -22.38
C GLU A 417 -9.05 -54.79 -23.80
N ARG A 418 -8.90 -53.95 -24.82
CA ARG A 418 -8.90 -54.37 -26.25
C ARG A 418 -7.70 -55.29 -26.51
N VAL A 419 -6.49 -54.81 -26.22
CA VAL A 419 -5.20 -55.53 -26.41
C VAL A 419 -5.30 -56.94 -25.81
N MET A 420 -5.89 -57.06 -24.60
CA MET A 420 -6.08 -58.35 -23.89
C MET A 420 -7.09 -59.22 -24.64
N ALA A 421 -8.16 -58.62 -25.19
CA ALA A 421 -9.26 -59.32 -25.88
C ALA A 421 -8.80 -59.86 -27.24
N GLU A 422 -7.88 -59.17 -27.91
CA GLU A 422 -7.42 -59.50 -29.30
C GLU A 422 -6.28 -60.51 -29.27
N GLU A 423 -5.45 -60.51 -28.22
CA GLU A 423 -4.18 -61.29 -28.15
C GLU A 423 -4.16 -62.24 -26.94
N GLY A 424 -4.77 -61.86 -25.82
CA GLY A 424 -4.85 -62.69 -24.60
C GLY A 424 -3.60 -62.56 -23.73
N LEU A 425 -3.00 -61.37 -23.70
CA LEU A 425 -1.84 -61.04 -22.84
C LEU A 425 -2.33 -60.83 -21.41
N PRO A 426 -1.47 -61.03 -20.38
CA PRO A 426 -1.83 -60.68 -19.00
C PRO A 426 -1.99 -59.17 -18.84
N PRO A 427 -2.62 -58.68 -17.74
CA PRO A 427 -2.84 -57.24 -17.55
C PRO A 427 -1.55 -56.40 -17.62
N LYS A 428 -0.45 -56.91 -17.05
CA LYS A 428 0.83 -56.18 -16.90
C LYS A 428 1.49 -55.95 -18.26
N GLU A 429 1.54 -56.98 -19.11
CA GLU A 429 2.18 -56.93 -20.46
C GLU A 429 1.25 -56.18 -21.43
N ALA A 430 -0.06 -56.41 -21.35
CA ALA A 430 -1.11 -55.75 -22.17
C ALA A 430 -1.04 -54.24 -21.97
N THR A 431 -0.92 -53.79 -20.71
CA THR A 431 -0.77 -52.37 -20.30
C THR A 431 0.51 -51.81 -20.93
N ARG A 432 1.64 -52.48 -20.69
CA ARG A 432 2.98 -52.10 -21.23
C ARG A 432 2.88 -51.88 -22.75
N LYS A 433 2.21 -52.79 -23.47
CA LYS A 433 2.04 -52.71 -24.94
C LYS A 433 1.12 -51.54 -25.29
N SER A 434 0.00 -51.41 -24.56
CA SER A 434 -1.05 -50.38 -24.77
C SER A 434 -0.46 -48.99 -24.58
N MET A 435 0.18 -48.74 -23.43
CA MET A 435 0.83 -47.44 -23.10
C MET A 435 1.87 -47.10 -24.17
N GLY A 436 2.59 -48.10 -24.68
CA GLY A 436 3.64 -47.94 -25.70
C GLY A 436 3.12 -47.32 -27.00
N GLN A 437 1.84 -47.52 -27.33
CA GLN A 437 1.26 -47.20 -28.68
C GLN A 437 0.32 -45.99 -28.63
N ILE A 438 0.00 -45.44 -27.45
CA ILE A 438 -0.90 -44.24 -27.33
C ILE A 438 -0.28 -43.13 -26.46
N GLN A 439 0.77 -43.41 -25.67
CA GLN A 439 1.38 -42.40 -24.76
C GLN A 439 1.85 -41.18 -25.57
N GLY A 440 2.34 -41.40 -26.80
CA GLY A 440 2.80 -40.35 -27.72
C GLY A 440 1.66 -39.44 -28.16
N ALA A 441 0.50 -40.02 -28.50
CA ALA A 441 -0.70 -39.32 -28.97
C ALA A 441 -1.33 -38.52 -27.82
N LEU A 442 -1.38 -39.11 -26.62
CA LEU A 442 -1.96 -38.47 -25.40
C LEU A 442 -1.23 -37.15 -25.11
N VAL A 443 0.11 -37.20 -25.00
CA VAL A 443 0.97 -36.02 -24.72
C VAL A 443 0.82 -35.01 -25.87
N GLY A 444 0.77 -35.50 -27.11
CA GLY A 444 0.59 -34.69 -28.32
C GLY A 444 -0.78 -34.03 -28.38
N ILE A 445 -1.83 -34.76 -28.00
CA ILE A 445 -3.26 -34.29 -28.03
C ILE A 445 -3.40 -33.08 -27.09
N ALA A 446 -2.89 -33.18 -25.86
CA ALA A 446 -2.96 -32.13 -24.82
C ALA A 446 -2.39 -30.81 -25.35
N MET A 447 -1.33 -30.88 -26.17
CA MET A 447 -0.69 -29.71 -26.81
C MET A 447 -1.59 -29.16 -27.92
N VAL A 448 -2.31 -30.04 -28.63
CA VAL A 448 -3.29 -29.66 -29.69
C VAL A 448 -4.52 -29.02 -29.03
N LEU A 449 -4.98 -29.59 -27.90
CA LEU A 449 -6.16 -29.10 -27.15
C LEU A 449 -5.82 -27.78 -26.44
N SER A 450 -4.62 -27.67 -25.85
CA SER A 450 -4.14 -26.46 -25.14
C SER A 450 -4.21 -25.24 -26.08
N ALA A 451 -3.98 -25.45 -27.38
CA ALA A 451 -4.04 -24.42 -28.44
C ALA A 451 -5.48 -23.95 -28.68
N VAL A 452 -6.47 -24.62 -28.07
CA VAL A 452 -7.93 -24.28 -28.17
C VAL A 452 -8.33 -23.36 -27.02
N PHE A 453 -7.81 -23.60 -25.82
CA PHE A 453 -8.21 -22.91 -24.55
C PHE A 453 -7.24 -21.76 -24.22
N VAL A 454 -5.93 -21.96 -24.43
CA VAL A 454 -4.87 -20.95 -24.13
C VAL A 454 -5.24 -19.61 -24.76
N PRO A 455 -5.59 -19.55 -26.07
CA PRO A 455 -5.98 -18.30 -26.71
C PRO A 455 -6.98 -17.40 -25.97
N MET A 456 -7.95 -17.98 -25.24
CA MET A 456 -9.03 -17.20 -24.56
C MET A 456 -8.56 -16.75 -23.17
N ALA A 457 -7.29 -16.97 -22.83
CA ALA A 457 -6.61 -16.36 -21.65
C ALA A 457 -5.90 -15.06 -22.07
N PHE A 458 -6.07 -14.64 -23.32
CA PHE A 458 -5.41 -13.45 -23.92
C PHE A 458 -6.46 -12.44 -24.41
N PHE A 459 -7.67 -12.48 -23.85
CA PHE A 459 -8.71 -11.44 -24.01
C PHE A 459 -8.32 -10.21 -23.18
N GLY A 460 -8.79 -9.03 -23.57
CA GLY A 460 -8.39 -7.73 -22.98
C GLY A 460 -9.35 -7.26 -21.90
N GLY A 461 -8.79 -6.74 -20.79
CA GLY A 461 -9.52 -5.97 -19.77
C GLY A 461 -10.39 -6.84 -18.88
N SER A 462 -11.54 -6.30 -18.45
CA SER A 462 -12.48 -6.90 -17.46
C SER A 462 -13.05 -8.21 -18.00
N THR A 463 -13.58 -8.20 -19.23
CA THR A 463 -14.23 -9.36 -19.90
C THR A 463 -13.20 -10.49 -20.12
N GLY A 464 -11.91 -10.15 -20.22
CA GLY A 464 -10.82 -11.11 -20.49
C GLY A 464 -10.43 -11.92 -19.26
N ALA A 465 -10.51 -11.32 -18.06
CA ALA A 465 -10.19 -11.95 -16.77
C ALA A 465 -11.18 -13.08 -16.47
N ILE A 466 -12.41 -12.97 -17.00
CA ILE A 466 -13.51 -13.98 -16.86
C ILE A 466 -13.11 -15.25 -17.62
N TYR A 467 -12.74 -15.11 -18.90
CA TYR A 467 -12.37 -16.24 -19.81
C TYR A 467 -11.07 -16.90 -19.35
N ARG A 468 -10.13 -16.10 -18.81
CA ARG A 468 -8.78 -16.56 -18.39
C ARG A 468 -8.89 -17.56 -17.23
N GLN A 469 -9.98 -17.49 -16.46
CA GLN A 469 -10.26 -18.45 -15.33
C GLN A 469 -10.50 -19.85 -15.90
N PHE A 470 -11.43 -19.99 -16.85
CA PHE A 470 -11.75 -21.25 -17.56
C PHE A 470 -10.47 -21.82 -18.19
N SER A 471 -9.82 -21.00 -19.03
CA SER A 471 -8.61 -21.35 -19.83
C SER A 471 -7.57 -22.04 -18.94
N ILE A 472 -7.11 -21.35 -17.89
CA ILE A 472 -6.02 -21.82 -16.99
C ILE A 472 -6.48 -23.08 -16.24
N THR A 473 -7.74 -23.13 -15.80
CA THR A 473 -8.34 -24.27 -15.06
C THR A 473 -8.33 -25.52 -15.95
N ILE A 474 -8.97 -25.44 -17.12
CA ILE A 474 -9.13 -26.57 -18.09
C ILE A 474 -7.75 -27.05 -18.55
N VAL A 475 -6.83 -26.11 -18.85
CA VAL A 475 -5.46 -26.42 -19.36
C VAL A 475 -4.64 -27.10 -18.26
N SER A 476 -4.70 -26.58 -17.03
CA SER A 476 -4.05 -27.17 -15.83
C SER A 476 -4.54 -28.62 -15.62
N ALA A 477 -5.84 -28.85 -15.81
CA ALA A 477 -6.50 -30.17 -15.67
C ALA A 477 -5.95 -31.15 -16.70
N MET A 478 -5.91 -30.75 -17.98
CA MET A 478 -5.39 -31.58 -19.10
C MET A 478 -3.93 -31.96 -18.84
N ALA A 479 -3.11 -30.98 -18.45
CA ALA A 479 -1.67 -31.14 -18.11
C ALA A 479 -1.52 -32.24 -17.05
N LEU A 480 -2.30 -32.14 -15.96
CA LEU A 480 -2.34 -33.14 -14.85
C LEU A 480 -2.93 -34.47 -15.36
N SER A 481 -3.99 -34.40 -16.17
CA SER A 481 -4.73 -35.58 -16.72
C SER A 481 -3.76 -36.49 -17.48
N VAL A 482 -3.00 -35.91 -18.41
CA VAL A 482 -1.97 -36.62 -19.22
C VAL A 482 -0.89 -37.17 -18.28
N LEU A 483 -0.43 -36.36 -17.32
CA LEU A 483 0.61 -36.74 -16.32
C LEU A 483 0.11 -37.94 -15.51
N VAL A 484 -1.15 -37.91 -15.07
CA VAL A 484 -1.82 -39.00 -14.28
C VAL A 484 -2.00 -40.24 -15.19
N ALA A 485 -2.21 -40.03 -16.50
CA ALA A 485 -2.45 -41.09 -17.50
C ALA A 485 -1.13 -41.80 -17.86
N LEU A 486 0.02 -41.26 -17.47
CA LEU A 486 1.36 -41.87 -17.69
C LEU A 486 1.92 -42.44 -16.37
N ILE A 487 1.48 -41.92 -15.22
CA ILE A 487 1.97 -42.36 -13.88
C ILE A 487 1.01 -43.39 -13.29
N LEU A 488 -0.24 -43.01 -13.03
CA LEU A 488 -1.20 -43.80 -12.21
C LEU A 488 -1.97 -44.80 -13.07
N THR A 489 -2.78 -44.31 -14.02
CA THR A 489 -3.75 -45.11 -14.83
C THR A 489 -3.07 -46.37 -15.36
N PRO A 490 -1.82 -46.29 -15.91
CA PRO A 490 -1.06 -47.49 -16.30
C PRO A 490 -0.85 -48.47 -15.14
N ALA A 491 -0.38 -47.99 -13.99
CA ALA A 491 -0.09 -48.79 -12.77
C ALA A 491 -1.37 -49.49 -12.29
N LEU A 492 -2.52 -48.84 -12.38
CA LEU A 492 -3.83 -49.36 -11.93
C LEU A 492 -4.33 -50.45 -12.89
N CYS A 493 -4.15 -50.25 -14.20
CA CYS A 493 -4.48 -51.24 -15.27
C CYS A 493 -3.68 -52.53 -15.03
N ALA A 494 -2.38 -52.41 -14.73
CA ALA A 494 -1.44 -53.53 -14.54
C ALA A 494 -1.86 -54.41 -13.35
N THR A 495 -2.46 -53.83 -12.31
CA THR A 495 -2.78 -54.49 -11.02
C THR A 495 -4.27 -54.86 -10.94
N MET A 496 -5.17 -53.96 -11.34
CA MET A 496 -6.63 -54.04 -11.01
C MET A 496 -7.45 -54.63 -12.16
N LEU A 497 -6.99 -54.52 -13.42
CA LEU A 497 -7.71 -55.10 -14.59
C LEU A 497 -7.64 -56.63 -14.52
N LYS A 498 -8.80 -57.29 -14.61
CA LYS A 498 -8.93 -58.77 -14.64
C LYS A 498 -8.31 -59.31 -15.93
N PRO A 499 -7.53 -60.42 -15.88
CA PRO A 499 -7.04 -61.07 -17.10
C PRO A 499 -8.20 -61.48 -18.02
N ILE A 500 -8.16 -61.02 -19.28
CA ILE A 500 -9.18 -61.31 -20.32
C ILE A 500 -8.59 -62.30 -21.34
N ALA A 501 -9.30 -63.39 -21.62
CA ALA A 501 -8.91 -64.45 -22.57
C ALA A 501 -9.02 -63.94 -24.01
N LYS A 502 -8.24 -64.51 -24.94
CA LYS A 502 -8.22 -64.14 -26.37
C LYS A 502 -9.57 -64.50 -27.00
N GLY A 503 -10.26 -63.50 -27.57
CA GLY A 503 -11.58 -63.65 -28.23
C GLY A 503 -12.75 -63.49 -27.26
N ASP A 504 -12.47 -63.06 -26.02
CA ASP A 504 -13.49 -62.86 -24.95
C ASP A 504 -13.95 -61.39 -24.99
N HIS A 505 -15.05 -61.12 -25.70
CA HIS A 505 -15.74 -59.80 -25.77
C HIS A 505 -17.02 -59.85 -24.93
N GLY A 506 -16.98 -60.59 -23.81
CA GLY A 506 -18.19 -60.95 -23.03
C GLY A 506 -18.99 -62.01 -23.75
N GLU A 507 -20.28 -61.73 -24.01
CA GLU A 507 -21.21 -62.57 -24.82
C GLU A 507 -21.56 -63.85 -24.04
N GLY A 508 -20.54 -64.55 -23.53
CA GLY A 508 -20.68 -65.74 -22.66
C GLY A 508 -21.24 -65.39 -21.29
N LYS A 509 -21.13 -64.13 -20.86
CA LYS A 509 -21.75 -63.60 -19.61
C LYS A 509 -23.26 -63.82 -19.68
N LYS A 510 -23.89 -64.11 -18.53
CA LYS A 510 -25.35 -64.33 -18.39
C LYS A 510 -26.02 -63.07 -17.84
N GLY A 511 -27.32 -62.90 -18.10
CA GLY A 511 -28.14 -61.77 -17.63
C GLY A 511 -28.03 -60.56 -18.55
N PHE A 512 -28.13 -59.36 -17.99
CA PHE A 512 -28.16 -58.06 -18.71
C PHE A 512 -26.87 -57.86 -19.51
N PHE A 513 -25.70 -58.05 -18.86
CA PHE A 513 -24.36 -57.86 -19.46
C PHE A 513 -24.19 -58.76 -20.70
N GLY A 514 -24.68 -60.00 -20.64
CA GLY A 514 -24.66 -60.97 -21.75
C GLY A 514 -25.31 -60.43 -23.00
N TRP A 515 -26.56 -59.96 -22.88
CA TRP A 515 -27.36 -59.34 -23.97
C TRP A 515 -26.64 -58.09 -24.52
N PHE A 516 -26.14 -57.24 -23.62
CA PHE A 516 -25.46 -55.95 -23.93
C PHE A 516 -24.26 -56.20 -24.86
N ASN A 517 -23.41 -57.16 -24.48
CA ASN A 517 -22.14 -57.50 -25.20
C ASN A 517 -22.46 -57.95 -26.63
N ARG A 518 -23.43 -58.85 -26.79
CA ARG A 518 -23.89 -59.38 -28.10
C ARG A 518 -24.50 -58.24 -28.93
N MET A 519 -25.32 -57.39 -28.30
CA MET A 519 -25.99 -56.23 -28.94
C MET A 519 -24.93 -55.23 -29.44
N PHE A 520 -23.86 -55.04 -28.67
CA PHE A 520 -22.76 -54.08 -28.97
C PHE A 520 -21.87 -54.61 -30.10
N GLU A 521 -21.54 -55.91 -30.06
CA GLU A 521 -20.67 -56.59 -31.05
C GLU A 521 -21.34 -56.58 -32.43
N LYS A 522 -22.66 -56.71 -32.49
CA LYS A 522 -23.46 -56.65 -33.75
C LYS A 522 -23.66 -55.18 -34.16
N SER A 523 -23.77 -54.27 -33.20
CA SER A 523 -23.83 -52.80 -33.42
C SER A 523 -22.50 -52.32 -34.02
N THR A 524 -21.38 -52.81 -33.48
CA THR A 524 -20.00 -52.56 -33.99
C THR A 524 -19.87 -53.11 -35.40
N HIS A 525 -20.36 -54.34 -35.64
CA HIS A 525 -20.36 -55.03 -36.96
C HIS A 525 -21.26 -54.28 -37.96
N HIS A 526 -22.43 -53.81 -37.51
CA HIS A 526 -23.38 -53.00 -38.30
C HIS A 526 -22.73 -51.65 -38.66
N TYR A 527 -22.12 -51.00 -37.68
CA TYR A 527 -21.45 -49.67 -37.79
C TYR A 527 -20.34 -49.74 -38.84
N THR A 528 -19.47 -50.76 -38.75
CA THR A 528 -18.31 -50.98 -39.67
C THR A 528 -18.82 -51.33 -41.08
N ASP A 529 -19.87 -52.15 -41.16
CA ASP A 529 -20.58 -52.50 -42.43
C ASP A 529 -21.21 -51.22 -43.01
N SER A 530 -21.81 -50.39 -42.15
CA SER A 530 -22.47 -49.11 -42.51
C SER A 530 -21.44 -48.11 -43.05
N VAL A 531 -20.34 -47.91 -42.32
CA VAL A 531 -19.21 -47.00 -42.70
C VAL A 531 -18.59 -47.50 -44.01
N GLY A 532 -18.42 -48.82 -44.14
CA GLY A 532 -17.92 -49.50 -45.36
C GLY A 532 -18.64 -49.00 -46.61
N GLY A 533 -19.96 -48.80 -46.52
CA GLY A 533 -20.82 -48.33 -47.62
C GLY A 533 -20.73 -46.82 -47.81
N ILE A 534 -20.61 -46.06 -46.72
CA ILE A 534 -20.51 -44.56 -46.72
C ILE A 534 -19.32 -44.14 -47.59
N LEU A 535 -18.18 -44.84 -47.45
CA LEU A 535 -16.89 -44.49 -48.11
C LEU A 535 -16.97 -44.71 -49.62
N ARG A 536 -17.79 -45.68 -50.07
CA ARG A 536 -17.98 -46.00 -51.51
C ARG A 536 -18.79 -44.88 -52.20
N SER A 537 -19.53 -44.08 -51.41
CA SER A 537 -20.31 -42.90 -51.88
C SER A 537 -19.42 -41.65 -51.85
N THR A 538 -19.01 -41.22 -50.65
CA THR A 538 -18.13 -40.04 -50.39
C THR A 538 -18.85 -38.75 -50.83
N GLY A 539 -19.02 -38.55 -52.14
CA GLY A 539 -19.61 -37.34 -52.75
C GLY A 539 -20.94 -36.95 -52.12
N ARG A 540 -21.76 -37.93 -51.72
CA ARG A 540 -23.09 -37.71 -51.07
C ARG A 540 -22.91 -36.89 -49.78
N TYR A 541 -21.96 -37.29 -48.93
CA TYR A 541 -21.78 -36.76 -47.55
C TYR A 541 -20.97 -35.46 -47.56
N LEU A 542 -20.22 -35.18 -48.64
CA LEU A 542 -19.51 -33.88 -48.83
C LEU A 542 -20.54 -32.78 -49.08
N VAL A 543 -21.63 -33.09 -49.80
CA VAL A 543 -22.77 -32.16 -50.06
C VAL A 543 -23.57 -31.99 -48.76
N LEU A 544 -23.72 -33.07 -47.98
CA LEU A 544 -24.46 -33.07 -46.69
C LEU A 544 -23.68 -32.28 -45.64
N TYR A 545 -22.34 -32.32 -45.69
CA TYR A 545 -21.43 -31.58 -44.77
C TYR A 545 -21.56 -30.08 -45.00
N LEU A 546 -21.56 -29.64 -46.27
CA LEU A 546 -21.68 -28.21 -46.68
C LEU A 546 -23.05 -27.66 -46.23
N ILE A 547 -24.07 -28.50 -46.14
CA ILE A 547 -25.42 -28.14 -45.60
C ILE A 547 -25.31 -27.84 -44.11
N ILE A 548 -24.57 -28.68 -43.37
CA ILE A 548 -24.39 -28.55 -41.88
C ILE A 548 -23.65 -27.25 -41.56
N VAL A 549 -22.62 -26.90 -42.35
CA VAL A 549 -21.78 -25.67 -42.15
C VAL A 549 -22.66 -24.43 -42.41
N VAL A 550 -23.56 -24.50 -43.39
CA VAL A 550 -24.54 -23.41 -43.72
C VAL A 550 -25.59 -23.34 -42.61
N GLY A 551 -26.11 -24.48 -42.17
CA GLY A 551 -27.05 -24.61 -41.04
C GLY A 551 -26.44 -24.06 -39.75
N MET A 552 -25.18 -24.42 -39.48
CA MET A 552 -24.37 -23.89 -38.35
C MET A 552 -24.30 -22.36 -38.46
N ALA A 553 -23.81 -21.86 -39.60
CA ALA A 553 -23.62 -20.42 -39.89
C ALA A 553 -24.92 -19.66 -39.66
N TYR A 554 -26.06 -20.23 -40.10
CA TYR A 554 -27.41 -19.63 -39.97
C TYR A 554 -27.78 -19.49 -38.49
N LEU A 555 -27.73 -20.59 -37.74
CA LEU A 555 -28.12 -20.64 -36.30
C LEU A 555 -27.25 -19.69 -35.48
N PHE A 556 -25.92 -19.73 -35.67
CA PHE A 556 -24.92 -18.90 -34.94
C PHE A 556 -25.23 -17.41 -35.14
N VAL A 557 -25.51 -17.00 -36.38
CA VAL A 557 -25.75 -15.59 -36.80
C VAL A 557 -27.06 -15.07 -36.16
N ARG A 558 -28.11 -15.89 -36.13
CA ARG A 558 -29.47 -15.52 -35.65
C ARG A 558 -29.54 -15.61 -34.13
N LEU A 559 -28.84 -16.58 -33.52
CA LEU A 559 -28.77 -16.79 -32.04
C LEU A 559 -28.19 -15.54 -31.38
N PRO A 560 -28.96 -14.82 -30.53
CA PRO A 560 -28.44 -13.63 -29.84
C PRO A 560 -27.26 -13.96 -28.91
N SER A 561 -26.41 -12.96 -28.63
CA SER A 561 -25.22 -13.08 -27.75
C SER A 561 -25.39 -12.20 -26.51
N SER A 562 -24.93 -12.68 -25.36
CA SER A 562 -24.84 -11.95 -24.07
C SER A 562 -23.48 -12.23 -23.42
N PHE A 563 -23.29 -11.83 -22.16
CA PHE A 563 -22.03 -12.07 -21.39
C PHE A 563 -22.29 -13.14 -20.32
N LEU A 564 -22.99 -12.78 -19.23
CA LEU A 564 -23.29 -13.68 -18.08
C LEU A 564 -24.77 -13.54 -17.71
N PRO A 565 -25.53 -14.66 -17.64
CA PRO A 565 -26.95 -14.61 -17.29
C PRO A 565 -27.23 -13.95 -15.93
N ASP A 566 -28.28 -13.11 -15.86
CA ASP A 566 -28.79 -12.52 -14.60
C ASP A 566 -29.36 -13.65 -13.73
N GLU A 567 -28.72 -13.90 -12.57
CA GLU A 567 -29.12 -14.97 -11.62
C GLU A 567 -30.04 -14.40 -10.54
N ASP A 568 -31.06 -15.17 -10.15
CA ASP A 568 -31.84 -14.95 -8.91
C ASP A 568 -30.91 -15.22 -7.73
N GLN A 569 -30.62 -14.22 -6.90
CA GLN A 569 -29.64 -14.28 -5.78
C GLN A 569 -30.39 -14.27 -4.44
N GLY A 570 -31.71 -14.51 -4.46
CA GLY A 570 -32.57 -14.53 -3.26
C GLY A 570 -32.71 -13.16 -2.62
N VAL A 571 -32.30 -12.10 -3.33
CA VAL A 571 -32.35 -10.68 -2.87
C VAL A 571 -32.57 -9.78 -4.08
N PHE A 572 -33.05 -8.56 -3.83
CA PHE A 572 -33.13 -7.44 -4.81
C PHE A 572 -33.44 -6.15 -4.05
N MET A 573 -33.48 -5.02 -4.76
CA MET A 573 -33.72 -3.68 -4.17
C MET A 573 -34.81 -2.95 -4.96
N THR A 574 -35.57 -2.10 -4.27
CA THR A 574 -36.60 -1.19 -4.86
C THR A 574 -36.23 0.24 -4.48
N MET A 575 -36.04 1.11 -5.49
CA MET A 575 -35.68 2.53 -5.30
C MET A 575 -36.95 3.38 -5.36
N VAL A 576 -37.12 4.29 -4.39
CA VAL A 576 -38.23 5.28 -4.32
C VAL A 576 -37.62 6.68 -4.48
N GLN A 577 -37.97 7.37 -5.56
CA GLN A 577 -37.46 8.74 -5.89
C GLN A 577 -38.65 9.68 -6.15
N LEU A 578 -38.95 10.54 -5.18
CA LEU A 578 -39.98 11.61 -5.28
C LEU A 578 -39.30 12.87 -5.79
N PRO A 579 -40.05 13.83 -6.39
CA PRO A 579 -39.47 15.12 -6.79
C PRO A 579 -38.83 15.83 -5.59
N ALA A 580 -37.59 16.31 -5.74
CA ALA A 580 -36.90 17.14 -4.73
C ALA A 580 -37.86 18.25 -4.27
N GLY A 581 -37.89 18.53 -2.97
CA GLY A 581 -38.91 19.39 -2.33
C GLY A 581 -39.97 18.56 -1.64
N ALA A 582 -40.14 17.29 -2.04
CA ALA A 582 -40.98 16.28 -1.36
C ALA A 582 -40.43 16.04 0.05
N THR A 583 -41.32 15.75 1.01
CA THR A 583 -41.01 15.67 2.46
C THR A 583 -40.78 14.21 2.88
N GLN A 584 -40.07 14.03 4.00
CA GLN A 584 -39.83 12.74 4.70
C GLN A 584 -41.15 11.97 4.83
N GLU A 585 -42.22 12.67 5.24
CA GLU A 585 -43.57 12.11 5.50
C GLU A 585 -44.18 11.57 4.20
N ARG A 586 -43.99 12.27 3.08
CA ARG A 586 -44.56 11.91 1.76
C ARG A 586 -43.80 10.69 1.19
N THR A 587 -42.49 10.62 1.42
CA THR A 587 -41.62 9.50 0.99
C THR A 587 -41.99 8.24 1.78
N GLN A 588 -42.27 8.38 3.08
CA GLN A 588 -42.67 7.27 4.00
C GLN A 588 -44.02 6.71 3.56
N LYS A 589 -44.90 7.55 3.02
CA LYS A 589 -46.22 7.15 2.47
C LYS A 589 -45.98 6.15 1.33
N VAL A 590 -45.04 6.46 0.43
CA VAL A 590 -44.68 5.63 -0.75
C VAL A 590 -43.96 4.36 -0.27
N LEU A 591 -43.01 4.49 0.65
CA LEU A 591 -42.24 3.35 1.23
C LEU A 591 -43.19 2.35 1.89
N ASN A 592 -44.24 2.85 2.55
CA ASN A 592 -45.29 2.02 3.19
C ASN A 592 -46.02 1.19 2.11
N GLU A 593 -46.42 1.84 1.01
CA GLU A 593 -47.09 1.17 -0.15
C GLU A 593 -46.19 0.08 -0.73
N VAL A 594 -44.89 0.37 -0.88
CA VAL A 594 -43.88 -0.58 -1.42
C VAL A 594 -43.76 -1.76 -0.45
N THR A 595 -43.56 -1.48 0.84
CA THR A 595 -43.45 -2.49 1.93
C THR A 595 -44.74 -3.32 1.98
N HIS A 596 -45.90 -2.68 1.84
CA HIS A 596 -47.24 -3.31 1.86
C HIS A 596 -47.36 -4.34 0.74
N TYR A 597 -47.00 -3.97 -0.49
CA TYR A 597 -47.08 -4.83 -1.70
C TYR A 597 -46.34 -6.14 -1.45
N TYR A 598 -45.11 -6.07 -0.95
CA TYR A 598 -44.20 -7.23 -0.75
C TYR A 598 -44.69 -8.12 0.40
N LEU A 599 -45.34 -7.54 1.42
CA LEU A 599 -45.81 -8.26 2.64
C LEU A 599 -47.20 -8.88 2.38
N THR A 600 -47.97 -8.36 1.43
CA THR A 600 -49.37 -8.80 1.14
C THR A 600 -49.40 -9.62 -0.16
N LYS A 601 -49.02 -9.02 -1.30
CA LYS A 601 -49.12 -9.67 -2.63
C LYS A 601 -48.06 -10.77 -2.79
N GLU A 602 -46.80 -10.47 -2.42
CA GLU A 602 -45.64 -11.39 -2.63
C GLU A 602 -45.23 -12.05 -1.31
N LYS A 603 -46.19 -12.38 -0.44
CA LYS A 603 -45.94 -13.00 0.89
C LYS A 603 -45.39 -14.42 0.71
N ASN A 604 -45.71 -15.08 -0.41
CA ASN A 604 -45.23 -16.44 -0.76
C ASN A 604 -43.74 -16.42 -1.11
N ASN A 605 -43.27 -15.35 -1.77
CA ASN A 605 -41.89 -15.23 -2.32
C ASN A 605 -41.00 -14.42 -1.36
N VAL A 606 -41.47 -13.26 -0.91
CA VAL A 606 -40.69 -12.29 -0.09
C VAL A 606 -40.65 -12.77 1.37
N GLU A 607 -39.45 -12.85 1.94
CA GLU A 607 -39.20 -13.22 3.35
C GLU A 607 -39.29 -11.97 4.23
N SER A 608 -38.48 -10.94 3.90
CA SER A 608 -38.36 -9.68 4.69
C SER A 608 -38.22 -8.47 3.78
N VAL A 609 -38.56 -7.28 4.31
CA VAL A 609 -38.38 -5.95 3.65
C VAL A 609 -37.71 -5.01 4.66
N PHE A 610 -36.52 -4.50 4.33
CA PHE A 610 -35.80 -3.45 5.09
C PHE A 610 -35.89 -2.13 4.31
N ALA A 611 -36.91 -1.32 4.62
CA ALA A 611 -37.19 -0.02 3.97
C ALA A 611 -36.48 1.09 4.75
N VAL A 612 -35.80 1.99 4.04
CA VAL A 612 -35.01 3.12 4.61
C VAL A 612 -35.51 4.43 3.98
N ASN A 613 -35.89 5.40 4.83
CA ASN A 613 -36.31 6.76 4.42
C ASN A 613 -35.09 7.68 4.46
N GLY A 614 -34.87 8.48 3.40
CA GLY A 614 -33.74 9.42 3.29
C GLY A 614 -32.44 8.74 2.89
N PHE A 615 -32.53 7.58 2.25
CA PHE A 615 -31.38 6.83 1.68
C PHE A 615 -31.81 6.18 0.36
N GLY A 616 -30.88 6.08 -0.60
CA GLY A 616 -31.05 5.38 -1.88
C GLY A 616 -29.80 4.60 -2.24
N PHE A 617 -29.06 5.07 -3.24
CA PHE A 617 -27.68 4.62 -3.59
C PHE A 617 -26.73 5.15 -2.50
N ALA A 618 -26.98 6.37 -2.03
CA ALA A 618 -26.31 7.04 -0.89
C ALA A 618 -27.37 7.80 -0.08
N PRO A 619 -27.01 8.45 1.06
CA PRO A 619 -27.97 9.27 1.80
C PRO A 619 -28.43 10.50 1.00
N ARG A 620 -29.73 10.55 0.65
CA ARG A 620 -30.38 11.66 -0.11
C ARG A 620 -31.66 12.07 0.61
N PRO A 621 -31.57 12.61 1.85
CA PRO A 621 -32.72 12.92 2.69
C PRO A 621 -34.02 13.44 2.04
N GLN A 622 -35.15 12.99 2.62
CA GLN A 622 -36.54 13.49 2.42
C GLN A 622 -37.17 12.85 1.18
N ASN A 623 -36.71 13.21 -0.04
CA ASN A 623 -37.39 12.88 -1.31
C ASN A 623 -36.94 11.50 -1.85
N THR A 624 -36.05 10.80 -1.15
CA THR A 624 -35.46 9.51 -1.62
C THR A 624 -35.64 8.43 -0.55
N GLY A 625 -35.87 7.20 -0.99
CA GLY A 625 -36.02 6.00 -0.15
C GLY A 625 -35.63 4.74 -0.90
N ILE A 626 -35.27 3.69 -0.17
CA ILE A 626 -34.87 2.36 -0.75
C ILE A 626 -35.52 1.25 0.09
N ALA A 627 -35.81 0.11 -0.53
CA ALA A 627 -36.32 -1.12 0.11
C ALA A 627 -35.41 -2.29 -0.26
N PHE A 628 -34.75 -2.90 0.73
CA PHE A 628 -33.95 -4.15 0.57
C PHE A 628 -34.89 -5.34 0.81
N VAL A 629 -35.24 -6.04 -0.27
CA VAL A 629 -36.15 -7.22 -0.26
C VAL A 629 -35.30 -8.49 -0.31
N SER A 630 -35.32 -9.29 0.74
CA SER A 630 -34.76 -10.67 0.79
C SER A 630 -35.89 -11.67 0.59
N LEU A 631 -35.73 -12.61 -0.33
CA LEU A 631 -36.74 -13.63 -0.72
C LEU A 631 -36.57 -14.87 0.16
N LYS A 632 -37.51 -15.82 0.05
CA LYS A 632 -37.41 -17.17 0.69
C LYS A 632 -36.47 -18.03 -0.17
N ASP A 633 -36.09 -19.21 0.33
CA ASP A 633 -35.17 -20.14 -0.37
C ASP A 633 -35.75 -20.45 -1.75
N TRP A 634 -34.87 -20.77 -2.71
CA TRP A 634 -35.20 -21.02 -4.14
C TRP A 634 -36.14 -22.23 -4.26
N ALA A 635 -36.04 -23.17 -3.31
CA ALA A 635 -36.85 -24.41 -3.23
C ALA A 635 -38.30 -24.08 -2.86
N ASP A 636 -38.51 -23.07 -2.00
CA ASP A 636 -39.85 -22.68 -1.47
C ASP A 636 -40.66 -21.96 -2.56
N ARG A 637 -40.02 -21.48 -3.62
CA ARG A 637 -40.68 -20.75 -4.74
C ARG A 637 -40.20 -21.32 -6.08
N PRO A 638 -40.89 -22.37 -6.59
CA PRO A 638 -40.56 -22.94 -7.90
C PRO A 638 -41.24 -22.19 -9.04
N GLY A 639 -40.79 -22.44 -10.29
CA GLY A 639 -41.37 -21.84 -11.51
C GLY A 639 -40.77 -20.47 -11.79
N GLU A 640 -40.79 -20.06 -13.06
CA GLU A 640 -40.17 -18.80 -13.57
C GLU A 640 -40.88 -17.59 -12.94
N GLU A 641 -42.19 -17.70 -12.68
CA GLU A 641 -43.06 -16.59 -12.20
C GLU A 641 -42.69 -16.20 -10.76
N ASN A 642 -42.04 -17.10 -10.01
CA ASN A 642 -41.67 -16.88 -8.58
C ASN A 642 -40.17 -16.62 -8.45
N LYS A 643 -39.48 -16.29 -9.55
CA LYS A 643 -38.05 -15.87 -9.58
C LYS A 643 -37.98 -14.35 -9.67
N VAL A 644 -36.83 -13.77 -9.31
CA VAL A 644 -36.61 -12.30 -9.11
C VAL A 644 -37.12 -11.53 -10.33
N GLU A 645 -36.74 -11.95 -11.55
CA GLU A 645 -37.06 -11.22 -12.80
C GLU A 645 -38.58 -10.98 -12.88
N ALA A 646 -39.38 -12.04 -12.71
CA ALA A 646 -40.86 -12.00 -12.73
C ALA A 646 -41.39 -11.13 -11.58
N ILE A 647 -40.88 -11.36 -10.36
CA ILE A 647 -41.31 -10.65 -9.11
C ILE A 647 -41.12 -9.14 -9.31
N THR A 648 -39.92 -8.71 -9.74
CA THR A 648 -39.52 -7.29 -9.89
C THR A 648 -40.29 -6.62 -11.03
N MET A 649 -40.62 -7.38 -12.09
CA MET A 649 -41.35 -6.88 -13.28
C MET A 649 -42.82 -6.67 -12.91
N ARG A 650 -43.40 -7.57 -12.09
CA ARG A 650 -44.74 -7.44 -11.50
C ARG A 650 -44.76 -6.24 -10.55
N ALA A 651 -43.70 -6.07 -9.75
CA ALA A 651 -43.55 -5.01 -8.73
C ALA A 651 -43.47 -3.64 -9.40
N THR A 652 -42.60 -3.49 -10.40
CA THR A 652 -42.40 -2.25 -11.20
C THR A 652 -43.75 -1.86 -11.84
N ARG A 653 -44.43 -2.81 -12.46
CA ARG A 653 -45.75 -2.63 -13.12
C ARG A 653 -46.78 -2.14 -12.08
N ALA A 654 -46.76 -2.72 -10.89
CA ALA A 654 -47.68 -2.39 -9.77
C ALA A 654 -47.38 -0.98 -9.25
N PHE A 655 -46.10 -0.62 -9.11
CA PHE A 655 -45.63 0.65 -8.50
C PHE A 655 -45.69 1.81 -9.52
N SER A 656 -46.00 1.52 -10.79
CA SER A 656 -46.21 2.53 -11.86
C SER A 656 -47.49 3.34 -11.57
N GLN A 657 -48.42 2.75 -10.81
CA GLN A 657 -49.68 3.40 -10.35
C GLN A 657 -49.38 4.60 -9.45
N ILE A 658 -48.42 4.46 -8.54
CA ILE A 658 -48.06 5.46 -7.48
C ILE A 658 -47.78 6.81 -8.16
N LYS A 659 -48.32 7.90 -7.59
CA LYS A 659 -48.28 9.28 -8.15
C LYS A 659 -47.11 10.07 -7.54
N ASP A 660 -46.55 11.01 -8.32
CA ASP A 660 -45.48 11.95 -7.92
C ASP A 660 -44.34 11.17 -7.25
N ALA A 661 -43.92 10.06 -7.87
CA ALA A 661 -42.83 9.17 -7.39
C ALA A 661 -42.43 8.20 -8.50
N MET A 662 -41.11 8.05 -8.72
CA MET A 662 -40.52 7.00 -9.59
C MET A 662 -40.08 5.84 -8.69
N VAL A 663 -40.66 4.65 -8.90
CA VAL A 663 -40.42 3.43 -8.09
C VAL A 663 -40.08 2.26 -9.03
N PHE A 664 -38.84 1.75 -8.95
CA PHE A 664 -38.32 0.62 -9.76
C PHE A 664 -37.77 -0.47 -8.83
N ALA A 665 -38.26 -1.70 -9.00
CA ALA A 665 -37.63 -2.94 -8.46
C ALA A 665 -36.75 -3.53 -9.57
N PHE A 666 -35.46 -3.75 -9.27
CA PHE A 666 -34.47 -4.30 -10.23
C PHE A 666 -33.58 -5.33 -9.54
N ASN A 667 -33.28 -6.42 -10.25
CA ASN A 667 -32.24 -7.43 -9.87
C ASN A 667 -30.87 -6.79 -10.08
N LEU A 668 -29.91 -7.06 -9.19
CA LEU A 668 -28.51 -6.59 -9.30
C LEU A 668 -27.83 -7.40 -10.41
N PRO A 669 -27.26 -6.75 -11.46
CA PRO A 669 -26.70 -7.49 -12.59
C PRO A 669 -25.58 -8.45 -12.18
N ALA A 670 -25.35 -9.50 -12.99
CA ALA A 670 -24.28 -10.50 -12.80
C ALA A 670 -23.01 -9.80 -12.27
N ILE A 671 -22.61 -8.72 -12.93
CA ILE A 671 -21.53 -7.79 -12.49
C ILE A 671 -22.04 -6.35 -12.60
N VAL A 672 -22.18 -5.67 -11.45
CA VAL A 672 -22.76 -4.30 -11.30
C VAL A 672 -22.01 -3.32 -12.21
N GLU A 673 -20.68 -3.44 -12.29
CA GLU A 673 -19.76 -2.43 -12.85
C GLU A 673 -19.70 -2.55 -14.39
N LEU A 674 -20.27 -3.61 -14.96
CA LEU A 674 -20.46 -3.77 -16.43
C LEU A 674 -21.79 -3.15 -16.85
N GLY A 675 -22.66 -2.85 -15.88
CA GLY A 675 -23.95 -2.16 -16.09
C GLY A 675 -25.01 -3.09 -16.67
N THR A 676 -25.90 -2.56 -17.51
CA THR A 676 -26.95 -3.31 -18.25
C THR A 676 -26.33 -3.96 -19.49
N ALA A 677 -27.11 -4.78 -20.21
CA ALA A 677 -26.67 -5.54 -21.40
C ALA A 677 -26.45 -4.59 -22.58
N THR A 678 -27.37 -3.65 -22.81
CA THR A 678 -27.38 -2.73 -23.99
C THR A 678 -27.67 -1.29 -23.54
N GLY A 679 -27.28 -0.92 -22.31
CA GLY A 679 -27.39 0.45 -21.78
C GLY A 679 -26.15 1.28 -22.03
N PHE A 680 -26.24 2.60 -21.86
CA PHE A 680 -25.09 3.54 -21.96
C PHE A 680 -25.19 4.59 -20.83
N ASP A 681 -24.02 5.07 -20.38
CA ASP A 681 -23.87 6.09 -19.31
C ASP A 681 -23.16 7.32 -19.92
N PHE A 682 -23.94 8.34 -20.29
CA PHE A 682 -23.52 9.55 -21.02
C PHE A 682 -23.37 10.70 -20.03
N GLU A 683 -22.37 11.57 -20.24
CA GLU A 683 -22.10 12.76 -19.41
C GLU A 683 -22.10 14.01 -20.29
N LEU A 684 -22.98 14.97 -20.00
CA LEU A 684 -23.07 16.28 -20.69
C LEU A 684 -22.25 17.31 -19.92
N ILE A 685 -21.24 17.91 -20.55
CA ILE A 685 -20.21 18.76 -19.89
C ILE A 685 -20.46 20.24 -20.23
N ASP A 686 -20.30 21.13 -19.24
CA ASP A 686 -20.21 22.60 -19.41
C ASP A 686 -18.75 22.97 -19.60
N GLN A 687 -18.34 23.28 -20.84
CA GLN A 687 -16.92 23.42 -21.25
C GLN A 687 -16.53 24.90 -21.36
N ALA A 688 -17.48 25.83 -21.24
CA ALA A 688 -17.28 27.28 -21.49
C ALA A 688 -17.85 28.13 -20.34
N GLY A 689 -18.03 27.53 -19.15
CA GLY A 689 -18.60 28.21 -17.96
C GLY A 689 -19.97 28.81 -18.26
N LEU A 690 -20.79 28.12 -19.03
CA LEU A 690 -22.16 28.55 -19.43
C LEU A 690 -23.02 28.74 -18.18
N GLY A 691 -22.89 27.83 -17.21
CA GLY A 691 -23.68 27.82 -15.96
C GLY A 691 -24.62 26.63 -15.91
N HIS A 692 -25.30 26.44 -14.77
CA HIS A 692 -26.22 25.30 -14.51
C HIS A 692 -27.51 25.46 -15.35
N GLU A 693 -28.08 26.66 -15.39
CA GLU A 693 -29.37 26.97 -16.06
C GLU A 693 -29.24 26.72 -17.57
N LYS A 694 -28.12 27.14 -18.19
CA LYS A 694 -27.86 26.95 -19.63
C LYS A 694 -27.58 25.46 -19.93
N LEU A 695 -26.90 24.77 -19.02
CA LEU A 695 -26.60 23.31 -19.14
C LEU A 695 -27.91 22.51 -19.02
N THR A 696 -28.80 22.90 -18.11
CA THR A 696 -30.15 22.30 -17.93
C THR A 696 -30.90 22.36 -19.26
N GLN A 697 -30.88 23.51 -19.93
CA GLN A 697 -31.56 23.76 -21.22
C GLN A 697 -30.94 22.87 -22.31
N ALA A 698 -29.61 22.78 -22.36
CA ALA A 698 -28.83 21.97 -23.31
C ALA A 698 -29.20 20.49 -23.16
N ARG A 699 -29.38 20.02 -21.92
CA ARG A 699 -29.78 18.62 -21.59
C ARG A 699 -31.20 18.37 -22.09
N ASN A 700 -32.14 19.28 -21.77
CA ASN A 700 -33.58 19.19 -22.16
C ASN A 700 -33.67 19.09 -23.69
N GLN A 701 -32.86 19.87 -24.41
CA GLN A 701 -32.78 19.86 -25.90
C GLN A 701 -32.36 18.48 -26.39
N LEU A 702 -31.34 17.88 -25.75
CA LEU A 702 -30.78 16.54 -26.11
C LEU A 702 -31.83 15.45 -25.85
N LEU A 703 -32.48 15.49 -24.67
CA LEU A 703 -33.51 14.50 -24.24
C LEU A 703 -34.70 14.55 -25.20
N ALA A 704 -35.14 15.75 -25.58
CA ALA A 704 -36.23 16.00 -26.54
C ALA A 704 -35.90 15.34 -27.89
N GLU A 705 -34.68 15.57 -28.39
CA GLU A 705 -34.17 15.03 -29.69
C GLU A 705 -34.05 13.50 -29.62
N ALA A 706 -33.66 12.96 -28.45
CA ALA A 706 -33.49 11.50 -28.21
C ALA A 706 -34.85 10.81 -28.23
N ALA A 707 -35.91 11.50 -27.80
CA ALA A 707 -37.31 11.00 -27.78
C ALA A 707 -37.84 10.88 -29.22
N LYS A 708 -37.34 11.72 -30.13
CA LYS A 708 -37.73 11.74 -31.56
C LYS A 708 -37.03 10.62 -32.33
N HIS A 709 -36.34 9.71 -31.63
CA HIS A 709 -35.71 8.49 -32.21
C HIS A 709 -36.02 7.27 -31.35
N PRO A 710 -37.31 6.84 -31.26
CA PRO A 710 -37.66 5.59 -30.59
C PRO A 710 -37.10 4.35 -31.30
N ASP A 711 -36.80 4.48 -32.60
CA ASP A 711 -36.24 3.41 -33.47
C ASP A 711 -34.83 3.03 -33.01
N MET A 712 -34.09 3.97 -32.40
CA MET A 712 -32.65 3.80 -32.01
C MET A 712 -32.51 3.82 -30.48
N LEU A 713 -33.01 4.86 -29.82
CA LEU A 713 -32.80 5.14 -28.37
C LEU A 713 -34.09 4.87 -27.59
N THR A 714 -33.98 4.18 -26.44
CA THR A 714 -35.10 3.84 -25.53
C THR A 714 -34.85 4.46 -24.15
N SER A 715 -35.90 5.03 -23.55
CA SER A 715 -35.93 5.67 -22.21
C SER A 715 -34.58 6.35 -21.90
N VAL A 716 -34.23 7.38 -22.67
CA VAL A 716 -33.06 8.28 -22.39
C VAL A 716 -33.53 9.32 -21.38
N ARG A 717 -32.95 9.30 -20.16
CA ARG A 717 -33.40 10.13 -19.01
C ARG A 717 -32.18 10.59 -18.21
N PRO A 718 -32.29 11.70 -17.44
CA PRO A 718 -31.20 12.18 -16.60
C PRO A 718 -31.05 11.36 -15.31
N ASN A 719 -29.83 11.27 -14.78
CA ASN A 719 -29.51 10.62 -13.49
C ASN A 719 -29.22 11.71 -12.45
N GLY A 720 -30.19 12.62 -12.26
CA GLY A 720 -30.08 13.76 -11.34
C GLY A 720 -31.45 14.30 -10.94
N LEU A 721 -31.48 15.33 -10.09
CA LEU A 721 -32.71 15.98 -9.58
C LEU A 721 -32.96 17.26 -10.36
N GLU A 722 -34.22 17.70 -10.41
CA GLU A 722 -34.64 18.97 -11.07
C GLU A 722 -34.55 20.11 -10.06
N ASP A 723 -34.51 21.35 -10.54
CA ASP A 723 -34.47 22.58 -9.70
C ASP A 723 -35.77 22.63 -8.88
N THR A 724 -35.70 23.17 -7.66
CA THR A 724 -36.84 23.32 -6.72
C THR A 724 -36.86 24.74 -6.18
N PRO A 725 -38.03 25.24 -5.70
CA PRO A 725 -38.09 26.53 -5.02
C PRO A 725 -37.10 26.55 -3.84
N GLN A 726 -36.32 27.64 -3.73
CA GLN A 726 -35.41 27.89 -2.58
C GLN A 726 -35.57 29.34 -2.12
N PHE A 727 -35.52 29.55 -0.80
CA PHE A 727 -35.77 30.84 -0.11
C PHE A 727 -34.49 31.67 -0.13
N LYS A 728 -34.39 32.62 -1.08
CA LYS A 728 -33.25 33.55 -1.21
C LYS A 728 -33.46 34.72 -0.24
N ILE A 729 -32.55 34.88 0.73
CA ILE A 729 -32.59 35.98 1.75
C ILE A 729 -31.32 36.82 1.60
N ASP A 730 -31.50 38.13 1.35
CA ASP A 730 -30.40 39.13 1.18
C ASP A 730 -30.27 39.93 2.49
N ILE A 731 -29.06 39.96 3.06
CA ILE A 731 -28.72 40.76 4.27
C ILE A 731 -28.26 42.15 3.81
N ASP A 732 -29.05 43.19 4.10
CA ASP A 732 -28.68 44.60 3.81
C ASP A 732 -27.53 44.99 4.75
N GLN A 733 -26.31 45.04 4.19
CA GLN A 733 -25.04 45.30 4.94
C GLN A 733 -25.09 46.71 5.56
N GLU A 734 -25.70 47.66 4.85
CA GLU A 734 -25.82 49.09 5.27
C GLU A 734 -26.71 49.19 6.52
N LYS A 735 -27.92 48.62 6.45
CA LYS A 735 -28.91 48.63 7.55
C LYS A 735 -28.33 47.91 8.77
N ALA A 736 -27.62 46.79 8.55
CA ALA A 736 -26.91 46.01 9.59
C ALA A 736 -25.83 46.89 10.24
N GLN A 737 -25.04 47.59 9.42
CA GLN A 737 -23.99 48.54 9.89
C GLN A 737 -24.63 49.69 10.66
N ALA A 738 -25.77 50.20 10.18
CA ALA A 738 -26.52 51.34 10.76
C ALA A 738 -27.03 50.96 12.16
N LEU A 739 -27.66 49.79 12.29
CA LEU A 739 -28.29 49.30 13.54
C LEU A 739 -27.21 48.76 14.51
N GLY A 740 -25.97 48.59 14.04
CA GLY A 740 -24.83 48.12 14.85
C GLY A 740 -24.87 46.62 15.05
N VAL A 741 -25.33 45.89 14.04
CA VAL A 741 -25.45 44.39 14.03
C VAL A 741 -24.35 43.83 13.13
N SER A 742 -23.43 43.04 13.69
CA SER A 742 -22.34 42.35 12.95
C SER A 742 -22.94 41.25 12.08
N ILE A 743 -22.33 40.96 10.93
CA ILE A 743 -22.82 39.94 9.96
C ILE A 743 -22.48 38.55 10.51
N ASN A 744 -21.43 38.45 11.33
CA ASN A 744 -21.01 37.21 12.02
C ASN A 744 -22.16 36.72 12.90
N ASP A 745 -22.72 37.62 13.72
CA ASP A 745 -23.86 37.35 14.64
C ASP A 745 -25.11 37.02 13.81
N ILE A 746 -25.37 37.79 12.74
CA ILE A 746 -26.52 37.57 11.81
C ILE A 746 -26.39 36.16 11.22
N ASN A 747 -25.29 35.87 10.53
CA ASN A 747 -25.05 34.60 9.78
C ASN A 747 -25.06 33.41 10.75
N THR A 748 -24.45 33.55 11.94
CA THR A 748 -24.41 32.49 12.99
C THR A 748 -25.83 32.22 13.49
N THR A 749 -26.62 33.27 13.74
CA THR A 749 -28.03 33.18 14.22
C THR A 749 -28.87 32.43 13.18
N LEU A 750 -28.78 32.81 11.90
CA LEU A 750 -29.54 32.18 10.79
C LEU A 750 -29.12 30.72 10.63
N GLY A 751 -27.81 30.48 10.48
CA GLY A 751 -27.22 29.15 10.23
C GLY A 751 -27.48 28.18 11.38
N ALA A 752 -27.19 28.62 12.62
CA ALA A 752 -27.35 27.80 13.85
C ALA A 752 -28.82 27.44 14.04
N ALA A 753 -29.73 28.41 13.86
CA ALA A 753 -31.19 28.23 14.06
C ALA A 753 -31.75 27.28 13.00
N TRP A 754 -31.58 27.61 11.72
CA TRP A 754 -32.27 26.94 10.58
C TRP A 754 -31.47 25.75 10.06
N GLY A 755 -30.13 25.80 10.15
CA GLY A 755 -29.23 24.76 9.63
C GLY A 755 -28.72 23.83 10.71
N GLY A 756 -28.49 24.34 11.93
CA GLY A 756 -27.88 23.61 13.05
C GLY A 756 -26.38 23.87 13.12
N SER A 757 -25.82 23.88 14.32
CA SER A 757 -24.37 24.15 14.59
C SER A 757 -23.82 23.11 15.58
N TYR A 758 -22.82 22.34 15.14
CA TYR A 758 -22.02 21.38 15.96
C TYR A 758 -21.08 22.21 16.85
N VAL A 759 -21.45 22.37 18.12
CA VAL A 759 -20.75 23.26 19.10
C VAL A 759 -19.45 22.60 19.55
N ASN A 760 -19.56 21.49 20.30
CA ASN A 760 -18.41 20.72 20.83
C ASN A 760 -18.87 19.29 21.14
N ASP A 761 -18.02 18.48 21.77
CA ASP A 761 -18.30 17.07 22.15
C ASP A 761 -18.74 17.00 23.62
N PHE A 762 -19.50 15.97 23.98
CA PHE A 762 -19.88 15.61 25.36
C PHE A 762 -19.77 14.08 25.52
N ILE A 763 -19.89 13.58 26.75
CA ILE A 763 -19.73 12.12 27.08
C ILE A 763 -21.10 11.54 27.47
N ASP A 764 -21.68 10.73 26.58
CA ASP A 764 -22.97 10.02 26.81
C ASP A 764 -22.67 8.57 27.22
N ARG A 765 -22.83 8.26 28.51
CA ARG A 765 -22.54 6.93 29.12
C ARG A 765 -21.15 6.45 28.68
N GLY A 766 -20.14 7.33 28.77
CA GLY A 766 -18.72 6.98 28.62
C GLY A 766 -18.22 7.02 27.18
N ARG A 767 -19.08 7.39 26.21
CA ARG A 767 -18.71 7.51 24.78
C ARG A 767 -18.76 8.98 24.35
N VAL A 768 -17.74 9.44 23.62
CA VAL A 768 -17.67 10.82 23.05
C VAL A 768 -18.74 10.95 21.96
N LYS A 769 -19.64 11.92 22.11
CA LYS A 769 -20.71 12.24 21.13
C LYS A 769 -20.77 13.77 20.96
N LYS A 770 -21.58 14.24 20.00
CA LYS A 770 -21.64 15.66 19.57
C LYS A 770 -22.67 16.42 20.40
N VAL A 771 -22.54 17.75 20.42
CA VAL A 771 -23.55 18.72 20.97
C VAL A 771 -23.99 19.62 19.81
N TYR A 772 -25.28 19.57 19.45
CA TYR A 772 -25.89 20.36 18.36
C TYR A 772 -26.87 21.38 18.95
N VAL A 773 -26.69 22.66 18.61
CA VAL A 773 -27.72 23.74 18.81
C VAL A 773 -28.44 23.93 17.47
N MET A 774 -29.75 24.17 17.53
CA MET A 774 -30.65 24.34 16.36
C MET A 774 -32.01 24.83 16.87
N SER A 775 -32.78 25.49 16.01
CA SER A 775 -34.18 25.91 16.29
C SER A 775 -35.03 24.66 16.52
N GLU A 776 -35.94 24.72 17.49
CA GLU A 776 -37.04 23.72 17.64
C GLU A 776 -37.85 23.74 16.34
N ALA A 777 -38.22 22.56 15.84
CA ALA A 777 -38.88 22.35 14.53
C ALA A 777 -39.84 23.50 14.21
N LYS A 778 -40.75 23.81 15.14
CA LYS A 778 -41.92 24.71 14.93
C LYS A 778 -41.48 26.15 14.60
N TYR A 779 -40.23 26.53 14.88
CA TYR A 779 -39.70 27.91 14.67
C TYR A 779 -38.82 27.98 13.41
N ARG A 780 -38.80 26.92 12.58
CA ARG A 780 -38.01 26.88 11.32
C ARG A 780 -38.77 26.07 10.25
N MET A 781 -40.08 26.26 10.16
CA MET A 781 -40.99 25.57 9.20
C MET A 781 -41.53 26.55 8.15
N LEU A 782 -41.87 27.78 8.57
CA LEU A 782 -42.55 28.79 7.73
C LEU A 782 -41.57 29.91 7.38
N PRO A 783 -41.64 30.48 6.14
CA PRO A 783 -40.88 31.67 5.80
C PRO A 783 -41.07 32.85 6.77
N ASP A 784 -42.26 32.98 7.35
CA ASP A 784 -42.64 34.08 8.28
C ASP A 784 -41.92 33.93 9.63
N ASP A 785 -41.35 32.75 9.92
CA ASP A 785 -40.61 32.46 11.17
C ASP A 785 -39.26 33.18 11.17
N ILE A 786 -38.77 33.61 9.99
CA ILE A 786 -37.48 34.34 9.84
C ILE A 786 -37.50 35.59 10.74
N GLY A 787 -38.62 36.32 10.74
CA GLY A 787 -38.80 37.59 11.49
C GLY A 787 -38.87 37.38 12.99
N ASP A 788 -39.13 36.14 13.45
CA ASP A 788 -39.22 35.77 14.90
C ASP A 788 -37.82 35.72 15.51
N TRP A 789 -36.76 35.63 14.69
CA TRP A 789 -35.35 35.52 15.14
C TRP A 789 -34.73 36.91 15.30
N TYR A 790 -34.22 37.19 16.50
CA TYR A 790 -33.63 38.50 16.90
C TYR A 790 -32.13 38.33 17.12
N VAL A 791 -31.35 39.33 16.69
CA VAL A 791 -29.88 39.45 16.91
C VAL A 791 -29.62 40.70 17.75
N ARG A 792 -28.71 40.63 18.71
CA ARG A 792 -28.35 41.76 19.62
C ARG A 792 -27.29 42.62 18.94
N ALA A 793 -27.57 43.93 18.80
CA ALA A 793 -26.64 44.94 18.24
C ALA A 793 -25.64 45.36 19.33
N ALA A 794 -24.62 46.16 18.95
CA ALA A 794 -23.56 46.66 19.84
C ALA A 794 -24.18 47.54 20.95
N ASP A 795 -25.24 48.27 20.64
CA ASP A 795 -25.92 49.23 21.57
C ASP A 795 -26.78 48.46 22.57
N GLY A 796 -26.97 47.15 22.38
CA GLY A 796 -27.64 46.25 23.35
C GLY A 796 -29.06 45.90 22.93
N GLN A 797 -29.64 46.66 21.99
CA GLN A 797 -31.03 46.45 21.49
C GLN A 797 -31.09 45.16 20.66
N MET A 798 -32.20 44.42 20.77
CA MET A 798 -32.49 43.20 19.97
C MET A 798 -33.16 43.62 18.65
N VAL A 799 -32.62 43.17 17.52
CA VAL A 799 -33.03 43.56 16.14
C VAL A 799 -33.60 42.33 15.45
N PRO A 800 -34.85 42.36 14.93
CA PRO A 800 -35.41 41.24 14.17
C PRO A 800 -34.72 41.12 12.80
N PHE A 801 -34.74 39.92 12.22
CA PHE A 801 -34.19 39.62 10.88
C PHE A 801 -34.91 40.46 9.81
N SER A 802 -36.21 40.72 10.02
CA SER A 802 -37.07 41.52 9.12
C SER A 802 -36.53 42.95 8.95
N ALA A 803 -35.80 43.45 9.95
CA ALA A 803 -35.29 44.85 10.02
C ALA A 803 -34.16 45.08 9.00
N PHE A 804 -33.28 44.08 8.79
CA PHE A 804 -32.01 44.22 8.02
C PHE A 804 -31.93 43.18 6.88
N SER A 805 -33.04 42.51 6.54
CA SER A 805 -33.06 41.43 5.52
C SER A 805 -34.30 41.57 4.62
N SER A 806 -34.15 41.20 3.35
CA SER A 806 -35.24 41.01 2.36
C SER A 806 -35.15 39.58 1.81
N SER A 807 -36.29 39.00 1.43
CA SER A 807 -36.38 37.60 0.92
C SER A 807 -37.20 37.55 -0.37
N ARG A 808 -36.99 36.50 -1.17
CA ARG A 808 -37.75 36.23 -2.42
C ARG A 808 -37.59 34.74 -2.78
N TRP A 809 -38.59 34.16 -3.44
CA TRP A 809 -38.55 32.76 -3.96
C TRP A 809 -37.77 32.76 -5.28
N GLU A 810 -36.90 31.76 -5.45
CA GLU A 810 -36.14 31.51 -6.71
C GLU A 810 -35.99 29.99 -6.89
N TYR A 811 -35.41 29.57 -8.02
CA TYR A 811 -35.13 28.13 -8.33
C TYR A 811 -33.62 27.92 -8.37
N GLY A 812 -33.17 26.77 -7.84
CA GLY A 812 -31.78 26.31 -7.88
C GLY A 812 -31.71 24.79 -7.79
N SER A 813 -30.54 24.21 -8.07
CA SER A 813 -30.31 22.74 -8.07
C SER A 813 -30.20 22.24 -6.64
N PRO A 814 -30.87 21.11 -6.29
CA PRO A 814 -30.61 20.43 -5.03
C PRO A 814 -29.48 19.38 -5.12
N ARG A 815 -28.97 19.12 -6.33
CA ARG A 815 -27.85 18.18 -6.58
C ARG A 815 -27.08 18.61 -7.84
N LEU A 816 -25.97 19.33 -7.65
CA LEU A 816 -25.03 19.76 -8.72
C LEU A 816 -24.03 18.64 -8.99
N GLU A 817 -23.95 18.17 -10.24
CA GLU A 817 -23.04 17.09 -10.69
C GLU A 817 -21.84 17.74 -11.41
N ARG A 818 -20.65 17.17 -11.23
CA ARG A 818 -19.43 17.54 -11.99
C ARG A 818 -18.78 16.26 -12.52
N TYR A 819 -18.19 16.32 -13.72
CA TYR A 819 -17.43 15.21 -14.35
C TYR A 819 -16.07 15.75 -14.82
N ASN A 820 -14.98 15.13 -14.33
CA ASN A 820 -13.57 15.53 -14.60
C ASN A 820 -13.38 17.02 -14.30
N GLY A 821 -13.92 17.50 -13.18
CA GLY A 821 -13.69 18.85 -12.64
C GLY A 821 -14.60 19.91 -13.23
N LEU A 822 -15.43 19.57 -14.22
CA LEU A 822 -16.33 20.51 -14.94
C LEU A 822 -17.78 20.23 -14.58
N PRO A 823 -18.66 21.26 -14.53
CA PRO A 823 -20.09 21.05 -14.31
C PRO A 823 -20.66 20.08 -15.37
N SER A 824 -21.39 19.05 -14.92
CA SER A 824 -21.87 17.93 -15.77
C SER A 824 -23.33 17.60 -15.43
N MET A 825 -23.95 16.76 -16.27
CA MET A 825 -25.29 16.17 -16.05
C MET A 825 -25.32 14.77 -16.65
N GLU A 826 -25.34 13.74 -15.79
CA GLU A 826 -25.34 12.30 -16.18
C GLU A 826 -26.68 12.01 -16.88
N ILE A 827 -26.62 11.35 -18.04
CA ILE A 827 -27.80 10.92 -18.84
C ILE A 827 -27.67 9.41 -19.11
N LEU A 828 -28.64 8.62 -18.64
CA LEU A 828 -28.72 7.15 -18.84
C LEU A 828 -29.67 6.85 -20.00
N GLY A 829 -29.62 5.63 -20.53
CA GLY A 829 -30.43 5.18 -21.68
C GLY A 829 -29.86 3.91 -22.30
N GLN A 830 -30.70 3.14 -22.99
CA GLN A 830 -30.30 1.88 -23.68
C GLN A 830 -30.69 1.97 -25.16
N ALA A 831 -30.02 1.18 -26.01
CA ALA A 831 -30.33 1.03 -27.45
C ALA A 831 -31.69 0.32 -27.60
N ALA A 832 -32.49 0.75 -28.58
CA ALA A 832 -33.82 0.19 -28.89
C ALA A 832 -33.66 -1.27 -29.34
N PRO A 833 -34.70 -2.12 -29.17
CA PRO A 833 -34.59 -3.53 -29.52
C PRO A 833 -34.10 -3.76 -30.96
N GLY A 834 -33.09 -4.61 -31.14
CA GLY A 834 -32.47 -4.92 -32.45
C GLY A 834 -31.18 -4.14 -32.65
N LYS A 835 -31.19 -2.84 -32.36
CA LYS A 835 -30.03 -1.92 -32.47
C LYS A 835 -29.05 -2.23 -31.33
N SER A 836 -27.75 -2.11 -31.60
CA SER A 836 -26.65 -2.35 -30.62
C SER A 836 -26.32 -1.03 -29.89
N THR A 837 -25.59 -1.13 -28.78
CA THR A 837 -25.15 0.02 -27.95
C THR A 837 -24.26 0.94 -28.80
N GLY A 838 -23.38 0.36 -29.62
CA GLY A 838 -22.47 1.09 -30.52
C GLY A 838 -23.20 1.99 -31.49
N GLU A 839 -24.37 1.55 -31.99
CA GLU A 839 -25.24 2.32 -32.92
C GLU A 839 -25.95 3.44 -32.15
N ALA A 840 -26.38 3.16 -30.91
CA ALA A 840 -27.10 4.09 -30.03
C ALA A 840 -26.18 5.24 -29.62
N MET A 841 -24.99 4.92 -29.10
CA MET A 841 -23.95 5.89 -28.67
C MET A 841 -23.59 6.80 -29.86
N GLU A 842 -23.49 6.23 -31.06
CA GLU A 842 -23.15 6.96 -32.31
C GLU A 842 -24.16 8.10 -32.55
N LEU A 843 -25.46 7.81 -32.33
CA LEU A 843 -26.56 8.80 -32.51
C LEU A 843 -26.50 9.86 -31.40
N MET A 844 -26.24 9.44 -30.16
CA MET A 844 -26.11 10.35 -28.98
C MET A 844 -24.99 11.36 -29.23
N GLU A 845 -23.86 10.91 -29.79
CA GLU A 845 -22.71 11.77 -30.19
C GLU A 845 -23.18 12.78 -31.25
N GLN A 846 -23.87 12.29 -32.28
CA GLN A 846 -24.44 13.10 -33.40
C GLN A 846 -25.35 14.19 -32.82
N LEU A 847 -26.36 13.79 -32.04
CA LEU A 847 -27.36 14.70 -31.42
C LEU A 847 -26.64 15.71 -30.52
N ALA A 848 -25.63 15.26 -29.77
CA ALA A 848 -24.87 16.06 -28.79
C ALA A 848 -24.01 17.12 -29.51
N SER A 849 -23.65 16.86 -30.77
CA SER A 849 -22.84 17.78 -31.63
C SER A 849 -23.67 19.00 -32.04
N LYS A 850 -25.00 18.89 -32.01
CA LYS A 850 -25.95 19.94 -32.47
C LYS A 850 -26.33 20.86 -31.31
N LEU A 851 -25.80 20.60 -30.10
CA LEU A 851 -26.15 21.33 -28.86
C LEU A 851 -25.50 22.71 -28.87
N PRO A 852 -25.94 23.65 -27.99
CA PRO A 852 -25.40 25.00 -27.96
C PRO A 852 -23.88 25.08 -27.77
N THR A 853 -23.30 26.25 -28.06
CA THR A 853 -21.84 26.54 -27.94
C THR A 853 -21.41 26.37 -26.48
N GLY A 854 -20.25 25.74 -26.26
CA GLY A 854 -19.65 25.53 -24.93
C GLY A 854 -20.11 24.26 -24.25
N VAL A 855 -20.98 23.48 -24.91
CA VAL A 855 -21.55 22.20 -24.37
C VAL A 855 -20.83 21.03 -25.04
N GLY A 856 -20.05 20.28 -24.27
CA GLY A 856 -19.39 19.03 -24.68
C GLY A 856 -20.09 17.82 -24.09
N TYR A 857 -19.56 16.62 -24.34
CA TYR A 857 -20.04 15.34 -23.78
C TYR A 857 -18.85 14.42 -23.48
N ASP A 858 -19.14 13.27 -22.86
CA ASP A 858 -18.15 12.19 -22.60
C ASP A 858 -18.91 10.92 -22.21
N TRP A 859 -18.25 9.77 -22.32
CA TRP A 859 -18.77 8.43 -21.92
C TRP A 859 -18.07 7.99 -20.63
N THR A 860 -18.83 7.48 -19.66
CA THR A 860 -18.36 7.06 -18.33
C THR A 860 -18.91 5.67 -18.00
N GLY A 861 -18.38 5.01 -16.96
CA GLY A 861 -18.83 3.71 -16.46
C GLY A 861 -18.74 2.61 -17.50
N MET A 862 -19.89 2.07 -17.91
CA MET A 862 -20.02 0.93 -18.86
C MET A 862 -19.66 1.38 -20.29
N SER A 863 -20.02 2.61 -20.65
CA SER A 863 -19.80 3.21 -22.00
C SER A 863 -18.30 3.50 -22.24
N TYR A 864 -17.54 3.71 -21.16
CA TYR A 864 -16.07 3.96 -21.18
C TYR A 864 -15.34 2.67 -21.56
N GLN A 865 -15.83 1.53 -21.08
CA GLN A 865 -15.21 0.18 -21.26
C GLN A 865 -15.66 -0.43 -22.60
N GLU A 866 -16.68 0.14 -23.24
CA GLU A 866 -17.26 -0.34 -24.53
C GLU A 866 -16.44 0.23 -25.70
N ARG A 867 -16.18 1.54 -25.71
CA ARG A 867 -15.39 2.23 -26.76
C ARG A 867 -13.90 1.88 -26.59
N LEU A 868 -13.52 1.33 -25.43
CA LEU A 868 -12.22 0.67 -25.19
C LEU A 868 -12.18 -0.66 -25.97
N SER A 869 -10.98 -1.17 -26.28
CA SER A 869 -10.72 -2.40 -27.06
C SER A 869 -11.81 -3.46 -26.78
N GLY A 870 -12.50 -3.91 -27.83
CA GLY A 870 -13.56 -4.94 -27.76
C GLY A 870 -13.77 -5.62 -29.11
N ASN A 871 -14.41 -6.79 -29.12
CA ASN A 871 -14.66 -7.63 -30.33
C ASN A 871 -13.30 -8.09 -30.88
N GLN A 872 -12.59 -8.95 -30.14
CA GLN A 872 -11.28 -9.53 -30.51
C GLN A 872 -11.41 -11.06 -30.58
N ALA A 873 -12.63 -11.58 -30.78
CA ALA A 873 -12.95 -13.02 -30.89
C ALA A 873 -12.46 -13.57 -32.22
N PRO A 874 -12.67 -12.87 -33.37
CA PRO A 874 -12.10 -13.31 -34.65
C PRO A 874 -10.57 -13.44 -34.62
N SER A 875 -9.89 -12.46 -33.99
CA SER A 875 -8.41 -12.37 -33.89
C SER A 875 -7.83 -13.61 -33.19
N LEU A 876 -8.34 -13.93 -32.00
CA LEU A 876 -7.75 -14.94 -31.08
C LEU A 876 -8.10 -16.36 -31.54
N TYR A 877 -9.25 -16.56 -32.20
CA TYR A 877 -9.71 -17.89 -32.68
C TYR A 877 -9.22 -18.14 -34.10
N ALA A 878 -8.82 -17.08 -34.82
CA ALA A 878 -8.06 -17.19 -36.11
C ALA A 878 -6.69 -17.78 -35.80
N ILE A 879 -6.04 -17.33 -34.72
CA ILE A 879 -4.74 -17.84 -34.20
C ILE A 879 -4.94 -19.28 -33.73
N SER A 880 -5.90 -19.51 -32.83
CA SER A 880 -6.25 -20.84 -32.26
C SER A 880 -6.35 -21.88 -33.40
N LEU A 881 -7.05 -21.54 -34.47
CA LEU A 881 -7.25 -22.39 -35.68
C LEU A 881 -5.89 -22.67 -36.33
N ILE A 882 -5.07 -21.63 -36.50
CA ILE A 882 -3.73 -21.70 -37.16
C ILE A 882 -2.78 -22.56 -36.30
N VAL A 883 -2.79 -22.38 -34.98
CA VAL A 883 -1.89 -23.12 -34.04
C VAL A 883 -2.33 -24.58 -33.96
N VAL A 884 -3.65 -24.84 -33.90
CA VAL A 884 -4.24 -26.22 -33.86
C VAL A 884 -3.82 -26.97 -35.13
N PHE A 885 -3.88 -26.33 -36.30
CA PHE A 885 -3.45 -26.89 -37.60
C PHE A 885 -1.98 -27.31 -37.52
N LEU A 886 -1.10 -26.39 -37.12
CA LEU A 886 0.37 -26.57 -37.04
C LEU A 886 0.69 -27.74 -36.09
N CYS A 887 0.08 -27.74 -34.89
CA CYS A 887 0.27 -28.79 -33.85
C CYS A 887 -0.06 -30.18 -34.42
N LEU A 888 -1.14 -30.29 -35.20
CA LEU A 888 -1.57 -31.55 -35.86
C LEU A 888 -0.58 -31.91 -36.97
N ALA A 889 -0.07 -30.91 -37.70
CA ALA A 889 0.91 -31.08 -38.81
C ALA A 889 2.20 -31.71 -38.26
N ALA A 890 2.61 -31.32 -37.06
CA ALA A 890 3.79 -31.87 -36.34
C ALA A 890 3.50 -33.30 -35.89
N LEU A 891 2.29 -33.56 -35.39
CA LEU A 891 1.83 -34.88 -34.87
C LEU A 891 1.86 -35.91 -36.00
N TYR A 892 1.20 -35.62 -37.12
CA TYR A 892 1.01 -36.54 -38.28
C TYR A 892 2.17 -36.39 -39.28
N GLU A 893 3.02 -35.37 -39.12
CA GLU A 893 4.14 -35.06 -40.06
C GLU A 893 3.55 -34.90 -41.47
N SER A 894 2.54 -34.03 -41.60
CA SER A 894 1.75 -33.82 -42.85
C SER A 894 1.04 -32.45 -42.80
N TRP A 895 1.08 -31.70 -43.90
CA TRP A 895 0.37 -30.40 -44.07
C TRP A 895 -1.11 -30.64 -44.39
N SER A 896 -1.46 -31.84 -44.88
CA SER A 896 -2.79 -32.18 -45.44
C SER A 896 -3.69 -32.89 -44.42
N ILE A 897 -3.13 -33.86 -43.68
CA ILE A 897 -3.89 -34.78 -42.77
C ILE A 897 -4.58 -34.00 -41.66
N PRO A 898 -3.98 -32.92 -41.09
CA PRO A 898 -4.66 -32.12 -40.08
C PRO A 898 -6.12 -31.74 -40.41
N PHE A 899 -6.44 -31.54 -41.69
CA PHE A 899 -7.79 -31.17 -42.20
C PHE A 899 -8.81 -32.28 -41.86
N SER A 900 -8.37 -33.55 -41.88
CA SER A 900 -9.21 -34.73 -41.56
C SER A 900 -9.70 -34.67 -40.11
N VAL A 901 -8.97 -33.96 -39.24
CA VAL A 901 -9.31 -33.73 -37.80
C VAL A 901 -10.06 -32.39 -37.65
N MET A 902 -9.63 -31.36 -38.38
CA MET A 902 -10.11 -29.95 -38.22
C MET A 902 -11.50 -29.76 -38.84
N LEU A 903 -11.97 -30.70 -39.65
CA LEU A 903 -13.30 -30.61 -40.35
C LEU A 903 -14.43 -31.09 -39.43
N VAL A 904 -14.12 -31.55 -38.22
CA VAL A 904 -15.13 -32.11 -37.25
C VAL A 904 -15.66 -30.98 -36.35
N VAL A 905 -15.02 -29.81 -36.36
CA VAL A 905 -15.39 -28.65 -35.48
C VAL A 905 -16.89 -28.36 -35.62
N PRO A 906 -17.42 -28.17 -36.87
CA PRO A 906 -18.83 -27.86 -37.05
C PRO A 906 -19.83 -28.92 -36.59
N LEU A 907 -19.41 -30.19 -36.52
CA LEU A 907 -20.28 -31.34 -36.13
C LEU A 907 -20.73 -31.18 -34.67
N GLY A 908 -19.92 -30.52 -33.84
CA GLY A 908 -20.21 -30.24 -32.42
C GLY A 908 -20.91 -28.91 -32.22
N VAL A 909 -20.66 -27.92 -33.10
CA VAL A 909 -21.22 -26.55 -33.01
C VAL A 909 -22.72 -26.59 -33.32
N ILE A 910 -23.12 -27.34 -34.35
CA ILE A 910 -24.52 -27.46 -34.83
C ILE A 910 -25.42 -27.91 -33.65
N GLY A 911 -24.96 -28.88 -32.86
CA GLY A 911 -25.69 -29.43 -31.71
C GLY A 911 -25.87 -28.41 -30.60
N ALA A 912 -24.81 -27.65 -30.30
CA ALA A 912 -24.79 -26.57 -29.30
C ALA A 912 -25.80 -25.48 -29.69
N LEU A 913 -25.74 -25.02 -30.94
CA LEU A 913 -26.62 -23.95 -31.48
C LEU A 913 -28.09 -24.38 -31.45
N LEU A 914 -28.37 -25.63 -31.87
CA LEU A 914 -29.75 -26.21 -31.88
C LEU A 914 -30.32 -26.21 -30.45
N ALA A 915 -29.59 -26.81 -29.50
CA ALA A 915 -30.00 -26.94 -28.07
C ALA A 915 -30.17 -25.54 -27.45
N ALA A 916 -29.21 -24.65 -27.68
CA ALA A 916 -29.21 -23.25 -27.16
C ALA A 916 -30.40 -22.48 -27.75
N THR A 917 -30.60 -22.58 -29.07
CA THR A 917 -31.70 -21.91 -29.83
C THR A 917 -33.06 -22.40 -29.31
N PHE A 918 -33.23 -23.72 -29.17
CA PHE A 918 -34.52 -24.39 -28.82
C PHE A 918 -34.92 -24.08 -27.38
N ARG A 919 -33.93 -23.92 -26.47
CA ARG A 919 -34.17 -23.63 -25.03
C ARG A 919 -34.13 -22.13 -24.78
N GLY A 920 -34.01 -21.31 -25.83
CA GLY A 920 -34.08 -19.83 -25.77
C GLY A 920 -32.89 -19.24 -25.03
N LEU A 921 -31.74 -19.92 -25.06
CA LEU A 921 -30.45 -19.45 -24.46
C LEU A 921 -29.75 -18.54 -25.47
N THR A 922 -28.60 -17.97 -25.08
CA THR A 922 -27.82 -16.99 -25.88
C THR A 922 -26.34 -17.42 -25.95
N ASN A 923 -25.61 -16.87 -26.92
CA ASN A 923 -24.15 -17.10 -27.11
C ASN A 923 -23.39 -16.32 -26.02
N ASP A 924 -23.36 -16.87 -24.80
CA ASP A 924 -22.76 -16.24 -23.59
C ASP A 924 -21.46 -16.97 -23.23
N VAL A 925 -20.77 -16.52 -22.17
CA VAL A 925 -19.47 -17.08 -21.69
C VAL A 925 -19.62 -18.60 -21.52
N TYR A 926 -20.70 -19.03 -20.86
CA TYR A 926 -20.95 -20.44 -20.46
C TYR A 926 -21.18 -21.32 -21.70
N PHE A 927 -21.82 -20.77 -22.75
CA PHE A 927 -22.08 -21.46 -24.04
C PHE A 927 -20.75 -21.64 -24.79
N GLN A 928 -19.91 -20.60 -24.81
CA GLN A 928 -18.64 -20.53 -25.57
C GLN A 928 -17.62 -21.51 -24.97
N VAL A 929 -17.43 -21.47 -23.65
CA VAL A 929 -16.44 -22.31 -22.91
C VAL A 929 -16.89 -23.77 -22.93
N GLY A 930 -18.20 -24.03 -22.93
CA GLY A 930 -18.80 -25.37 -23.07
C GLY A 930 -18.66 -25.89 -24.49
N LEU A 931 -18.66 -25.00 -25.48
CA LEU A 931 -18.49 -25.31 -26.92
C LEU A 931 -17.02 -25.69 -27.19
N LEU A 932 -16.07 -24.97 -26.58
CA LEU A 932 -14.61 -25.25 -26.66
C LEU A 932 -14.33 -26.68 -26.14
N THR A 933 -15.03 -27.08 -25.06
CA THR A 933 -14.92 -28.42 -24.43
C THR A 933 -15.42 -29.49 -25.40
N THR A 934 -16.55 -29.24 -26.05
CA THR A 934 -17.18 -30.14 -27.06
C THR A 934 -16.25 -30.29 -28.27
N ILE A 935 -15.71 -29.17 -28.76
CA ILE A 935 -14.73 -29.12 -29.89
C ILE A 935 -13.46 -29.88 -29.49
N GLY A 936 -13.05 -29.76 -28.24
CA GLY A 936 -11.86 -30.44 -27.67
C GLY A 936 -11.98 -31.95 -27.74
N LEU A 937 -13.12 -32.51 -27.32
CA LEU A 937 -13.39 -33.97 -27.28
C LEU A 937 -13.57 -34.51 -28.71
N SER A 938 -14.40 -33.85 -29.51
CA SER A 938 -14.72 -34.24 -30.91
C SER A 938 -13.46 -34.22 -31.77
N ALA A 939 -12.52 -33.28 -31.49
CA ALA A 939 -11.20 -33.19 -32.14
C ALA A 939 -10.28 -34.30 -31.61
N LYS A 940 -10.30 -34.53 -30.28
CA LYS A 940 -9.52 -35.60 -29.61
C LYS A 940 -9.95 -36.97 -30.13
N ASN A 941 -11.26 -37.16 -30.35
CA ASN A 941 -11.85 -38.38 -30.96
C ASN A 941 -11.27 -38.56 -32.38
N ALA A 942 -11.35 -37.50 -33.19
CA ALA A 942 -10.92 -37.46 -34.60
C ALA A 942 -9.42 -37.73 -34.71
N ILE A 943 -8.63 -37.23 -33.75
CA ILE A 943 -7.13 -37.39 -33.72
C ILE A 943 -6.80 -38.88 -33.66
N LEU A 944 -7.40 -39.61 -32.70
CA LEU A 944 -7.11 -41.03 -32.42
C LEU A 944 -7.57 -41.93 -33.58
N ILE A 945 -8.72 -41.63 -34.18
CA ILE A 945 -9.26 -42.38 -35.36
C ILE A 945 -8.24 -42.29 -36.50
N VAL A 946 -7.82 -41.07 -36.85
CA VAL A 946 -6.86 -40.78 -37.96
C VAL A 946 -5.48 -41.33 -37.59
N GLU A 947 -5.11 -41.28 -36.30
CA GLU A 947 -3.81 -41.78 -35.77
C GLU A 947 -3.72 -43.30 -35.97
N PHE A 948 -4.76 -44.03 -35.56
CA PHE A 948 -4.87 -45.50 -35.67
C PHE A 948 -4.85 -45.90 -37.16
N ALA A 949 -5.65 -45.21 -37.98
CA ALA A 949 -5.76 -45.43 -39.44
C ALA A 949 -4.38 -45.22 -40.10
N LYS A 950 -3.75 -44.08 -39.85
CA LYS A 950 -2.42 -43.71 -40.41
C LYS A 950 -1.36 -44.71 -39.91
N ASP A 951 -1.46 -45.15 -38.64
CA ASP A 951 -0.51 -46.13 -38.02
C ASP A 951 -0.62 -47.46 -38.76
N LEU A 952 -1.84 -47.92 -39.05
CA LEU A 952 -2.10 -49.17 -39.82
C LEU A 952 -1.49 -49.07 -41.22
N MET A 953 -1.68 -47.92 -41.90
CA MET A 953 -1.20 -47.68 -43.29
C MET A 953 0.33 -47.60 -43.34
N ASP A 954 0.98 -47.23 -42.23
CA ASP A 954 2.46 -47.03 -42.14
C ASP A 954 3.11 -48.26 -41.50
N LYS A 955 2.69 -48.63 -40.28
CA LYS A 955 3.32 -49.71 -39.48
C LYS A 955 2.94 -51.09 -40.03
N GLU A 956 1.66 -51.31 -40.34
CA GLU A 956 1.11 -52.61 -40.79
C GLU A 956 1.07 -52.66 -42.33
N GLY A 957 1.04 -51.50 -43.00
CA GLY A 957 1.05 -51.38 -44.47
C GLY A 957 -0.31 -51.70 -45.08
N LYS A 958 -1.38 -51.64 -44.29
CA LYS A 958 -2.78 -51.95 -44.73
C LYS A 958 -3.29 -50.81 -45.61
N GLY A 959 -4.34 -51.07 -46.40
CA GLY A 959 -4.91 -50.12 -47.38
C GLY A 959 -5.67 -48.98 -46.72
N LEU A 960 -5.93 -47.91 -47.46
CA LEU A 960 -6.62 -46.67 -46.99
C LEU A 960 -7.97 -47.03 -46.36
N ILE A 961 -8.82 -47.73 -47.13
CA ILE A 961 -10.23 -48.07 -46.73
C ILE A 961 -10.20 -49.11 -45.62
N GLU A 962 -9.33 -50.13 -45.73
CA GLU A 962 -9.17 -51.21 -44.71
C GLU A 962 -8.70 -50.60 -43.39
N ALA A 963 -7.76 -49.66 -43.44
CA ALA A 963 -7.18 -48.96 -42.27
C ALA A 963 -8.25 -48.11 -41.58
N THR A 964 -9.03 -47.35 -42.36
CA THR A 964 -10.14 -46.49 -41.89
C THR A 964 -11.16 -47.33 -41.11
N LEU A 965 -11.60 -48.46 -41.69
CA LEU A 965 -12.60 -49.38 -41.09
C LEU A 965 -12.03 -50.00 -39.80
N ASP A 966 -10.80 -50.50 -39.85
CA ASP A 966 -10.09 -51.12 -38.69
C ASP A 966 -9.93 -50.08 -37.58
N ALA A 967 -9.66 -48.82 -37.93
CA ALA A 967 -9.46 -47.69 -36.99
C ALA A 967 -10.77 -47.40 -36.25
N VAL A 968 -11.84 -47.10 -37.00
CA VAL A 968 -13.18 -46.69 -36.46
C VAL A 968 -13.78 -47.85 -35.66
N ARG A 969 -13.46 -49.09 -36.04
CA ARG A 969 -13.92 -50.34 -35.38
C ARG A 969 -13.37 -50.39 -33.95
N MET A 970 -12.09 -50.06 -33.76
CA MET A 970 -11.39 -50.02 -32.45
C MET A 970 -11.74 -48.71 -31.72
N ARG A 971 -11.98 -47.63 -32.47
CA ARG A 971 -12.31 -46.27 -31.93
C ARG A 971 -13.83 -46.02 -32.04
N LEU A 972 -14.64 -46.92 -31.49
CA LEU A 972 -16.12 -46.74 -31.34
C LEU A 972 -16.49 -46.85 -29.86
N ARG A 973 -16.14 -47.97 -29.23
CA ARG A 973 -16.38 -48.27 -27.79
C ARG A 973 -15.88 -47.11 -26.92
N PRO A 974 -14.59 -46.68 -27.05
CA PRO A 974 -14.07 -45.60 -26.21
C PRO A 974 -14.73 -44.23 -26.45
N ILE A 975 -15.20 -43.97 -27.68
CA ILE A 975 -15.90 -42.71 -28.07
C ILE A 975 -17.27 -42.66 -27.37
N LEU A 976 -18.07 -43.72 -27.54
CA LEU A 976 -19.45 -43.82 -26.97
C LEU A 976 -19.36 -43.93 -25.44
N MET A 977 -18.28 -44.52 -24.91
CA MET A 977 -17.99 -44.62 -23.45
C MET A 977 -17.84 -43.19 -22.87
N THR A 978 -17.18 -42.29 -23.59
CA THR A 978 -16.93 -40.89 -23.18
C THR A 978 -18.20 -40.06 -23.35
N SER A 979 -18.84 -40.13 -24.53
CA SER A 979 -20.07 -39.39 -24.89
C SER A 979 -21.15 -39.61 -23.83
N LEU A 980 -21.53 -40.88 -23.59
CA LEU A 980 -22.54 -41.26 -22.56
C LEU A 980 -22.12 -40.70 -21.20
N ALA A 981 -20.88 -40.97 -20.77
CA ALA A 981 -20.32 -40.59 -19.45
C ALA A 981 -20.41 -39.07 -19.24
N PHE A 982 -20.14 -38.28 -20.28
CA PHE A 982 -20.09 -36.79 -20.23
C PHE A 982 -21.49 -36.21 -20.41
N ILE A 983 -22.24 -36.69 -21.41
CA ILE A 983 -23.66 -36.28 -21.69
C ILE A 983 -24.52 -36.53 -20.45
N LEU A 984 -24.31 -37.67 -19.78
CA LEU A 984 -25.08 -38.08 -18.57
C LEU A 984 -24.52 -37.34 -17.35
N GLY A 985 -23.24 -36.98 -17.35
CA GLY A 985 -22.57 -36.22 -16.26
C GLY A 985 -23.03 -34.78 -16.19
N VAL A 986 -23.49 -34.21 -17.31
CA VAL A 986 -23.97 -32.79 -17.40
C VAL A 986 -25.51 -32.76 -17.46
N MET A 987 -26.17 -33.90 -17.21
CA MET A 987 -27.65 -33.99 -17.08
C MET A 987 -28.10 -33.17 -15.86
N PRO A 988 -27.45 -33.30 -14.69
CA PRO A 988 -27.80 -32.48 -13.52
C PRO A 988 -27.85 -30.98 -13.82
N LEU A 989 -26.90 -30.48 -14.64
CA LEU A 989 -26.78 -29.05 -15.04
C LEU A 989 -27.98 -28.64 -15.89
N VAL A 990 -28.39 -29.50 -16.84
CA VAL A 990 -29.48 -29.22 -17.82
C VAL A 990 -30.83 -29.15 -17.09
N ILE A 991 -31.10 -30.13 -16.20
CA ILE A 991 -32.40 -30.24 -15.46
C ILE A 991 -32.36 -29.32 -14.22
N SER A 992 -31.17 -28.85 -13.83
CA SER A 992 -30.93 -28.05 -12.60
C SER A 992 -31.99 -26.97 -12.40
N THR A 993 -32.52 -26.86 -11.18
CA THR A 993 -33.35 -25.73 -10.67
C THR A 993 -32.84 -25.36 -9.28
N GLY A 994 -32.83 -24.06 -8.94
CA GLY A 994 -32.37 -23.53 -7.64
C GLY A 994 -31.24 -22.54 -7.80
N ALA A 995 -30.45 -22.35 -6.74
CA ALA A 995 -29.36 -21.34 -6.65
C ALA A 995 -28.32 -21.58 -7.75
N GLY A 996 -28.16 -20.61 -8.65
CA GLY A 996 -27.15 -20.61 -9.72
C GLY A 996 -27.47 -21.63 -10.81
N SER A 997 -28.77 -21.90 -11.05
CA SER A 997 -29.27 -22.82 -12.09
C SER A 997 -29.15 -22.17 -13.47
N GLY A 998 -29.20 -20.83 -13.53
CA GLY A 998 -29.07 -20.04 -14.77
C GLY A 998 -27.78 -20.34 -15.51
N ALA A 999 -26.65 -20.40 -14.79
CA ALA A 999 -25.30 -20.74 -15.31
C ALA A 999 -25.26 -22.24 -15.66
N GLN A 1000 -25.72 -23.09 -14.74
CA GLN A 1000 -25.74 -24.57 -14.89
C GLN A 1000 -26.51 -24.94 -16.16
N ASN A 1001 -27.74 -24.44 -16.31
CA ASN A 1001 -28.61 -24.65 -17.50
C ASN A 1001 -27.88 -24.23 -18.77
N ALA A 1002 -27.17 -23.09 -18.73
CA ALA A 1002 -26.44 -22.49 -19.88
C ALA A 1002 -25.24 -23.37 -20.25
N VAL A 1003 -24.46 -23.80 -19.26
CA VAL A 1003 -23.27 -24.70 -19.43
C VAL A 1003 -23.75 -26.03 -20.00
N GLY A 1004 -24.68 -26.71 -19.31
CA GLY A 1004 -25.13 -28.07 -19.59
C GLY A 1004 -25.79 -28.22 -20.96
N THR A 1005 -26.66 -27.27 -21.34
CA THR A 1005 -27.48 -27.31 -22.58
C THR A 1005 -26.55 -27.28 -23.81
N GLY A 1006 -25.64 -26.31 -23.87
CA GLY A 1006 -24.68 -26.13 -24.97
C GLY A 1006 -23.75 -27.33 -25.13
N VAL A 1007 -23.38 -27.97 -24.01
CA VAL A 1007 -22.47 -29.15 -23.97
C VAL A 1007 -23.24 -30.38 -24.45
N MET A 1008 -24.36 -30.70 -23.81
CA MET A 1008 -25.19 -31.90 -24.09
C MET A 1008 -25.59 -31.91 -25.57
N GLY A 1009 -26.22 -30.84 -26.05
CA GLY A 1009 -26.63 -30.66 -27.45
C GLY A 1009 -25.48 -30.93 -28.40
N GLY A 1010 -24.31 -30.35 -28.10
CA GLY A 1010 -23.07 -30.47 -28.90
C GLY A 1010 -22.56 -31.91 -28.94
N MET A 1011 -22.34 -32.51 -27.76
CA MET A 1011 -21.77 -33.88 -27.61
C MET A 1011 -22.64 -34.90 -28.37
N VAL A 1012 -23.97 -34.73 -28.34
CA VAL A 1012 -24.95 -35.62 -29.04
C VAL A 1012 -24.64 -35.62 -30.54
N THR A 1013 -24.67 -34.45 -31.18
CA THR A 1013 -24.38 -34.28 -32.64
C THR A 1013 -22.90 -34.57 -32.90
N ALA A 1014 -22.01 -34.14 -32.00
CA ALA A 1014 -20.53 -34.29 -32.11
C ALA A 1014 -20.14 -35.77 -32.14
N THR A 1015 -20.91 -36.64 -31.49
CA THR A 1015 -20.67 -38.10 -31.43
C THR A 1015 -21.21 -38.77 -32.69
N VAL A 1016 -22.54 -38.75 -32.87
CA VAL A 1016 -23.27 -39.52 -33.93
C VAL A 1016 -22.72 -39.15 -35.31
N LEU A 1017 -22.38 -37.88 -35.55
CA LEU A 1017 -21.86 -37.38 -36.86
C LEU A 1017 -20.40 -37.80 -37.04
N ALA A 1018 -19.55 -37.51 -36.06
CA ALA A 1018 -18.07 -37.72 -36.10
C ALA A 1018 -17.75 -39.16 -36.51
N ILE A 1019 -18.42 -40.15 -35.90
CA ILE A 1019 -18.15 -41.60 -36.10
C ILE A 1019 -18.36 -41.99 -37.58
N PHE A 1020 -19.17 -41.24 -38.32
CA PHE A 1020 -19.46 -41.47 -39.77
C PHE A 1020 -18.67 -40.52 -40.66
N PHE A 1021 -18.38 -39.30 -40.18
CA PHE A 1021 -17.80 -38.19 -40.99
C PHE A 1021 -16.27 -38.19 -40.92
N VAL A 1022 -15.67 -38.52 -39.76
CA VAL A 1022 -14.19 -38.59 -39.58
C VAL A 1022 -13.60 -39.55 -40.60
N PRO A 1023 -14.19 -40.76 -40.79
CA PRO A 1023 -13.76 -41.67 -41.87
C PRO A 1023 -13.82 -41.02 -43.26
N VAL A 1024 -14.92 -40.32 -43.56
CA VAL A 1024 -15.15 -39.60 -44.85
C VAL A 1024 -14.07 -38.53 -45.01
N PHE A 1025 -13.72 -37.82 -43.93
CA PHE A 1025 -12.72 -36.72 -43.92
C PHE A 1025 -11.32 -37.26 -44.22
N PHE A 1026 -10.92 -38.36 -43.56
CA PHE A 1026 -9.59 -38.99 -43.71
C PHE A 1026 -9.41 -39.50 -45.15
N VAL A 1027 -10.37 -40.29 -45.64
CA VAL A 1027 -10.35 -40.92 -46.99
C VAL A 1027 -10.32 -39.82 -48.06
N VAL A 1028 -11.20 -38.82 -47.95
CA VAL A 1028 -11.28 -37.65 -48.90
C VAL A 1028 -9.92 -36.93 -48.92
N VAL A 1029 -9.35 -36.65 -47.75
CA VAL A 1029 -8.09 -35.85 -47.59
C VAL A 1029 -6.90 -36.65 -48.12
N ARG A 1030 -6.77 -37.92 -47.69
CA ARG A 1030 -5.62 -38.79 -48.07
C ARG A 1030 -5.61 -39.03 -49.59
N ARG A 1031 -6.78 -39.17 -50.21
CA ARG A 1031 -6.94 -39.34 -51.68
C ARG A 1031 -6.58 -38.04 -52.39
N ARG A 1032 -7.06 -36.90 -51.87
CA ARG A 1032 -6.94 -35.55 -52.49
C ARG A 1032 -5.46 -35.14 -52.58
N PHE A 1033 -4.66 -35.46 -51.55
CA PHE A 1033 -3.21 -35.12 -51.45
C PHE A 1033 -2.38 -36.41 -51.40
N SER A 1034 -1.74 -36.76 -52.53
CA SER A 1034 -0.91 -37.98 -52.70
C SER A 1034 0.23 -37.68 -53.70
N MET B 1 22.10 -39.69 -11.71
CA MET B 1 22.82 -38.38 -11.53
C MET B 1 24.23 -38.61 -10.98
N PRO B 2 24.44 -39.47 -9.95
CA PRO B 2 25.79 -39.75 -9.47
C PRO B 2 26.73 -40.33 -10.54
N ASN B 3 26.20 -41.22 -11.39
CA ASN B 3 26.94 -41.84 -12.53
C ASN B 3 27.47 -40.74 -13.46
N PHE B 4 26.66 -39.70 -13.70
CA PHE B 4 26.98 -38.56 -14.60
C PHE B 4 28.24 -37.83 -14.11
N PHE B 5 28.30 -37.52 -12.81
CA PHE B 5 29.35 -36.65 -12.20
C PHE B 5 30.56 -37.50 -11.76
N ILE B 6 30.43 -38.83 -11.70
CA ILE B 6 31.58 -39.75 -11.49
C ILE B 6 32.49 -39.69 -12.72
N ASP B 7 31.90 -39.64 -13.92
CA ASP B 7 32.60 -39.54 -15.23
C ASP B 7 32.96 -38.07 -15.52
N ARG B 8 32.32 -37.12 -14.81
CA ARG B 8 32.48 -35.66 -15.03
C ARG B 8 32.84 -34.97 -13.71
N PRO B 9 34.01 -35.26 -13.11
CA PRO B 9 34.42 -34.62 -11.86
C PRO B 9 34.74 -33.12 -11.94
N ILE B 10 34.99 -32.60 -13.15
CA ILE B 10 35.29 -31.14 -13.37
C ILE B 10 33.97 -30.36 -13.34
N PHE B 11 32.93 -30.86 -14.03
CA PHE B 11 31.55 -30.32 -13.95
C PHE B 11 31.15 -30.23 -12.47
N ALA B 12 31.34 -31.33 -11.73
CA ALA B 12 31.04 -31.43 -10.28
C ALA B 12 31.80 -30.33 -9.53
N TRP B 13 33.07 -30.11 -9.85
CA TRP B 13 33.94 -29.06 -9.26
C TRP B 13 33.39 -27.67 -9.60
N VAL B 14 32.91 -27.47 -10.83
CA VAL B 14 32.32 -26.18 -11.32
C VAL B 14 31.11 -25.84 -10.43
N ILE B 15 30.20 -26.80 -10.22
CA ILE B 15 28.98 -26.63 -9.37
C ILE B 15 29.42 -26.25 -7.96
N ALA B 16 30.43 -26.96 -7.42
CA ALA B 16 31.03 -26.70 -6.09
C ALA B 16 31.56 -25.26 -6.01
N ILE B 17 32.23 -24.80 -7.07
CA ILE B 17 32.81 -23.42 -7.16
C ILE B 17 31.66 -22.40 -7.20
N ILE B 18 30.69 -22.58 -8.09
CA ILE B 18 29.52 -21.66 -8.27
C ILE B 18 28.78 -21.53 -6.92
N ILE B 19 28.58 -22.66 -6.22
CA ILE B 19 27.92 -22.70 -4.88
C ILE B 19 28.76 -21.90 -3.88
N MET B 20 30.08 -22.13 -3.85
CA MET B 20 31.02 -21.47 -2.89
C MET B 20 31.04 -19.94 -3.12
N LEU B 21 31.09 -19.51 -4.38
CA LEU B 21 31.11 -18.08 -4.77
C LEU B 21 29.77 -17.43 -4.39
N ALA B 22 28.66 -18.07 -4.75
CA ALA B 22 27.28 -17.67 -4.36
C ALA B 22 27.20 -17.49 -2.84
N GLY B 23 27.81 -18.42 -2.09
CA GLY B 23 27.81 -18.45 -0.61
C GLY B 23 28.68 -17.36 -0.02
N GLY B 24 29.92 -17.23 -0.50
CA GLY B 24 30.87 -16.17 -0.09
C GLY B 24 30.31 -14.79 -0.39
N LEU B 25 29.73 -14.62 -1.58
CA LEU B 25 29.05 -13.37 -2.04
C LEU B 25 27.92 -13.03 -1.06
N ALA B 26 27.10 -14.03 -0.70
CA ALA B 26 25.93 -13.90 0.19
C ALA B 26 26.38 -13.51 1.60
N ILE B 27 27.44 -14.15 2.11
CA ILE B 27 28.00 -13.90 3.48
C ILE B 27 28.39 -12.43 3.62
N LEU B 28 29.04 -11.86 2.59
CA LEU B 28 29.52 -10.44 2.58
C LEU B 28 28.32 -9.48 2.58
N LYS B 29 27.21 -9.85 1.92
CA LYS B 29 26.05 -8.97 1.66
C LYS B 29 24.90 -9.23 2.67
N LEU B 30 24.85 -10.43 3.27
CA LEU B 30 23.75 -10.85 4.17
C LEU B 30 23.66 -9.89 5.36
N PRO B 31 22.44 -9.40 5.72
CA PRO B 31 22.26 -8.61 6.93
C PRO B 31 22.51 -9.45 8.20
N VAL B 32 22.95 -8.79 9.27
CA VAL B 32 23.27 -9.40 10.60
C VAL B 32 22.45 -8.67 11.67
N ALA B 33 21.83 -9.44 12.58
CA ALA B 33 21.00 -8.94 13.70
C ALA B 33 20.82 -10.04 14.73
N GLN B 34 20.67 -9.68 16.02
CA GLN B 34 20.49 -10.64 17.14
C GLN B 34 19.33 -11.58 16.81
N TYR B 35 18.15 -11.00 16.54
CA TYR B 35 16.91 -11.72 16.15
C TYR B 35 16.31 -11.05 14.91
N PRO B 36 15.55 -11.81 14.08
CA PRO B 36 14.81 -11.22 12.96
C PRO B 36 13.46 -10.65 13.43
N THR B 37 12.64 -10.17 12.50
CA THR B 37 11.26 -9.68 12.77
C THR B 37 10.39 -10.89 13.14
N ILE B 38 10.00 -10.99 14.42
CA ILE B 38 9.18 -12.10 14.99
C ILE B 38 7.76 -11.60 15.20
N ALA B 39 7.61 -10.54 16.00
CA ALA B 39 6.30 -9.96 16.41
C ALA B 39 5.53 -9.48 15.19
N PRO B 40 4.18 -9.52 15.22
CA PRO B 40 3.37 -9.02 14.10
C PRO B 40 3.49 -7.50 13.98
N PRO B 41 3.29 -6.91 12.77
CA PRO B 41 3.41 -5.47 12.59
C PRO B 41 2.45 -4.73 13.52
N ALA B 42 2.97 -3.76 14.28
CA ALA B 42 2.20 -2.89 15.20
C ALA B 42 2.53 -1.42 14.92
N VAL B 43 1.54 -0.54 15.06
CA VAL B 43 1.66 0.93 14.85
C VAL B 43 1.15 1.64 16.10
N THR B 44 1.94 2.55 16.68
CA THR B 44 1.61 3.31 17.91
C THR B 44 1.36 4.78 17.55
N ILE B 45 0.12 5.24 17.75
CA ILE B 45 -0.25 6.69 17.74
C ILE B 45 0.07 7.24 19.12
N SER B 46 0.90 8.29 19.20
CA SER B 46 1.37 8.92 20.46
C SER B 46 1.06 10.41 20.45
N ALA B 47 0.44 10.93 21.51
CA ALA B 47 0.11 12.37 21.69
C ALA B 47 0.44 12.82 23.12
N SER B 48 0.62 14.13 23.30
CA SER B 48 0.85 14.79 24.60
C SER B 48 -0.15 15.94 24.78
N TYR B 49 -0.68 16.09 25.99
CA TYR B 49 -1.60 17.19 26.41
C TYR B 49 -1.07 17.78 27.70
N PRO B 50 -0.10 18.74 27.63
CA PRO B 50 0.52 19.31 28.82
C PRO B 50 -0.47 19.74 29.93
N GLY B 51 -0.42 19.04 31.07
CA GLY B 51 -1.19 19.35 32.28
C GLY B 51 -2.55 18.66 32.31
N ALA B 52 -2.75 17.65 31.47
CA ALA B 52 -4.04 16.93 31.30
C ALA B 52 -4.06 15.68 32.19
N ASP B 53 -5.22 15.40 32.78
CA ASP B 53 -5.51 14.16 33.55
C ASP B 53 -5.90 13.05 32.57
N ALA B 54 -5.74 11.79 33.00
CA ALA B 54 -6.10 10.56 32.25
C ALA B 54 -7.46 10.74 31.57
N LYS B 55 -8.48 11.15 32.33
CA LYS B 55 -9.88 11.35 31.86
C LYS B 55 -9.92 12.37 30.73
N THR B 56 -9.33 13.55 30.95
CA THR B 56 -9.28 14.66 29.96
C THR B 56 -8.67 14.16 28.65
N VAL B 57 -7.55 13.43 28.74
CA VAL B 57 -6.84 12.85 27.56
C VAL B 57 -7.76 11.86 26.85
N GLN B 58 -8.35 10.92 27.60
CA GLN B 58 -9.21 9.83 27.06
C GLN B 58 -10.40 10.42 26.29
N ASP B 59 -11.07 11.42 26.88
CA ASP B 59 -12.41 11.90 26.45
C ASP B 59 -12.29 12.98 25.36
N THR B 60 -11.09 13.52 25.11
CA THR B 60 -10.84 14.56 24.09
C THR B 60 -9.91 14.05 22.99
N VAL B 61 -9.03 13.09 23.29
CA VAL B 61 -8.01 12.56 22.33
C VAL B 61 -8.30 11.09 22.02
N THR B 62 -8.10 10.19 23.00
CA THR B 62 -8.04 8.73 22.81
C THR B 62 -9.30 8.24 22.08
N GLN B 63 -10.49 8.63 22.56
CA GLN B 63 -11.81 8.17 22.05
C GLN B 63 -12.01 8.68 20.63
N VAL B 64 -11.70 9.96 20.37
CA VAL B 64 -11.86 10.62 19.04
C VAL B 64 -11.02 9.87 18.01
N ILE B 65 -9.73 9.66 18.30
CA ILE B 65 -8.77 8.93 17.40
C ILE B 65 -9.32 7.51 17.19
N GLU B 66 -9.61 6.78 18.26
CA GLU B 66 -10.14 5.39 18.23
C GLU B 66 -11.37 5.30 17.32
N GLN B 67 -12.26 6.29 17.38
CA GLN B 67 -13.55 6.32 16.62
C GLN B 67 -13.28 6.49 15.12
N ASN B 68 -12.09 6.96 14.74
CA ASN B 68 -11.72 7.29 13.33
C ASN B 68 -10.74 6.27 12.77
N MET B 69 -10.46 5.17 13.47
CA MET B 69 -9.50 4.13 13.03
C MET B 69 -10.24 3.05 12.21
N ASN B 70 -11.02 3.50 11.23
CA ASN B 70 -11.91 2.64 10.38
C ASN B 70 -11.28 2.49 8.99
N GLY B 71 -11.73 1.50 8.22
CA GLY B 71 -11.32 1.25 6.82
C GLY B 71 -9.82 0.99 6.68
N ILE B 72 -9.17 0.55 7.76
CA ILE B 72 -7.73 0.16 7.80
C ILE B 72 -7.67 -1.36 7.67
N ASP B 73 -6.78 -1.87 6.79
CA ASP B 73 -6.72 -3.29 6.37
C ASP B 73 -5.93 -4.11 7.40
N ASN B 74 -6.37 -5.35 7.66
CA ASN B 74 -5.62 -6.43 8.34
C ASN B 74 -5.32 -6.05 9.81
N LEU B 75 -6.23 -5.31 10.45
CA LEU B 75 -6.15 -5.00 11.90
C LEU B 75 -6.68 -6.20 12.69
N MET B 76 -5.87 -6.75 13.60
CA MET B 76 -6.25 -7.87 14.51
C MET B 76 -7.00 -7.29 15.71
N TYR B 77 -6.37 -6.35 16.42
CA TYR B 77 -6.93 -5.67 17.62
C TYR B 77 -6.26 -4.30 17.79
N MET B 78 -6.81 -3.51 18.71
CA MET B 78 -6.37 -2.12 19.04
C MET B 78 -6.45 -1.93 20.56
N SER B 79 -5.40 -1.39 21.17
CA SER B 79 -5.33 -1.08 22.62
C SER B 79 -4.79 0.35 22.79
N SER B 80 -5.19 1.03 23.87
CA SER B 80 -4.79 2.43 24.18
C SER B 80 -4.64 2.64 25.68
N ASN B 81 -3.73 3.53 26.07
CA ASN B 81 -3.53 4.04 27.46
C ASN B 81 -3.78 5.56 27.44
N SER B 82 -4.39 6.08 28.51
CA SER B 82 -4.59 7.53 28.76
C SER B 82 -4.28 7.81 30.24
N ASP B 83 -3.21 8.55 30.53
CA ASP B 83 -2.67 8.69 31.91
C ASP B 83 -2.45 10.17 32.26
N SER B 84 -2.26 10.45 33.55
CA SER B 84 -2.20 11.80 34.17
C SER B 84 -0.87 12.49 33.89
N THR B 85 0.07 11.81 33.21
CA THR B 85 1.35 12.39 32.72
C THR B 85 1.07 13.22 31.45
N GLY B 86 -0.21 13.30 31.03
CA GLY B 86 -0.66 14.08 29.87
C GLY B 86 -0.39 13.37 28.56
N THR B 87 -0.32 12.03 28.58
CA THR B 87 0.08 11.18 27.42
C THR B 87 -1.07 10.24 27.06
N VAL B 88 -1.24 9.99 25.75
CA VAL B 88 -2.05 8.87 25.19
C VAL B 88 -1.14 8.09 24.23
N GLN B 89 -1.29 6.76 24.20
CA GLN B 89 -0.58 5.85 23.26
C GLN B 89 -1.56 4.77 22.79
N ILE B 90 -2.04 4.88 21.55
CA ILE B 90 -2.94 3.88 20.90
C ILE B 90 -2.08 2.96 20.04
N THR B 91 -2.02 1.67 20.39
CA THR B 91 -1.27 0.62 19.65
C THR B 91 -2.26 -0.17 18.78
N LEU B 92 -2.02 -0.20 17.46
CA LEU B 92 -2.77 -1.03 16.48
C LEU B 92 -1.86 -2.17 16.01
N THR B 93 -2.18 -3.42 16.42
CA THR B 93 -1.43 -4.65 16.05
C THR B 93 -2.15 -5.31 14.86
N PHE B 94 -1.39 -5.58 13.79
CA PHE B 94 -1.91 -6.05 12.48
C PHE B 94 -1.61 -7.55 12.31
N GLU B 95 -2.19 -8.16 11.26
CA GLU B 95 -1.97 -9.58 10.89
C GLU B 95 -0.50 -9.76 10.48
N SER B 96 0.11 -10.89 10.86
CA SER B 96 1.48 -11.29 10.43
C SER B 96 1.53 -11.34 8.90
N GLY B 97 2.52 -10.67 8.29
CA GLY B 97 2.69 -10.60 6.82
C GLY B 97 2.14 -9.30 6.24
N THR B 98 1.50 -8.47 7.05
CA THR B 98 0.99 -7.13 6.67
C THR B 98 2.19 -6.22 6.41
N ASP B 99 2.19 -5.48 5.29
CA ASP B 99 3.22 -4.46 4.97
C ASP B 99 3.10 -3.34 6.01
N ALA B 100 4.11 -3.21 6.88
CA ALA B 100 4.13 -2.26 8.02
C ALA B 100 4.08 -0.81 7.53
N ASP B 101 4.60 -0.55 6.33
CA ASP B 101 4.57 0.79 5.68
C ASP B 101 3.13 1.13 5.31
N ILE B 102 2.41 0.19 4.67
CA ILE B 102 0.98 0.33 4.29
C ILE B 102 0.14 0.43 5.57
N ALA B 103 0.43 -0.41 6.57
CA ALA B 103 -0.24 -0.41 7.89
C ALA B 103 -0.13 0.99 8.51
N GLN B 104 1.07 1.57 8.51
CA GLN B 104 1.36 2.88 9.16
C GLN B 104 0.69 4.02 8.39
N VAL B 105 0.76 4.01 7.05
CA VAL B 105 0.28 5.13 6.19
C VAL B 105 -1.26 5.20 6.27
N GLN B 106 -1.93 4.04 6.34
CA GLN B 106 -3.41 3.95 6.45
C GLN B 106 -3.85 4.51 7.82
N VAL B 107 -3.04 4.29 8.86
CA VAL B 107 -3.33 4.74 10.26
C VAL B 107 -3.15 6.26 10.34
N GLN B 108 -2.00 6.79 9.90
CA GLN B 108 -1.68 8.25 9.97
C GLN B 108 -2.63 9.05 9.08
N ASN B 109 -3.15 8.43 8.01
CA ASN B 109 -4.10 9.06 7.05
C ASN B 109 -5.46 9.23 7.73
N LYS B 110 -5.92 8.22 8.47
CA LYS B 110 -7.20 8.26 9.23
C LYS B 110 -7.07 9.24 10.40
N LEU B 111 -5.88 9.33 11.00
CA LEU B 111 -5.57 10.29 12.10
C LEU B 111 -5.62 11.73 11.56
N GLN B 112 -4.99 11.99 10.41
CA GLN B 112 -4.90 13.32 9.76
C GLN B 112 -6.30 13.95 9.65
N LEU B 113 -7.33 13.14 9.39
CA LEU B 113 -8.72 13.58 9.19
C LEU B 113 -9.48 13.63 10.53
N ALA B 114 -8.85 13.14 11.61
CA ALA B 114 -9.37 13.21 13.00
C ALA B 114 -8.73 14.39 13.75
N MET B 115 -7.67 14.99 13.19
CA MET B 115 -6.86 16.07 13.83
C MET B 115 -7.73 17.28 14.15
N PRO B 116 -8.65 17.72 13.25
CA PRO B 116 -9.49 18.89 13.52
C PRO B 116 -10.49 18.71 14.68
N LEU B 117 -10.61 17.48 15.21
CA LEU B 117 -11.55 17.11 16.30
C LEU B 117 -10.80 17.04 17.65
N LEU B 118 -9.46 17.12 17.63
CA LEU B 118 -8.61 17.10 18.85
C LEU B 118 -8.48 18.54 19.37
N PRO B 119 -8.14 18.74 20.66
CA PRO B 119 -7.89 20.08 21.20
C PRO B 119 -6.70 20.79 20.53
N GLN B 120 -6.77 22.12 20.43
CA GLN B 120 -5.69 23.01 19.91
C GLN B 120 -4.35 22.58 20.52
N GLU B 121 -4.32 22.39 21.84
CA GLU B 121 -3.10 22.08 22.64
C GLU B 121 -2.46 20.79 22.10
N VAL B 122 -3.28 19.79 21.73
CA VAL B 122 -2.83 18.46 21.24
C VAL B 122 -2.39 18.58 19.78
N GLN B 123 -3.16 19.30 18.95
CA GLN B 123 -2.82 19.60 17.53
C GLN B 123 -1.45 20.29 17.46
N GLN B 124 -1.22 21.26 18.35
CA GLN B 124 0.01 22.08 18.43
C GLN B 124 1.21 21.19 18.78
N GLN B 125 1.06 20.32 19.79
CA GLN B 125 2.11 19.37 20.23
C GLN B 125 2.46 18.40 19.09
N GLY B 126 1.45 17.98 18.34
CA GLY B 126 1.57 16.97 17.26
C GLY B 126 1.24 15.58 17.79
N VAL B 127 0.71 14.72 16.91
CA VAL B 127 0.33 13.31 17.23
C VAL B 127 1.18 12.38 16.35
N SER B 128 2.14 11.67 16.96
CA SER B 128 3.15 10.81 16.28
C SER B 128 2.53 9.46 15.91
N VAL B 129 2.76 8.99 14.69
CA VAL B 129 2.40 7.63 14.21
C VAL B 129 3.68 6.93 13.75
N GLU B 130 4.16 5.95 14.52
CA GLU B 130 5.44 5.23 14.30
C GLU B 130 5.18 3.72 14.30
N LYS B 131 6.06 2.95 13.65
CA LYS B 131 6.09 1.47 13.73
C LYS B 131 6.59 1.06 15.11
N SER B 132 5.79 0.28 15.84
CA SER B 132 6.06 -0.19 17.23
C SER B 132 7.29 -1.12 17.23
N SER B 133 8.17 -0.97 18.22
CA SER B 133 9.42 -1.76 18.40
C SER B 133 10.01 -1.47 19.79
N SER B 134 10.27 -2.53 20.56
CA SER B 134 10.92 -2.48 21.91
C SER B 134 12.38 -2.94 21.79
N SER B 135 12.83 -3.30 20.59
CA SER B 135 14.18 -3.85 20.29
C SER B 135 15.10 -2.75 19.77
N PHE B 136 16.03 -2.27 20.61
CA PHE B 136 17.13 -1.34 20.26
C PHE B 136 18.36 -2.15 19.86
N LEU B 137 19.18 -1.61 18.94
CA LEU B 137 20.52 -2.15 18.60
C LEU B 137 21.46 -1.85 19.78
N MET B 138 21.35 -0.66 20.37
CA MET B 138 22.11 -0.23 21.56
C MET B 138 21.47 1.04 22.14
N VAL B 139 21.82 1.37 23.39
CA VAL B 139 21.44 2.65 24.06
C VAL B 139 22.73 3.40 24.39
N VAL B 140 23.07 4.43 23.60
CA VAL B 140 24.23 5.34 23.84
C VAL B 140 23.83 6.29 24.97
N GLY B 141 24.42 6.12 26.15
CA GLY B 141 24.24 7.02 27.31
C GLY B 141 25.19 8.20 27.25
N VAL B 142 24.68 9.42 27.48
CA VAL B 142 25.49 10.68 27.54
C VAL B 142 25.34 11.24 28.96
N ILE B 143 26.45 11.37 29.69
CA ILE B 143 26.48 11.74 31.14
C ILE B 143 27.45 12.91 31.34
N ASN B 144 27.24 13.69 32.39
CA ASN B 144 28.14 14.80 32.83
C ASN B 144 28.68 14.47 34.22
N THR B 145 30.00 14.27 34.33
CA THR B 145 30.70 13.72 35.53
C THR B 145 31.05 14.85 36.51
N ASP B 146 31.44 16.03 36.01
CA ASP B 146 31.97 17.16 36.82
C ASP B 146 30.82 18.09 37.25
N GLY B 147 29.56 17.64 37.15
CA GLY B 147 28.36 18.31 37.70
C GLY B 147 28.22 19.75 37.22
N THR B 148 28.65 20.05 36.00
CA THR B 148 28.54 21.38 35.35
C THR B 148 27.22 21.49 34.58
N MET B 149 26.60 20.34 34.24
CA MET B 149 25.42 20.25 33.35
C MET B 149 24.30 19.46 34.05
N THR B 150 23.05 19.90 33.88
CA THR B 150 21.82 19.16 34.24
C THR B 150 21.46 18.20 33.10
N GLN B 151 20.48 17.32 33.31
CA GLN B 151 20.00 16.36 32.27
C GLN B 151 19.39 17.16 31.10
N GLU B 152 18.81 18.34 31.40
CA GLU B 152 18.23 19.27 30.39
C GLU B 152 19.33 19.85 29.52
N ASP B 153 20.50 20.14 30.10
CA ASP B 153 21.69 20.72 29.42
C ASP B 153 22.29 19.66 28.47
N ILE B 154 22.42 18.42 28.93
CA ILE B 154 23.01 17.29 28.16
C ILE B 154 22.09 16.98 26.97
N SER B 155 20.80 16.79 27.24
CA SER B 155 19.75 16.45 26.23
C SER B 155 19.78 17.46 25.08
N ASP B 156 19.92 18.76 25.39
CA ASP B 156 19.93 19.86 24.39
C ASP B 156 21.16 19.74 23.50
N TYR B 157 22.33 19.45 24.08
CA TYR B 157 23.60 19.25 23.34
C TYR B 157 23.45 18.04 22.40
N VAL B 158 22.91 16.93 22.92
CA VAL B 158 22.73 15.65 22.17
C VAL B 158 21.79 15.91 20.99
N ALA B 159 20.70 16.63 21.22
CA ALA B 159 19.69 17.01 20.20
C ALA B 159 20.36 17.81 19.07
N ALA B 160 21.28 18.70 19.42
CA ALA B 160 21.89 19.72 18.52
C ALA B 160 23.13 19.17 17.82
N ASN B 161 23.99 18.41 18.52
CA ASN B 161 25.39 18.14 18.10
C ASN B 161 25.70 16.65 18.07
N MET B 162 24.69 15.76 18.07
CA MET B 162 24.90 14.28 18.10
C MET B 162 23.80 13.56 17.32
N LYS B 163 22.54 13.74 17.72
CA LYS B 163 21.36 12.94 17.26
C LYS B 163 21.34 12.84 15.72
N ASP B 164 21.40 13.98 15.02
CA ASP B 164 21.29 14.07 13.54
C ASP B 164 22.43 13.28 12.89
N ALA B 165 23.67 13.45 13.40
CA ALA B 165 24.89 12.79 12.89
C ALA B 165 24.79 11.27 13.11
N ILE B 166 24.17 10.85 14.22
CA ILE B 166 23.90 9.41 14.53
C ILE B 166 22.77 8.91 13.63
N SER B 167 21.76 9.75 13.37
CA SER B 167 20.62 9.45 12.46
C SER B 167 21.12 9.20 11.04
N ARG B 168 22.16 9.94 10.62
CA ARG B 168 22.71 9.91 9.24
C ARG B 168 23.74 8.77 9.10
N THR B 169 24.15 8.15 10.21
CA THR B 169 25.14 7.03 10.25
C THR B 169 24.59 5.81 9.52
N SER B 170 25.48 5.02 8.91
CA SER B 170 25.16 3.86 8.04
C SER B 170 24.47 2.76 8.85
N GLY B 171 23.26 2.36 8.43
CA GLY B 171 22.52 1.22 8.98
C GLY B 171 21.68 1.59 10.20
N VAL B 172 21.66 2.88 10.56
CA VAL B 172 20.86 3.41 11.72
C VAL B 172 19.44 3.71 11.23
N GLY B 173 18.45 3.02 11.78
CA GLY B 173 17.02 3.22 11.48
C GLY B 173 16.46 4.40 12.26
N ASP B 174 15.88 4.13 13.44
CA ASP B 174 15.26 5.14 14.33
C ASP B 174 16.29 5.55 15.39
N VAL B 175 16.21 6.80 15.87
CA VAL B 175 17.04 7.34 16.99
C VAL B 175 16.13 8.16 17.92
N GLN B 176 15.88 7.66 19.12
CA GLN B 176 15.09 8.35 20.18
C GLN B 176 16.05 9.12 21.10
N LEU B 177 15.69 10.36 21.45
CA LEU B 177 16.42 11.20 22.44
C LEU B 177 15.83 10.90 23.83
N PHE B 178 16.69 10.52 24.78
CA PHE B 178 16.32 10.20 26.19
C PHE B 178 16.30 11.51 26.99
N GLY B 179 15.20 12.25 26.83
CA GLY B 179 15.03 13.65 27.26
C GLY B 179 14.61 14.52 26.09
N SER B 180 14.47 15.83 26.30
CA SER B 180 14.09 16.83 25.27
C SER B 180 15.16 17.93 25.20
N GLN B 181 15.27 18.59 24.04
CA GLN B 181 16.09 19.81 23.86
C GLN B 181 15.51 20.92 24.75
N TYR B 182 16.21 22.06 24.85
CA TYR B 182 15.81 23.21 25.70
C TYR B 182 14.41 23.70 25.28
N ALA B 183 13.75 24.41 26.20
CA ALA B 183 12.54 25.22 25.96
C ALA B 183 12.72 26.56 26.68
N MET B 184 12.21 27.65 26.10
CA MET B 184 12.14 28.97 26.79
C MET B 184 11.09 28.84 27.90
N ARG B 185 11.55 28.69 29.14
CA ARG B 185 10.67 28.51 30.33
C ARG B 185 10.41 29.88 30.97
N ILE B 186 9.16 30.37 30.88
CA ILE B 186 8.67 31.55 31.64
C ILE B 186 8.06 31.01 32.95
N TRP B 187 8.69 31.33 34.09
CA TRP B 187 8.25 30.92 35.45
C TRP B 187 7.52 32.10 36.11
N MET B 188 6.20 32.18 35.93
CA MET B 188 5.34 33.32 36.35
C MET B 188 5.29 33.40 37.88
N ASN B 189 5.29 34.63 38.41
CA ASN B 189 5.07 34.95 39.84
C ASN B 189 3.69 35.57 39.98
N PRO B 190 2.75 34.94 40.74
CA PRO B 190 1.38 35.44 40.83
C PRO B 190 1.23 36.73 41.64
N ASN B 191 2.11 36.93 42.62
CA ASN B 191 2.15 38.13 43.51
C ASN B 191 2.53 39.36 42.66
N GLU B 192 3.53 39.22 41.78
CA GLU B 192 4.01 40.29 40.88
C GLU B 192 2.93 40.59 39.82
N LEU B 193 2.33 39.54 39.24
CA LEU B 193 1.22 39.66 38.24
C LEU B 193 0.05 40.44 38.86
N ASN B 194 -0.35 40.08 40.09
CA ASN B 194 -1.50 40.69 40.81
C ASN B 194 -1.21 42.18 41.08
N LYS B 195 0.05 42.52 41.35
CA LYS B 195 0.50 43.91 41.69
C LYS B 195 0.30 44.83 40.48
N PHE B 196 0.50 44.32 39.27
CA PHE B 196 0.42 45.08 38.00
C PHE B 196 -0.92 44.82 37.28
N GLN B 197 -1.84 44.10 37.95
CA GLN B 197 -3.18 43.74 37.43
C GLN B 197 -3.04 42.94 36.13
N LEU B 198 -2.13 41.96 36.12
CA LEU B 198 -1.84 41.08 34.94
C LEU B 198 -2.16 39.63 35.29
N THR B 199 -2.37 38.80 34.26
CA THR B 199 -2.70 37.36 34.35
C THR B 199 -1.84 36.58 33.35
N PRO B 200 -1.75 35.24 33.48
CA PRO B 200 -1.13 34.41 32.44
C PRO B 200 -1.66 34.69 31.02
N VAL B 201 -2.93 35.11 30.92
CA VAL B 201 -3.61 35.45 29.62
C VAL B 201 -2.84 36.60 28.94
N ASP B 202 -2.40 37.59 29.73
CA ASP B 202 -1.62 38.76 29.24
C ASP B 202 -0.23 38.30 28.82
N VAL B 203 0.42 37.47 29.65
CA VAL B 203 1.78 36.92 29.38
C VAL B 203 1.74 36.18 28.04
N ILE B 204 0.73 35.35 27.82
CA ILE B 204 0.53 34.55 26.57
C ILE B 204 0.33 35.52 25.40
N THR B 205 -0.66 36.41 25.50
CA THR B 205 -1.03 37.42 24.47
C THR B 205 0.22 38.21 24.05
N ALA B 206 1.04 38.63 25.01
CA ALA B 206 2.26 39.44 24.81
C ALA B 206 3.33 38.61 24.07
N ILE B 207 3.63 37.40 24.59
CA ILE B 207 4.64 36.46 24.01
C ILE B 207 4.27 36.15 22.56
N LYS B 208 2.98 35.90 22.29
CA LYS B 208 2.45 35.56 20.94
C LYS B 208 2.67 36.73 19.97
N ALA B 209 2.46 37.97 20.44
CA ALA B 209 2.55 39.21 19.63
C ALA B 209 4.02 39.60 19.39
N GLN B 210 4.87 39.43 20.41
CA GLN B 210 6.25 40.00 20.45
C GLN B 210 7.31 38.91 20.19
N ASN B 211 6.90 37.64 20.07
CA ASN B 211 7.77 36.52 19.62
C ASN B 211 7.05 35.80 18.47
N ALA B 212 7.24 36.30 17.23
CA ALA B 212 6.54 35.80 16.03
C ALA B 212 7.35 36.15 14.76
N GLN B 213 7.21 35.32 13.73
CA GLN B 213 7.67 35.59 12.34
C GLN B 213 6.49 36.23 11.58
N VAL B 214 6.64 37.51 11.22
CA VAL B 214 5.59 38.31 10.53
C VAL B 214 6.02 38.53 9.07
N ALA B 215 5.18 38.11 8.12
CA ALA B 215 5.38 38.26 6.66
C ALA B 215 5.08 39.70 6.26
N ALA B 216 6.08 40.41 5.72
CA ALA B 216 5.94 41.77 5.15
C ALA B 216 5.64 41.65 3.65
N GLY B 217 6.69 41.69 2.81
CA GLY B 217 6.56 41.58 1.35
C GLY B 217 7.89 41.79 0.66
N GLN B 218 7.90 42.59 -0.41
CA GLN B 218 9.12 42.93 -1.20
C GLN B 218 9.09 44.41 -1.56
N LEU B 219 10.27 45.06 -1.60
CA LEU B 219 10.51 46.28 -2.39
C LEU B 219 10.50 45.87 -3.87
N GLY B 220 9.83 46.65 -4.73
CA GLY B 220 9.76 46.40 -6.18
C GLY B 220 9.32 44.97 -6.50
N GLY B 221 8.29 44.48 -5.82
CA GLY B 221 7.64 43.19 -6.12
C GLY B 221 6.74 43.31 -7.34
N THR B 222 6.47 42.18 -8.00
CA THR B 222 5.59 42.12 -9.20
C THR B 222 4.14 42.25 -8.76
N PRO B 223 3.25 42.93 -9.52
CA PRO B 223 3.64 43.68 -10.72
C PRO B 223 4.30 45.01 -10.36
N PRO B 224 5.51 45.30 -10.91
CA PRO B 224 6.25 46.51 -10.53
C PRO B 224 5.83 47.74 -11.35
N VAL B 225 6.27 48.93 -10.93
CA VAL B 225 6.33 50.14 -11.79
C VAL B 225 7.54 49.98 -12.71
N LYS B 226 7.31 49.73 -14.00
CA LYS B 226 8.38 49.57 -15.02
C LYS B 226 9.36 50.73 -14.87
N GLY B 227 10.66 50.42 -14.75
CA GLY B 227 11.73 51.38 -14.42
C GLY B 227 12.28 51.14 -13.03
N GLN B 228 11.64 50.28 -12.24
CA GLN B 228 12.12 49.80 -10.92
C GLN B 228 13.52 49.19 -11.10
N GLN B 229 14.47 49.56 -10.25
CA GLN B 229 15.89 49.12 -10.28
C GLN B 229 16.12 47.98 -9.27
N LEU B 230 15.33 47.95 -8.19
CA LEU B 230 15.59 47.14 -6.97
C LEU B 230 14.42 46.20 -6.70
N ASN B 231 14.72 44.94 -6.40
CA ASN B 231 13.75 43.93 -5.87
C ASN B 231 14.38 43.23 -4.67
N ALA B 232 14.02 43.65 -3.45
CA ALA B 232 14.56 43.14 -2.18
C ALA B 232 13.43 42.59 -1.30
N SER B 233 13.69 41.51 -0.57
CA SER B 233 12.78 40.92 0.45
C SER B 233 12.72 41.86 1.65
N ILE B 234 11.51 42.16 2.14
CA ILE B 234 11.30 42.97 3.38
C ILE B 234 11.25 42.01 4.57
N ILE B 235 12.26 42.07 5.44
CA ILE B 235 12.31 41.31 6.72
C ILE B 235 11.68 42.20 7.80
N ALA B 236 10.51 41.80 8.32
CA ALA B 236 9.81 42.49 9.43
C ALA B 236 10.21 41.81 10.75
N GLN B 237 9.27 41.70 11.70
CA GLN B 237 9.49 41.01 13.01
C GLN B 237 9.86 39.55 12.75
N THR B 238 10.85 39.03 13.48
CA THR B 238 11.27 37.61 13.50
C THR B 238 11.22 37.10 14.95
N ARG B 239 11.31 35.78 15.14
CA ARG B 239 11.25 35.12 16.47
C ARG B 239 12.44 35.56 17.32
N LEU B 240 12.24 35.65 18.64
CA LEU B 240 13.28 36.01 19.64
C LEU B 240 14.24 34.82 19.80
N THR B 241 15.49 35.07 20.21
CA THR B 241 16.61 34.09 20.15
C THR B 241 17.30 33.91 21.50
N SER B 242 16.83 34.57 22.57
CA SER B 242 17.53 34.60 23.90
C SER B 242 16.54 34.91 25.03
N THR B 243 16.91 34.50 26.25
CA THR B 243 16.18 34.79 27.51
C THR B 243 16.09 36.30 27.72
N GLU B 244 17.16 37.03 27.40
CA GLU B 244 17.27 38.51 27.54
C GLU B 244 16.13 39.17 26.76
N GLU B 245 15.91 38.75 25.51
CA GLU B 245 14.87 39.30 24.59
C GLU B 245 13.48 39.02 25.16
N PHE B 246 13.24 37.79 25.62
CA PHE B 246 11.96 37.35 26.25
C PHE B 246 11.71 38.17 27.51
N GLY B 247 12.77 38.47 28.27
CA GLY B 247 12.73 39.32 29.47
C GLY B 247 12.17 40.71 29.18
N LYS B 248 12.52 41.28 28.02
CA LYS B 248 12.19 42.69 27.63
C LYS B 248 10.79 42.77 27.00
N ILE B 249 10.09 41.65 26.84
CA ILE B 249 8.68 41.61 26.33
C ILE B 249 7.83 42.55 27.19
N LEU B 250 7.21 43.55 26.56
CA LEU B 250 6.37 44.60 27.22
C LEU B 250 4.98 44.02 27.51
N LEU B 251 4.53 44.09 28.77
CA LEU B 251 3.21 43.58 29.22
C LEU B 251 2.23 44.74 29.39
N LYS B 252 2.66 45.85 30.01
CA LYS B 252 1.84 47.08 30.16
C LYS B 252 2.74 48.28 30.48
N VAL B 253 2.30 49.48 30.09
CA VAL B 253 2.85 50.80 30.53
C VAL B 253 1.87 51.38 31.55
N ASN B 254 2.35 51.71 32.77
CA ASN B 254 1.53 52.21 33.89
C ASN B 254 1.05 53.64 33.59
N GLN B 255 0.19 54.19 34.45
CA GLN B 255 -0.37 55.56 34.35
C GLN B 255 0.77 56.59 34.47
N ASP B 256 1.79 56.28 35.28
CA ASP B 256 2.92 57.19 35.64
C ASP B 256 4.10 57.01 34.66
N GLY B 257 3.95 56.17 33.62
CA GLY B 257 4.90 56.07 32.50
C GLY B 257 5.85 54.88 32.63
N SER B 258 6.06 54.37 33.86
CA SER B 258 6.95 53.21 34.15
C SER B 258 6.48 51.97 33.38
N ARG B 259 7.43 51.16 32.91
CA ARG B 259 7.19 50.00 32.00
C ARG B 259 7.23 48.69 32.80
N VAL B 260 6.28 47.79 32.55
CA VAL B 260 6.21 46.42 33.13
C VAL B 260 6.66 45.42 32.05
N LEU B 261 7.83 44.80 32.23
CA LEU B 261 8.42 43.80 31.30
C LEU B 261 8.12 42.39 31.83
N LEU B 262 8.32 41.36 31.01
CA LEU B 262 8.03 39.95 31.35
C LEU B 262 8.94 39.47 32.48
N ARG B 263 10.16 40.02 32.58
CA ARG B 263 11.17 39.65 33.62
C ARG B 263 10.72 40.17 35.00
N ASP B 264 9.86 41.20 35.03
CA ASP B 264 9.36 41.83 36.28
C ASP B 264 8.33 40.92 36.96
N VAL B 265 7.70 39.99 36.23
CA VAL B 265 6.59 39.14 36.74
C VAL B 265 6.91 37.65 36.56
N ALA B 266 8.13 37.29 36.14
CA ALA B 266 8.52 35.90 35.86
C ALA B 266 10.04 35.73 35.80
N LYS B 267 10.56 34.66 36.41
CA LYS B 267 11.92 34.13 36.19
C LYS B 267 11.96 33.51 34.79
N ILE B 268 12.99 33.82 34.00
CA ILE B 268 13.13 33.41 32.57
C ILE B 268 14.48 32.71 32.38
N GLU B 269 14.44 31.42 32.03
CA GLU B 269 15.65 30.59 31.77
C GLU B 269 15.36 29.57 30.67
N LEU B 270 16.41 29.04 30.04
CA LEU B 270 16.35 27.82 29.19
C LEU B 270 16.24 26.60 30.12
N GLY B 271 15.19 25.80 29.94
CA GLY B 271 14.95 24.56 30.71
C GLY B 271 14.57 23.41 29.80
N GLY B 272 14.05 22.32 30.37
CA GLY B 272 13.52 21.16 29.62
C GLY B 272 12.04 21.34 29.33
N GLU B 273 11.55 20.69 28.28
CA GLU B 273 10.10 20.67 27.91
C GLU B 273 9.33 19.93 29.00
N ASN B 274 9.92 18.85 29.53
CA ASN B 274 9.33 17.97 30.57
C ASN B 274 10.26 17.94 31.79
N TYR B 275 9.70 17.96 33.00
CA TYR B 275 10.44 17.83 34.28
C TYR B 275 9.96 16.59 35.06
N ASP B 276 9.08 15.78 34.46
CA ASP B 276 8.45 14.58 35.08
C ASP B 276 9.49 13.45 35.17
N ILE B 277 10.27 13.25 34.09
CA ILE B 277 11.27 12.15 33.97
C ILE B 277 12.66 12.69 34.34
N ILE B 278 13.20 12.25 35.47
CA ILE B 278 14.60 12.53 35.93
C ILE B 278 15.44 11.28 35.70
N ALA B 279 16.40 11.35 34.76
CA ALA B 279 17.33 10.26 34.39
C ALA B 279 18.68 10.49 35.07
N GLU B 280 19.24 9.43 35.67
CA GLU B 280 20.58 9.44 36.33
C GLU B 280 21.36 8.19 35.90
N PHE B 281 22.69 8.29 35.88
CA PHE B 281 23.64 7.19 35.54
C PHE B 281 24.74 7.17 36.61
N ASN B 282 24.64 6.24 37.57
CA ASN B 282 25.53 6.15 38.76
C ASN B 282 25.44 7.47 39.54
N GLY B 283 24.22 8.02 39.68
CA GLY B 283 23.94 9.23 40.47
C GLY B 283 24.14 10.52 39.68
N GLN B 284 24.84 10.46 38.54
CA GLN B 284 25.21 11.64 37.71
C GLN B 284 24.11 11.95 36.71
N PRO B 285 23.77 13.24 36.47
CA PRO B 285 22.80 13.61 35.44
C PRO B 285 23.17 13.03 34.07
N ALA B 286 22.18 12.48 33.35
CA ALA B 286 22.39 11.71 32.10
C ALA B 286 21.20 11.92 31.13
N SER B 287 21.51 11.99 29.84
CA SER B 287 20.57 11.83 28.70
C SER B 287 20.97 10.55 27.95
N GLY B 288 20.71 10.50 26.64
CA GLY B 288 21.19 9.41 25.77
C GLY B 288 20.39 9.28 24.48
N LEU B 289 20.79 8.34 23.62
CA LEU B 289 20.12 7.99 22.34
C LEU B 289 19.74 6.51 22.37
N GLY B 290 18.47 6.20 22.09
CA GLY B 290 17.97 4.84 21.81
C GLY B 290 18.05 4.54 20.32
N ILE B 291 19.04 3.77 19.89
CA ILE B 291 19.33 3.48 18.46
C ILE B 291 18.75 2.12 18.09
N LYS B 292 17.98 2.07 16.99
CA LYS B 292 17.39 0.83 16.40
C LYS B 292 18.07 0.56 15.06
N LEU B 293 18.25 -0.72 14.71
CA LEU B 293 18.90 -1.17 13.45
C LEU B 293 17.93 -0.95 12.28
N ALA B 294 18.41 -0.38 11.17
CA ALA B 294 17.63 -0.15 9.92
C ALA B 294 17.38 -1.49 9.23
N THR B 295 16.29 -1.58 8.45
CA THR B 295 15.88 -2.79 7.68
C THR B 295 17.05 -3.24 6.79
N GLY B 296 17.45 -4.51 6.90
CA GLY B 296 18.47 -5.15 6.07
C GLY B 296 19.86 -4.59 6.31
N ALA B 297 20.11 -4.03 7.50
CA ALA B 297 21.41 -3.46 7.91
C ALA B 297 22.23 -4.52 8.67
N ASN B 298 23.54 -4.30 8.79
CA ASN B 298 24.49 -5.18 9.51
C ASN B 298 24.69 -4.62 10.92
N ALA B 299 24.26 -5.37 11.94
CA ALA B 299 24.30 -4.97 13.37
C ALA B 299 25.73 -4.68 13.82
N LEU B 300 26.70 -5.46 13.32
CA LEU B 300 28.14 -5.33 13.69
C LEU B 300 28.70 -4.05 13.06
N ASP B 301 28.42 -3.82 11.77
CA ASP B 301 28.89 -2.64 11.00
C ASP B 301 28.29 -1.36 11.59
N THR B 302 26.96 -1.33 11.75
CA THR B 302 26.19 -0.17 12.27
C THR B 302 26.75 0.25 13.63
N ALA B 303 26.98 -0.70 14.53
CA ALA B 303 27.52 -0.48 15.89
C ALA B 303 28.91 0.17 15.79
N ALA B 304 29.79 -0.41 14.96
CA ALA B 304 31.16 0.09 14.69
C ALA B 304 31.09 1.53 14.14
N ALA B 305 30.15 1.78 13.22
CA ALA B 305 29.93 3.09 12.56
C ALA B 305 29.47 4.12 13.60
N ILE B 306 28.52 3.75 14.46
CA ILE B 306 27.99 4.61 15.56
C ILE B 306 29.15 5.02 16.48
N ARG B 307 30.07 4.08 16.77
CA ARG B 307 31.25 4.30 17.63
C ARG B 307 32.25 5.22 16.91
N ALA B 308 32.45 5.02 15.60
CA ALA B 308 33.35 5.83 14.75
C ALA B 308 32.88 7.28 14.71
N GLU B 309 31.56 7.50 14.68
CA GLU B 309 30.93 8.85 14.63
C GLU B 309 31.05 9.52 16.00
N LEU B 310 30.82 8.77 17.08
CA LEU B 310 30.94 9.27 18.49
C LEU B 310 32.40 9.65 18.77
N ALA B 311 33.36 8.92 18.19
CA ALA B 311 34.82 9.19 18.29
C ALA B 311 35.13 10.56 17.66
N LYS B 312 34.50 10.88 16.53
CA LYS B 312 34.72 12.15 15.77
C LYS B 312 34.02 13.32 16.48
N MET B 313 33.08 13.04 17.39
CA MET B 313 32.36 14.06 18.20
C MET B 313 33.11 14.32 19.52
N GLU B 314 34.01 13.41 19.93
CA GLU B 314 34.79 13.48 21.19
C GLU B 314 35.44 14.85 21.34
N PRO B 315 36.16 15.37 20.31
CA PRO B 315 36.89 16.63 20.44
C PRO B 315 36.03 17.87 20.70
N PHE B 316 34.72 17.82 20.41
CA PHE B 316 33.79 18.98 20.46
C PHE B 316 32.90 18.93 21.71
N PHE B 317 32.98 17.86 22.52
CA PHE B 317 32.20 17.69 23.76
C PHE B 317 32.62 18.75 24.78
N PRO B 318 31.66 19.39 25.49
CA PRO B 318 31.99 20.19 26.67
C PRO B 318 32.65 19.33 27.76
N SER B 319 33.48 19.95 28.61
CA SER B 319 34.23 19.28 29.71
C SER B 319 33.23 18.63 30.69
N GLY B 320 33.47 17.36 31.03
CA GLY B 320 32.63 16.57 31.95
C GLY B 320 31.73 15.58 31.22
N LEU B 321 31.48 15.80 29.93
CA LEU B 321 30.56 14.97 29.09
C LEU B 321 31.30 13.69 28.66
N LYS B 322 30.73 12.52 28.98
CA LYS B 322 31.29 11.19 28.64
C LYS B 322 30.21 10.35 27.95
N ILE B 323 30.64 9.47 27.04
CA ILE B 323 29.77 8.46 26.35
C ILE B 323 29.89 7.14 27.11
N VAL B 324 28.75 6.48 27.36
CA VAL B 324 28.66 5.15 28.05
C VAL B 324 27.67 4.27 27.26
N TYR B 325 27.78 2.95 27.43
CA TYR B 325 27.02 1.94 26.65
C TYR B 325 26.32 0.97 27.62
N PRO B 326 25.26 1.42 28.33
CA PRO B 326 24.54 0.57 29.28
C PRO B 326 23.85 -0.65 28.64
N TYR B 327 23.46 -0.53 27.37
CA TYR B 327 22.80 -1.60 26.58
C TYR B 327 23.40 -1.63 25.17
N ASP B 328 23.89 -2.79 24.74
CA ASP B 328 24.47 -3.03 23.39
C ASP B 328 24.34 -4.52 23.07
N THR B 329 23.59 -4.84 22.01
CA THR B 329 23.31 -6.23 21.55
C THR B 329 24.50 -6.78 20.76
N THR B 330 25.37 -5.90 20.25
CA THR B 330 26.49 -6.23 19.33
C THR B 330 27.45 -7.20 20.01
N PRO B 331 27.96 -6.91 21.24
CA PRO B 331 28.78 -7.87 21.98
C PRO B 331 28.21 -9.30 21.98
N PHE B 332 26.91 -9.44 22.20
CA PHE B 332 26.17 -10.73 22.21
C PHE B 332 26.20 -11.35 20.80
N VAL B 333 25.82 -10.58 19.78
CA VAL B 333 25.70 -11.03 18.36
C VAL B 333 27.08 -11.47 17.84
N LYS B 334 28.14 -10.76 18.25
CA LYS B 334 29.55 -11.05 17.83
C LYS B 334 29.96 -12.42 18.40
N ILE B 335 29.66 -12.68 19.68
CA ILE B 335 29.95 -13.96 20.38
C ILE B 335 29.11 -15.08 19.75
N SER B 336 27.83 -14.82 19.46
CA SER B 336 26.89 -15.77 18.82
C SER B 336 27.49 -16.33 17.53
N ILE B 337 28.14 -15.47 16.73
CA ILE B 337 28.73 -15.83 15.41
C ILE B 337 30.03 -16.62 15.63
N HIS B 338 30.93 -16.13 16.49
CA HIS B 338 32.24 -16.75 16.81
C HIS B 338 32.04 -18.18 17.31
N GLU B 339 31.05 -18.40 18.20
CA GLU B 339 30.75 -19.71 18.83
C GLU B 339 30.14 -20.67 17.79
N VAL B 340 29.51 -20.14 16.73
CA VAL B 340 28.89 -20.94 15.63
C VAL B 340 29.97 -21.32 14.61
N VAL B 341 30.78 -20.35 14.17
CA VAL B 341 31.93 -20.57 13.24
C VAL B 341 32.90 -21.57 13.91
N LYS B 342 33.12 -21.43 15.22
CA LYS B 342 33.92 -22.36 16.07
C LYS B 342 33.33 -23.77 15.97
N THR B 343 32.03 -23.91 16.17
CA THR B 343 31.28 -25.20 16.17
C THR B 343 31.39 -25.87 14.79
N LEU B 344 31.27 -25.09 13.70
CA LEU B 344 31.27 -25.60 12.30
C LEU B 344 32.69 -25.96 11.86
N VAL B 345 33.71 -25.33 12.46
CA VAL B 345 35.16 -25.63 12.21
C VAL B 345 35.55 -26.86 13.04
N GLU B 346 35.24 -26.86 14.34
CA GLU B 346 35.48 -27.99 15.28
C GLU B 346 34.84 -29.27 14.73
N ALA B 347 33.60 -29.18 14.24
CA ALA B 347 32.84 -30.28 13.61
C ALA B 347 33.68 -30.92 12.51
N ILE B 348 34.19 -30.10 11.58
CA ILE B 348 35.02 -30.55 10.41
C ILE B 348 36.33 -31.16 10.93
N ILE B 349 36.94 -30.56 11.96
CA ILE B 349 38.18 -31.06 12.62
C ILE B 349 37.91 -32.44 13.23
N LEU B 350 36.76 -32.60 13.91
CA LEU B 350 36.37 -33.87 14.58
C LEU B 350 36.08 -34.95 13.53
N VAL B 351 35.37 -34.59 12.45
CA VAL B 351 35.06 -35.52 11.32
C VAL B 351 36.36 -36.06 10.74
N PHE B 352 37.34 -35.16 10.51
CA PHE B 352 38.71 -35.52 10.02
C PHE B 352 39.31 -36.61 10.91
N LEU B 353 39.30 -36.39 12.24
CA LEU B 353 39.89 -37.30 13.25
C LEU B 353 39.15 -38.64 13.24
N VAL B 354 37.82 -38.62 13.22
CA VAL B 354 36.96 -39.83 13.19
C VAL B 354 37.16 -40.56 11.86
N MET B 355 37.07 -39.83 10.74
CA MET B 355 37.26 -40.38 9.36
C MET B 355 38.61 -41.10 9.30
N TYR B 356 39.66 -40.52 9.87
CA TYR B 356 41.05 -41.07 9.90
C TYR B 356 41.11 -42.27 10.83
N LEU B 357 40.53 -42.15 12.04
CA LEU B 357 40.52 -43.20 13.09
C LEU B 357 40.05 -44.53 12.49
N PHE B 358 39.02 -44.51 11.65
CA PHE B 358 38.35 -45.71 11.06
C PHE B 358 38.98 -46.07 9.71
N LEU B 359 39.01 -45.11 8.76
CA LEU B 359 39.37 -45.36 7.34
C LEU B 359 40.88 -45.29 7.14
N GLN B 360 41.59 -44.52 7.97
CA GLN B 360 43.07 -44.53 8.11
C GLN B 360 43.73 -44.21 6.75
N ASN B 361 43.27 -43.16 6.08
CA ASN B 361 43.92 -42.57 4.87
C ASN B 361 43.45 -41.12 4.74
N PHE B 362 44.39 -40.18 4.53
CA PHE B 362 44.15 -38.73 4.53
C PHE B 362 43.27 -38.32 3.33
N ARG B 363 43.43 -39.00 2.20
CA ARG B 363 42.65 -38.73 0.95
C ARG B 363 41.15 -38.83 1.22
N ALA B 364 40.73 -39.77 2.08
CA ALA B 364 39.32 -40.02 2.45
C ALA B 364 38.81 -38.89 3.36
N THR B 365 39.66 -38.38 4.25
CA THR B 365 39.31 -37.35 5.27
C THR B 365 39.09 -35.99 4.61
N LEU B 366 39.66 -35.77 3.42
CA LEU B 366 39.57 -34.49 2.66
C LEU B 366 38.17 -34.31 2.06
N ILE B 367 37.47 -35.42 1.73
CA ILE B 367 36.19 -35.40 0.96
C ILE B 367 35.09 -34.73 1.78
N PRO B 368 34.86 -35.11 3.06
CA PRO B 368 33.94 -34.37 3.93
C PRO B 368 34.41 -32.93 4.22
N THR B 369 35.73 -32.74 4.36
CA THR B 369 36.38 -31.44 4.66
C THR B 369 36.12 -30.45 3.51
N ILE B 370 35.88 -30.96 2.29
CA ILE B 370 35.50 -30.15 1.09
C ILE B 370 33.97 -30.03 1.02
N ALA B 371 33.27 -31.16 1.12
CA ALA B 371 31.81 -31.30 0.87
C ALA B 371 31.00 -30.46 1.87
N VAL B 372 31.39 -30.45 3.15
CA VAL B 372 30.61 -29.79 4.24
C VAL B 372 30.65 -28.27 4.05
N PRO B 373 31.84 -27.61 4.00
CA PRO B 373 31.91 -26.17 3.78
C PRO B 373 31.16 -25.69 2.52
N VAL B 374 31.21 -26.47 1.44
CA VAL B 374 30.50 -26.19 0.15
C VAL B 374 28.99 -26.11 0.43
N VAL B 375 28.47 -27.06 1.22
CA VAL B 375 27.01 -27.15 1.57
C VAL B 375 26.66 -25.97 2.48
N LEU B 376 27.49 -25.69 3.49
CA LEU B 376 27.30 -24.57 4.45
C LEU B 376 27.27 -23.24 3.70
N LEU B 377 28.27 -22.97 2.86
CA LEU B 377 28.35 -21.76 2.00
C LEU B 377 27.09 -21.67 1.13
N GLY B 378 26.74 -22.77 0.46
CA GLY B 378 25.52 -22.89 -0.38
C GLY B 378 24.27 -22.47 0.37
N THR B 379 24.16 -22.88 1.64
CA THR B 379 23.01 -22.59 2.53
C THR B 379 22.85 -21.06 2.68
N PHE B 380 23.95 -20.36 2.98
CA PHE B 380 24.01 -18.89 3.13
C PHE B 380 23.42 -18.21 1.89
N ALA B 381 23.78 -18.71 0.70
CA ALA B 381 23.28 -18.20 -0.61
C ALA B 381 21.76 -18.38 -0.70
N VAL B 382 21.25 -19.53 -0.25
CA VAL B 382 19.80 -19.89 -0.30
C VAL B 382 19.04 -19.09 0.76
N LEU B 383 19.68 -18.78 1.90
CA LEU B 383 19.11 -17.88 2.95
C LEU B 383 18.93 -16.48 2.37
N ALA B 384 19.95 -15.97 1.65
CA ALA B 384 19.95 -14.65 0.99
C ALA B 384 18.85 -14.59 -0.07
N ALA B 385 18.70 -15.66 -0.86
CA ALA B 385 17.69 -15.80 -1.94
C ALA B 385 16.27 -15.65 -1.37
N PHE B 386 16.02 -16.25 -0.20
CA PHE B 386 14.70 -16.25 0.50
C PHE B 386 14.54 -14.95 1.32
N GLY B 387 15.59 -14.12 1.38
CA GLY B 387 15.56 -12.79 2.03
C GLY B 387 15.76 -12.87 3.53
N PHE B 388 16.33 -13.98 4.03
CA PHE B 388 16.63 -14.20 5.47
C PHE B 388 17.91 -13.45 5.83
N SER B 389 18.23 -13.41 7.14
CA SER B 389 19.40 -12.71 7.72
C SER B 389 20.21 -13.67 8.59
N ILE B 390 21.52 -13.45 8.71
CA ILE B 390 22.40 -14.10 9.72
C ILE B 390 21.94 -13.60 11.09
N ASN B 391 21.32 -14.48 11.90
CA ASN B 391 20.79 -14.14 13.24
C ASN B 391 20.82 -15.38 14.14
N THR B 392 20.60 -15.18 15.44
CA THR B 392 20.64 -16.23 16.50
C THR B 392 19.90 -17.49 16.03
N LEU B 393 18.71 -17.33 15.45
CA LEU B 393 17.81 -18.45 15.08
C LEU B 393 18.38 -19.19 13.86
N THR B 394 18.76 -18.46 12.81
CA THR B 394 19.30 -19.03 11.53
C THR B 394 20.69 -19.64 11.78
N MET B 395 21.47 -19.07 12.69
CA MET B 395 22.85 -19.54 12.97
CA MET B 395 22.86 -19.52 13.02
C MET B 395 22.79 -20.86 13.76
N PHE B 396 21.97 -20.92 14.80
CA PHE B 396 21.76 -22.15 15.62
C PHE B 396 21.00 -23.19 14.79
N GLY B 397 20.27 -22.75 13.76
CA GLY B 397 19.64 -23.63 12.76
C GLY B 397 20.67 -24.47 12.01
N MET B 398 21.81 -23.88 11.67
CA MET B 398 22.95 -24.57 10.99
C MET B 398 23.68 -25.48 11.98
N VAL B 399 23.87 -25.03 13.22
CA VAL B 399 24.52 -25.79 14.32
C VAL B 399 23.76 -27.11 14.54
N LEU B 400 22.42 -27.05 14.49
CA LEU B 400 21.53 -28.23 14.65
C LEU B 400 21.58 -29.10 13.39
N ALA B 401 21.91 -28.52 12.24
CA ALA B 401 21.91 -29.17 10.91
C ALA B 401 23.25 -29.87 10.65
N ILE B 402 24.32 -29.51 11.37
CA ILE B 402 25.71 -30.01 11.14
C ILE B 402 25.73 -31.54 11.24
N GLY B 403 24.87 -32.13 12.09
CA GLY B 403 24.69 -33.59 12.21
C GLY B 403 24.27 -34.21 10.89
N LEU B 404 23.33 -33.58 10.18
CA LEU B 404 22.75 -34.06 8.90
C LEU B 404 23.78 -33.91 7.77
N LEU B 405 24.56 -32.81 7.79
CA LEU B 405 25.54 -32.46 6.72
C LEU B 405 26.75 -33.38 6.80
N VAL B 406 27.25 -33.62 8.02
CA VAL B 406 28.41 -34.51 8.32
C VAL B 406 28.04 -35.95 7.91
N ASP B 407 26.81 -36.39 8.22
CA ASP B 407 26.31 -37.75 7.94
C ASP B 407 26.35 -38.01 6.43
N ASP B 408 25.79 -37.10 5.63
CA ASP B 408 25.74 -37.20 4.14
C ASP B 408 27.15 -37.48 3.59
N ALA B 409 28.15 -36.75 4.08
CA ALA B 409 29.57 -36.89 3.69
C ALA B 409 30.08 -38.28 4.10
N ILE B 410 29.97 -38.61 5.39
CA ILE B 410 30.44 -39.91 5.98
C ILE B 410 29.77 -41.06 5.24
N VAL B 411 28.44 -41.05 5.16
CA VAL B 411 27.60 -42.15 4.58
C VAL B 411 28.14 -42.53 3.19
N VAL B 412 28.42 -41.54 2.34
CA VAL B 412 28.83 -41.74 0.92
C VAL B 412 30.24 -42.34 0.87
N VAL B 413 31.21 -41.70 1.54
CA VAL B 413 32.65 -42.08 1.51
C VAL B 413 32.81 -43.46 2.16
N GLU B 414 32.24 -43.66 3.35
CA GLU B 414 32.33 -44.92 4.14
C GLU B 414 31.85 -46.10 3.29
N ASN B 415 30.73 -45.93 2.58
CA ASN B 415 30.09 -46.99 1.76
C ASN B 415 31.00 -47.35 0.58
N VAL B 416 31.78 -46.39 0.07
CA VAL B 416 32.78 -46.61 -1.03
C VAL B 416 33.97 -47.38 -0.45
N GLU B 417 34.46 -46.97 0.71
CA GLU B 417 35.61 -47.60 1.43
C GLU B 417 35.28 -49.05 1.77
N ARG B 418 34.02 -49.34 2.09
CA ARG B 418 33.52 -50.71 2.42
C ARG B 418 33.43 -51.53 1.13
N VAL B 419 32.72 -51.03 0.12
CA VAL B 419 32.49 -51.72 -1.19
C VAL B 419 33.86 -52.08 -1.82
N MET B 420 34.85 -51.20 -1.69
CA MET B 420 36.24 -51.44 -2.18
C MET B 420 36.88 -52.56 -1.36
N ALA B 421 36.78 -52.50 -0.02
CA ALA B 421 37.42 -53.42 0.93
C ALA B 421 36.89 -54.85 0.76
N GLU B 422 35.60 -55.00 0.46
CA GLU B 422 34.89 -56.31 0.47
C GLU B 422 34.90 -56.96 -0.92
N GLU B 423 35.07 -56.18 -1.99
CA GLU B 423 34.96 -56.68 -3.39
C GLU B 423 36.19 -56.29 -4.22
N GLY B 424 37.19 -55.64 -3.61
CA GLY B 424 38.46 -55.25 -4.27
C GLY B 424 38.25 -54.55 -5.60
N LEU B 425 37.21 -53.70 -5.69
CA LEU B 425 36.87 -52.94 -6.93
C LEU B 425 37.68 -51.65 -6.97
N PRO B 426 38.05 -51.15 -8.17
CA PRO B 426 38.74 -49.85 -8.28
C PRO B 426 37.84 -48.69 -7.83
N PRO B 427 38.42 -47.58 -7.31
CA PRO B 427 37.65 -46.44 -6.81
C PRO B 427 36.48 -45.98 -7.68
N LYS B 428 36.62 -46.02 -9.01
CA LYS B 428 35.58 -45.53 -9.96
C LYS B 428 34.37 -46.46 -9.94
N GLU B 429 34.56 -47.76 -10.24
CA GLU B 429 33.48 -48.77 -10.29
C GLU B 429 32.92 -49.01 -8.89
N ALA B 430 33.77 -48.91 -7.86
CA ALA B 430 33.39 -49.04 -6.43
C ALA B 430 32.41 -47.93 -6.05
N THR B 431 32.68 -46.69 -6.49
CA THR B 431 31.83 -45.49 -6.25
C THR B 431 30.48 -45.66 -6.96
N ARG B 432 30.50 -46.08 -8.23
CA ARG B 432 29.27 -46.37 -9.03
C ARG B 432 28.36 -47.31 -8.23
N LYS B 433 28.91 -48.43 -7.78
CA LYS B 433 28.18 -49.51 -7.06
C LYS B 433 27.72 -48.98 -5.69
N SER B 434 28.63 -48.33 -4.95
CA SER B 434 28.36 -47.69 -3.63
C SER B 434 27.17 -46.74 -3.74
N MET B 435 27.21 -45.79 -4.68
CA MET B 435 26.14 -44.81 -4.94
C MET B 435 24.87 -45.53 -5.40
N GLY B 436 25.02 -46.57 -6.22
CA GLY B 436 23.91 -47.44 -6.68
C GLY B 436 23.06 -47.92 -5.52
N GLN B 437 23.69 -48.25 -4.38
CA GLN B 437 23.05 -48.85 -3.18
C GLN B 437 22.30 -47.77 -2.37
N ILE B 438 22.73 -46.51 -2.44
CA ILE B 438 22.29 -45.43 -1.48
C ILE B 438 21.58 -44.28 -2.20
N GLN B 439 21.76 -44.10 -3.52
CA GLN B 439 21.28 -42.89 -4.25
C GLN B 439 19.77 -42.73 -4.04
N GLY B 440 19.00 -43.81 -4.18
CA GLY B 440 17.54 -43.83 -4.03
C GLY B 440 17.12 -43.49 -2.60
N ALA B 441 17.85 -44.03 -1.60
CA ALA B 441 17.63 -43.80 -0.17
C ALA B 441 17.84 -42.31 0.16
N LEU B 442 18.91 -41.71 -0.35
CA LEU B 442 19.29 -40.30 -0.12
C LEU B 442 18.18 -39.36 -0.64
N VAL B 443 17.59 -39.69 -1.79
CA VAL B 443 16.41 -38.95 -2.37
C VAL B 443 15.22 -39.12 -1.42
N GLY B 444 14.91 -40.37 -1.05
CA GLY B 444 13.85 -40.70 -0.07
C GLY B 444 14.05 -39.98 1.24
N ILE B 445 15.30 -39.94 1.72
CA ILE B 445 15.71 -39.28 3.00
C ILE B 445 15.41 -37.78 2.92
N ALA B 446 15.75 -37.15 1.79
CA ALA B 446 15.50 -35.71 1.51
C ALA B 446 14.00 -35.42 1.66
N MET B 447 13.17 -36.23 1.02
CA MET B 447 11.69 -36.09 1.00
C MET B 447 11.13 -36.28 2.42
N VAL B 448 11.64 -37.26 3.16
CA VAL B 448 11.22 -37.59 4.55
C VAL B 448 11.58 -36.41 5.47
N LEU B 449 12.84 -35.97 5.42
CA LEU B 449 13.36 -34.85 6.26
C LEU B 449 12.65 -33.54 5.89
N SER B 450 12.33 -33.34 4.59
CA SER B 450 11.53 -32.20 4.09
C SER B 450 10.15 -32.22 4.75
N ALA B 451 9.51 -33.39 4.80
CA ALA B 451 8.17 -33.62 5.39
C ALA B 451 8.20 -33.39 6.91
N VAL B 452 9.37 -33.52 7.53
CA VAL B 452 9.58 -33.31 9.00
C VAL B 452 9.65 -31.81 9.30
N PHE B 453 10.40 -31.04 8.50
CA PHE B 453 10.82 -29.65 8.82
C PHE B 453 9.94 -28.61 8.12
N VAL B 454 9.49 -28.86 6.88
CA VAL B 454 8.72 -27.87 6.07
C VAL B 454 7.44 -27.48 6.80
N PRO B 455 6.65 -28.44 7.36
CA PRO B 455 5.41 -28.09 8.06
C PRO B 455 5.62 -27.17 9.27
N MET B 456 6.83 -27.18 9.85
CA MET B 456 7.23 -26.33 11.00
C MET B 456 7.18 -24.85 10.60
N ALA B 457 7.36 -24.53 9.32
CA ALA B 457 7.35 -23.16 8.76
C ALA B 457 5.92 -22.60 8.73
N PHE B 458 4.92 -23.47 8.64
CA PHE B 458 3.50 -23.11 8.38
C PHE B 458 2.72 -22.89 9.70
N PHE B 459 3.43 -22.80 10.83
CA PHE B 459 2.87 -22.28 12.11
C PHE B 459 2.66 -20.77 11.95
N GLY B 460 1.62 -20.22 12.60
CA GLY B 460 1.22 -18.81 12.50
C GLY B 460 1.64 -18.02 13.73
N GLY B 461 1.51 -16.69 13.68
CA GLY B 461 1.84 -15.78 14.79
C GLY B 461 3.34 -15.62 14.98
N SER B 462 3.77 -15.21 16.17
CA SER B 462 5.19 -14.96 16.55
C SER B 462 5.97 -16.27 16.53
N THR B 463 5.45 -17.30 17.22
CA THR B 463 6.07 -18.65 17.33
C THR B 463 6.27 -19.23 15.93
N GLY B 464 5.29 -19.03 15.05
CA GLY B 464 5.35 -19.41 13.62
C GLY B 464 6.56 -18.83 12.92
N ALA B 465 6.84 -17.53 13.16
CA ALA B 465 7.96 -16.77 12.58
C ALA B 465 9.30 -17.37 13.05
N ILE B 466 9.38 -17.74 14.33
CA ILE B 466 10.60 -18.33 14.97
C ILE B 466 10.86 -19.72 14.36
N TYR B 467 9.87 -20.60 14.40
CA TYR B 467 9.93 -21.99 13.86
C TYR B 467 10.34 -21.95 12.37
N ARG B 468 9.92 -20.90 11.66
CA ARG B 468 10.15 -20.71 10.20
C ARG B 468 11.64 -20.46 9.92
N GLN B 469 12.33 -19.72 10.80
CA GLN B 469 13.78 -19.42 10.68
C GLN B 469 14.56 -20.74 10.65
N PHE B 470 14.30 -21.61 11.63
CA PHE B 470 14.91 -22.96 11.77
C PHE B 470 14.51 -23.85 10.59
N SER B 471 13.22 -23.86 10.27
CA SER B 471 12.61 -24.70 9.21
C SER B 471 13.37 -24.52 7.89
N ILE B 472 13.36 -23.30 7.34
CA ILE B 472 13.92 -22.98 5.99
C ILE B 472 15.44 -23.12 6.01
N THR B 473 16.10 -22.82 7.15
CA THR B 473 17.56 -22.97 7.33
C THR B 473 17.95 -24.46 7.22
N ILE B 474 17.29 -25.33 7.99
CA ILE B 474 17.59 -26.78 8.08
C ILE B 474 17.17 -27.49 6.78
N VAL B 475 16.03 -27.10 6.20
CA VAL B 475 15.51 -27.65 4.92
C VAL B 475 16.52 -27.34 3.80
N SER B 476 17.02 -26.10 3.75
CA SER B 476 17.97 -25.60 2.73
C SER B 476 19.31 -26.32 2.86
N ALA B 477 19.88 -26.38 4.07
CA ALA B 477 21.16 -27.04 4.39
C ALA B 477 21.08 -28.52 4.01
N MET B 478 20.01 -29.20 4.43
CA MET B 478 19.78 -30.66 4.20
C MET B 478 19.60 -30.92 2.69
N ALA B 479 18.85 -30.06 1.99
CA ALA B 479 18.53 -30.18 0.55
C ALA B 479 19.81 -30.07 -0.29
N LEU B 480 20.66 -29.08 0.02
CA LEU B 480 21.98 -28.86 -0.66
C LEU B 480 22.90 -30.05 -0.37
N SER B 481 22.96 -30.48 0.89
CA SER B 481 23.78 -31.64 1.37
C SER B 481 23.50 -32.87 0.49
N VAL B 482 22.22 -33.11 0.17
CA VAL B 482 21.75 -34.25 -0.68
C VAL B 482 22.26 -34.04 -2.11
N LEU B 483 22.05 -32.85 -2.68
CA LEU B 483 22.50 -32.49 -4.05
C LEU B 483 24.02 -32.68 -4.16
N VAL B 484 24.76 -32.19 -3.16
CA VAL B 484 26.24 -32.31 -3.07
C VAL B 484 26.64 -33.79 -2.99
N ALA B 485 25.87 -34.59 -2.25
CA ALA B 485 26.12 -36.04 -2.01
C ALA B 485 25.75 -36.86 -3.24
N LEU B 486 25.03 -36.28 -4.21
CA LEU B 486 24.64 -36.93 -5.49
C LEU B 486 25.48 -36.38 -6.66
N ILE B 487 26.19 -35.27 -6.46
CA ILE B 487 26.96 -34.56 -7.52
C ILE B 487 28.46 -34.59 -7.18
N LEU B 488 28.86 -33.90 -6.12
CA LEU B 488 30.29 -33.65 -5.76
C LEU B 488 30.90 -34.90 -5.12
N THR B 489 30.39 -35.30 -3.95
CA THR B 489 30.96 -36.35 -3.07
C THR B 489 31.25 -37.62 -3.88
N PRO B 490 30.31 -38.11 -4.72
CA PRO B 490 30.60 -39.23 -5.63
C PRO B 490 31.84 -38.98 -6.50
N ALA B 491 31.87 -37.84 -7.19
CA ALA B 491 32.96 -37.42 -8.11
C ALA B 491 34.30 -37.39 -7.35
N LEU B 492 34.31 -36.88 -6.12
CA LEU B 492 35.52 -36.80 -5.27
C LEU B 492 35.98 -38.21 -4.90
N CYS B 493 35.05 -39.08 -4.49
CA CYS B 493 35.31 -40.50 -4.11
C CYS B 493 35.96 -41.24 -5.29
N ALA B 494 35.42 -41.07 -6.51
CA ALA B 494 35.81 -41.81 -7.73
C ALA B 494 37.22 -41.41 -8.18
N THR B 495 37.70 -40.23 -7.79
CA THR B 495 38.98 -39.62 -8.30
C THR B 495 40.03 -39.51 -7.21
N MET B 496 39.66 -39.37 -5.93
CA MET B 496 40.59 -39.07 -4.81
C MET B 496 40.88 -40.32 -3.96
N LEU B 497 39.89 -41.18 -3.73
CA LEU B 497 40.06 -42.42 -2.93
C LEU B 497 40.95 -43.40 -3.71
N LYS B 498 41.86 -44.09 -2.99
CA LYS B 498 42.83 -45.05 -3.57
C LYS B 498 42.28 -46.47 -3.40
N PRO B 499 42.70 -47.43 -4.26
CA PRO B 499 42.17 -48.80 -4.19
C PRO B 499 42.51 -49.51 -2.87
N ILE B 500 41.62 -50.40 -2.43
CA ILE B 500 41.80 -51.26 -1.21
C ILE B 500 41.67 -52.72 -1.66
N ALA B 501 42.61 -53.58 -1.23
CA ALA B 501 42.69 -55.02 -1.56
C ALA B 501 41.44 -55.73 -1.00
N LYS B 502 40.88 -56.69 -1.76
CA LYS B 502 39.69 -57.48 -1.34
C LYS B 502 40.02 -58.22 -0.05
N GLY B 503 39.19 -58.04 0.99
CA GLY B 503 39.35 -58.66 2.32
C GLY B 503 40.43 -57.98 3.15
N ASP B 504 40.80 -56.74 2.80
CA ASP B 504 41.75 -55.89 3.57
C ASP B 504 40.94 -55.02 4.54
N HIS B 505 40.72 -55.52 5.76
CA HIS B 505 39.97 -54.83 6.85
C HIS B 505 40.97 -54.19 7.82
N GLY B 506 42.23 -54.00 7.39
CA GLY B 506 43.29 -53.29 8.13
C GLY B 506 43.78 -54.06 9.35
N GLU B 507 43.57 -55.38 9.37
CA GLU B 507 43.98 -56.27 10.49
C GLU B 507 45.45 -56.70 10.31
N GLY B 508 45.98 -56.58 9.10
CA GLY B 508 47.38 -56.90 8.76
C GLY B 508 48.36 -55.86 9.28
N LYS B 509 47.89 -54.63 9.53
CA LYS B 509 48.71 -53.48 9.99
C LYS B 509 49.10 -53.69 11.47
N LYS B 510 50.11 -52.94 11.93
CA LYS B 510 50.62 -52.96 13.34
C LYS B 510 50.42 -51.58 13.97
N GLY B 511 50.74 -51.45 15.25
CA GLY B 511 50.66 -50.19 16.02
C GLY B 511 49.28 -49.99 16.64
N PHE B 512 48.80 -48.75 16.69
CA PHE B 512 47.49 -48.35 17.27
C PHE B 512 46.35 -48.67 16.29
N PHE B 513 46.56 -48.35 15.01
CA PHE B 513 45.54 -48.50 13.93
C PHE B 513 45.28 -49.98 13.65
N GLY B 514 46.33 -50.81 13.69
CA GLY B 514 46.24 -52.28 13.58
C GLY B 514 45.46 -52.88 14.74
N TRP B 515 45.76 -52.46 15.96
CA TRP B 515 45.06 -52.85 17.21
C TRP B 515 43.56 -52.51 17.09
N PHE B 516 43.26 -51.27 16.69
CA PHE B 516 41.89 -50.70 16.60
C PHE B 516 41.05 -51.51 15.60
N ASN B 517 41.60 -51.81 14.42
CA ASN B 517 40.91 -52.53 13.32
C ASN B 517 40.49 -53.93 13.80
N ARG B 518 41.41 -54.67 14.43
CA ARG B 518 41.16 -56.03 14.97
C ARG B 518 40.24 -55.94 16.20
N MET B 519 40.27 -54.82 16.93
CA MET B 519 39.40 -54.54 18.11
C MET B 519 37.98 -54.22 17.63
N PHE B 520 37.85 -53.44 16.55
CA PHE B 520 36.55 -53.00 15.98
C PHE B 520 35.88 -54.17 15.23
N GLU B 521 36.66 -54.91 14.43
CA GLU B 521 36.19 -56.12 13.70
C GLU B 521 35.62 -57.13 14.70
N LYS B 522 36.28 -57.29 15.85
CA LYS B 522 35.81 -58.14 16.99
C LYS B 522 34.49 -57.57 17.52
N SER B 523 34.45 -56.26 17.79
CA SER B 523 33.26 -55.53 18.33
C SER B 523 32.08 -55.62 17.36
N THR B 524 32.33 -55.67 16.05
CA THR B 524 31.31 -55.80 14.99
C THR B 524 30.67 -57.19 15.04
N HIS B 525 31.49 -58.24 15.24
CA HIS B 525 31.04 -59.65 15.37
C HIS B 525 30.21 -59.81 16.66
N HIS B 526 30.63 -59.19 17.76
CA HIS B 526 29.90 -59.13 19.05
C HIS B 526 28.54 -58.48 18.86
N TYR B 527 28.48 -57.38 18.10
CA TYR B 527 27.25 -56.60 17.80
C TYR B 527 26.26 -57.49 17.03
N THR B 528 26.72 -58.14 15.95
CA THR B 528 25.89 -59.02 15.09
C THR B 528 25.41 -60.25 15.88
N ASP B 529 26.27 -60.78 16.76
CA ASP B 529 25.92 -61.88 17.70
C ASP B 529 24.81 -61.40 18.65
N SER B 530 24.95 -60.18 19.18
CA SER B 530 23.99 -59.55 20.12
C SER B 530 22.64 -59.33 19.43
N VAL B 531 22.66 -58.78 18.20
CA VAL B 531 21.45 -58.53 17.37
C VAL B 531 20.80 -59.88 17.02
N GLY B 532 21.63 -60.90 16.74
CA GLY B 532 21.19 -62.29 16.51
C GLY B 532 20.36 -62.80 17.68
N GLY B 533 20.85 -62.60 18.90
CA GLY B 533 20.16 -62.97 20.16
C GLY B 533 18.90 -62.15 20.37
N ILE B 534 18.95 -60.84 20.05
CA ILE B 534 17.81 -59.90 20.16
C ILE B 534 16.68 -60.36 19.23
N LEU B 535 17.02 -60.79 18.00
CA LEU B 535 16.05 -61.17 16.95
C LEU B 535 15.44 -62.55 17.25
N ARG B 536 15.97 -63.28 18.24
CA ARG B 536 15.43 -64.59 18.70
C ARG B 536 14.32 -64.33 19.74
N SER B 537 14.49 -63.31 20.59
CA SER B 537 13.54 -62.93 21.67
C SER B 537 13.00 -61.52 21.43
N THR B 538 12.26 -61.33 20.33
CA THR B 538 11.71 -60.03 19.87
C THR B 538 10.62 -59.55 20.84
N GLY B 539 9.73 -60.45 21.25
CA GLY B 539 8.57 -60.18 22.14
C GLY B 539 8.96 -59.35 23.35
N ARG B 540 10.10 -59.65 23.97
CA ARG B 540 10.62 -58.97 25.19
C ARG B 540 11.00 -57.52 24.85
N TYR B 541 11.63 -57.29 23.70
CA TYR B 541 12.16 -55.97 23.28
C TYR B 541 11.00 -55.04 22.88
N LEU B 542 9.93 -55.60 22.31
CA LEU B 542 8.67 -54.85 22.02
C LEU B 542 8.07 -54.33 23.33
N VAL B 543 8.23 -55.08 24.44
CA VAL B 543 7.75 -54.69 25.79
C VAL B 543 8.69 -53.61 26.36
N LEU B 544 10.00 -53.74 26.14
CA LEU B 544 11.02 -52.75 26.58
C LEU B 544 10.88 -51.46 25.76
N TYR B 545 10.39 -51.57 24.52
CA TYR B 545 10.11 -50.42 23.61
C TYR B 545 8.93 -49.61 24.17
N LEU B 546 7.85 -50.28 24.57
CA LEU B 546 6.61 -49.65 25.10
C LEU B 546 6.91 -48.96 26.44
N ILE B 547 7.84 -49.50 27.23
CA ILE B 547 8.35 -48.87 28.49
C ILE B 547 8.98 -47.51 28.12
N ILE B 548 9.85 -47.49 27.11
CA ILE B 548 10.55 -46.27 26.61
C ILE B 548 9.50 -45.24 26.15
N VAL B 549 8.46 -45.69 25.44
CA VAL B 549 7.38 -44.82 24.89
C VAL B 549 6.58 -44.22 26.04
N VAL B 550 6.32 -44.99 27.10
CA VAL B 550 5.63 -44.53 28.34
C VAL B 550 6.57 -43.56 29.08
N GLY B 551 7.84 -43.93 29.24
CA GLY B 551 8.89 -43.10 29.87
C GLY B 551 9.07 -41.79 29.13
N MET B 552 9.03 -41.83 27.79
CA MET B 552 9.06 -40.63 26.90
C MET B 552 7.84 -39.75 27.22
N ALA B 553 6.64 -40.29 27.03
CA ALA B 553 5.34 -39.60 27.25
C ALA B 553 5.30 -38.95 28.64
N TYR B 554 5.84 -39.64 29.65
CA TYR B 554 5.90 -39.19 31.07
C TYR B 554 6.78 -37.93 31.17
N LEU B 555 8.05 -38.04 30.75
CA LEU B 555 9.07 -36.96 30.83
C LEU B 555 8.60 -35.73 30.03
N PHE B 556 7.92 -35.95 28.90
CA PHE B 556 7.41 -34.88 27.99
C PHE B 556 6.48 -33.94 28.76
N VAL B 557 5.61 -34.51 29.61
CA VAL B 557 4.62 -33.78 30.45
C VAL B 557 5.36 -33.10 31.62
N ARG B 558 6.23 -33.85 32.30
CA ARG B 558 6.98 -33.39 33.51
C ARG B 558 7.88 -32.19 33.15
N LEU B 559 8.51 -32.22 31.97
CA LEU B 559 9.45 -31.17 31.49
C LEU B 559 8.69 -29.85 31.29
N PRO B 560 9.08 -28.75 31.99
CA PRO B 560 8.39 -27.47 31.84
C PRO B 560 8.51 -26.89 30.42
N SER B 561 7.49 -26.12 30.00
CA SER B 561 7.40 -25.46 28.66
C SER B 561 7.97 -24.05 28.71
N SER B 562 8.54 -23.59 27.59
CA SER B 562 9.04 -22.21 27.37
C SER B 562 9.17 -21.97 25.86
N PHE B 563 9.25 -20.70 25.43
CA PHE B 563 9.53 -20.29 24.04
C PHE B 563 11.04 -20.24 23.85
N LEU B 564 11.71 -19.39 24.64
CA LEU B 564 13.19 -19.23 24.65
C LEU B 564 13.67 -19.24 26.11
N PRO B 565 14.88 -19.79 26.38
CA PRO B 565 15.44 -19.77 27.74
C PRO B 565 15.82 -18.35 28.20
N ASP B 566 15.52 -18.01 29.46
CA ASP B 566 15.91 -16.73 30.11
C ASP B 566 17.44 -16.69 30.24
N GLU B 567 18.11 -15.93 29.35
CA GLU B 567 19.59 -15.81 29.31
C GLU B 567 20.01 -14.55 30.07
N ASP B 568 21.19 -14.59 30.70
CA ASP B 568 21.88 -13.41 31.27
C ASP B 568 22.34 -12.54 30.10
N GLN B 569 21.72 -11.36 29.93
CA GLN B 569 21.99 -10.43 28.79
C GLN B 569 22.94 -9.31 29.24
N GLY B 570 23.27 -9.25 30.54
CA GLY B 570 24.12 -8.20 31.14
C GLY B 570 23.31 -6.99 31.56
N VAL B 571 21.97 -7.09 31.55
CA VAL B 571 21.03 -6.02 31.97
C VAL B 571 19.81 -6.67 32.64
N PHE B 572 19.18 -5.95 33.57
CA PHE B 572 17.92 -6.34 34.25
C PHE B 572 17.29 -5.10 34.89
N MET B 573 15.96 -5.09 35.01
CA MET B 573 15.18 -3.95 35.59
C MET B 573 15.04 -4.14 37.10
N THR B 574 14.83 -3.03 37.80
CA THR B 574 14.47 -2.96 39.25
C THR B 574 13.36 -1.93 39.42
N MET B 575 12.12 -2.39 39.56
CA MET B 575 10.91 -1.53 39.72
C MET B 575 10.96 -0.85 41.09
N VAL B 576 10.70 0.46 41.15
CA VAL B 576 10.49 1.24 42.39
C VAL B 576 9.07 1.81 42.35
N GLN B 577 8.24 1.43 43.33
CA GLN B 577 6.79 1.75 43.38
C GLN B 577 6.43 2.26 44.79
N LEU B 578 6.17 3.56 44.92
CA LEU B 578 5.79 4.23 46.20
C LEU B 578 4.28 4.32 46.28
N PRO B 579 3.69 4.66 47.45
CA PRO B 579 2.23 4.74 47.60
C PRO B 579 1.60 5.83 46.71
N ALA B 580 0.27 5.79 46.57
CA ALA B 580 -0.53 6.80 45.85
C ALA B 580 -0.32 8.17 46.51
N GLY B 581 0.06 9.18 45.71
CA GLY B 581 0.28 10.57 46.17
C GLY B 581 1.75 10.87 46.40
N ALA B 582 2.62 9.86 46.34
CA ALA B 582 4.09 9.99 46.53
C ALA B 582 4.67 10.90 45.45
N THR B 583 5.65 11.72 45.82
CA THR B 583 6.23 12.80 44.97
C THR B 583 7.51 12.30 44.29
N GLN B 584 8.02 13.08 43.34
CA GLN B 584 9.22 12.79 42.50
C GLN B 584 10.45 12.64 43.42
N GLU B 585 10.57 13.53 44.42
CA GLU B 585 11.70 13.56 45.38
C GLU B 585 11.74 12.25 46.18
N ARG B 586 10.61 11.87 46.79
CA ARG B 586 10.45 10.64 47.62
C ARG B 586 10.89 9.41 46.83
N THR B 587 10.54 9.33 45.54
CA THR B 587 10.89 8.22 44.61
C THR B 587 12.40 8.22 44.37
N GLN B 588 13.01 9.41 44.25
CA GLN B 588 14.47 9.59 43.98
C GLN B 588 15.27 9.04 45.16
N LYS B 589 14.79 9.26 46.40
CA LYS B 589 15.44 8.78 47.65
C LYS B 589 15.61 7.26 47.58
N VAL B 590 14.57 6.55 47.12
CA VAL B 590 14.53 5.07 47.01
C VAL B 590 15.45 4.62 45.86
N LEU B 591 15.40 5.32 44.72
CA LEU B 591 16.27 5.06 43.54
C LEU B 591 17.74 5.20 43.95
N ASN B 592 18.06 6.17 44.82
CA ASN B 592 19.43 6.43 45.34
C ASN B 592 19.87 5.25 46.21
N GLU B 593 18.96 4.68 47.00
CA GLU B 593 19.21 3.47 47.84
C GLU B 593 19.41 2.25 46.94
N VAL B 594 18.60 2.11 45.89
CA VAL B 594 18.69 1.03 44.87
C VAL B 594 20.03 1.16 44.14
N THR B 595 20.37 2.37 43.68
CA THR B 595 21.64 2.70 43.00
C THR B 595 22.82 2.39 43.95
N HIS B 596 22.71 2.81 45.21
CA HIS B 596 23.73 2.64 46.27
C HIS B 596 23.97 1.14 46.55
N TYR B 597 22.89 0.35 46.65
CA TYR B 597 22.93 -1.11 46.89
C TYR B 597 23.81 -1.79 45.83
N TYR B 598 23.50 -1.58 44.55
CA TYR B 598 24.10 -2.28 43.39
C TYR B 598 25.58 -1.87 43.22
N LEU B 599 25.92 -0.61 43.49
CA LEU B 599 27.29 -0.06 43.28
C LEU B 599 28.23 -0.48 44.43
N THR B 600 27.69 -0.95 45.56
CA THR B 600 28.46 -1.34 46.78
C THR B 600 28.41 -2.86 46.98
N LYS B 601 27.20 -3.44 47.05
CA LYS B 601 26.98 -4.88 47.36
C LYS B 601 27.26 -5.75 46.12
N GLU B 602 26.99 -5.23 44.93
CA GLU B 602 27.24 -5.92 43.63
C GLU B 602 28.34 -5.16 42.87
N LYS B 603 29.36 -4.70 43.59
CA LYS B 603 30.49 -3.87 43.08
C LYS B 603 31.22 -4.62 41.95
N ASN B 604 31.37 -5.94 42.09
CA ASN B 604 32.17 -6.81 41.18
C ASN B 604 31.32 -7.28 40.00
N ASN B 605 29.99 -7.09 40.06
CA ASN B 605 29.02 -7.56 39.04
C ASN B 605 28.44 -6.37 38.25
N VAL B 606 28.00 -5.32 38.95
CA VAL B 606 27.29 -4.14 38.35
C VAL B 606 28.33 -3.16 37.79
N GLU B 607 28.11 -2.68 36.56
CA GLU B 607 28.94 -1.67 35.87
C GLU B 607 28.29 -0.28 36.06
N SER B 608 26.99 -0.17 35.78
CA SER B 608 26.21 1.10 35.88
C SER B 608 24.77 0.82 36.34
N VAL B 609 24.16 1.81 36.99
CA VAL B 609 22.71 1.84 37.36
C VAL B 609 22.08 3.06 36.68
N PHE B 610 21.23 2.83 35.67
CA PHE B 610 20.48 3.89 34.94
C PHE B 610 19.12 4.08 35.61
N ALA B 611 19.07 4.95 36.62
CA ALA B 611 17.86 5.26 37.42
C ALA B 611 17.02 6.32 36.69
N VAL B 612 15.82 5.93 36.25
CA VAL B 612 14.84 6.82 35.57
C VAL B 612 13.63 7.01 36.49
N ASN B 613 13.54 8.18 37.12
CA ASN B 613 12.42 8.58 38.02
C ASN B 613 11.24 9.04 37.15
N GLY B 614 10.02 8.59 37.48
CA GLY B 614 8.77 8.93 36.76
C GLY B 614 8.69 8.20 35.43
N PHE B 615 9.06 6.92 35.40
CA PHE B 615 9.18 6.11 34.16
C PHE B 615 9.17 4.62 34.52
N GLY B 616 8.56 3.80 33.66
CA GLY B 616 8.65 2.32 33.65
C GLY B 616 9.26 1.85 32.35
N PHE B 617 8.42 1.63 31.33
CA PHE B 617 8.80 1.57 29.89
C PHE B 617 8.03 2.65 29.12
N ALA B 618 7.43 3.59 29.86
CA ALA B 618 6.71 4.78 29.34
C ALA B 618 6.60 5.80 30.47
N PRO B 619 6.28 7.08 30.19
CA PRO B 619 6.06 8.07 31.25
C PRO B 619 5.03 7.56 32.27
N ARG B 620 5.43 7.48 33.55
CA ARG B 620 4.60 7.03 34.69
C ARG B 620 4.45 8.19 35.67
N PRO B 621 3.57 8.09 36.69
CA PRO B 621 3.41 9.16 37.68
C PRO B 621 4.68 9.35 38.53
N GLN B 622 4.69 10.38 39.38
CA GLN B 622 5.84 10.75 40.25
C GLN B 622 6.16 9.60 41.23
N ASN B 623 5.16 8.79 41.58
CA ASN B 623 5.27 7.70 42.59
C ASN B 623 5.99 6.47 42.01
N THR B 624 6.23 6.44 40.69
CA THR B 624 6.88 5.30 39.98
C THR B 624 8.30 5.69 39.57
N GLY B 625 9.22 4.72 39.66
CA GLY B 625 10.60 4.80 39.16
C GLY B 625 11.06 3.45 38.64
N ILE B 626 12.26 3.39 38.04
CA ILE B 626 12.85 2.12 37.53
C ILE B 626 14.36 2.32 37.34
N ALA B 627 15.15 1.28 37.65
CA ALA B 627 16.61 1.25 37.52
C ALA B 627 17.01 0.14 36.54
N PHE B 628 17.61 0.52 35.40
CA PHE B 628 18.21 -0.41 34.40
C PHE B 628 19.66 -0.68 34.80
N VAL B 629 19.90 -1.81 35.47
CA VAL B 629 21.24 -2.23 35.97
C VAL B 629 22.00 -2.91 34.83
N SER B 630 23.07 -2.27 34.34
CA SER B 630 24.01 -2.83 33.33
C SER B 630 25.16 -3.51 34.07
N LEU B 631 25.37 -4.81 33.81
CA LEU B 631 26.37 -5.66 34.50
C LEU B 631 27.70 -5.63 33.74
N LYS B 632 28.79 -6.02 34.41
CA LYS B 632 30.13 -6.21 33.80
C LYS B 632 30.09 -7.46 32.91
N ASP B 633 31.09 -7.65 32.05
CA ASP B 633 31.14 -8.79 31.10
C ASP B 633 31.15 -10.10 31.88
N TRP B 634 30.51 -11.14 31.33
CA TRP B 634 30.33 -12.48 31.95
C TRP B 634 31.67 -13.03 32.46
N ALA B 635 32.77 -12.70 31.78
CA ALA B 635 34.15 -13.16 32.08
C ALA B 635 34.66 -12.54 33.39
N ASP B 636 34.17 -11.35 33.77
CA ASP B 636 34.59 -10.61 34.99
C ASP B 636 33.72 -11.01 36.19
N ARG B 637 32.70 -11.85 35.98
CA ARG B 637 31.81 -12.36 37.06
C ARG B 637 31.55 -13.85 36.82
N PRO B 638 32.47 -14.75 37.28
CA PRO B 638 32.32 -16.18 37.05
C PRO B 638 31.32 -16.86 38.00
N GLY B 639 31.04 -18.14 37.75
CA GLY B 639 30.11 -18.96 38.56
C GLY B 639 28.66 -18.71 38.19
N GLU B 640 27.73 -19.25 38.98
CA GLU B 640 26.26 -19.10 38.80
C GLU B 640 25.71 -18.08 39.81
N GLU B 641 26.51 -17.73 40.83
CA GLU B 641 26.10 -16.79 41.91
C GLU B 641 26.13 -15.35 41.38
N ASN B 642 26.94 -15.09 40.35
CA ASN B 642 27.14 -13.74 39.74
C ASN B 642 26.40 -13.64 38.39
N LYS B 643 25.27 -14.35 38.26
CA LYS B 643 24.34 -14.27 37.10
C LYS B 643 23.08 -13.51 37.52
N VAL B 644 22.35 -12.94 36.56
CA VAL B 644 21.12 -12.12 36.78
C VAL B 644 20.19 -12.88 37.73
N GLU B 645 19.92 -14.15 37.44
CA GLU B 645 19.06 -15.07 38.24
C GLU B 645 19.31 -14.82 39.74
N ALA B 646 20.55 -15.05 40.19
CA ALA B 646 20.97 -14.96 41.62
C ALA B 646 20.94 -13.50 42.09
N ILE B 647 21.56 -12.58 41.33
CA ILE B 647 21.66 -11.13 41.63
C ILE B 647 20.24 -10.56 41.83
N THR B 648 19.31 -10.93 40.93
CA THR B 648 17.87 -10.55 40.97
C THR B 648 17.27 -10.99 42.30
N MET B 649 17.31 -12.29 42.60
CA MET B 649 16.76 -12.90 43.84
C MET B 649 17.35 -12.21 45.07
N ARG B 650 18.67 -12.04 45.11
CA ARG B 650 19.41 -11.39 46.23
C ARG B 650 18.93 -9.95 46.42
N ALA B 651 18.83 -9.19 45.31
CA ALA B 651 18.40 -7.78 45.29
C ALA B 651 16.93 -7.67 45.72
N THR B 652 16.05 -8.45 45.09
CA THR B 652 14.59 -8.50 45.39
C THR B 652 14.38 -8.77 46.88
N ARG B 653 15.15 -9.72 47.44
CA ARG B 653 15.09 -10.11 48.88
C ARG B 653 15.56 -8.94 49.75
N ALA B 654 16.70 -8.33 49.42
CA ALA B 654 17.35 -7.23 50.17
C ALA B 654 16.43 -6.00 50.21
N PHE B 655 15.62 -5.78 49.16
CA PHE B 655 14.75 -4.60 48.99
C PHE B 655 13.40 -4.80 49.69
N SER B 656 13.18 -5.97 50.30
CA SER B 656 11.97 -6.27 51.14
C SER B 656 11.97 -5.38 52.39
N GLN B 657 13.17 -5.04 52.90
CA GLN B 657 13.37 -4.20 54.11
C GLN B 657 12.80 -2.78 53.87
N ILE B 658 12.98 -2.26 52.65
CA ILE B 658 12.58 -0.86 52.27
C ILE B 658 11.09 -0.68 52.58
N LYS B 659 10.76 0.38 53.34
CA LYS B 659 9.36 0.75 53.72
C LYS B 659 8.96 2.04 52.98
N ASP B 660 7.65 2.26 52.83
CA ASP B 660 7.05 3.38 52.05
C ASP B 660 7.51 3.27 50.59
N ALA B 661 7.72 2.04 50.10
CA ALA B 661 8.11 1.73 48.70
C ALA B 661 8.08 0.21 48.49
N MET B 662 7.84 -0.23 47.25
CA MET B 662 7.74 -1.65 46.84
C MET B 662 8.71 -1.92 45.69
N VAL B 663 9.93 -2.34 46.03
CA VAL B 663 11.07 -2.52 45.08
C VAL B 663 11.27 -4.01 44.82
N PHE B 664 11.31 -4.42 43.55
CA PHE B 664 11.61 -5.81 43.11
C PHE B 664 12.36 -5.79 41.77
N ALA B 665 13.41 -6.59 41.65
CA ALA B 665 14.24 -6.76 40.43
C ALA B 665 13.74 -7.96 39.63
N PHE B 666 14.00 -7.97 38.32
CA PHE B 666 13.54 -9.03 37.37
C PHE B 666 14.30 -8.91 36.04
N ASN B 667 14.62 -10.05 35.45
CA ASN B 667 15.30 -10.17 34.12
C ASN B 667 14.30 -9.80 33.02
N LEU B 668 14.80 -9.39 31.85
CA LEU B 668 13.99 -9.24 30.61
C LEU B 668 14.09 -10.52 29.80
N PRO B 669 13.04 -10.91 29.04
CA PRO B 669 13.05 -12.15 28.27
C PRO B 669 14.00 -12.07 27.06
N ALA B 670 14.27 -13.23 26.44
CA ALA B 670 15.13 -13.37 25.24
C ALA B 670 14.68 -12.35 24.18
N ILE B 671 13.40 -12.38 23.82
CA ILE B 671 12.73 -11.40 22.92
C ILE B 671 11.54 -10.80 23.71
N VAL B 672 11.38 -9.48 23.66
CA VAL B 672 10.45 -8.69 24.53
C VAL B 672 9.00 -9.15 24.31
N GLU B 673 8.66 -9.57 23.09
CA GLU B 673 7.26 -9.75 22.61
C GLU B 673 6.74 -11.17 22.89
N LEU B 674 7.56 -12.05 23.48
CA LEU B 674 7.19 -13.46 23.79
C LEU B 674 6.58 -13.56 25.20
N GLY B 675 7.15 -12.83 26.17
CA GLY B 675 6.75 -12.87 27.59
C GLY B 675 7.13 -14.21 28.22
N THR B 676 6.13 -14.92 28.77
CA THR B 676 6.27 -16.29 29.34
C THR B 676 5.37 -17.25 28.54
N ALA B 677 5.77 -18.52 28.45
CA ALA B 677 5.04 -19.57 27.68
C ALA B 677 3.79 -20.01 28.46
N THR B 678 3.91 -20.15 29.79
CA THR B 678 2.78 -20.45 30.71
C THR B 678 1.90 -19.21 30.88
N GLY B 679 2.49 -18.01 30.79
CA GLY B 679 1.82 -16.72 30.97
C GLY B 679 0.71 -16.49 29.96
N PHE B 680 -0.40 -15.89 30.39
CA PHE B 680 -1.53 -15.44 29.53
C PHE B 680 -1.68 -13.92 29.65
N ASP B 681 -2.39 -13.31 28.71
CA ASP B 681 -2.64 -11.85 28.63
C ASP B 681 -4.14 -11.63 28.42
N PHE B 682 -4.86 -11.33 29.51
CA PHE B 682 -6.34 -11.23 29.59
C PHE B 682 -6.74 -9.75 29.51
N GLU B 683 -7.85 -9.46 28.82
CA GLU B 683 -8.47 -8.12 28.75
C GLU B 683 -9.90 -8.19 29.30
N LEU B 684 -10.15 -7.61 30.48
CA LEU B 684 -11.50 -7.42 31.06
C LEU B 684 -12.11 -6.16 30.44
N ILE B 685 -13.29 -6.29 29.82
CA ILE B 685 -13.87 -5.25 28.91
C ILE B 685 -15.24 -4.79 29.43
N ASP B 686 -15.46 -3.48 29.45
CA ASP B 686 -16.76 -2.82 29.70
C ASP B 686 -17.55 -2.79 28.39
N GLN B 687 -18.57 -3.65 28.25
CA GLN B 687 -19.32 -3.89 26.99
C GLN B 687 -20.68 -3.16 27.01
N ALA B 688 -21.02 -2.47 28.10
CA ALA B 688 -22.37 -1.88 28.31
C ALA B 688 -22.28 -0.49 28.96
N GLY B 689 -21.16 0.22 28.81
CA GLY B 689 -20.95 1.57 29.35
C GLY B 689 -21.24 1.65 30.85
N LEU B 690 -20.69 0.70 31.61
CA LEU B 690 -20.89 0.56 33.09
C LEU B 690 -20.10 1.65 33.82
N GLY B 691 -18.88 1.94 33.37
CA GLY B 691 -17.99 2.97 33.95
C GLY B 691 -16.70 2.36 34.47
N HIS B 692 -15.73 3.22 34.83
CA HIS B 692 -14.40 2.82 35.35
C HIS B 692 -14.55 2.08 36.68
N GLU B 693 -15.37 2.63 37.59
CA GLU B 693 -15.52 2.15 39.00
C GLU B 693 -16.15 0.76 39.01
N LYS B 694 -17.20 0.55 38.22
CA LYS B 694 -17.92 -0.76 38.13
C LYS B 694 -17.02 -1.80 37.44
N LEU B 695 -16.12 -1.37 36.55
CA LEU B 695 -15.14 -2.26 35.87
C LEU B 695 -14.02 -2.62 36.85
N THR B 696 -13.66 -1.69 37.75
CA THR B 696 -12.68 -1.90 38.86
C THR B 696 -13.21 -3.00 39.79
N GLN B 697 -14.48 -2.87 40.21
CA GLN B 697 -15.18 -3.83 41.11
C GLN B 697 -15.22 -5.23 40.47
N ALA B 698 -15.57 -5.29 39.18
CA ALA B 698 -15.65 -6.54 38.39
C ALA B 698 -14.26 -7.20 38.28
N ARG B 699 -13.21 -6.40 38.15
CA ARG B 699 -11.80 -6.86 38.09
C ARG B 699 -11.41 -7.45 39.44
N ASN B 700 -11.68 -6.72 40.53
CA ASN B 700 -11.40 -7.13 41.94
C ASN B 700 -12.07 -8.49 42.20
N GLN B 701 -13.30 -8.67 41.71
CA GLN B 701 -14.11 -9.91 41.84
C GLN B 701 -13.43 -11.06 41.10
N LEU B 702 -12.89 -10.80 39.90
CA LEU B 702 -12.20 -11.80 39.05
C LEU B 702 -10.84 -12.16 39.67
N LEU B 703 -10.10 -11.15 40.15
CA LEU B 703 -8.79 -11.30 40.83
C LEU B 703 -8.96 -12.17 42.09
N ALA B 704 -10.07 -11.99 42.81
CA ALA B 704 -10.40 -12.70 44.06
C ALA B 704 -10.73 -14.17 43.76
N GLU B 705 -11.61 -14.42 42.78
CA GLU B 705 -12.05 -15.79 42.37
C GLU B 705 -10.84 -16.58 41.84
N ALA B 706 -9.93 -15.91 41.12
CA ALA B 706 -8.70 -16.51 40.55
C ALA B 706 -7.76 -16.97 41.67
N ALA B 707 -7.73 -16.23 42.79
CA ALA B 707 -6.90 -16.53 43.98
C ALA B 707 -7.42 -17.80 44.68
N LYS B 708 -8.71 -18.11 44.51
CA LYS B 708 -9.38 -19.31 45.09
C LYS B 708 -9.12 -20.54 44.22
N HIS B 709 -8.21 -20.45 43.24
CA HIS B 709 -7.72 -21.58 42.42
C HIS B 709 -6.20 -21.50 42.26
N PRO B 710 -5.41 -21.64 43.35
CA PRO B 710 -3.95 -21.65 43.25
C PRO B 710 -3.44 -22.90 42.49
N ASP B 711 -4.25 -23.96 42.48
CA ASP B 711 -3.99 -25.24 41.79
C ASP B 711 -3.93 -25.04 40.26
N MET B 712 -4.60 -24.01 39.73
CA MET B 712 -4.75 -23.79 38.26
C MET B 712 -4.11 -22.45 37.83
N LEU B 713 -4.32 -21.38 38.60
CA LEU B 713 -3.87 -20.00 38.27
C LEU B 713 -2.81 -19.53 39.28
N THR B 714 -1.76 -18.85 38.79
CA THR B 714 -0.66 -18.27 39.60
C THR B 714 -0.45 -16.80 39.20
N SER B 715 -0.35 -15.91 40.19
CA SER B 715 0.01 -14.48 40.04
C SER B 715 -0.98 -13.76 39.09
N VAL B 716 -2.27 -14.07 39.19
CA VAL B 716 -3.35 -13.35 38.46
C VAL B 716 -3.39 -11.92 39.01
N ARG B 717 -2.86 -10.97 38.24
CA ARG B 717 -2.59 -9.58 38.68
C ARG B 717 -2.95 -8.61 37.55
N PRO B 718 -3.44 -7.39 37.87
CA PRO B 718 -3.70 -6.38 36.84
C PRO B 718 -2.41 -5.70 36.36
N ASN B 719 -2.28 -5.52 35.03
CA ASN B 719 -1.20 -4.74 34.40
C ASN B 719 -1.71 -3.30 34.20
N GLY B 720 -1.97 -2.60 35.31
CA GLY B 720 -2.53 -1.24 35.32
C GLY B 720 -2.31 -0.56 36.67
N LEU B 721 -2.64 0.73 36.76
CA LEU B 721 -2.46 1.55 37.99
C LEU B 721 -3.79 1.63 38.74
N GLU B 722 -3.73 1.63 40.08
CA GLU B 722 -4.91 1.80 40.97
C GLU B 722 -5.29 3.27 41.01
N ASP B 723 -6.55 3.57 41.34
CA ASP B 723 -7.07 4.96 41.51
C ASP B 723 -6.26 5.66 42.60
N THR B 724 -6.09 6.98 42.49
CA THR B 724 -5.29 7.81 43.43
C THR B 724 -6.08 9.05 43.81
N PRO B 725 -5.77 9.69 44.97
CA PRO B 725 -6.38 10.96 45.33
C PRO B 725 -6.09 12.04 44.28
N GLN B 726 -7.14 12.76 43.85
CA GLN B 726 -7.03 13.89 42.88
C GLN B 726 -7.89 15.06 43.39
N PHE B 727 -7.46 16.29 43.08
CA PHE B 727 -7.98 17.56 43.65
C PHE B 727 -9.05 18.13 42.71
N LYS B 728 -10.31 17.79 42.97
CA LYS B 728 -11.48 18.27 42.20
C LYS B 728 -11.79 19.71 42.61
N ILE B 729 -11.65 20.67 41.68
CA ILE B 729 -11.93 22.12 41.89
C ILE B 729 -13.12 22.52 41.00
N ASP B 730 -14.16 23.12 41.60
CA ASP B 730 -15.42 23.53 40.91
C ASP B 730 -15.45 25.05 40.79
N ILE B 731 -15.29 25.57 39.57
CA ILE B 731 -15.48 27.01 39.24
C ILE B 731 -16.99 27.30 39.28
N ASP B 732 -17.44 28.10 40.24
CA ASP B 732 -18.85 28.57 40.31
C ASP B 732 -19.06 29.59 39.19
N GLN B 733 -19.93 29.26 38.23
CA GLN B 733 -20.19 30.08 37.02
C GLN B 733 -20.91 31.36 37.43
N GLU B 734 -21.83 31.28 38.39
CA GLU B 734 -22.70 32.41 38.83
C GLU B 734 -21.83 33.51 39.47
N LYS B 735 -20.92 33.13 40.38
CA LYS B 735 -20.03 34.09 41.09
C LYS B 735 -19.05 34.72 40.10
N ALA B 736 -18.60 33.94 39.10
CA ALA B 736 -17.68 34.40 38.03
C ALA B 736 -18.37 35.46 37.17
N GLN B 737 -19.59 35.19 36.71
CA GLN B 737 -20.39 36.08 35.83
C GLN B 737 -20.85 37.32 36.61
N ALA B 738 -21.09 37.16 37.92
CA ALA B 738 -21.53 38.25 38.84
C ALA B 738 -20.37 39.21 39.12
N LEU B 739 -19.14 38.69 39.23
CA LEU B 739 -17.91 39.48 39.50
C LEU B 739 -17.30 39.99 38.18
N GLY B 740 -17.88 39.61 37.03
CA GLY B 740 -17.44 40.04 35.69
C GLY B 740 -16.14 39.36 35.27
N VAL B 741 -15.86 38.18 35.83
CA VAL B 741 -14.66 37.35 35.52
C VAL B 741 -15.05 36.33 34.45
N SER B 742 -14.40 36.38 33.27
CA SER B 742 -14.67 35.46 32.14
C SER B 742 -14.11 34.07 32.46
N ILE B 743 -14.93 33.04 32.28
CA ILE B 743 -14.59 31.60 32.51
C ILE B 743 -13.34 31.22 31.70
N ASN B 744 -13.16 31.80 30.51
CA ASN B 744 -11.99 31.56 29.62
C ASN B 744 -10.71 32.00 30.33
N ASP B 745 -10.70 33.21 30.91
CA ASP B 745 -9.54 33.78 31.64
C ASP B 745 -9.25 32.94 32.88
N ILE B 746 -10.30 32.40 33.54
CA ILE B 746 -10.17 31.54 34.75
C ILE B 746 -9.45 30.24 34.37
N ASN B 747 -9.99 29.50 33.40
CA ASN B 747 -9.50 28.15 33.00
C ASN B 747 -8.14 28.27 32.29
N THR B 748 -7.82 29.42 31.71
CA THR B 748 -6.48 29.72 31.11
C THR B 748 -5.48 29.95 32.24
N THR B 749 -5.83 30.82 33.19
CA THR B 749 -5.00 31.18 34.38
C THR B 749 -4.64 29.91 35.15
N LEU B 750 -5.60 29.01 35.37
CA LEU B 750 -5.42 27.72 36.09
C LEU B 750 -4.47 26.83 35.27
N GLY B 751 -4.86 26.50 34.03
CA GLY B 751 -4.13 25.57 33.15
C GLY B 751 -2.72 26.02 32.88
N ALA B 752 -2.54 27.30 32.52
CA ALA B 752 -1.23 27.89 32.15
C ALA B 752 -0.29 27.86 33.36
N ALA B 753 -0.73 28.40 34.49
CA ALA B 753 0.06 28.50 35.75
C ALA B 753 0.38 27.11 36.29
N TRP B 754 -0.65 26.29 36.54
CA TRP B 754 -0.56 25.01 37.28
C TRP B 754 -0.08 23.88 36.37
N GLY B 755 -0.63 23.79 35.16
CA GLY B 755 -0.37 22.68 34.21
C GLY B 755 0.75 23.00 33.23
N GLY B 756 1.01 24.28 32.98
CA GLY B 756 1.91 24.74 31.90
C GLY B 756 1.16 24.87 30.59
N SER B 757 1.64 25.75 29.70
CA SER B 757 1.02 26.06 28.38
C SER B 757 2.12 26.26 27.33
N TYR B 758 2.10 25.45 26.28
CA TYR B 758 2.97 25.60 25.08
C TYR B 758 2.42 26.76 24.24
N VAL B 759 3.09 27.92 24.30
CA VAL B 759 2.63 29.20 23.71
C VAL B 759 2.94 29.19 22.20
N ASN B 760 4.23 29.22 21.84
CA ASN B 760 4.72 29.27 20.44
C ASN B 760 6.20 28.90 20.41
N ASP B 761 6.85 29.00 19.24
CA ASP B 761 8.26 28.60 19.02
C ASP B 761 9.18 29.83 19.05
N PHE B 762 10.48 29.58 19.25
CA PHE B 762 11.59 30.57 19.19
C PHE B 762 12.84 29.84 18.67
N ILE B 763 13.80 30.58 18.09
CA ILE B 763 15.05 30.00 17.52
C ILE B 763 16.19 30.22 18.51
N ASP B 764 16.70 29.14 19.11
CA ASP B 764 17.90 29.14 20.00
C ASP B 764 19.08 28.55 19.23
N ARG B 765 19.99 29.41 18.75
CA ARG B 765 21.24 29.03 18.04
C ARG B 765 20.90 28.23 16.78
N GLY B 766 19.92 28.71 16.01
CA GLY B 766 19.53 28.15 14.70
C GLY B 766 18.66 26.91 14.80
N ARG B 767 18.16 26.59 16.00
CA ARG B 767 17.25 25.45 16.27
C ARG B 767 15.92 25.98 16.80
N VAL B 768 14.81 25.66 16.14
CA VAL B 768 13.44 26.04 16.60
C VAL B 768 13.11 25.18 17.82
N LYS B 769 12.70 25.83 18.92
CA LYS B 769 12.39 25.18 20.22
C LYS B 769 11.13 25.81 20.82
N LYS B 770 10.49 25.14 21.76
CA LYS B 770 9.17 25.51 22.33
C LYS B 770 9.33 26.59 23.39
N VAL B 771 8.34 27.48 23.52
CA VAL B 771 8.20 28.48 24.62
C VAL B 771 7.08 27.99 25.55
N TYR B 772 7.39 27.80 26.84
CA TYR B 772 6.45 27.32 27.89
C TYR B 772 6.30 28.38 28.97
N VAL B 773 5.07 28.82 29.24
CA VAL B 773 4.70 29.65 30.43
C VAL B 773 4.12 28.69 31.49
N MET B 774 4.51 28.88 32.75
CA MET B 774 4.05 28.06 33.90
C MET B 774 4.36 28.82 35.19
N SER B 775 3.67 28.49 36.28
CA SER B 775 3.93 29.02 37.65
C SER B 775 5.31 28.55 38.11
N GLU B 776 6.07 29.43 38.76
CA GLU B 776 7.27 29.06 39.53
C GLU B 776 6.82 28.06 40.61
N ALA B 777 7.53 26.94 40.77
CA ALA B 777 7.15 25.77 41.59
C ALA B 777 6.40 26.20 42.85
N LYS B 778 6.94 27.17 43.60
CA LYS B 778 6.53 27.51 44.99
C LYS B 778 5.10 28.07 45.03
N TYR B 779 4.49 28.42 43.89
CA TYR B 779 3.14 29.01 43.81
C TYR B 779 2.12 28.02 43.20
N ARG B 780 2.49 26.76 42.98
CA ARG B 780 1.59 25.74 42.40
C ARG B 780 1.87 24.36 43.00
N MET B 781 2.03 24.27 44.33
CA MET B 781 2.39 23.03 45.05
C MET B 781 1.17 22.47 45.78
N LEU B 782 0.47 23.29 46.58
CA LEU B 782 -0.60 22.84 47.50
C LEU B 782 -1.90 23.62 47.26
N PRO B 783 -3.07 23.06 47.62
CA PRO B 783 -4.35 23.73 47.45
C PRO B 783 -4.43 25.16 48.01
N ASP B 784 -3.62 25.48 49.02
CA ASP B 784 -3.55 26.81 49.68
C ASP B 784 -3.05 27.85 48.66
N ASP B 785 -2.30 27.42 47.63
CA ASP B 785 -1.68 28.30 46.60
C ASP B 785 -2.72 28.73 45.57
N ILE B 786 -3.84 28.01 45.45
CA ILE B 786 -4.92 28.27 44.44
C ILE B 786 -5.43 29.71 44.60
N GLY B 787 -5.61 30.17 45.85
CA GLY B 787 -6.17 31.49 46.18
C GLY B 787 -5.20 32.63 45.94
N ASP B 788 -3.91 32.35 45.73
CA ASP B 788 -2.85 33.35 45.45
C ASP B 788 -2.90 33.80 43.99
N TRP B 789 -3.66 33.10 43.14
CA TRP B 789 -3.82 33.39 41.68
C TRP B 789 -5.06 34.25 41.46
N TYR B 790 -4.88 35.42 40.82
CA TYR B 790 -5.92 36.44 40.57
C TYR B 790 -6.21 36.52 39.07
N VAL B 791 -7.49 36.67 38.72
CA VAL B 791 -8.01 36.89 37.34
C VAL B 791 -8.60 38.31 37.28
N ARG B 792 -8.33 39.05 36.20
CA ARG B 792 -8.83 40.43 36.03
C ARG B 792 -10.27 40.38 35.52
N ALA B 793 -11.20 41.04 36.23
CA ALA B 793 -12.63 41.16 35.86
C ALA B 793 -12.76 42.19 34.72
N ALA B 794 -13.97 42.34 34.17
CA ALA B 794 -14.31 43.29 33.08
C ALA B 794 -14.06 44.73 33.54
N ASP B 795 -14.28 45.01 34.84
CA ASP B 795 -14.14 46.36 35.45
C ASP B 795 -12.71 46.58 35.96
N GLY B 796 -11.80 45.63 35.67
CA GLY B 796 -10.35 45.77 35.92
C GLY B 796 -9.95 45.40 37.34
N GLN B 797 -10.91 44.96 38.16
CA GLN B 797 -10.64 44.50 39.57
C GLN B 797 -10.05 43.09 39.52
N MET B 798 -9.02 42.84 40.33
CA MET B 798 -8.33 41.53 40.45
C MET B 798 -9.06 40.67 41.49
N VAL B 799 -9.63 39.55 41.06
CA VAL B 799 -10.45 38.61 41.90
C VAL B 799 -9.63 37.35 42.15
N PRO B 800 -9.41 36.94 43.42
CA PRO B 800 -8.69 35.71 43.71
C PRO B 800 -9.55 34.47 43.36
N PHE B 801 -8.88 33.36 43.01
CA PHE B 801 -9.53 32.06 42.67
C PHE B 801 -10.45 31.61 43.81
N SER B 802 -10.02 31.83 45.06
CA SER B 802 -10.76 31.49 46.30
C SER B 802 -12.19 32.07 46.27
N ALA B 803 -12.38 33.21 45.58
CA ALA B 803 -13.65 33.98 45.55
C ALA B 803 -14.73 33.22 44.75
N PHE B 804 -14.36 32.48 43.70
CA PHE B 804 -15.30 31.86 42.73
C PHE B 804 -15.03 30.37 42.55
N SER B 805 -14.33 29.72 43.49
CA SER B 805 -13.98 28.27 43.40
C SER B 805 -14.20 27.58 44.75
N SER B 806 -14.62 26.32 44.70
CA SER B 806 -14.69 25.36 45.83
C SER B 806 -14.00 24.06 45.42
N SER B 807 -13.28 23.41 46.34
CA SER B 807 -12.46 22.20 46.07
C SER B 807 -12.79 21.08 47.06
N ARG B 808 -12.65 19.83 46.62
CA ARG B 808 -12.81 18.60 47.44
C ARG B 808 -11.84 17.53 46.93
N TRP B 809 -11.55 16.52 47.75
CA TRP B 809 -10.77 15.31 47.35
C TRP B 809 -11.73 14.26 46.76
N GLU B 810 -11.30 13.60 45.68
CA GLU B 810 -11.98 12.43 45.08
C GLU B 810 -10.90 11.45 44.63
N TYR B 811 -11.31 10.25 44.19
CA TYR B 811 -10.41 9.21 43.62
C TYR B 811 -10.70 9.08 42.12
N GLY B 812 -9.64 8.92 41.32
CA GLY B 812 -9.71 8.72 39.86
C GLY B 812 -8.49 8.01 39.34
N SER B 813 -8.56 7.48 38.11
CA SER B 813 -7.52 6.66 37.45
C SER B 813 -6.40 7.55 36.94
N PRO B 814 -5.11 7.27 37.28
CA PRO B 814 -3.98 7.92 36.64
C PRO B 814 -3.52 7.23 35.34
N ARG B 815 -4.30 6.25 34.85
CA ARG B 815 -4.02 5.48 33.60
C ARG B 815 -5.27 4.68 33.23
N LEU B 816 -6.08 5.20 32.30
CA LEU B 816 -7.32 4.57 31.77
C LEU B 816 -6.97 3.74 30.53
N GLU B 817 -7.24 2.44 30.57
CA GLU B 817 -6.93 1.48 29.47
C GLU B 817 -8.18 1.30 28.62
N ARG B 818 -8.00 1.07 27.32
CA ARG B 818 -9.09 0.70 26.36
C ARG B 818 -8.58 -0.41 25.45
N TYR B 819 -9.46 -1.34 25.07
CA TYR B 819 -9.17 -2.46 24.13
C TYR B 819 -10.30 -2.55 23.11
N ASN B 820 -9.95 -2.42 21.83
CA ASN B 820 -10.88 -2.40 20.66
C ASN B 820 -11.96 -1.34 20.90
N GLY B 821 -11.53 -0.13 21.30
CA GLY B 821 -12.39 1.06 21.40
C GLY B 821 -13.13 1.17 22.73
N LEU B 822 -13.29 0.06 23.45
CA LEU B 822 -14.11 -0.01 24.70
C LEU B 822 -13.19 0.05 25.91
N PRO B 823 -13.68 0.58 27.07
CA PRO B 823 -12.87 0.61 28.29
C PRO B 823 -12.48 -0.81 28.72
N SER B 824 -11.22 -1.01 29.09
CA SER B 824 -10.63 -2.34 29.40
C SER B 824 -9.72 -2.25 30.64
N MET B 825 -9.35 -3.41 31.17
CA MET B 825 -8.30 -3.58 32.21
C MET B 825 -7.52 -4.85 31.90
N GLU B 826 -6.22 -4.71 31.60
CA GLU B 826 -5.31 -5.83 31.27
C GLU B 826 -5.01 -6.61 32.55
N ILE B 827 -5.22 -7.92 32.53
CA ILE B 827 -4.92 -8.86 33.66
C ILE B 827 -3.85 -9.85 33.18
N LEU B 828 -2.74 -9.93 33.90
CA LEU B 828 -1.64 -10.90 33.66
C LEU B 828 -1.79 -12.07 34.64
N GLY B 829 -1.17 -13.21 34.30
CA GLY B 829 -1.20 -14.46 35.08
C GLY B 829 -0.66 -15.62 34.27
N GLN B 830 -0.48 -16.78 34.91
CA GLN B 830 0.13 -17.98 34.27
C GLN B 830 -0.47 -19.25 34.88
N ALA B 831 -0.43 -20.35 34.14
CA ALA B 831 -0.84 -21.70 34.57
C ALA B 831 0.04 -22.14 35.75
N ALA B 832 -0.59 -22.65 36.82
CA ALA B 832 0.08 -23.09 38.07
C ALA B 832 1.01 -24.26 37.78
N PRO B 833 2.04 -24.51 38.62
CA PRO B 833 2.97 -25.62 38.43
C PRO B 833 2.29 -26.93 37.98
N GLY B 834 2.64 -27.42 36.79
CA GLY B 834 2.20 -28.72 36.24
C GLY B 834 0.93 -28.60 35.41
N LYS B 835 0.45 -27.37 35.16
CA LYS B 835 -0.76 -27.10 34.35
C LYS B 835 -0.36 -26.45 33.02
N SER B 836 -1.12 -26.73 31.95
CA SER B 836 -0.95 -26.14 30.59
C SER B 836 -1.55 -24.72 30.57
N THR B 837 -1.03 -23.87 29.70
CA THR B 837 -1.51 -22.46 29.49
C THR B 837 -2.98 -22.50 29.04
N GLY B 838 -3.35 -23.47 28.20
CA GLY B 838 -4.71 -23.64 27.65
C GLY B 838 -5.74 -23.91 28.75
N GLU B 839 -5.35 -24.64 29.80
CA GLU B 839 -6.22 -24.99 30.96
C GLU B 839 -6.51 -23.72 31.79
N ALA B 840 -5.45 -22.98 32.14
CA ALA B 840 -5.52 -21.73 32.92
C ALA B 840 -6.48 -20.74 32.25
N MET B 841 -6.35 -20.57 30.93
CA MET B 841 -7.23 -19.70 30.09
C MET B 841 -8.69 -20.15 30.25
N GLU B 842 -8.94 -21.45 30.16
CA GLU B 842 -10.31 -22.06 30.19
C GLU B 842 -11.00 -21.70 31.51
N LEU B 843 -10.26 -21.72 32.62
CA LEU B 843 -10.79 -21.35 33.97
C LEU B 843 -11.03 -19.84 34.04
N MET B 844 -10.09 -19.03 33.53
CA MET B 844 -10.18 -17.55 33.47
C MET B 844 -11.45 -17.15 32.71
N GLU B 845 -11.78 -17.86 31.62
CA GLU B 845 -13.02 -17.69 30.82
C GLU B 845 -14.24 -18.05 31.66
N GLN B 846 -14.17 -19.18 32.39
CA GLN B 846 -15.26 -19.68 33.27
C GLN B 846 -15.55 -18.67 34.37
N LEU B 847 -14.52 -18.21 35.09
CA LEU B 847 -14.63 -17.24 36.21
C LEU B 847 -15.19 -15.91 35.68
N ALA B 848 -14.90 -15.57 34.41
CA ALA B 848 -15.30 -14.30 33.76
C ALA B 848 -16.79 -14.31 33.40
N SER B 849 -17.34 -15.50 33.10
CA SER B 849 -18.78 -15.69 32.74
C SER B 849 -19.68 -15.52 33.97
N LYS B 850 -19.09 -15.37 35.17
CA LYS B 850 -19.81 -15.16 36.45
C LYS B 850 -19.50 -13.76 37.00
N LEU B 851 -19.30 -12.78 36.12
CA LEU B 851 -19.05 -11.35 36.47
C LEU B 851 -20.30 -10.54 36.17
N PRO B 852 -20.45 -9.33 36.76
CA PRO B 852 -21.66 -8.52 36.56
C PRO B 852 -22.05 -8.32 35.08
N THR B 853 -23.33 -8.07 34.82
CA THR B 853 -23.91 -7.88 33.47
C THR B 853 -23.19 -6.73 32.76
N GLY B 854 -22.75 -6.95 31.51
CA GLY B 854 -22.08 -5.95 30.66
C GLY B 854 -20.57 -6.02 30.75
N VAL B 855 -20.02 -6.83 31.65
CA VAL B 855 -18.55 -7.04 31.81
C VAL B 855 -18.14 -8.23 30.94
N GLY B 856 -17.58 -7.96 29.76
CA GLY B 856 -17.03 -8.96 28.83
C GLY B 856 -15.55 -9.18 29.05
N TYR B 857 -14.93 -9.99 28.19
CA TYR B 857 -13.49 -10.32 28.23
C TYR B 857 -12.98 -10.63 26.81
N ASP B 858 -11.66 -10.65 26.65
CA ASP B 858 -10.99 -11.01 25.37
C ASP B 858 -9.52 -11.34 25.65
N TRP B 859 -8.90 -12.12 24.75
CA TRP B 859 -7.46 -12.50 24.79
C TRP B 859 -6.68 -11.62 23.81
N THR B 860 -5.47 -11.20 24.21
CA THR B 860 -4.59 -10.28 23.43
C THR B 860 -3.14 -10.76 23.52
N GLY B 861 -2.27 -10.26 22.64
CA GLY B 861 -0.83 -10.58 22.60
C GLY B 861 -0.59 -12.06 22.42
N MET B 862 0.27 -12.65 23.26
CA MET B 862 0.68 -14.08 23.20
C MET B 862 -0.57 -14.99 23.28
N SER B 863 -1.55 -14.63 24.11
CA SER B 863 -2.80 -15.40 24.34
C SER B 863 -3.60 -15.51 23.02
N TYR B 864 -3.79 -14.39 22.33
CA TYR B 864 -4.46 -14.29 21.00
C TYR B 864 -3.77 -15.24 20.02
N GLN B 865 -2.44 -15.18 19.94
CA GLN B 865 -1.59 -15.95 18.98
C GLN B 865 -1.51 -17.41 19.39
N GLU B 866 -1.41 -17.70 20.70
CA GLU B 866 -1.31 -19.09 21.26
C GLU B 866 -2.60 -19.85 20.92
N ARG B 867 -3.75 -19.16 20.95
CA ARG B 867 -5.08 -19.73 20.58
C ARG B 867 -5.10 -20.10 19.10
N LEU B 868 -4.56 -19.23 18.23
CA LEU B 868 -4.57 -19.39 16.76
C LEU B 868 -3.49 -20.40 16.33
N SER B 869 -2.26 -20.24 16.82
CA SER B 869 -1.09 -21.10 16.49
C SER B 869 -1.25 -22.49 17.13
N GLY B 870 -2.02 -22.60 18.22
CA GLY B 870 -2.32 -23.86 18.91
C GLY B 870 -3.41 -24.65 18.21
N ASN B 871 -4.27 -23.98 17.44
CA ASN B 871 -5.41 -24.59 16.70
C ASN B 871 -4.90 -25.45 15.54
N GLN B 872 -3.78 -25.05 14.92
CA GLN B 872 -3.26 -25.62 13.64
C GLN B 872 -2.15 -26.64 13.91
N ALA B 873 -1.68 -26.76 15.16
CA ALA B 873 -0.59 -27.69 15.59
C ALA B 873 -0.94 -29.13 15.21
N PRO B 874 -2.15 -29.65 15.54
CA PRO B 874 -2.52 -31.02 15.19
C PRO B 874 -2.36 -31.34 13.70
N SER B 875 -2.87 -30.45 12.84
CA SER B 875 -2.89 -30.59 11.35
C SER B 875 -1.47 -30.79 10.81
N LEU B 876 -0.51 -30.02 11.32
CA LEU B 876 0.90 -30.01 10.86
C LEU B 876 1.58 -31.34 11.26
N TYR B 877 1.48 -31.71 12.54
CA TYR B 877 1.94 -33.01 13.09
C TYR B 877 1.42 -34.15 12.23
N ALA B 878 0.14 -34.09 11.85
CA ALA B 878 -0.56 -35.10 11.03
C ALA B 878 0.03 -35.14 9.61
N ILE B 879 0.00 -34.00 8.91
CA ILE B 879 0.54 -33.82 7.53
C ILE B 879 1.98 -34.34 7.48
N SER B 880 2.77 -34.03 8.51
CA SER B 880 4.19 -34.45 8.66
C SER B 880 4.28 -35.98 8.60
N LEU B 881 3.53 -36.67 9.46
CA LEU B 881 3.52 -38.16 9.59
C LEU B 881 3.03 -38.80 8.29
N ILE B 882 1.95 -38.27 7.70
CA ILE B 882 1.28 -38.82 6.48
C ILE B 882 2.27 -38.76 5.31
N VAL B 883 2.95 -37.63 5.11
CA VAL B 883 3.89 -37.41 3.97
C VAL B 883 5.15 -38.26 4.17
N VAL B 884 5.67 -38.32 5.41
CA VAL B 884 6.84 -39.17 5.76
C VAL B 884 6.53 -40.62 5.38
N PHE B 885 5.41 -41.14 5.87
CA PHE B 885 4.90 -42.51 5.59
C PHE B 885 4.87 -42.74 4.07
N LEU B 886 4.15 -41.87 3.36
CA LEU B 886 3.92 -41.96 1.88
C LEU B 886 5.26 -41.99 1.15
N CYS B 887 6.23 -41.16 1.58
CA CYS B 887 7.58 -41.06 0.97
C CYS B 887 8.34 -42.38 1.15
N LEU B 888 8.33 -42.93 2.37
CA LEU B 888 8.97 -44.24 2.71
C LEU B 888 8.28 -45.36 1.92
N ALA B 889 6.95 -45.27 1.72
CA ALA B 889 6.14 -46.25 0.98
C ALA B 889 6.58 -46.31 -0.48
N ALA B 890 6.88 -45.16 -1.09
CA ALA B 890 7.36 -45.03 -2.49
C ALA B 890 8.78 -45.59 -2.59
N LEU B 891 9.64 -45.30 -1.61
CA LEU B 891 11.06 -45.73 -1.53
C LEU B 891 11.13 -47.27 -1.48
N TYR B 892 10.33 -47.89 -0.60
CA TYR B 892 10.38 -49.34 -0.28
C TYR B 892 9.36 -50.12 -1.12
N GLU B 893 8.40 -49.45 -1.75
CA GLU B 893 7.32 -50.08 -2.57
C GLU B 893 6.55 -51.06 -1.67
N SER B 894 6.09 -50.60 -0.51
CA SER B 894 5.28 -51.38 0.47
C SER B 894 4.64 -50.42 1.48
N TRP B 895 3.38 -50.69 1.87
CA TRP B 895 2.62 -49.90 2.87
C TRP B 895 3.05 -50.28 4.28
N SER B 896 3.69 -51.45 4.45
CA SER B 896 4.02 -52.08 5.75
C SER B 896 5.38 -51.61 6.28
N ILE B 897 6.42 -51.69 5.44
CA ILE B 897 7.85 -51.51 5.85
C ILE B 897 8.04 -50.12 6.47
N PRO B 898 7.51 -49.02 5.90
CA PRO B 898 7.66 -47.68 6.50
C PRO B 898 7.65 -47.65 8.03
N PHE B 899 6.77 -48.45 8.66
CA PHE B 899 6.62 -48.53 10.15
C PHE B 899 7.95 -48.92 10.80
N SER B 900 8.70 -49.83 10.17
CA SER B 900 10.05 -50.28 10.63
C SER B 900 10.97 -49.07 10.85
N VAL B 901 10.86 -48.06 9.97
CA VAL B 901 11.61 -46.78 10.05
C VAL B 901 10.95 -45.87 11.08
N MET B 902 9.64 -45.63 10.92
CA MET B 902 8.85 -44.63 11.69
C MET B 902 8.84 -44.97 13.19
N LEU B 903 9.07 -46.24 13.55
CA LEU B 903 9.06 -46.73 14.96
C LEU B 903 10.28 -46.19 15.73
N VAL B 904 11.27 -45.59 15.05
CA VAL B 904 12.56 -45.13 15.65
C VAL B 904 12.35 -43.86 16.47
N VAL B 905 11.29 -43.09 16.18
CA VAL B 905 11.07 -41.70 16.68
C VAL B 905 11.34 -41.63 18.18
N PRO B 906 10.71 -42.46 19.03
CA PRO B 906 10.89 -42.36 20.49
C PRO B 906 12.32 -42.60 20.99
N LEU B 907 13.10 -43.42 20.27
CA LEU B 907 14.48 -43.84 20.66
C LEU B 907 15.39 -42.61 20.80
N GLY B 908 15.17 -41.58 19.98
CA GLY B 908 15.91 -40.30 20.02
C GLY B 908 15.34 -39.36 21.06
N VAL B 909 14.01 -39.28 21.17
CA VAL B 909 13.28 -38.31 22.03
C VAL B 909 13.54 -38.61 23.50
N ILE B 910 13.60 -39.90 23.88
CA ILE B 910 13.75 -40.37 25.29
C ILE B 910 15.04 -39.79 25.90
N GLY B 911 16.17 -39.86 25.19
CA GLY B 911 17.48 -39.39 25.67
C GLY B 911 17.52 -37.88 25.81
N ALA B 912 16.96 -37.17 24.82
CA ALA B 912 16.81 -35.69 24.81
C ALA B 912 16.06 -35.27 26.09
N LEU B 913 14.94 -35.94 26.39
CA LEU B 913 14.06 -35.66 27.55
C LEU B 913 14.81 -35.96 28.86
N LEU B 914 15.52 -37.09 28.93
CA LEU B 914 16.32 -37.50 30.12
C LEU B 914 17.43 -36.47 30.38
N ALA B 915 18.20 -36.15 29.34
CA ALA B 915 19.33 -35.18 29.37
C ALA B 915 18.84 -33.80 29.83
N ALA B 916 17.74 -33.32 29.25
CA ALA B 916 17.12 -32.01 29.54
C ALA B 916 16.57 -31.99 30.97
N THR B 917 15.91 -33.08 31.39
CA THR B 917 15.30 -33.24 32.74
C THR B 917 16.40 -33.26 33.80
N PHE B 918 17.38 -34.16 33.65
CA PHE B 918 18.57 -34.30 34.55
C PHE B 918 19.28 -32.95 34.68
N ARG B 919 19.59 -32.32 33.56
CA ARG B 919 20.34 -31.04 33.48
C ARG B 919 19.52 -29.91 34.12
N GLY B 920 18.19 -29.97 34.02
CA GLY B 920 17.26 -28.98 34.57
C GLY B 920 16.99 -27.85 33.58
N LEU B 921 16.82 -28.20 32.30
CA LEU B 921 16.46 -27.25 31.21
C LEU B 921 14.94 -27.31 30.99
N THR B 922 14.44 -26.68 29.91
CA THR B 922 13.00 -26.55 29.58
C THR B 922 12.73 -27.11 28.19
N ASN B 923 11.47 -27.45 27.91
CA ASN B 923 10.96 -27.84 26.56
C ASN B 923 10.84 -26.55 25.72
N ASP B 924 11.99 -25.94 25.39
CA ASP B 924 12.09 -24.65 24.66
C ASP B 924 12.11 -24.93 23.15
N VAL B 925 12.18 -23.87 22.33
CA VAL B 925 12.15 -23.95 20.84
C VAL B 925 13.42 -24.69 20.36
N TYR B 926 14.59 -24.28 20.85
CA TYR B 926 15.92 -24.87 20.48
C TYR B 926 15.90 -26.39 20.73
N PHE B 927 15.32 -26.79 21.86
CA PHE B 927 15.16 -28.22 22.27
C PHE B 927 14.28 -28.96 21.26
N GLN B 928 13.15 -28.34 20.88
CA GLN B 928 12.11 -28.93 19.98
C GLN B 928 12.70 -29.11 18.57
N VAL B 929 13.44 -28.12 18.07
CA VAL B 929 14.13 -28.19 16.75
C VAL B 929 15.25 -29.24 16.85
N GLY B 930 15.90 -29.32 18.01
CA GLY B 930 16.91 -30.35 18.34
C GLY B 930 16.35 -31.75 18.28
N LEU B 931 15.13 -31.95 18.79
CA LEU B 931 14.39 -33.25 18.73
C LEU B 931 14.20 -33.67 17.27
N LEU B 932 13.81 -32.74 16.40
CA LEU B 932 13.50 -33.01 14.97
C LEU B 932 14.76 -33.41 14.22
N THR B 933 15.92 -32.82 14.56
CA THR B 933 17.24 -33.13 13.94
C THR B 933 17.75 -34.48 14.45
N THR B 934 17.46 -34.82 15.72
CA THR B 934 17.77 -36.13 16.34
C THR B 934 16.88 -37.20 15.69
N ILE B 935 15.57 -36.97 15.61
CA ILE B 935 14.57 -37.87 14.97
C ILE B 935 14.97 -38.08 13.50
N GLY B 936 15.28 -36.99 12.79
CA GLY B 936 15.66 -36.99 11.37
C GLY B 936 16.88 -37.85 11.08
N LEU B 937 17.93 -37.72 11.91
CA LEU B 937 19.22 -38.45 11.75
C LEU B 937 19.02 -39.93 12.10
N SER B 938 18.30 -40.21 13.20
CA SER B 938 17.95 -41.59 13.65
C SER B 938 17.05 -42.25 12.61
N ALA B 939 16.17 -41.49 11.97
CA ALA B 939 15.30 -41.94 10.85
C ALA B 939 16.17 -42.26 9.62
N LYS B 940 17.22 -41.46 9.40
CA LYS B 940 18.17 -41.63 8.26
C LYS B 940 18.93 -42.95 8.43
N ASN B 941 19.48 -43.18 9.63
CA ASN B 941 20.19 -44.44 10.02
C ASN B 941 19.27 -45.63 9.71
N ALA B 942 18.05 -45.60 10.22
CA ALA B 942 17.02 -46.67 10.07
C ALA B 942 16.70 -46.90 8.60
N ILE B 943 16.48 -45.82 7.84
CA ILE B 943 16.14 -45.88 6.38
C ILE B 943 17.21 -46.69 5.65
N LEU B 944 18.49 -46.44 5.96
CA LEU B 944 19.66 -47.05 5.27
C LEU B 944 19.79 -48.54 5.66
N ILE B 945 19.57 -48.87 6.94
CA ILE B 945 19.59 -50.29 7.44
C ILE B 945 18.49 -51.07 6.72
N VAL B 946 17.26 -50.52 6.71
CA VAL B 946 16.04 -51.17 6.14
C VAL B 946 16.21 -51.30 4.61
N GLU B 947 16.74 -50.27 3.95
CA GLU B 947 16.98 -50.24 2.48
C GLU B 947 17.96 -51.37 2.12
N PHE B 948 19.08 -51.48 2.85
CA PHE B 948 20.11 -52.53 2.70
C PHE B 948 19.50 -53.91 2.96
N ALA B 949 18.77 -54.04 4.07
CA ALA B 949 18.10 -55.28 4.53
C ALA B 949 17.15 -55.77 3.43
N LYS B 950 16.24 -54.91 2.98
CA LYS B 950 15.21 -55.24 1.95
C LYS B 950 15.90 -55.59 0.62
N ASP B 951 16.89 -54.79 0.21
CA ASP B 951 17.58 -54.94 -1.11
C ASP B 951 18.29 -56.30 -1.14
N LEU B 952 18.88 -56.75 -0.03
CA LEU B 952 19.52 -58.08 0.09
C LEU B 952 18.46 -59.17 -0.12
N MET B 953 17.30 -59.04 0.52
CA MET B 953 16.16 -60.00 0.40
C MET B 953 15.62 -60.00 -1.04
N ASP B 954 15.48 -58.82 -1.64
CA ASP B 954 14.81 -58.63 -2.97
C ASP B 954 15.73 -59.11 -4.10
N LYS B 955 17.01 -58.70 -4.09
CA LYS B 955 17.95 -58.90 -5.23
C LYS B 955 18.76 -60.19 -5.04
N GLU B 956 19.39 -60.37 -3.87
CA GLU B 956 20.29 -61.53 -3.58
C GLU B 956 19.49 -62.68 -2.94
N GLY B 957 18.17 -62.55 -2.82
CA GLY B 957 17.25 -63.61 -2.38
C GLY B 957 17.60 -64.16 -1.00
N LYS B 958 18.12 -63.32 -0.10
CA LYS B 958 18.52 -63.70 1.27
C LYS B 958 17.28 -63.79 2.17
N GLY B 959 17.40 -64.49 3.31
CA GLY B 959 16.35 -64.61 4.33
C GLY B 959 16.25 -63.35 5.18
N LEU B 960 15.11 -63.17 5.85
CA LEU B 960 14.80 -61.95 6.68
C LEU B 960 15.94 -61.71 7.68
N ILE B 961 16.20 -62.68 8.57
CA ILE B 961 17.16 -62.54 9.70
C ILE B 961 18.58 -62.39 9.12
N GLU B 962 18.89 -63.14 8.06
CA GLU B 962 20.22 -63.11 7.37
C GLU B 962 20.48 -61.71 6.80
N ALA B 963 19.53 -61.20 6.00
CA ALA B 963 19.58 -59.88 5.35
C ALA B 963 19.71 -58.77 6.41
N THR B 964 18.90 -58.85 7.47
CA THR B 964 18.85 -57.87 8.59
C THR B 964 20.21 -57.83 9.30
N LEU B 965 20.77 -59.00 9.63
CA LEU B 965 22.08 -59.13 10.34
C LEU B 965 23.20 -58.59 9.45
N ASP B 966 23.18 -58.94 8.16
CA ASP B 966 24.17 -58.48 7.15
C ASP B 966 24.08 -56.96 7.00
N ALA B 967 22.84 -56.42 7.01
CA ALA B 967 22.55 -54.97 6.87
C ALA B 967 23.15 -54.20 8.05
N VAL B 968 22.76 -54.53 9.28
CA VAL B 968 23.18 -53.80 10.53
C VAL B 968 24.71 -53.86 10.66
N ARG B 969 25.34 -54.94 10.21
CA ARG B 969 26.82 -55.11 10.19
C ARG B 969 27.44 -53.99 9.33
N MET B 970 26.98 -53.89 8.09
CA MET B 970 27.47 -52.91 7.07
C MET B 970 27.24 -51.48 7.56
N ARG B 971 26.15 -51.23 8.29
CA ARG B 971 25.70 -49.86 8.68
C ARG B 971 26.22 -49.45 10.06
N LEU B 972 26.91 -50.35 10.79
CA LEU B 972 27.39 -50.03 12.17
C LEU B 972 28.45 -48.93 12.11
N ARG B 973 29.52 -49.14 11.33
CA ARG B 973 30.69 -48.21 11.22
C ARG B 973 30.21 -46.80 10.90
N PRO B 974 29.43 -46.56 9.82
CA PRO B 974 28.99 -45.21 9.47
C PRO B 974 28.13 -44.55 10.56
N ILE B 975 27.26 -45.32 11.22
CA ILE B 975 26.36 -44.81 12.31
C ILE B 975 27.22 -44.39 13.51
N LEU B 976 28.22 -45.19 13.89
CA LEU B 976 29.13 -44.92 15.03
C LEU B 976 30.04 -43.73 14.71
N MET B 977 30.47 -43.60 13.45
CA MET B 977 31.34 -42.49 12.97
C MET B 977 30.62 -41.16 13.12
N THR B 978 29.45 -41.01 12.47
CA THR B 978 28.59 -39.80 12.51
C THR B 978 28.29 -39.41 13.97
N SER B 979 27.90 -40.39 14.78
CA SER B 979 27.46 -40.20 16.19
C SER B 979 28.62 -39.70 17.05
N LEU B 980 29.78 -40.37 16.96
CA LEU B 980 31.02 -40.04 17.72
C LEU B 980 31.43 -38.59 17.46
N ALA B 981 31.41 -38.15 16.20
CA ALA B 981 31.82 -36.81 15.75
C ALA B 981 30.80 -35.76 16.22
N PHE B 982 29.51 -36.03 16.03
CA PHE B 982 28.40 -35.07 16.28
C PHE B 982 28.17 -34.88 17.79
N ILE B 983 28.38 -35.94 18.58
CA ILE B 983 28.22 -35.90 20.08
C ILE B 983 29.37 -35.08 20.66
N LEU B 984 30.61 -35.33 20.23
CA LEU B 984 31.82 -34.55 20.63
C LEU B 984 31.68 -33.11 20.13
N GLY B 985 31.11 -32.91 18.94
CA GLY B 985 30.94 -31.61 18.28
C GLY B 985 30.05 -30.65 19.05
N VAL B 986 29.07 -31.17 19.80
CA VAL B 986 28.08 -30.37 20.59
C VAL B 986 28.40 -30.48 22.09
N MET B 987 29.52 -31.11 22.46
CA MET B 987 29.97 -31.24 23.88
C MET B 987 30.26 -29.86 24.46
N PRO B 988 30.96 -28.95 23.73
CA PRO B 988 31.23 -27.60 24.23
C PRO B 988 29.97 -26.77 24.55
N LEU B 989 28.88 -26.99 23.82
CA LEU B 989 27.60 -26.23 23.94
C LEU B 989 26.90 -26.61 25.25
N VAL B 990 27.03 -27.87 25.69
CA VAL B 990 26.35 -28.42 26.90
C VAL B 990 26.99 -27.82 28.16
N ILE B 991 28.32 -27.68 28.17
CA ILE B 991 29.11 -27.22 29.34
C ILE B 991 29.23 -25.69 29.34
N SER B 992 29.05 -25.05 28.17
CA SER B 992 29.16 -23.57 27.97
C SER B 992 28.47 -22.84 29.12
N THR B 993 29.20 -21.95 29.81
CA THR B 993 28.73 -21.16 30.98
C THR B 993 28.66 -19.67 30.64
N GLY B 994 29.37 -19.22 29.59
CA GLY B 994 29.61 -17.81 29.28
C GLY B 994 28.41 -17.12 28.67
N ALA B 995 28.65 -16.17 27.76
CA ALA B 995 27.63 -15.32 27.10
C ALA B 995 26.76 -16.17 26.17
N GLY B 996 25.45 -15.88 26.16
CA GLY B 996 24.44 -16.56 25.31
C GLY B 996 24.55 -18.08 25.42
N SER B 997 24.84 -18.59 26.62
CA SER B 997 25.06 -20.04 26.90
C SER B 997 23.71 -20.74 27.16
N GLY B 998 22.66 -19.98 27.48
CA GLY B 998 21.29 -20.48 27.65
C GLY B 998 20.78 -21.15 26.38
N ALA B 999 21.02 -20.53 25.22
CA ALA B 999 20.68 -21.04 23.88
C ALA B 999 21.57 -22.24 23.53
N GLN B 1000 22.88 -22.11 23.77
CA GLN B 1000 23.89 -23.18 23.50
C GLN B 1000 23.51 -24.45 24.28
N ASN B 1001 23.25 -24.32 25.58
CA ASN B 1001 22.83 -25.43 26.48
C ASN B 1001 21.56 -26.07 25.91
N ALA B 1002 20.53 -25.25 25.65
CA ALA B 1002 19.20 -25.67 25.13
C ALA B 1002 19.37 -26.48 23.84
N VAL B 1003 20.30 -26.06 22.97
CA VAL B 1003 20.62 -26.73 21.67
C VAL B 1003 21.32 -28.06 21.96
N GLY B 1004 22.52 -28.00 22.55
CA GLY B 1004 23.45 -29.13 22.70
C GLY B 1004 22.90 -30.24 23.59
N THR B 1005 22.41 -29.90 24.78
CA THR B 1005 21.99 -30.84 25.85
C THR B 1005 20.94 -31.83 25.30
N GLY B 1006 19.87 -31.32 24.68
CA GLY B 1006 18.77 -32.11 24.10
C GLY B 1006 19.17 -32.84 22.83
N VAL B 1007 20.32 -32.47 22.23
CA VAL B 1007 20.88 -33.10 21.01
C VAL B 1007 21.84 -34.22 21.42
N MET B 1008 22.79 -33.94 22.32
CA MET B 1008 23.76 -34.94 22.86
C MET B 1008 22.97 -36.12 23.44
N GLY B 1009 22.14 -35.85 24.45
CA GLY B 1009 21.29 -36.85 25.13
C GLY B 1009 20.46 -37.64 24.12
N GLY B 1010 19.82 -36.95 23.18
CA GLY B 1010 19.01 -37.54 22.11
C GLY B 1010 19.83 -38.47 21.23
N MET B 1011 21.05 -38.06 20.87
CA MET B 1011 21.98 -38.83 19.97
C MET B 1011 22.51 -40.06 20.70
N VAL B 1012 22.89 -39.93 21.98
CA VAL B 1012 23.47 -41.03 22.81
C VAL B 1012 22.49 -42.22 22.81
N THR B 1013 21.20 -41.96 23.10
CA THR B 1013 20.13 -42.99 23.15
C THR B 1013 19.77 -43.42 21.72
N ALA B 1014 19.53 -42.46 20.81
CA ALA B 1014 19.16 -42.70 19.40
C ALA B 1014 20.17 -43.66 18.76
N THR B 1015 21.46 -43.44 18.99
CA THR B 1015 22.58 -44.27 18.46
C THR B 1015 22.55 -45.65 19.12
N VAL B 1016 22.69 -45.69 20.45
CA VAL B 1016 22.77 -46.93 21.28
C VAL B 1016 21.56 -47.82 21.00
N LEU B 1017 20.35 -47.27 21.02
CA LEU B 1017 19.08 -48.04 20.94
C LEU B 1017 18.80 -48.45 19.49
N ALA B 1018 18.94 -47.53 18.51
CA ALA B 1018 18.60 -47.74 17.09
C ALA B 1018 19.32 -48.98 16.54
N ILE B 1019 20.62 -49.11 16.82
CA ILE B 1019 21.48 -50.21 16.29
C ILE B 1019 20.93 -51.57 16.75
N PHE B 1020 20.22 -51.61 17.88
CA PHE B 1020 19.64 -52.84 18.49
C PHE B 1020 18.14 -52.98 18.17
N PHE B 1021 17.41 -51.88 18.02
CA PHE B 1021 15.93 -51.86 17.92
C PHE B 1021 15.46 -51.83 16.46
N VAL B 1022 16.17 -51.10 15.58
CA VAL B 1022 15.82 -50.99 14.12
C VAL B 1022 15.71 -52.38 13.52
N PRO B 1023 16.71 -53.29 13.70
CA PRO B 1023 16.59 -54.66 13.18
C PRO B 1023 15.33 -55.37 13.71
N VAL B 1024 14.98 -55.17 14.98
CA VAL B 1024 13.75 -55.73 15.62
C VAL B 1024 12.54 -55.23 14.82
N PHE B 1025 12.37 -53.91 14.69
CA PHE B 1025 11.24 -53.25 14.00
C PHE B 1025 11.06 -53.87 12.62
N PHE B 1026 12.14 -53.95 11.83
CA PHE B 1026 12.14 -54.48 10.44
C PHE B 1026 11.64 -55.93 10.45
N VAL B 1027 12.12 -56.75 11.39
CA VAL B 1027 11.79 -58.20 11.48
C VAL B 1027 10.32 -58.37 11.90
N VAL B 1028 9.88 -57.64 12.93
CA VAL B 1028 8.48 -57.70 13.48
C VAL B 1028 7.50 -57.24 12.39
N VAL B 1029 7.79 -56.11 11.75
CA VAL B 1029 6.91 -55.47 10.72
C VAL B 1029 6.79 -56.41 9.50
N ARG B 1030 7.92 -56.97 9.04
CA ARG B 1030 7.98 -57.89 7.87
C ARG B 1030 7.26 -59.21 8.17
N ARG B 1031 7.13 -59.57 9.44
CA ARG B 1031 6.46 -60.83 9.89
C ARG B 1031 4.94 -60.64 9.91
N ARG B 1032 4.45 -59.63 10.63
CA ARG B 1032 2.99 -59.34 10.80
C ARG B 1032 2.32 -59.25 9.42
N PHE B 1033 2.96 -58.57 8.46
CA PHE B 1033 2.48 -58.39 7.07
C PHE B 1033 3.36 -59.21 6.12
N SER B 1034 2.85 -60.37 5.66
CA SER B 1034 3.54 -61.34 4.77
C SER B 1034 4.09 -60.61 3.53
N MET C 1 18.19 -35.43 -30.84
CA MET C 1 17.21 -34.36 -31.22
C MET C 1 17.43 -33.93 -32.68
N PRO C 2 18.67 -33.61 -33.13
CA PRO C 2 18.91 -33.24 -34.52
C PRO C 2 18.49 -34.33 -35.53
N ASN C 3 18.83 -35.60 -35.23
CA ASN C 3 18.44 -36.78 -36.05
C ASN C 3 16.91 -36.85 -36.16
N PHE C 4 16.21 -36.65 -35.03
CA PHE C 4 14.73 -36.71 -34.91
C PHE C 4 14.08 -35.77 -35.95
N PHE C 5 14.63 -34.55 -36.10
CA PHE C 5 14.02 -33.45 -36.89
C PHE C 5 14.48 -33.50 -38.35
N ILE C 6 15.55 -34.24 -38.67
CA ILE C 6 15.98 -34.50 -40.07
C ILE C 6 14.90 -35.32 -40.78
N ASP C 7 14.31 -36.30 -40.07
CA ASP C 7 13.21 -37.17 -40.56
C ASP C 7 11.87 -36.43 -40.49
N ARG C 8 11.76 -35.44 -39.59
CA ARG C 8 10.51 -34.68 -39.32
C ARG C 8 10.72 -33.20 -39.65
N PRO C 9 10.85 -32.82 -40.94
CA PRO C 9 11.01 -31.42 -41.32
C PRO C 9 9.77 -30.54 -41.06
N ILE C 10 8.56 -31.10 -41.18
CA ILE C 10 7.28 -30.38 -40.92
C ILE C 10 7.22 -29.99 -39.44
N PHE C 11 7.45 -30.95 -38.54
CA PHE C 11 7.52 -30.75 -37.07
C PHE C 11 8.47 -29.58 -36.79
N ALA C 12 9.68 -29.62 -37.36
CA ALA C 12 10.75 -28.60 -37.20
C ALA C 12 10.26 -27.24 -37.71
N TRP C 13 9.59 -27.22 -38.87
CA TRP C 13 8.97 -26.01 -39.46
C TRP C 13 7.85 -25.49 -38.54
N VAL C 14 7.04 -26.40 -37.99
CA VAL C 14 5.89 -26.09 -37.09
C VAL C 14 6.41 -25.36 -35.85
N ILE C 15 7.44 -25.91 -35.18
CA ILE C 15 8.08 -25.31 -33.98
C ILE C 15 8.49 -23.87 -34.31
N ALA C 16 9.20 -23.69 -35.44
CA ALA C 16 9.74 -22.39 -35.91
C ALA C 16 8.59 -21.41 -36.22
N ILE C 17 7.53 -21.88 -36.88
CA ILE C 17 6.36 -21.05 -37.29
C ILE C 17 5.64 -20.55 -36.03
N ILE C 18 5.39 -21.45 -35.06
CA ILE C 18 4.70 -21.12 -33.77
C ILE C 18 5.50 -20.05 -33.03
N ILE C 19 6.84 -20.19 -32.97
CA ILE C 19 7.78 -19.21 -32.33
C ILE C 19 7.64 -17.86 -33.03
N MET C 20 7.47 -17.86 -34.36
CA MET C 20 7.40 -16.62 -35.19
C MET C 20 6.05 -15.91 -34.97
N LEU C 21 4.95 -16.67 -34.83
CA LEU C 21 3.60 -16.12 -34.54
C LEU C 21 3.64 -15.41 -33.19
N ALA C 22 3.99 -16.15 -32.13
CA ALA C 22 4.15 -15.65 -30.74
C ALA C 22 4.89 -14.31 -30.75
N GLY C 23 6.00 -14.23 -31.50
CA GLY C 23 6.85 -13.03 -31.63
C GLY C 23 6.12 -11.91 -32.37
N GLY C 24 5.54 -12.23 -33.53
CA GLY C 24 4.74 -11.30 -34.35
C GLY C 24 3.59 -10.70 -33.54
N LEU C 25 2.92 -11.54 -32.75
CA LEU C 25 1.79 -11.14 -31.85
C LEU C 25 2.31 -10.21 -30.75
N ALA C 26 3.50 -10.49 -30.20
CA ALA C 26 4.13 -9.73 -29.10
C ALA C 26 4.44 -8.29 -29.56
N ILE C 27 4.98 -8.12 -30.77
CA ILE C 27 5.36 -6.81 -31.38
C ILE C 27 4.18 -5.83 -31.26
N LEU C 28 2.95 -6.32 -31.45
CA LEU C 28 1.71 -5.50 -31.44
C LEU C 28 1.41 -5.04 -30.00
N LYS C 29 1.64 -5.93 -29.02
CA LYS C 29 1.30 -5.73 -27.59
C LYS C 29 2.45 -5.02 -26.85
N LEU C 30 3.69 -5.10 -27.37
CA LEU C 30 4.91 -4.57 -26.71
C LEU C 30 4.89 -3.04 -26.69
N PRO C 31 5.25 -2.39 -25.56
CA PRO C 31 5.44 -0.94 -25.53
C PRO C 31 6.66 -0.49 -26.34
N VAL C 32 6.75 0.81 -26.63
CA VAL C 32 7.90 1.44 -27.34
C VAL C 32 8.35 2.66 -26.52
N ALA C 33 9.67 2.87 -26.42
CA ALA C 33 10.32 4.00 -25.71
C ALA C 33 11.78 4.11 -26.15
N GLN C 34 12.46 5.22 -25.82
CA GLN C 34 13.92 5.39 -26.06
C GLN C 34 14.67 4.43 -25.13
N TYR C 35 14.36 4.49 -23.83
CA TYR C 35 14.92 3.61 -22.77
C TYR C 35 13.79 2.93 -22.02
N PRO C 36 14.08 1.92 -21.17
CA PRO C 36 13.16 1.48 -20.13
C PRO C 36 13.27 2.45 -18.95
N THR C 37 12.79 2.05 -17.76
CA THR C 37 13.04 2.77 -16.49
C THR C 37 14.48 2.50 -16.06
N ILE C 38 15.39 3.44 -16.36
CA ILE C 38 16.83 3.38 -16.00
C ILE C 38 17.11 4.38 -14.86
N ALA C 39 16.32 5.45 -14.77
CA ALA C 39 16.42 6.49 -13.72
C ALA C 39 16.01 5.90 -12.37
N PRO C 40 16.81 6.10 -11.30
CA PRO C 40 16.37 5.75 -9.95
C PRO C 40 15.26 6.68 -9.51
N PRO C 41 14.25 6.20 -8.75
CA PRO C 41 13.09 7.02 -8.40
C PRO C 41 13.47 8.10 -7.39
N ALA C 42 12.73 9.21 -7.36
CA ALA C 42 12.96 10.36 -6.47
C ALA C 42 11.62 10.87 -5.94
N VAL C 43 11.60 11.32 -4.69
CA VAL C 43 10.41 11.89 -3.98
C VAL C 43 10.78 13.29 -3.49
N THR C 44 9.98 14.31 -3.85
CA THR C 44 10.22 15.73 -3.49
C THR C 44 9.15 16.18 -2.47
N ILE C 45 9.60 16.59 -1.28
CA ILE C 45 8.78 17.29 -0.25
C ILE C 45 8.85 18.79 -0.56
N SER C 46 7.73 19.41 -0.91
CA SER C 46 7.61 20.87 -1.17
C SER C 46 6.84 21.54 -0.03
N ALA C 47 7.38 22.66 0.49
CA ALA C 47 6.76 23.49 1.56
C ALA C 47 6.99 24.98 1.24
N SER C 48 6.18 25.85 1.83
CA SER C 48 6.20 27.32 1.62
C SER C 48 6.00 28.03 2.98
N TYR C 49 6.91 28.96 3.31
CA TYR C 49 6.83 29.83 4.51
C TYR C 49 6.82 31.29 4.05
N PRO C 50 5.67 31.80 3.55
CA PRO C 50 5.62 33.12 2.93
C PRO C 50 6.09 34.25 3.85
N GLY C 51 7.06 35.04 3.39
CA GLY C 51 7.61 36.21 4.11
C GLY C 51 8.94 35.93 4.78
N ALA C 52 9.29 34.65 4.94
CA ALA C 52 10.52 34.18 5.64
C ALA C 52 11.69 34.13 4.66
N ASP C 53 12.89 34.51 5.13
CA ASP C 53 14.15 34.43 4.35
C ASP C 53 14.69 32.99 4.46
N ALA C 54 15.61 32.62 3.56
CA ALA C 54 16.19 31.27 3.41
C ALA C 54 16.64 30.72 4.78
N LYS C 55 17.35 31.53 5.56
CA LYS C 55 17.90 31.15 6.89
C LYS C 55 16.74 30.75 7.82
N THR C 56 15.74 31.62 7.96
CA THR C 56 14.52 31.39 8.78
C THR C 56 13.81 30.11 8.32
N VAL C 57 13.63 29.96 7.01
CA VAL C 57 12.93 28.81 6.35
C VAL C 57 13.70 27.52 6.66
N GLN C 58 15.04 27.55 6.54
CA GLN C 58 15.93 26.37 6.72
C GLN C 58 15.86 25.89 8.18
N ASP C 59 15.91 26.81 9.14
CA ASP C 59 15.97 26.53 10.60
C ASP C 59 14.63 25.93 11.06
N THR C 60 13.51 26.45 10.56
CA THR C 60 12.14 26.17 11.06
C THR C 60 11.41 25.11 10.21
N VAL C 61 11.91 24.80 9.00
CA VAL C 61 11.23 23.86 8.06
C VAL C 61 12.22 22.79 7.58
N THR C 62 13.21 23.18 6.77
CA THR C 62 14.10 22.27 6.02
C THR C 62 14.76 21.28 6.98
N GLN C 63 15.44 21.78 8.03
CA GLN C 63 16.16 20.94 9.02
C GLN C 63 15.17 20.09 9.81
N VAL C 64 14.05 20.68 10.22
CA VAL C 64 12.95 20.02 11.00
C VAL C 64 12.46 18.80 10.20
N ILE C 65 12.30 18.94 8.88
CA ILE C 65 11.87 17.84 7.97
C ILE C 65 13.06 16.88 7.76
N GLU C 66 14.22 17.42 7.37
CA GLU C 66 15.43 16.64 6.96
C GLU C 66 15.86 15.70 8.10
N GLN C 67 15.85 16.19 9.35
CA GLN C 67 16.33 15.42 10.53
C GLN C 67 15.41 14.21 10.77
N ASN C 68 14.16 14.28 10.28
CA ASN C 68 13.13 13.21 10.40
C ASN C 68 13.24 12.23 9.22
N MET C 69 13.97 12.56 8.15
CA MET C 69 14.11 11.71 6.93
C MET C 69 15.20 10.64 7.15
N ASN C 70 15.35 10.15 8.38
CA ASN C 70 16.20 8.99 8.74
C ASN C 70 15.33 7.74 8.76
N GLY C 71 15.96 6.56 8.63
CA GLY C 71 15.28 5.24 8.66
C GLY C 71 14.32 5.09 7.50
N ILE C 72 14.76 5.47 6.29
CA ILE C 72 14.02 5.26 5.01
C ILE C 72 14.85 4.30 4.15
N ASP C 73 14.20 3.29 3.57
CA ASP C 73 14.86 2.18 2.82
C ASP C 73 15.33 2.70 1.46
N ASN C 74 16.55 2.30 1.06
CA ASN C 74 17.12 2.46 -0.30
C ASN C 74 17.31 3.94 -0.65
N LEU C 75 17.53 4.81 0.35
CA LEU C 75 17.82 6.25 0.13
C LEU C 75 19.30 6.40 -0.27
N MET C 76 19.57 6.74 -1.54
CA MET C 76 20.93 6.97 -2.08
C MET C 76 21.48 8.29 -1.53
N TYR C 77 20.81 9.40 -1.85
CA TYR C 77 21.17 10.77 -1.41
C TYR C 77 19.92 11.65 -1.33
N MET C 78 19.99 12.69 -0.49
CA MET C 78 18.91 13.67 -0.23
C MET C 78 19.49 15.09 -0.39
N SER C 79 18.97 15.86 -1.36
CA SER C 79 19.34 17.28 -1.59
C SER C 79 18.12 18.16 -1.34
N SER C 80 18.33 19.36 -0.80
CA SER C 80 17.27 20.35 -0.48
C SER C 80 17.81 21.78 -0.63
N ASN C 81 16.92 22.75 -0.85
CA ASN C 81 17.25 24.19 -0.89
C ASN C 81 16.12 25.00 -0.24
N SER C 82 16.49 26.05 0.50
CA SER C 82 15.57 27.01 1.17
C SER C 82 15.74 28.38 0.52
N ASP C 83 14.66 28.98 0.02
CA ASP C 83 14.65 30.21 -0.81
C ASP C 83 14.17 31.39 0.04
N SER C 84 14.54 32.62 -0.34
CA SER C 84 14.09 33.89 0.29
C SER C 84 12.65 34.22 -0.17
N THR C 85 12.10 33.41 -1.08
CA THR C 85 10.67 33.44 -1.49
C THR C 85 9.82 32.64 -0.50
N GLY C 86 10.47 31.93 0.44
CA GLY C 86 9.82 31.13 1.49
C GLY C 86 9.74 29.65 1.12
N THR C 87 10.18 29.29 -0.09
CA THR C 87 10.02 27.94 -0.68
C THR C 87 11.05 26.97 -0.09
N VAL C 88 10.61 25.75 0.24
CA VAL C 88 11.46 24.57 0.56
C VAL C 88 11.20 23.50 -0.51
N GLN C 89 12.27 22.88 -1.03
CA GLN C 89 12.20 21.66 -1.88
C GLN C 89 13.25 20.66 -1.39
N ILE C 90 12.80 19.51 -0.88
CA ILE C 90 13.64 18.39 -0.37
C ILE C 90 13.41 17.18 -1.27
N THR C 91 14.36 16.87 -2.17
CA THR C 91 14.30 15.71 -3.08
C THR C 91 15.16 14.56 -2.50
N LEU C 92 14.52 13.43 -2.20
CA LEU C 92 15.17 12.16 -1.81
C LEU C 92 15.21 11.23 -3.04
N THR C 93 16.41 10.88 -3.50
CA THR C 93 16.64 9.94 -4.63
C THR C 93 17.01 8.56 -4.04
N PHE C 94 16.39 7.49 -4.54
CA PHE C 94 16.47 6.12 -3.99
C PHE C 94 17.28 5.23 -4.93
N GLU C 95 17.70 4.06 -4.45
CA GLU C 95 18.50 3.05 -5.21
C GLU C 95 17.70 2.64 -6.46
N SER C 96 18.39 2.25 -7.53
CA SER C 96 17.78 1.69 -8.76
C SER C 96 17.01 0.41 -8.40
N GLY C 97 15.77 0.29 -8.86
CA GLY C 97 14.90 -0.88 -8.61
C GLY C 97 13.94 -0.65 -7.45
N THR C 98 14.12 0.43 -6.69
CA THR C 98 13.23 0.83 -5.55
C THR C 98 11.81 1.09 -6.09
N ASP C 99 10.79 0.61 -5.37
CA ASP C 99 9.35 0.87 -5.67
C ASP C 99 9.04 2.32 -5.23
N ALA C 100 8.80 3.21 -6.20
CA ALA C 100 8.58 4.66 -5.98
C ALA C 100 7.36 4.89 -5.09
N ASP C 101 6.36 3.99 -5.16
CA ASP C 101 5.11 4.05 -4.35
C ASP C 101 5.44 3.77 -2.88
N ILE C 102 6.21 2.72 -2.61
CA ILE C 102 6.67 2.35 -1.23
C ILE C 102 7.61 3.45 -0.72
N ALA C 103 8.46 3.99 -1.59
CA ALA C 103 9.38 5.11 -1.30
C ALA C 103 8.58 6.33 -0.85
N GLN C 104 7.55 6.71 -1.61
CA GLN C 104 6.64 7.85 -1.31
C GLN C 104 5.99 7.63 0.06
N VAL C 105 5.40 6.45 0.26
CA VAL C 105 4.71 6.04 1.52
C VAL C 105 5.67 6.22 2.71
N GLN C 106 6.89 5.71 2.59
CA GLN C 106 7.92 5.74 3.66
C GLN C 106 8.31 7.20 3.98
N VAL C 107 8.42 8.06 2.96
CA VAL C 107 8.73 9.51 3.11
C VAL C 107 7.56 10.22 3.78
N GLN C 108 6.33 9.86 3.37
CA GLN C 108 5.06 10.44 3.89
C GLN C 108 4.91 10.12 5.38
N ASN C 109 5.25 8.88 5.78
CA ASN C 109 5.16 8.40 7.19
C ASN C 109 6.14 9.19 8.06
N LYS C 110 7.35 9.46 7.56
CA LYS C 110 8.42 10.15 8.31
C LYS C 110 8.12 11.66 8.39
N LEU C 111 7.59 12.27 7.33
CA LEU C 111 7.24 13.71 7.28
C LEU C 111 6.12 14.02 8.27
N GLN C 112 5.21 13.06 8.48
CA GLN C 112 4.04 13.17 9.41
C GLN C 112 4.52 13.56 10.81
N LEU C 113 5.72 13.14 11.21
CA LEU C 113 6.35 13.48 12.51
C LEU C 113 6.81 14.95 12.51
N ALA C 114 7.39 15.41 11.39
CA ALA C 114 7.91 16.79 11.21
C ALA C 114 6.73 17.78 11.09
N MET C 115 5.66 17.38 10.42
CA MET C 115 4.50 18.24 10.05
C MET C 115 4.09 19.16 11.20
N PRO C 116 3.74 18.64 12.40
CA PRO C 116 3.28 19.50 13.50
C PRO C 116 4.38 20.40 14.10
N LEU C 117 5.66 20.02 13.94
CA LEU C 117 6.83 20.80 14.45
C LEU C 117 7.07 22.02 13.54
N LEU C 118 6.47 22.04 12.34
CA LEU C 118 6.59 23.18 11.39
C LEU C 118 5.69 24.31 11.87
N PRO C 119 5.92 25.57 11.42
CA PRO C 119 5.04 26.69 11.76
C PRO C 119 3.62 26.50 11.18
N GLN C 120 2.63 27.17 11.79
CA GLN C 120 1.19 27.04 11.45
C GLN C 120 0.95 27.49 10.00
N GLU C 121 1.65 28.54 9.56
CA GLU C 121 1.50 29.13 8.20
C GLU C 121 2.04 28.16 7.14
N VAL C 122 3.12 27.44 7.46
CA VAL C 122 3.74 26.42 6.56
C VAL C 122 2.76 25.25 6.39
N GLN C 123 2.11 24.84 7.49
CA GLN C 123 1.06 23.78 7.51
C GLN C 123 -0.16 24.25 6.71
N GLN C 124 -0.60 25.49 6.92
CA GLN C 124 -1.78 26.11 6.25
C GLN C 124 -1.57 26.12 4.73
N GLN C 125 -0.35 26.41 4.26
CA GLN C 125 0.00 26.48 2.82
C GLN C 125 0.06 25.07 2.22
N GLY C 126 0.23 24.04 3.05
CA GLY C 126 0.23 22.62 2.64
C GLY C 126 1.61 22.15 2.25
N VAL C 127 2.02 20.98 2.77
CA VAL C 127 3.31 20.30 2.45
C VAL C 127 2.99 19.07 1.59
N SER C 128 3.44 19.08 0.33
CA SER C 128 3.18 18.01 -0.68
C SER C 128 4.35 17.04 -0.74
N VAL C 129 4.06 15.74 -0.62
CA VAL C 129 5.01 14.61 -0.85
C VAL C 129 4.53 13.86 -2.11
N GLU C 130 5.31 13.92 -3.18
CA GLU C 130 4.96 13.32 -4.50
C GLU C 130 6.24 12.85 -5.21
N LYS C 131 6.12 11.81 -6.03
CA LYS C 131 7.20 11.25 -6.87
C LYS C 131 7.59 12.31 -7.90
N SER C 132 8.89 12.61 -8.03
CA SER C 132 9.42 13.76 -8.82
C SER C 132 10.48 13.29 -9.81
N SER C 133 10.58 13.97 -10.96
CA SER C 133 11.70 13.93 -11.93
C SER C 133 12.14 15.36 -12.21
N SER C 134 13.33 15.53 -12.81
CA SER C 134 13.98 16.85 -13.04
C SER C 134 13.42 17.53 -14.28
N SER C 135 13.41 16.83 -15.41
CA SER C 135 13.19 17.40 -16.77
C SER C 135 11.72 17.26 -17.20
N PHE C 136 11.25 18.19 -18.04
CA PHE C 136 9.91 18.17 -18.67
C PHE C 136 9.91 17.16 -19.83
N LEU C 137 8.82 16.40 -19.98
CA LEU C 137 8.53 15.57 -21.17
C LEU C 137 8.39 16.50 -22.38
N MET C 138 7.64 17.59 -22.22
CA MET C 138 7.38 18.61 -23.25
C MET C 138 6.93 19.92 -22.59
N VAL C 139 6.96 21.02 -23.35
CA VAL C 139 6.32 22.31 -22.99
C VAL C 139 5.24 22.58 -24.03
N VAL C 140 3.96 22.52 -23.64
CA VAL C 140 2.79 22.89 -24.49
C VAL C 140 2.60 24.40 -24.37
N GLY C 141 2.86 25.14 -25.44
CA GLY C 141 2.68 26.61 -25.50
C GLY C 141 1.27 26.96 -25.94
N VAL C 142 0.78 28.13 -25.50
CA VAL C 142 -0.54 28.70 -25.94
C VAL C 142 -0.32 30.18 -26.26
N ILE C 143 -0.72 30.58 -27.48
CA ILE C 143 -0.63 31.99 -28.00
C ILE C 143 -2.02 32.39 -28.52
N ASN C 144 -2.23 33.69 -28.69
CA ASN C 144 -3.45 34.28 -29.32
C ASN C 144 -3.01 34.97 -30.62
N THR C 145 -3.53 34.51 -31.76
CA THR C 145 -3.11 34.93 -33.12
C THR C 145 -3.91 36.17 -33.57
N ASP C 146 -5.19 36.24 -33.21
CA ASP C 146 -6.11 37.36 -33.61
C ASP C 146 -5.97 38.53 -32.63
N GLY C 147 -5.06 38.45 -31.66
CA GLY C 147 -4.68 39.55 -30.75
C GLY C 147 -5.87 40.13 -30.00
N THR C 148 -6.74 39.27 -29.47
CA THR C 148 -7.93 39.62 -28.65
C THR C 148 -7.74 39.19 -27.20
N MET C 149 -6.59 38.58 -26.86
CA MET C 149 -6.25 38.06 -25.51
C MET C 149 -4.78 38.39 -25.20
N THR C 150 -4.52 39.03 -24.05
CA THR C 150 -3.16 39.39 -23.56
C THR C 150 -2.49 38.15 -22.96
N GLN C 151 -1.21 38.26 -22.59
CA GLN C 151 -0.42 37.22 -21.88
C GLN C 151 -1.24 36.73 -20.68
N GLU C 152 -1.83 37.66 -19.92
CA GLU C 152 -2.66 37.38 -18.72
C GLU C 152 -3.89 36.55 -19.10
N ASP C 153 -4.65 36.98 -20.11
CA ASP C 153 -5.90 36.33 -20.59
C ASP C 153 -5.61 34.88 -20.99
N ILE C 154 -4.53 34.65 -21.75
CA ILE C 154 -4.09 33.30 -22.20
C ILE C 154 -3.80 32.45 -20.95
N SER C 155 -2.94 32.97 -20.06
CA SER C 155 -2.48 32.29 -18.82
C SER C 155 -3.68 31.84 -17.97
N ASP C 156 -4.69 32.70 -17.82
CA ASP C 156 -5.94 32.38 -17.06
C ASP C 156 -6.66 31.21 -17.75
N TYR C 157 -6.93 31.33 -19.06
CA TYR C 157 -7.67 30.31 -19.83
C TYR C 157 -6.97 28.96 -19.69
N VAL C 158 -5.64 28.93 -19.82
CA VAL C 158 -4.80 27.71 -19.68
C VAL C 158 -5.00 27.16 -18.26
N ALA C 159 -4.80 28.02 -17.25
CA ALA C 159 -4.88 27.69 -15.81
C ALA C 159 -6.29 27.18 -15.44
N ALA C 160 -7.33 27.80 -16.00
CA ALA C 160 -8.74 27.67 -15.55
C ALA C 160 -9.50 26.62 -16.37
N ASN C 161 -9.02 26.28 -17.57
CA ASN C 161 -9.76 25.41 -18.52
C ASN C 161 -8.92 24.22 -19.00
N MET C 162 -7.59 24.34 -19.02
CA MET C 162 -6.68 23.33 -19.65
C MET C 162 -5.85 22.60 -18.59
N LYS C 163 -5.26 23.33 -17.62
CA LYS C 163 -4.22 22.81 -16.70
C LYS C 163 -4.71 21.56 -15.96
N ASP C 164 -5.86 21.65 -15.29
CA ASP C 164 -6.39 20.60 -14.37
C ASP C 164 -6.61 19.29 -15.13
N ALA C 165 -7.27 19.35 -16.29
CA ALA C 165 -7.60 18.18 -17.15
C ALA C 165 -6.30 17.51 -17.63
N ILE C 166 -5.28 18.31 -18.00
CA ILE C 166 -3.94 17.84 -18.46
C ILE C 166 -3.23 17.16 -17.28
N SER C 167 -3.27 17.77 -16.09
CA SER C 167 -2.60 17.29 -14.87
C SER C 167 -3.21 15.97 -14.37
N ARG C 168 -4.41 15.62 -14.85
CA ARG C 168 -5.13 14.36 -14.51
C ARG C 168 -5.05 13.35 -15.67
N THR C 169 -4.43 13.72 -16.80
CA THR C 169 -4.25 12.83 -17.98
C THR C 169 -3.26 11.72 -17.63
N SER C 170 -3.38 10.56 -18.29
CA SER C 170 -2.61 9.32 -17.99
C SER C 170 -1.12 9.56 -18.27
N GLY C 171 -0.26 9.24 -17.30
CA GLY C 171 1.21 9.30 -17.42
C GLY C 171 1.77 10.67 -17.09
N VAL C 172 0.91 11.70 -16.98
CA VAL C 172 1.31 13.10 -16.65
C VAL C 172 1.64 13.16 -15.15
N GLY C 173 2.84 13.61 -14.81
CA GLY C 173 3.27 13.88 -13.43
C GLY C 173 2.93 15.30 -13.01
N ASP C 174 3.93 16.06 -12.56
CA ASP C 174 3.79 17.48 -12.15
C ASP C 174 3.56 18.33 -13.40
N VAL C 175 2.64 19.30 -13.33
CA VAL C 175 2.31 20.24 -14.45
C VAL C 175 2.58 21.67 -13.96
N GLN C 176 3.60 22.33 -14.52
CA GLN C 176 4.00 23.72 -14.21
C GLN C 176 3.31 24.66 -15.20
N LEU C 177 2.51 25.60 -14.71
CA LEU C 177 1.89 26.69 -15.52
C LEU C 177 2.93 27.79 -15.73
N PHE C 178 3.23 28.11 -16.99
CA PHE C 178 4.13 29.23 -17.38
C PHE C 178 3.26 30.49 -17.51
N GLY C 179 2.91 31.06 -16.36
CA GLY C 179 1.90 32.12 -16.20
C GLY C 179 1.16 31.95 -14.88
N SER C 180 0.07 32.71 -14.69
CA SER C 180 -0.75 32.71 -13.45
C SER C 180 -2.24 32.74 -13.80
N GLN C 181 -3.05 32.00 -13.05
CA GLN C 181 -4.53 32.07 -13.09
C GLN C 181 -4.97 33.45 -12.58
N TYR C 182 -6.08 33.97 -13.07
CA TYR C 182 -6.68 35.24 -12.58
C TYR C 182 -7.14 35.06 -11.13
N ALA C 183 -6.86 36.07 -10.31
CA ALA C 183 -7.47 36.31 -8.99
C ALA C 183 -8.26 37.62 -9.07
N MET C 184 -9.12 37.89 -8.09
CA MET C 184 -9.76 39.21 -7.90
C MET C 184 -8.74 40.12 -7.20
N ARG C 185 -8.12 41.03 -7.95
CA ARG C 185 -7.05 41.93 -7.45
C ARG C 185 -7.68 43.23 -6.94
N ILE C 186 -7.61 43.45 -5.62
CA ILE C 186 -7.96 44.73 -4.94
C ILE C 186 -6.66 45.51 -4.75
N TRP C 187 -6.40 46.49 -5.63
CA TRP C 187 -5.18 47.35 -5.59
C TRP C 187 -5.47 48.58 -4.72
N MET C 188 -5.03 48.56 -3.46
CA MET C 188 -5.38 49.57 -2.44
C MET C 188 -4.53 50.85 -2.66
N ASN C 189 -5.13 52.01 -2.40
CA ASN C 189 -4.48 53.34 -2.43
C ASN C 189 -4.36 53.86 -1.00
N PRO C 190 -3.14 54.00 -0.43
CA PRO C 190 -2.98 54.41 0.96
C PRO C 190 -3.54 55.81 1.26
N ASN C 191 -3.45 56.73 0.29
CA ASN C 191 -3.92 58.14 0.41
C ASN C 191 -5.45 58.13 0.58
N GLU C 192 -6.16 57.34 -0.24
CA GLU C 192 -7.64 57.20 -0.21
C GLU C 192 -8.06 56.46 1.06
N LEU C 193 -7.31 55.41 1.44
CA LEU C 193 -7.52 54.67 2.72
C LEU C 193 -7.36 55.63 3.90
N ASN C 194 -6.30 56.43 3.90
CA ASN C 194 -5.97 57.43 4.95
C ASN C 194 -7.06 58.51 5.01
N LYS C 195 -7.63 58.89 3.85
CA LYS C 195 -8.64 59.98 3.72
C LYS C 195 -9.89 59.62 4.53
N PHE C 196 -10.42 58.40 4.37
CA PHE C 196 -11.66 57.91 5.01
C PHE C 196 -11.33 57.20 6.34
N GLN C 197 -10.12 57.40 6.87
CA GLN C 197 -9.61 56.74 8.11
C GLN C 197 -9.88 55.23 8.03
N LEU C 198 -9.22 54.54 7.10
CA LEU C 198 -9.33 53.07 6.88
C LEU C 198 -7.94 52.47 6.69
N THR C 199 -7.82 51.14 6.82
CA THR C 199 -6.57 50.36 6.66
C THR C 199 -6.85 49.12 5.81
N PRO C 200 -5.82 48.40 5.33
CA PRO C 200 -6.02 47.09 4.71
C PRO C 200 -6.82 46.11 5.59
N VAL C 201 -6.80 46.29 6.91
CA VAL C 201 -7.56 45.46 7.91
C VAL C 201 -9.06 45.63 7.63
N ASP C 202 -9.52 46.88 7.52
CA ASP C 202 -10.95 47.24 7.25
C ASP C 202 -11.39 46.65 5.91
N VAL C 203 -10.50 46.68 4.91
CA VAL C 203 -10.75 46.17 3.53
C VAL C 203 -10.92 44.64 3.61
N ILE C 204 -10.04 43.94 4.33
CA ILE C 204 -10.06 42.46 4.51
C ILE C 204 -11.35 42.06 5.24
N THR C 205 -11.62 42.69 6.40
CA THR C 205 -12.83 42.44 7.24
C THR C 205 -14.09 42.54 6.39
N ALA C 206 -14.19 43.58 5.56
CA ALA C 206 -15.35 43.89 4.69
C ALA C 206 -15.48 42.82 3.61
N ILE C 207 -14.38 42.47 2.94
CA ILE C 207 -14.36 41.47 1.81
C ILE C 207 -14.82 40.11 2.34
N LYS C 208 -14.38 39.71 3.53
CA LYS C 208 -14.76 38.43 4.17
C LYS C 208 -16.25 38.44 4.51
N ALA C 209 -16.78 39.59 4.94
CA ALA C 209 -18.19 39.77 5.34
C ALA C 209 -19.11 39.77 4.12
N GLN C 210 -18.67 40.38 3.02
CA GLN C 210 -19.53 40.72 1.84
C GLN C 210 -19.22 39.80 0.65
N ASN C 211 -18.08 39.10 0.66
CA ASN C 211 -17.78 37.99 -0.29
C ASN C 211 -17.79 36.67 0.49
N ALA C 212 -18.95 36.30 1.05
CA ALA C 212 -19.15 35.12 1.90
C ALA C 212 -20.05 34.11 1.16
N GLN C 213 -19.88 32.82 1.47
CA GLN C 213 -20.77 31.71 1.02
C GLN C 213 -21.36 31.07 2.29
N VAL C 214 -22.55 31.53 2.70
CA VAL C 214 -23.20 31.19 3.99
C VAL C 214 -24.04 29.91 3.83
N ALA C 215 -23.87 28.97 4.76
CA ALA C 215 -24.76 27.80 4.96
C ALA C 215 -25.87 28.20 5.93
N ALA C 216 -27.09 28.41 5.42
CA ALA C 216 -28.21 29.07 6.14
C ALA C 216 -29.31 28.07 6.51
N GLY C 217 -29.19 26.80 6.12
CA GLY C 217 -30.13 25.74 6.51
C GLY C 217 -31.33 25.66 5.59
N GLN C 218 -32.46 25.16 6.10
CA GLN C 218 -33.68 24.82 5.31
C GLN C 218 -34.96 25.26 6.02
N LEU C 219 -35.99 25.58 5.25
CA LEU C 219 -37.41 25.57 5.69
C LEU C 219 -37.91 24.12 5.64
N GLY C 220 -38.57 23.66 6.71
CA GLY C 220 -39.15 22.30 6.80
C GLY C 220 -38.08 21.22 6.78
N GLY C 221 -36.91 21.50 7.38
CA GLY C 221 -35.81 20.53 7.50
C GLY C 221 -36.05 19.54 8.63
N THR C 222 -35.29 18.44 8.64
CA THR C 222 -35.42 17.34 9.64
C THR C 222 -34.76 17.76 10.95
N PRO C 223 -35.36 17.45 12.13
CA PRO C 223 -36.70 16.85 12.21
C PRO C 223 -37.79 17.89 11.96
N PRO C 224 -38.80 17.61 11.10
CA PRO C 224 -39.87 18.56 10.84
C PRO C 224 -41.01 18.43 11.86
N VAL C 225 -41.89 19.44 11.92
CA VAL C 225 -43.25 19.32 12.51
C VAL C 225 -44.08 18.50 11.52
N LYS C 226 -44.56 17.33 11.92
CA LYS C 226 -45.30 16.39 11.03
C LYS C 226 -46.49 17.12 10.44
N GLY C 227 -46.68 17.00 9.11
CA GLY C 227 -47.71 17.72 8.34
C GLY C 227 -47.11 18.82 7.47
N GLN C 228 -45.80 19.08 7.63
CA GLN C 228 -45.03 20.04 6.80
C GLN C 228 -45.15 19.62 5.33
N GLN C 229 -45.46 20.58 4.45
CA GLN C 229 -45.61 20.39 2.98
C GLN C 229 -44.38 20.98 2.26
N LEU C 230 -43.84 22.08 2.78
CA LEU C 230 -42.70 22.84 2.18
C LEU C 230 -41.38 22.31 2.73
N ASN C 231 -40.45 21.97 1.85
CA ASN C 231 -39.03 21.64 2.17
C ASN C 231 -38.14 22.39 1.17
N ALA C 232 -37.65 23.57 1.55
CA ALA C 232 -36.88 24.50 0.69
C ALA C 232 -35.58 24.90 1.38
N SER C 233 -34.47 24.87 0.63
CA SER C 233 -33.14 25.39 1.06
C SER C 233 -33.22 26.90 1.28
N ILE C 234 -32.55 27.41 2.31
CA ILE C 234 -32.38 28.88 2.56
C ILE C 234 -31.05 29.30 1.93
N ILE C 235 -31.10 30.14 0.89
CA ILE C 235 -29.92 30.76 0.23
C ILE C 235 -29.69 32.14 0.84
N ALA C 236 -28.60 32.30 1.58
CA ALA C 236 -28.12 33.60 2.11
C ALA C 236 -27.06 34.15 1.14
N GLN C 237 -25.98 34.73 1.65
CA GLN C 237 -24.91 35.38 0.84
C GLN C 237 -24.22 34.31 -0.02
N THR C 238 -24.03 34.61 -1.31
CA THR C 238 -23.16 33.83 -2.25
C THR C 238 -21.88 34.62 -2.51
N ARG C 239 -20.85 33.93 -3.02
CA ARG C 239 -19.57 34.55 -3.47
C ARG C 239 -19.87 35.59 -4.55
N LEU C 240 -19.12 36.69 -4.56
CA LEU C 240 -19.17 37.72 -5.64
C LEU C 240 -18.52 37.10 -6.90
N THR C 241 -18.96 37.50 -8.09
CA THR C 241 -18.61 36.86 -9.38
C THR C 241 -17.94 37.84 -10.35
N SER C 242 -17.82 39.12 -9.99
CA SER C 242 -17.36 40.20 -10.90
C SER C 242 -16.68 41.34 -10.10
N THR C 243 -15.82 42.10 -10.77
CA THR C 243 -15.16 43.33 -10.22
C THR C 243 -16.23 44.35 -9.81
N GLU C 244 -17.34 44.41 -10.56
CA GLU C 244 -18.50 45.32 -10.31
C GLU C 244 -19.02 45.11 -8.88
N GLU C 245 -19.19 43.84 -8.47
CA GLU C 245 -19.75 43.43 -7.16
C GLU C 245 -18.74 43.71 -6.04
N PHE C 246 -17.44 43.45 -6.28
CA PHE C 246 -16.34 43.72 -5.33
C PHE C 246 -16.19 45.22 -5.12
N GLY C 247 -16.35 46.00 -6.19
CA GLY C 247 -16.22 47.47 -6.19
C GLY C 247 -17.23 48.13 -5.27
N LYS C 248 -18.46 47.62 -5.21
CA LYS C 248 -19.59 48.21 -4.46
C LYS C 248 -19.69 47.60 -3.06
N ILE C 249 -18.69 46.82 -2.62
CA ILE C 249 -18.53 46.39 -1.20
C ILE C 249 -18.47 47.65 -0.34
N LEU C 250 -19.32 47.72 0.69
CA LEU C 250 -19.45 48.89 1.59
C LEU C 250 -18.44 48.77 2.74
N LEU C 251 -17.42 49.64 2.76
CA LEU C 251 -16.38 49.69 3.82
C LEU C 251 -16.97 50.36 5.06
N LYS C 252 -17.63 51.50 4.89
CA LYS C 252 -18.35 52.24 5.96
C LYS C 252 -19.27 53.29 5.35
N VAL C 253 -20.22 53.80 6.15
CA VAL C 253 -21.09 54.97 5.83
C VAL C 253 -20.65 56.13 6.73
N ASN C 254 -20.38 57.30 6.13
CA ASN C 254 -19.91 58.53 6.83
C ASN C 254 -21.05 59.05 7.73
N GLN C 255 -20.71 59.97 8.66
CA GLN C 255 -21.66 60.58 9.62
C GLN C 255 -22.76 61.35 8.87
N ASP C 256 -22.46 61.85 7.67
CA ASP C 256 -23.40 62.64 6.82
C ASP C 256 -24.16 61.71 5.85
N GLY C 257 -24.06 60.38 6.03
CA GLY C 257 -24.88 59.38 5.33
C GLY C 257 -24.34 58.99 3.97
N SER C 258 -23.15 59.50 3.58
CA SER C 258 -22.48 59.17 2.30
C SER C 258 -21.67 57.88 2.47
N ARG C 259 -21.75 56.98 1.47
CA ARG C 259 -21.15 55.61 1.51
C ARG C 259 -19.70 55.65 1.03
N VAL C 260 -18.83 54.86 1.69
CA VAL C 260 -17.43 54.59 1.25
C VAL C 260 -17.37 53.14 0.75
N LEU C 261 -17.38 52.97 -0.58
CA LEU C 261 -17.30 51.64 -1.24
C LEU C 261 -15.82 51.27 -1.43
N LEU C 262 -15.54 50.00 -1.74
CA LEU C 262 -14.16 49.48 -1.91
C LEU C 262 -13.49 50.13 -3.13
N ARG C 263 -14.28 50.46 -4.15
CA ARG C 263 -13.80 51.07 -5.42
C ARG C 263 -13.38 52.54 -5.19
N ASP C 264 -13.69 53.11 -4.02
CA ASP C 264 -13.33 54.50 -3.65
C ASP C 264 -11.93 54.55 -3.03
N VAL C 265 -11.34 53.40 -2.67
CA VAL C 265 -10.00 53.31 -2.04
C VAL C 265 -9.11 52.30 -2.78
N ALA C 266 -9.60 51.66 -3.86
CA ALA C 266 -8.89 50.57 -4.55
C ALA C 266 -9.30 50.48 -6.02
N LYS C 267 -8.42 49.94 -6.86
CA LYS C 267 -8.71 49.50 -8.26
C LYS C 267 -9.10 48.02 -8.22
N ILE C 268 -10.21 47.66 -8.86
CA ILE C 268 -10.78 46.28 -8.87
C ILE C 268 -10.67 45.75 -10.31
N GLU C 269 -9.76 44.80 -10.54
CA GLU C 269 -9.55 44.14 -11.86
C GLU C 269 -9.22 42.66 -11.65
N LEU C 270 -9.58 41.82 -12.63
CA LEU C 270 -9.08 40.42 -12.73
C LEU C 270 -7.59 40.48 -13.08
N GLY C 271 -6.75 39.82 -12.27
CA GLY C 271 -5.28 39.81 -12.42
C GLY C 271 -4.68 38.55 -11.83
N GLY C 272 -3.47 38.20 -12.26
CA GLY C 272 -2.75 36.99 -11.81
C GLY C 272 -2.61 36.93 -10.30
N GLU C 273 -2.67 35.73 -9.72
CA GLU C 273 -2.35 35.46 -8.30
C GLU C 273 -0.94 36.00 -8.03
N ASN C 274 -0.03 35.80 -8.99
CA ASN C 274 1.34 36.37 -9.05
C ASN C 274 1.60 36.89 -10.47
N TYR C 275 2.46 37.91 -10.59
CA TYR C 275 2.92 38.49 -11.88
C TYR C 275 4.40 38.14 -12.06
N ASP C 276 4.81 36.99 -11.54
CA ASP C 276 6.22 36.56 -11.38
C ASP C 276 6.71 35.83 -12.64
N ILE C 277 5.85 35.01 -13.24
CA ILE C 277 6.16 34.17 -14.43
C ILE C 277 5.51 34.78 -15.68
N ILE C 278 6.32 35.24 -16.63
CA ILE C 278 5.90 35.76 -17.96
C ILE C 278 6.66 35.00 -19.04
N ALA C 279 5.95 34.42 -20.02
CA ALA C 279 6.52 33.61 -21.12
C ALA C 279 6.31 34.35 -22.45
N GLU C 280 7.19 34.08 -23.42
CA GLU C 280 7.09 34.56 -24.83
C GLU C 280 7.44 33.40 -25.77
N PHE C 281 6.69 33.26 -26.87
CA PHE C 281 6.94 32.27 -27.95
C PHE C 281 7.35 33.02 -29.22
N ASN C 282 8.65 33.00 -29.54
CA ASN C 282 9.26 33.70 -30.70
C ASN C 282 9.04 35.21 -30.54
N GLY C 283 9.13 35.72 -29.30
CA GLY C 283 9.01 37.15 -28.98
C GLY C 283 7.56 37.59 -28.78
N GLN C 284 6.60 36.71 -29.05
CA GLN C 284 5.13 36.99 -28.99
C GLN C 284 4.61 36.62 -27.61
N PRO C 285 3.72 37.45 -27.00
CA PRO C 285 3.09 37.10 -25.72
C PRO C 285 2.45 35.69 -25.75
N ALA C 286 2.72 34.89 -24.72
CA ALA C 286 2.31 33.47 -24.64
C ALA C 286 2.20 33.00 -23.17
N SER C 287 1.43 31.94 -22.96
CA SER C 287 1.47 31.08 -21.75
C SER C 287 1.83 29.65 -22.21
N GLY C 288 1.85 28.70 -21.26
CA GLY C 288 2.08 27.27 -21.58
C GLY C 288 2.04 26.40 -20.34
N LEU C 289 2.31 25.10 -20.53
CA LEU C 289 2.38 24.08 -19.46
C LEU C 289 3.70 23.32 -19.58
N GLY C 290 4.51 23.31 -18.51
CA GLY C 290 5.66 22.41 -18.36
C GLY C 290 5.23 21.06 -17.83
N ILE C 291 4.94 20.11 -18.74
CA ILE C 291 4.37 18.77 -18.39
C ILE C 291 5.53 17.80 -18.10
N LYS C 292 5.56 17.25 -16.88
CA LYS C 292 6.51 16.18 -16.45
C LYS C 292 5.87 14.81 -16.72
N LEU C 293 6.70 13.80 -17.02
CA LEU C 293 6.29 12.39 -17.16
C LEU C 293 6.30 11.72 -15.78
N ALA C 294 5.21 11.06 -15.41
CA ALA C 294 5.07 10.30 -14.15
C ALA C 294 6.06 9.13 -14.14
N THR C 295 6.68 8.86 -12.99
CA THR C 295 7.62 7.73 -12.78
C THR C 295 6.93 6.43 -13.23
N GLY C 296 7.49 5.76 -14.24
CA GLY C 296 7.01 4.45 -14.74
C GLY C 296 6.11 4.58 -15.97
N ALA C 297 5.62 5.80 -16.26
CA ALA C 297 4.71 6.08 -17.39
C ALA C 297 5.49 6.01 -18.71
N ASN C 298 4.82 5.58 -19.79
CA ASN C 298 5.38 5.50 -21.17
C ASN C 298 5.29 6.90 -21.81
N ALA C 299 6.43 7.44 -22.24
CA ALA C 299 6.58 8.83 -22.76
C ALA C 299 5.73 9.00 -24.03
N LEU C 300 5.88 8.10 -25.01
CA LEU C 300 5.17 8.15 -26.32
C LEU C 300 3.65 8.12 -26.08
N ASP C 301 3.17 7.21 -25.22
CA ASP C 301 1.73 7.07 -24.85
C ASP C 301 1.24 8.35 -24.17
N THR C 302 2.00 8.85 -23.18
CA THR C 302 1.69 10.07 -22.39
C THR C 302 1.58 11.26 -23.35
N ALA C 303 2.55 11.41 -24.26
CA ALA C 303 2.60 12.47 -25.29
C ALA C 303 1.33 12.40 -26.16
N ALA C 304 0.92 11.19 -26.54
CA ALA C 304 -0.25 10.91 -27.40
C ALA C 304 -1.55 11.15 -26.62
N ALA C 305 -1.53 10.98 -25.30
CA ALA C 305 -2.67 11.19 -24.39
C ALA C 305 -2.87 12.70 -24.17
N ILE C 306 -1.78 13.46 -24.06
CA ILE C 306 -1.78 14.95 -23.90
C ILE C 306 -2.38 15.56 -25.18
N ARG C 307 -1.96 15.08 -26.34
CA ARG C 307 -2.43 15.56 -27.68
C ARG C 307 -3.91 15.22 -27.84
N ALA C 308 -4.32 14.00 -27.45
CA ALA C 308 -5.72 13.54 -27.44
C ALA C 308 -6.57 14.48 -26.57
N GLU C 309 -6.07 14.82 -25.38
CA GLU C 309 -6.78 15.63 -24.37
C GLU C 309 -6.84 17.10 -24.82
N LEU C 310 -5.79 17.60 -25.48
CA LEU C 310 -5.72 18.98 -26.01
C LEU C 310 -6.67 19.14 -27.20
N ALA C 311 -6.83 18.09 -28.01
CA ALA C 311 -7.72 18.06 -29.21
C ALA C 311 -9.19 18.14 -28.77
N LYS C 312 -9.51 17.59 -27.59
CA LYS C 312 -10.87 17.63 -26.99
C LYS C 312 -11.20 19.06 -26.52
N MET C 313 -10.18 19.84 -26.13
CA MET C 313 -10.33 21.22 -25.62
C MET C 313 -10.44 22.22 -26.78
N GLU C 314 -9.75 21.97 -27.90
CA GLU C 314 -9.56 22.92 -29.03
C GLU C 314 -10.90 23.50 -29.48
N PRO C 315 -11.96 22.69 -29.72
CA PRO C 315 -13.23 23.21 -30.23
C PRO C 315 -13.93 24.24 -29.33
N PHE C 316 -13.63 24.26 -28.03
CA PHE C 316 -14.27 25.14 -27.02
C PHE C 316 -13.36 26.34 -26.69
N PHE C 317 -12.26 26.52 -27.44
CA PHE C 317 -11.29 27.63 -27.26
C PHE C 317 -11.94 28.96 -27.62
N PRO C 318 -11.48 30.09 -27.03
CA PRO C 318 -11.84 31.42 -27.51
C PRO C 318 -11.26 31.64 -28.91
N SER C 319 -11.94 32.40 -29.76
CA SER C 319 -11.50 32.75 -31.14
C SER C 319 -10.09 33.35 -31.09
N GLY C 320 -9.12 32.71 -31.74
CA GLY C 320 -7.73 33.21 -31.88
C GLY C 320 -6.73 32.34 -31.14
N LEU C 321 -7.13 31.73 -30.02
CA LEU C 321 -6.24 30.90 -29.16
C LEU C 321 -5.73 29.72 -29.98
N LYS C 322 -4.42 29.46 -29.92
CA LYS C 322 -3.73 28.40 -30.72
C LYS C 322 -2.66 27.74 -29.86
N ILE C 323 -2.61 26.40 -29.85
CA ILE C 323 -1.56 25.60 -29.16
C ILE C 323 -0.33 25.53 -30.08
N VAL C 324 0.86 25.76 -29.51
CA VAL C 324 2.18 25.59 -30.17
C VAL C 324 2.97 24.54 -29.37
N TYR C 325 3.93 23.86 -30.02
CA TYR C 325 4.73 22.76 -29.44
C TYR C 325 6.20 23.15 -29.50
N PRO C 326 6.64 24.12 -28.66
CA PRO C 326 7.99 24.69 -28.73
C PRO C 326 9.13 23.88 -28.09
N TYR C 327 8.82 22.73 -27.47
CA TYR C 327 9.79 21.88 -26.74
C TYR C 327 9.16 20.50 -26.48
N ASP C 328 9.70 19.47 -27.12
CA ASP C 328 9.19 18.08 -27.03
C ASP C 328 10.33 17.10 -27.38
N THR C 329 10.62 16.16 -26.47
CA THR C 329 11.62 15.08 -26.67
C THR C 329 11.00 13.94 -27.50
N THR C 330 9.67 13.88 -27.56
CA THR C 330 8.86 12.81 -28.22
C THR C 330 9.35 12.57 -29.65
N PRO C 331 9.50 13.61 -30.50
CA PRO C 331 9.91 13.40 -31.89
C PRO C 331 11.29 12.72 -32.01
N PHE C 332 12.21 13.02 -31.08
CA PHE C 332 13.56 12.40 -31.00
C PHE C 332 13.44 10.92 -30.66
N VAL C 333 12.55 10.59 -29.71
CA VAL C 333 12.31 9.19 -29.24
C VAL C 333 11.82 8.36 -30.43
N LYS C 334 10.95 8.93 -31.27
CA LYS C 334 10.37 8.24 -32.47
C LYS C 334 11.48 8.01 -33.51
N ILE C 335 12.20 9.07 -33.91
CA ILE C 335 13.23 9.02 -34.98
C ILE C 335 14.40 8.11 -34.54
N SER C 336 14.82 8.18 -33.28
CA SER C 336 15.92 7.35 -32.71
C SER C 336 15.54 5.86 -32.79
N ILE C 337 14.25 5.54 -32.63
CA ILE C 337 13.69 4.16 -32.76
C ILE C 337 13.61 3.78 -34.24
N HIS C 338 13.22 4.71 -35.11
CA HIS C 338 13.17 4.52 -36.59
C HIS C 338 14.59 4.25 -37.11
N GLU C 339 15.59 4.95 -36.59
CA GLU C 339 17.01 4.88 -37.04
C GLU C 339 17.64 3.55 -36.61
N VAL C 340 17.29 3.02 -35.44
CA VAL C 340 17.85 1.72 -34.92
C VAL C 340 17.14 0.57 -35.64
N VAL C 341 15.87 0.73 -36.02
CA VAL C 341 15.09 -0.25 -36.83
C VAL C 341 15.71 -0.32 -38.23
N LYS C 342 16.03 0.85 -38.81
CA LYS C 342 16.72 1.00 -40.12
C LYS C 342 18.08 0.28 -40.04
N THR C 343 18.84 0.51 -38.97
CA THR C 343 20.15 -0.12 -38.66
C THR C 343 19.98 -1.65 -38.58
N LEU C 344 18.92 -2.11 -37.91
CA LEU C 344 18.60 -3.56 -37.71
C LEU C 344 18.31 -4.21 -39.06
N VAL C 345 17.47 -3.58 -39.89
CA VAL C 345 17.09 -4.08 -41.25
C VAL C 345 18.35 -4.12 -42.13
N GLU C 346 19.21 -3.11 -42.03
CA GLU C 346 20.49 -3.01 -42.79
C GLU C 346 21.42 -4.15 -42.36
N ALA C 347 21.50 -4.44 -41.05
CA ALA C 347 22.31 -5.53 -40.48
C ALA C 347 21.87 -6.88 -41.06
N ILE C 348 20.56 -7.10 -41.19
CA ILE C 348 19.95 -8.36 -41.72
C ILE C 348 20.34 -8.51 -43.20
N ILE C 349 20.25 -7.42 -43.97
CA ILE C 349 20.61 -7.39 -45.43
C ILE C 349 22.12 -7.66 -45.57
N LEU C 350 22.96 -7.00 -44.77
CA LEU C 350 24.43 -7.12 -44.84
C LEU C 350 24.85 -8.55 -44.44
N VAL C 351 24.24 -9.13 -43.41
CA VAL C 351 24.50 -10.53 -42.95
C VAL C 351 24.10 -11.50 -44.07
N PHE C 352 22.95 -11.24 -44.74
CA PHE C 352 22.46 -12.06 -45.88
C PHE C 352 23.52 -12.08 -46.98
N LEU C 353 24.03 -10.90 -47.36
CA LEU C 353 25.03 -10.72 -48.46
C LEU C 353 26.36 -11.39 -48.06
N VAL C 354 26.72 -11.34 -46.78
CA VAL C 354 27.97 -11.96 -46.23
C VAL C 354 27.86 -13.48 -46.35
N MET C 355 26.70 -14.05 -45.99
CA MET C 355 26.43 -15.51 -46.06
C MET C 355 26.29 -15.95 -47.52
N TYR C 356 25.71 -15.10 -48.37
CA TYR C 356 25.52 -15.33 -49.82
C TYR C 356 26.88 -15.40 -50.53
N LEU C 357 27.82 -14.53 -50.13
CA LEU C 357 29.19 -14.45 -50.69
C LEU C 357 29.88 -15.82 -50.58
N PHE C 358 29.66 -16.55 -49.48
CA PHE C 358 30.35 -17.82 -49.15
C PHE C 358 29.55 -19.03 -49.66
N LEU C 359 28.22 -19.01 -49.50
CA LEU C 359 27.32 -20.15 -49.84
C LEU C 359 26.90 -20.08 -51.32
N GLN C 360 26.84 -18.87 -51.90
CA GLN C 360 26.78 -18.62 -53.37
C GLN C 360 25.58 -19.35 -54.00
N ASN C 361 24.50 -19.55 -53.23
CA ASN C 361 23.29 -20.30 -53.65
C ASN C 361 22.10 -19.85 -52.78
N PHE C 362 21.03 -19.39 -53.41
CA PHE C 362 19.81 -18.85 -52.74
C PHE C 362 19.28 -19.87 -51.74
N ARG C 363 19.28 -21.16 -52.11
CA ARG C 363 18.77 -22.28 -51.28
C ARG C 363 19.62 -22.41 -50.00
N ALA C 364 20.94 -22.57 -50.17
CA ALA C 364 21.92 -22.75 -49.08
C ALA C 364 21.92 -21.53 -48.16
N THR C 365 21.86 -20.32 -48.73
CA THR C 365 21.95 -19.03 -48.01
C THR C 365 20.66 -18.75 -47.23
N LEU C 366 19.52 -19.29 -47.69
CA LEU C 366 18.18 -19.05 -47.07
C LEU C 366 18.08 -19.83 -45.75
N ILE C 367 18.76 -20.97 -45.64
CA ILE C 367 18.69 -21.89 -44.46
C ILE C 367 19.12 -21.15 -43.20
N PRO C 368 20.32 -20.52 -43.16
CA PRO C 368 20.73 -19.74 -41.99
C PRO C 368 20.04 -18.36 -41.89
N THR C 369 19.49 -17.85 -43.01
CA THR C 369 18.73 -16.58 -43.08
C THR C 369 17.40 -16.74 -42.32
N ILE C 370 16.78 -17.93 -42.41
CA ILE C 370 15.47 -18.27 -41.75
C ILE C 370 15.64 -18.20 -40.23
N ALA C 371 16.87 -18.38 -39.71
CA ALA C 371 17.21 -18.24 -38.28
C ALA C 371 16.88 -16.82 -37.80
N VAL C 372 17.06 -15.80 -38.65
CA VAL C 372 16.91 -14.37 -38.29
C VAL C 372 15.45 -14.09 -37.90
N PRO C 373 14.43 -14.34 -38.78
CA PRO C 373 13.03 -14.20 -38.37
C PRO C 373 12.67 -15.02 -37.12
N VAL C 374 13.03 -16.30 -37.10
CA VAL C 374 12.64 -17.27 -36.03
C VAL C 374 13.23 -16.81 -34.68
N VAL C 375 14.51 -16.44 -34.65
CA VAL C 375 15.23 -16.05 -33.40
C VAL C 375 14.72 -14.67 -32.94
N LEU C 376 14.69 -13.68 -33.83
CA LEU C 376 14.30 -12.28 -33.49
C LEU C 376 12.87 -12.25 -32.96
N LEU C 377 11.91 -12.79 -33.72
CA LEU C 377 10.49 -12.87 -33.31
C LEU C 377 10.39 -13.68 -32.01
N GLY C 378 11.11 -14.80 -31.94
CA GLY C 378 11.26 -15.60 -30.70
C GLY C 378 11.70 -14.73 -29.52
N THR C 379 12.67 -13.84 -29.74
CA THR C 379 13.24 -12.93 -28.72
C THR C 379 12.18 -11.89 -28.32
N PHE C 380 11.47 -11.32 -29.29
CA PHE C 380 10.34 -10.36 -29.07
C PHE C 380 9.29 -11.00 -28.17
N ALA C 381 9.02 -12.29 -28.37
CA ALA C 381 8.07 -13.09 -27.56
C ALA C 381 8.56 -13.15 -26.10
N VAL C 382 9.87 -13.35 -25.90
CA VAL C 382 10.50 -13.44 -24.54
C VAL C 382 10.41 -12.06 -23.88
N LEU C 383 10.75 -10.99 -24.61
CA LEU C 383 10.67 -9.59 -24.12
C LEU C 383 9.30 -9.34 -23.51
N ALA C 384 8.23 -9.70 -24.25
CA ALA C 384 6.82 -9.53 -23.83
C ALA C 384 6.56 -10.31 -22.53
N ALA C 385 6.97 -11.60 -22.50
CA ALA C 385 6.75 -12.53 -21.36
C ALA C 385 7.33 -11.95 -20.06
N PHE C 386 8.50 -11.31 -20.13
CA PHE C 386 9.26 -10.80 -18.95
C PHE C 386 9.04 -9.30 -18.76
N GLY C 387 8.05 -8.72 -19.44
CA GLY C 387 7.60 -7.33 -19.25
C GLY C 387 8.64 -6.30 -19.67
N PHE C 388 9.41 -6.60 -20.73
CA PHE C 388 10.37 -5.67 -21.38
C PHE C 388 9.64 -4.95 -22.52
N SER C 389 10.28 -3.93 -23.10
CA SER C 389 9.71 -3.07 -24.17
C SER C 389 10.64 -3.04 -25.39
N ILE C 390 10.09 -2.66 -26.55
CA ILE C 390 10.86 -2.31 -27.78
C ILE C 390 11.49 -0.93 -27.53
N ASN C 391 12.74 -0.89 -27.09
CA ASN C 391 13.51 0.37 -26.85
C ASN C 391 14.88 0.25 -27.52
N THR C 392 15.63 1.35 -27.56
CA THR C 392 16.95 1.45 -28.27
C THR C 392 17.92 0.41 -27.72
N LEU C 393 17.89 0.14 -26.41
CA LEU C 393 18.81 -0.79 -25.71
C LEU C 393 18.51 -2.23 -26.14
N THR C 394 17.25 -2.65 -26.10
CA THR C 394 16.79 -4.00 -26.55
C THR C 394 17.03 -4.13 -28.06
N MET C 395 16.83 -3.04 -28.82
CA MET C 395 17.05 -2.99 -30.29
C MET C 395 18.55 -3.17 -30.59
N PHE C 396 19.41 -2.41 -29.90
CA PHE C 396 20.89 -2.52 -30.01
C PHE C 396 21.30 -3.98 -29.75
N GLY C 397 20.71 -4.60 -28.73
CA GLY C 397 20.90 -6.02 -28.39
C GLY C 397 20.61 -6.93 -29.57
N MET C 398 19.57 -6.62 -30.35
CA MET C 398 19.11 -7.42 -31.51
C MET C 398 20.06 -7.20 -32.70
N VAL C 399 20.54 -5.97 -32.92
CA VAL C 399 21.48 -5.61 -34.02
C VAL C 399 22.79 -6.38 -33.80
N LEU C 400 23.29 -6.40 -32.56
CA LEU C 400 24.49 -7.18 -32.15
C LEU C 400 24.25 -8.66 -32.39
N ALA C 401 23.03 -9.15 -32.11
CA ALA C 401 22.66 -10.58 -32.15
C ALA C 401 22.62 -11.11 -33.59
N ILE C 402 22.32 -10.26 -34.58
CA ILE C 402 22.07 -10.69 -35.99
C ILE C 402 23.25 -11.53 -36.47
N GLY C 403 24.48 -11.03 -36.29
CA GLY C 403 25.72 -11.71 -36.71
C GLY C 403 26.24 -12.68 -35.67
N LEU C 404 25.43 -13.01 -34.66
CA LEU C 404 25.73 -14.02 -33.61
C LEU C 404 24.73 -15.19 -33.69
N LEU C 405 23.46 -14.90 -33.98
CA LEU C 405 22.36 -15.90 -33.98
C LEU C 405 22.40 -16.75 -35.26
N VAL C 406 23.05 -16.27 -36.32
CA VAL C 406 23.23 -17.03 -37.59
C VAL C 406 24.42 -17.99 -37.44
N ASP C 407 25.33 -17.71 -36.51
CA ASP C 407 26.64 -18.42 -36.37
C ASP C 407 26.40 -19.93 -36.33
N ASP C 408 25.57 -20.41 -35.41
CA ASP C 408 25.30 -21.86 -35.20
C ASP C 408 24.70 -22.46 -36.48
N ALA C 409 23.72 -21.77 -37.09
CA ALA C 409 23.06 -22.18 -38.35
C ALA C 409 24.11 -22.27 -39.48
N ILE C 410 25.01 -21.30 -39.55
CA ILE C 410 26.14 -21.26 -40.54
C ILE C 410 27.02 -22.50 -40.32
N VAL C 411 27.52 -22.69 -39.09
CA VAL C 411 28.42 -23.83 -38.71
C VAL C 411 27.84 -25.14 -39.23
N VAL C 412 26.52 -25.32 -39.14
CA VAL C 412 25.79 -26.54 -39.63
C VAL C 412 25.92 -26.60 -41.16
N VAL C 413 25.35 -25.62 -41.87
CA VAL C 413 25.29 -25.56 -43.36
C VAL C 413 26.70 -25.70 -43.94
N GLU C 414 27.68 -25.01 -43.36
CA GLU C 414 29.10 -25.02 -43.81
C GLU C 414 29.67 -26.44 -43.66
N ASN C 415 29.52 -27.04 -42.48
CA ASN C 415 30.05 -28.39 -42.13
C ASN C 415 29.36 -29.44 -43.02
N VAL C 416 28.09 -29.26 -43.34
CA VAL C 416 27.30 -30.16 -44.24
C VAL C 416 27.90 -30.09 -45.66
N GLU C 417 28.10 -28.87 -46.18
CA GLU C 417 28.63 -28.64 -47.55
C GLU C 417 30.10 -29.08 -47.63
N ARG C 418 30.83 -29.06 -46.51
CA ARG C 418 32.23 -29.55 -46.42
C ARG C 418 32.23 -31.08 -46.50
N VAL C 419 31.41 -31.74 -45.67
CA VAL C 419 31.25 -33.23 -45.63
C VAL C 419 30.83 -33.72 -47.02
N MET C 420 30.02 -32.93 -47.75
CA MET C 420 29.55 -33.27 -49.12
C MET C 420 30.71 -33.08 -50.13
N ALA C 421 31.57 -32.08 -49.94
CA ALA C 421 32.72 -31.77 -50.82
C ALA C 421 33.84 -32.80 -50.62
N GLU C 422 33.95 -33.35 -49.40
CA GLU C 422 35.05 -34.29 -49.02
C GLU C 422 34.67 -35.72 -49.39
N GLU C 423 33.43 -36.15 -49.12
CA GLU C 423 32.97 -37.56 -49.25
C GLU C 423 31.96 -37.73 -50.39
N GLY C 424 31.25 -36.67 -50.78
CA GLY C 424 30.23 -36.71 -51.85
C GLY C 424 28.98 -37.46 -51.41
N LEU C 425 28.59 -37.32 -50.14
CA LEU C 425 27.37 -37.94 -49.58
C LEU C 425 26.15 -37.13 -50.04
N PRO C 426 24.94 -37.73 -50.04
CA PRO C 426 23.70 -36.96 -50.23
C PRO C 426 23.47 -35.97 -49.09
N PRO C 427 22.71 -34.88 -49.32
CA PRO C 427 22.44 -33.89 -48.27
C PRO C 427 21.96 -34.50 -46.94
N LYS C 428 21.04 -35.46 -47.00
CA LYS C 428 20.40 -36.09 -45.81
C LYS C 428 21.44 -36.87 -45.01
N GLU C 429 22.26 -37.67 -45.68
CA GLU C 429 23.36 -38.48 -45.06
C GLU C 429 24.45 -37.53 -44.54
N ALA C 430 24.80 -36.51 -45.32
CA ALA C 430 25.84 -35.50 -45.02
C ALA C 430 25.48 -34.75 -43.73
N THR C 431 24.24 -34.27 -43.63
CA THR C 431 23.71 -33.54 -42.45
C THR C 431 23.73 -34.45 -41.23
N ARG C 432 23.15 -35.65 -41.35
CA ARG C 432 23.06 -36.67 -40.27
C ARG C 432 24.45 -36.90 -39.67
N LYS C 433 25.49 -36.95 -40.51
CA LYS C 433 26.91 -37.10 -40.09
C LYS C 433 27.40 -35.80 -39.45
N SER C 434 27.19 -34.67 -40.14
CA SER C 434 27.69 -33.32 -39.77
C SER C 434 27.31 -32.99 -38.32
N MET C 435 26.06 -33.22 -37.93
CA MET C 435 25.51 -32.88 -36.59
C MET C 435 26.30 -33.59 -35.49
N GLY C 436 26.77 -34.81 -35.76
CA GLY C 436 27.61 -35.61 -34.83
C GLY C 436 28.95 -34.95 -34.57
N GLN C 437 29.50 -34.24 -35.56
CA GLN C 437 30.82 -33.56 -35.48
C GLN C 437 30.70 -32.22 -34.73
N ILE C 438 29.67 -31.43 -35.03
CA ILE C 438 29.60 -29.96 -34.72
C ILE C 438 28.85 -29.70 -33.40
N GLN C 439 28.03 -30.65 -32.93
CA GLN C 439 27.09 -30.44 -31.79
C GLN C 439 27.80 -29.70 -30.64
N GLY C 440 29.06 -30.04 -30.35
CA GLY C 440 29.87 -29.42 -29.29
C GLY C 440 30.19 -27.97 -29.56
N ALA C 441 30.38 -27.61 -30.83
CA ALA C 441 30.64 -26.22 -31.29
C ALA C 441 29.36 -25.38 -31.17
N LEU C 442 28.23 -25.93 -31.64
CA LEU C 442 26.89 -25.27 -31.61
C LEU C 442 26.56 -24.88 -30.17
N VAL C 443 26.66 -25.84 -29.24
CA VAL C 443 26.35 -25.66 -27.80
C VAL C 443 27.40 -24.75 -27.17
N GLY C 444 28.67 -24.89 -27.55
CA GLY C 444 29.79 -24.06 -27.06
C GLY C 444 29.60 -22.60 -27.39
N ILE C 445 29.43 -22.28 -28.69
CA ILE C 445 29.26 -20.89 -29.22
C ILE C 445 28.13 -20.19 -28.46
N ALA C 446 26.94 -20.81 -28.46
CA ALA C 446 25.69 -20.25 -27.87
C ALA C 446 25.86 -20.01 -26.37
N MET C 447 26.68 -20.83 -25.70
CA MET C 447 26.89 -20.78 -24.23
C MET C 447 27.75 -19.56 -23.86
N VAL C 448 28.91 -19.38 -24.49
CA VAL C 448 29.90 -18.31 -24.15
C VAL C 448 29.30 -16.94 -24.51
N LEU C 449 28.48 -16.86 -25.57
CA LEU C 449 27.80 -15.63 -26.02
C LEU C 449 26.50 -15.41 -25.21
N SER C 450 26.15 -16.36 -24.34
CA SER C 450 25.04 -16.26 -23.36
C SER C 450 25.62 -15.95 -21.97
N ALA C 451 26.52 -16.82 -21.49
CA ALA C 451 27.08 -16.82 -20.12
C ALA C 451 27.71 -15.46 -19.79
N VAL C 452 28.31 -14.79 -20.78
CA VAL C 452 29.05 -13.51 -20.59
C VAL C 452 28.05 -12.38 -20.32
N PHE C 453 26.79 -12.54 -20.73
CA PHE C 453 25.71 -11.51 -20.59
C PHE C 453 24.83 -11.81 -19.36
N VAL C 454 25.17 -12.81 -18.55
CA VAL C 454 24.35 -13.24 -17.38
C VAL C 454 24.74 -12.42 -16.14
N PRO C 455 26.02 -12.42 -15.68
CA PRO C 455 26.40 -11.69 -14.48
C PRO C 455 26.04 -10.19 -14.49
N MET C 456 26.07 -9.54 -15.67
CA MET C 456 25.82 -8.09 -15.84
C MET C 456 24.40 -7.72 -15.36
N ALA C 457 23.44 -8.65 -15.50
CA ALA C 457 22.01 -8.46 -15.18
C ALA C 457 21.82 -8.24 -13.67
N PHE C 458 22.76 -8.73 -12.84
CA PHE C 458 22.69 -8.70 -11.36
C PHE C 458 23.26 -7.40 -10.80
N PHE C 459 23.94 -6.59 -11.62
CA PHE C 459 24.60 -5.33 -11.20
C PHE C 459 23.53 -4.23 -11.01
N GLY C 460 23.89 -3.17 -10.29
CA GLY C 460 22.97 -2.10 -9.85
C GLY C 460 23.20 -0.80 -10.60
N GLY C 461 22.54 0.27 -10.15
CA GLY C 461 22.52 1.59 -10.81
C GLY C 461 21.71 1.55 -12.09
N SER C 462 21.67 2.67 -12.82
CA SER C 462 21.09 2.78 -14.18
C SER C 462 21.86 1.86 -15.13
N THR C 463 23.17 1.73 -14.90
CA THR C 463 24.11 0.85 -15.65
C THR C 463 23.55 -0.59 -15.68
N GLY C 464 23.13 -1.10 -14.52
CA GLY C 464 22.52 -2.43 -14.37
C GLY C 464 21.23 -2.56 -15.16
N ALA C 465 20.37 -1.54 -15.09
CA ALA C 465 19.09 -1.45 -15.82
C ALA C 465 19.34 -1.52 -17.33
N ILE C 466 20.39 -0.84 -17.80
CA ILE C 466 20.85 -0.84 -19.23
C ILE C 466 21.36 -2.24 -19.57
N TYR C 467 22.27 -2.79 -18.75
CA TYR C 467 22.91 -4.12 -18.94
C TYR C 467 21.83 -5.18 -19.16
N ARG C 468 20.76 -5.16 -18.37
CA ARG C 468 19.68 -6.18 -18.36
C ARG C 468 18.96 -6.20 -19.72
N GLN C 469 18.88 -5.07 -20.42
CA GLN C 469 18.20 -4.94 -21.74
C GLN C 469 18.97 -5.74 -22.79
N PHE C 470 20.30 -5.64 -22.80
CA PHE C 470 21.21 -6.42 -23.68
C PHE C 470 21.16 -7.88 -23.26
N SER C 471 21.25 -8.13 -21.94
CA SER C 471 21.26 -9.48 -21.32
C SER C 471 20.06 -10.30 -21.79
N ILE C 472 18.84 -9.86 -21.49
CA ILE C 472 17.57 -10.56 -21.85
C ILE C 472 17.54 -10.83 -23.36
N THR C 473 17.91 -9.85 -24.18
CA THR C 473 17.80 -9.88 -25.67
C THR C 473 18.79 -10.90 -26.25
N ILE C 474 20.07 -10.75 -25.92
CA ILE C 474 21.19 -11.54 -26.53
C ILE C 474 21.14 -12.98 -26.03
N VAL C 475 20.94 -13.19 -24.72
CA VAL C 475 20.85 -14.55 -24.09
C VAL C 475 19.72 -15.33 -24.75
N SER C 476 18.54 -14.69 -24.91
CA SER C 476 17.34 -15.27 -25.56
C SER C 476 17.64 -15.58 -27.03
N ALA C 477 18.25 -14.63 -27.74
CA ALA C 477 18.65 -14.76 -29.17
C ALA C 477 19.59 -15.96 -29.33
N MET C 478 20.62 -16.04 -28.49
CA MET C 478 21.64 -17.13 -28.52
C MET C 478 21.00 -18.47 -28.13
N ALA C 479 20.19 -18.49 -27.06
CA ALA C 479 19.46 -19.68 -26.57
C ALA C 479 18.55 -20.22 -27.67
N LEU C 480 17.92 -19.33 -28.45
CA LEU C 480 17.03 -19.71 -29.58
C LEU C 480 17.87 -20.16 -30.78
N SER C 481 19.03 -19.55 -31.00
CA SER C 481 19.93 -19.81 -32.15
C SER C 481 20.38 -21.28 -32.14
N VAL C 482 20.76 -21.81 -30.98
CA VAL C 482 21.24 -23.22 -30.82
C VAL C 482 20.06 -24.16 -31.08
N LEU C 483 18.87 -23.86 -30.55
CA LEU C 483 17.64 -24.68 -30.74
C LEU C 483 17.30 -24.73 -32.23
N VAL C 484 17.34 -23.58 -32.92
CA VAL C 484 17.11 -23.47 -34.39
C VAL C 484 18.13 -24.36 -35.12
N ALA C 485 19.40 -24.31 -34.70
CA ALA C 485 20.53 -25.03 -35.32
C ALA C 485 20.46 -26.53 -35.01
N LEU C 486 19.80 -26.91 -33.90
CA LEU C 486 19.64 -28.33 -33.48
C LEU C 486 18.34 -28.91 -34.05
N ILE C 487 17.38 -28.06 -34.47
CA ILE C 487 16.02 -28.49 -34.87
C ILE C 487 15.80 -28.20 -36.37
N LEU C 488 15.72 -26.93 -36.76
CA LEU C 488 15.27 -26.51 -38.11
C LEU C 488 16.40 -26.69 -39.14
N THR C 489 17.55 -26.05 -38.91
CA THR C 489 18.70 -25.99 -39.86
C THR C 489 19.04 -27.39 -40.37
N PRO C 490 19.15 -28.42 -39.51
CA PRO C 490 19.34 -29.80 -39.97
C PRO C 490 18.26 -30.27 -40.95
N ALA C 491 16.98 -30.06 -40.60
CA ALA C 491 15.81 -30.45 -41.40
C ALA C 491 15.85 -29.78 -42.77
N LEU C 492 16.27 -28.51 -42.83
CA LEU C 492 16.38 -27.72 -44.08
C LEU C 492 17.56 -28.22 -44.90
N CYS C 493 18.72 -28.42 -44.25
CA CYS C 493 19.97 -28.93 -44.87
C CYS C 493 19.72 -30.29 -45.56
N ALA C 494 18.80 -31.10 -45.02
CA ALA C 494 18.51 -32.47 -45.49
C ALA C 494 17.40 -32.47 -46.57
N THR C 495 16.73 -31.33 -46.80
CA THR C 495 15.55 -31.23 -47.69
C THR C 495 15.78 -30.21 -48.82
N MET C 496 16.35 -29.03 -48.52
CA MET C 496 16.47 -27.91 -49.49
C MET C 496 17.94 -27.47 -49.65
N LEU C 497 18.88 -28.41 -49.67
CA LEU C 497 20.32 -28.17 -49.96
C LEU C 497 20.72 -29.00 -51.18
N LYS C 498 21.13 -28.34 -52.27
CA LYS C 498 21.49 -29.00 -53.56
C LYS C 498 22.71 -29.88 -53.34
N PRO C 499 22.74 -31.13 -53.88
CA PRO C 499 23.89 -32.01 -53.70
C PRO C 499 25.18 -31.44 -54.30
N ILE C 500 26.29 -31.58 -53.57
CA ILE C 500 27.66 -31.16 -53.99
C ILE C 500 28.49 -32.42 -54.26
N ALA C 501 29.03 -32.55 -55.48
CA ALA C 501 29.86 -33.70 -55.93
C ALA C 501 31.18 -33.72 -55.16
N LYS C 502 31.73 -34.92 -54.92
CA LYS C 502 33.02 -35.15 -54.21
C LYS C 502 34.14 -34.39 -54.93
N GLY C 503 34.89 -33.57 -54.20
CA GLY C 503 36.05 -32.81 -54.71
C GLY C 503 35.67 -31.41 -55.17
N ASP C 504 34.38 -31.15 -55.42
CA ASP C 504 33.86 -29.84 -55.90
C ASP C 504 33.93 -28.82 -54.76
N HIS C 505 34.71 -27.75 -54.93
CA HIS C 505 34.87 -26.62 -53.97
C HIS C 505 34.43 -25.30 -54.63
N GLY C 506 33.64 -25.40 -55.71
CA GLY C 506 33.14 -24.24 -56.49
C GLY C 506 34.27 -23.47 -57.17
N GLU C 507 35.39 -24.14 -57.45
CA GLU C 507 36.59 -23.54 -58.09
C GLU C 507 36.35 -23.39 -59.60
N GLY C 508 35.39 -24.15 -60.15
CA GLY C 508 35.02 -24.13 -61.58
C GLY C 508 33.72 -23.36 -61.83
N LYS C 509 33.18 -22.67 -60.83
CA LYS C 509 31.96 -21.83 -60.95
C LYS C 509 32.26 -20.64 -61.89
N LYS C 510 31.23 -20.15 -62.58
CA LYS C 510 31.33 -19.05 -63.57
C LYS C 510 31.22 -17.69 -62.85
N GLY C 511 31.95 -16.69 -63.33
CA GLY C 511 31.88 -15.29 -62.87
C GLY C 511 32.74 -15.05 -61.64
N PHE C 512 32.23 -14.24 -60.70
CA PHE C 512 32.96 -13.71 -59.51
C PHE C 512 33.12 -14.81 -58.46
N PHE C 513 32.10 -15.65 -58.28
CA PHE C 513 32.07 -16.73 -57.25
C PHE C 513 33.22 -17.71 -57.48
N GLY C 514 33.46 -18.08 -58.74
CA GLY C 514 34.61 -18.92 -59.16
C GLY C 514 35.93 -18.32 -58.71
N TRP C 515 36.12 -17.02 -58.96
CA TRP C 515 37.34 -16.26 -58.58
C TRP C 515 37.52 -16.27 -57.05
N PHE C 516 36.48 -15.89 -56.31
CA PHE C 516 36.48 -15.77 -54.83
C PHE C 516 36.80 -17.14 -54.20
N ASN C 517 36.21 -18.22 -54.74
CA ASN C 517 36.42 -19.62 -54.28
C ASN C 517 37.90 -20.00 -54.46
N ARG C 518 38.46 -19.75 -55.65
CA ARG C 518 39.89 -19.99 -55.97
C ARG C 518 40.77 -19.16 -55.03
N MET C 519 40.43 -17.87 -54.87
CA MET C 519 41.12 -16.92 -53.95
C MET C 519 41.11 -17.46 -52.52
N PHE C 520 39.95 -17.94 -52.06
CA PHE C 520 39.73 -18.42 -50.67
C PHE C 520 40.45 -19.77 -50.47
N GLU C 521 40.30 -20.69 -51.42
CA GLU C 521 40.96 -22.02 -51.41
C GLU C 521 42.48 -21.84 -51.41
N LYS C 522 42.98 -20.80 -52.09
CA LYS C 522 44.42 -20.43 -52.15
C LYS C 522 44.84 -19.83 -50.80
N SER C 523 44.05 -18.90 -50.28
CA SER C 523 44.27 -18.21 -48.97
C SER C 523 44.21 -19.23 -47.83
N THR C 524 43.34 -20.24 -47.95
CA THR C 524 43.19 -21.37 -46.99
C THR C 524 44.51 -22.14 -46.90
N HIS C 525 45.14 -22.42 -48.05
CA HIS C 525 46.43 -23.14 -48.15
C HIS C 525 47.55 -22.31 -47.49
N HIS C 526 47.66 -21.03 -47.85
CA HIS C 526 48.63 -20.06 -47.26
C HIS C 526 48.52 -20.08 -45.74
N TYR C 527 47.30 -20.00 -45.22
CA TYR C 527 46.98 -19.93 -43.77
C TYR C 527 47.48 -21.19 -43.05
N THR C 528 47.10 -22.37 -43.55
CA THR C 528 47.42 -23.69 -42.94
C THR C 528 48.95 -23.88 -42.91
N ASP C 529 49.62 -23.65 -44.05
CA ASP C 529 51.10 -23.66 -44.16
C ASP C 529 51.68 -22.71 -43.09
N SER C 530 51.15 -21.49 -43.01
CA SER C 530 51.58 -20.40 -42.10
C SER C 530 51.50 -20.87 -40.65
N VAL C 531 50.32 -21.35 -40.21
CA VAL C 531 50.08 -21.90 -38.84
C VAL C 531 51.11 -23.02 -38.58
N GLY C 532 51.34 -23.89 -39.57
CA GLY C 532 52.35 -24.96 -39.52
C GLY C 532 53.71 -24.44 -39.07
N GLY C 533 54.15 -23.33 -39.66
CA GLY C 533 55.41 -22.64 -39.32
C GLY C 533 55.36 -21.97 -37.95
N ILE C 534 54.20 -21.43 -37.57
CA ILE C 534 53.94 -20.78 -36.25
C ILE C 534 54.14 -21.82 -35.14
N LEU C 535 53.63 -23.04 -35.33
CA LEU C 535 53.63 -24.12 -34.30
C LEU C 535 55.04 -24.70 -34.13
N ARG C 536 55.93 -24.48 -35.09
CA ARG C 536 57.36 -24.91 -35.02
C ARG C 536 58.18 -23.87 -34.25
N SER C 537 57.63 -22.68 -34.02
CA SER C 537 58.29 -21.54 -33.32
C SER C 537 57.29 -20.80 -32.44
N THR C 538 56.72 -21.50 -31.45
CA THR C 538 55.64 -20.99 -30.56
C THR C 538 56.20 -19.95 -29.57
N GLY C 539 57.48 -20.09 -29.19
CA GLY C 539 58.17 -19.25 -28.19
C GLY C 539 58.07 -17.76 -28.48
N ARG C 540 58.21 -17.37 -29.75
CA ARG C 540 58.21 -15.94 -30.18
C ARG C 540 56.80 -15.37 -30.10
N TYR C 541 55.78 -16.20 -30.33
CA TYR C 541 54.35 -15.79 -30.34
C TYR C 541 53.81 -15.65 -28.92
N LEU C 542 54.49 -16.24 -27.93
CA LEU C 542 54.21 -16.00 -26.48
C LEU C 542 54.76 -14.61 -26.10
N VAL C 543 55.88 -14.20 -26.69
CA VAL C 543 56.49 -12.84 -26.48
C VAL C 543 55.59 -11.80 -27.13
N LEU C 544 55.11 -12.06 -28.36
CA LEU C 544 54.17 -11.17 -29.11
C LEU C 544 52.86 -11.03 -28.33
N TYR C 545 52.41 -12.09 -27.66
CA TYR C 545 51.16 -12.12 -26.84
C TYR C 545 51.31 -11.18 -25.64
N LEU C 546 52.45 -11.25 -24.94
CA LEU C 546 52.76 -10.39 -23.76
C LEU C 546 52.83 -8.92 -24.19
N ILE C 547 53.30 -8.64 -25.42
CA ILE C 547 53.35 -7.26 -25.99
C ILE C 547 51.91 -6.79 -26.24
N ILE C 548 51.09 -7.60 -26.92
CA ILE C 548 49.65 -7.34 -27.19
C ILE C 548 48.93 -7.09 -25.86
N VAL C 549 49.18 -7.92 -24.85
CA VAL C 549 48.53 -7.84 -23.50
C VAL C 549 48.97 -6.54 -22.81
N VAL C 550 50.25 -6.17 -22.93
CA VAL C 550 50.82 -4.91 -22.35
C VAL C 550 50.25 -3.71 -23.12
N GLY C 551 50.22 -3.79 -24.45
CA GLY C 551 49.61 -2.77 -25.33
C GLY C 551 48.14 -2.57 -25.01
N MET C 552 47.42 -3.67 -24.76
CA MET C 552 45.98 -3.68 -24.35
C MET C 552 45.83 -2.88 -23.05
N ALA C 553 46.58 -3.27 -22.02
CA ALA C 553 46.56 -2.66 -20.66
C ALA C 553 46.85 -1.15 -20.76
N TYR C 554 47.79 -0.76 -21.63
CA TYR C 554 48.18 0.65 -21.85
C TYR C 554 47.01 1.43 -22.48
N LEU C 555 46.42 0.88 -23.54
CA LEU C 555 45.28 1.51 -24.27
C LEU C 555 44.09 1.69 -23.32
N PHE C 556 43.87 0.73 -22.42
CA PHE C 556 42.72 0.70 -21.47
C PHE C 556 42.79 1.88 -20.51
N VAL C 557 43.92 2.04 -19.80
CA VAL C 557 44.12 3.11 -18.77
C VAL C 557 44.17 4.48 -19.46
N ARG C 558 44.72 4.53 -20.68
CA ARG C 558 44.84 5.76 -21.50
C ARG C 558 43.43 6.23 -21.93
N LEU C 559 42.57 5.30 -22.33
CA LEU C 559 41.21 5.58 -22.88
C LEU C 559 40.38 6.32 -21.83
N PRO C 560 39.98 7.59 -22.08
CA PRO C 560 39.11 8.32 -21.15
C PRO C 560 37.74 7.64 -20.98
N SER C 561 37.12 7.83 -19.82
CA SER C 561 35.80 7.24 -19.45
C SER C 561 34.70 8.30 -19.51
N SER C 562 33.47 7.87 -19.83
CA SER C 562 32.22 8.67 -19.73
C SER C 562 31.09 7.72 -19.29
N PHE C 563 29.83 8.19 -19.33
CA PHE C 563 28.64 7.39 -18.97
C PHE C 563 27.86 7.01 -20.24
N LEU C 564 27.11 7.96 -20.80
CA LEU C 564 26.29 7.75 -22.03
C LEU C 564 26.51 8.94 -22.98
N PRO C 565 26.69 8.68 -24.30
CA PRO C 565 26.86 9.78 -25.27
C PRO C 565 25.70 10.77 -25.25
N ASP C 566 26.01 12.07 -25.21
CA ASP C 566 25.05 13.17 -25.47
C ASP C 566 24.51 13.00 -26.90
N GLU C 567 23.22 13.27 -27.09
CA GLU C 567 22.54 13.19 -28.41
C GLU C 567 21.98 14.56 -28.77
N ASP C 568 21.92 14.88 -30.06
CA ASP C 568 21.09 15.98 -30.61
C ASP C 568 19.64 15.49 -30.60
N GLN C 569 18.83 15.99 -29.67
CA GLN C 569 17.41 15.57 -29.47
C GLN C 569 16.47 16.62 -30.09
N GLY C 570 17.00 17.48 -30.96
CA GLY C 570 16.24 18.52 -31.68
C GLY C 570 15.81 19.67 -30.79
N VAL C 571 16.25 19.67 -29.52
CA VAL C 571 15.87 20.67 -28.49
C VAL C 571 17.06 20.88 -27.56
N PHE C 572 17.14 22.06 -26.93
CA PHE C 572 18.08 22.37 -25.83
C PHE C 572 17.56 23.59 -25.06
N MET C 573 18.15 23.87 -23.89
CA MET C 573 17.74 24.96 -22.97
C MET C 573 18.89 25.96 -22.81
N THR C 574 18.55 27.21 -22.47
CA THR C 574 19.49 28.27 -22.06
C THR C 574 19.03 28.83 -20.71
N MET C 575 19.88 28.74 -19.68
CA MET C 575 19.61 29.25 -18.32
C MET C 575 20.10 30.70 -18.22
N VAL C 576 19.20 31.61 -17.82
CA VAL C 576 19.52 33.04 -17.52
C VAL C 576 19.41 33.24 -16.00
N GLN C 577 20.54 33.49 -15.33
CA GLN C 577 20.61 33.72 -13.86
C GLN C 577 21.26 35.09 -13.60
N LEU C 578 20.47 36.04 -13.10
CA LEU C 578 20.94 37.38 -12.63
C LEU C 578 21.06 37.35 -11.12
N PRO C 579 21.79 38.31 -10.50
CA PRO C 579 21.90 38.37 -9.04
C PRO C 579 20.52 38.53 -8.37
N ALA C 580 20.31 37.86 -7.22
CA ALA C 580 19.17 38.13 -6.31
C ALA C 580 19.18 39.63 -5.99
N GLY C 581 18.08 40.32 -6.31
CA GLY C 581 18.02 41.80 -6.30
C GLY C 581 17.69 42.34 -7.68
N ALA C 582 18.12 41.64 -8.74
CA ALA C 582 17.82 41.96 -10.15
C ALA C 582 16.31 41.95 -10.37
N THR C 583 15.81 42.84 -11.23
CA THR C 583 14.37 43.07 -11.51
C THR C 583 13.93 42.20 -12.69
N GLN C 584 12.61 41.91 -12.75
CA GLN C 584 11.95 41.15 -13.84
C GLN C 584 12.23 41.83 -15.19
N GLU C 585 12.31 43.17 -15.19
CA GLU C 585 12.59 44.00 -16.39
C GLU C 585 14.03 43.76 -16.89
N ARG C 586 15.00 43.70 -15.98
CA ARG C 586 16.44 43.55 -16.30
C ARG C 586 16.72 42.12 -16.78
N THR C 587 16.06 41.12 -16.18
CA THR C 587 16.14 39.69 -16.60
C THR C 587 15.58 39.56 -18.02
N GLN C 588 14.50 40.27 -18.32
CA GLN C 588 13.81 40.24 -19.64
C GLN C 588 14.73 40.80 -20.73
N LYS C 589 15.55 41.81 -20.39
CA LYS C 589 16.56 42.40 -21.31
C LYS C 589 17.54 41.31 -21.75
N VAL C 590 17.94 40.43 -20.82
CA VAL C 590 18.91 39.32 -21.07
C VAL C 590 18.20 38.23 -21.89
N LEU C 591 16.97 37.87 -21.51
CA LEU C 591 16.14 36.87 -22.22
C LEU C 591 15.94 37.30 -23.68
N ASN C 592 15.76 38.60 -23.92
CA ASN C 592 15.60 39.18 -25.28
C ASN C 592 16.88 38.94 -26.09
N GLU C 593 18.04 39.27 -25.53
CA GLU C 593 19.38 39.06 -26.16
C GLU C 593 19.56 37.56 -26.48
N VAL C 594 19.16 36.68 -25.56
CA VAL C 594 19.27 35.20 -25.72
C VAL C 594 18.34 34.78 -26.87
N THR C 595 17.06 35.16 -26.80
CA THR C 595 16.04 34.89 -27.85
C THR C 595 16.52 35.46 -29.19
N HIS C 596 17.00 36.71 -29.19
CA HIS C 596 17.51 37.45 -30.38
C HIS C 596 18.55 36.59 -31.11
N TYR C 597 19.61 36.19 -30.40
CA TYR C 597 20.73 35.37 -30.91
C TYR C 597 20.17 34.17 -31.69
N TYR C 598 19.20 33.46 -31.10
CA TYR C 598 18.62 32.20 -31.66
C TYR C 598 17.75 32.52 -32.88
N LEU C 599 17.09 33.69 -32.89
CA LEU C 599 16.18 34.13 -33.98
C LEU C 599 16.96 34.85 -35.08
N THR C 600 18.20 35.27 -34.82
CA THR C 600 19.06 36.01 -35.79
C THR C 600 20.24 35.14 -36.22
N LYS C 601 21.25 34.95 -35.36
CA LYS C 601 22.49 34.19 -35.69
C LYS C 601 22.15 32.75 -36.07
N GLU C 602 21.39 32.04 -35.22
CA GLU C 602 21.10 30.59 -35.37
C GLU C 602 19.69 30.40 -35.98
N LYS C 603 19.24 31.34 -36.81
CA LYS C 603 17.87 31.33 -37.40
C LYS C 603 17.75 30.18 -38.42
N ASN C 604 18.88 29.70 -38.94
CA ASN C 604 18.94 28.58 -39.92
C ASN C 604 18.69 27.25 -39.21
N ASN C 605 19.10 27.12 -37.94
CA ASN C 605 19.02 25.85 -37.15
C ASN C 605 17.85 25.89 -36.15
N VAL C 606 17.54 27.07 -35.58
CA VAL C 606 16.49 27.25 -34.54
C VAL C 606 15.14 27.46 -35.23
N GLU C 607 14.13 26.68 -34.84
CA GLU C 607 12.72 26.78 -35.35
C GLU C 607 11.95 27.76 -34.46
N SER C 608 11.93 27.50 -33.14
CA SER C 608 11.16 28.29 -32.14
C SER C 608 11.99 28.49 -30.86
N VAL C 609 11.66 29.54 -30.11
CA VAL C 609 12.21 29.85 -28.75
C VAL C 609 11.02 30.15 -27.84
N PHE C 610 10.88 29.38 -26.75
CA PHE C 610 9.88 29.61 -25.66
C PHE C 610 10.65 30.05 -24.41
N ALA C 611 10.80 31.36 -24.23
CA ALA C 611 11.53 31.99 -23.11
C ALA C 611 10.55 32.30 -21.97
N VAL C 612 10.90 31.94 -20.74
CA VAL C 612 10.07 32.13 -19.50
C VAL C 612 10.86 33.00 -18.52
N ASN C 613 10.29 34.15 -18.15
CA ASN C 613 10.83 35.07 -17.11
C ASN C 613 10.25 34.65 -15.75
N GLY C 614 11.10 34.47 -14.74
CA GLY C 614 10.71 34.07 -13.37
C GLY C 614 10.65 32.56 -13.21
N PHE C 615 11.44 31.82 -13.99
CA PHE C 615 11.58 30.34 -13.93
C PHE C 615 12.93 29.92 -14.52
N GLY C 616 13.72 29.18 -13.75
CA GLY C 616 14.99 28.55 -14.20
C GLY C 616 14.85 27.04 -14.23
N PHE C 617 15.38 26.36 -13.21
CA PHE C 617 15.16 24.91 -12.94
C PHE C 617 13.87 24.75 -12.13
N ALA C 618 13.54 25.76 -11.32
CA ALA C 618 12.30 25.87 -10.52
C ALA C 618 11.77 27.30 -10.60
N PRO C 619 10.51 27.58 -10.19
CA PRO C 619 10.01 28.95 -10.10
C PRO C 619 10.86 29.78 -9.12
N ARG C 620 11.45 30.87 -9.60
CA ARG C 620 12.29 31.83 -8.82
C ARG C 620 12.12 33.21 -9.44
N PRO C 621 11.21 34.06 -8.90
CA PRO C 621 10.78 35.28 -9.58
C PRO C 621 11.85 36.35 -9.82
N GLN C 622 11.72 37.04 -10.96
CA GLN C 622 12.40 38.32 -11.33
C GLN C 622 13.83 38.06 -11.82
N ASN C 623 14.69 37.44 -11.01
CA ASN C 623 16.16 37.37 -11.26
C ASN C 623 16.55 36.11 -12.06
N THR C 624 15.58 35.26 -12.43
CA THR C 624 15.84 33.97 -13.15
C THR C 624 14.95 33.88 -14.40
N GLY C 625 15.49 33.24 -15.44
CA GLY C 625 14.77 32.98 -16.71
C GLY C 625 15.35 31.77 -17.42
N ILE C 626 14.56 31.15 -18.31
CA ILE C 626 14.97 29.95 -19.10
C ILE C 626 14.41 30.07 -20.52
N ALA C 627 15.21 29.71 -21.52
CA ALA C 627 14.81 29.66 -22.95
C ALA C 627 14.77 28.19 -23.40
N PHE C 628 13.57 27.69 -23.71
CA PHE C 628 13.33 26.37 -24.35
C PHE C 628 13.41 26.53 -25.87
N VAL C 629 14.48 26.00 -26.47
CA VAL C 629 14.81 26.17 -27.92
C VAL C 629 14.57 24.83 -28.64
N SER C 630 13.63 24.81 -29.58
CA SER C 630 13.37 23.68 -30.51
C SER C 630 14.02 23.99 -31.86
N LEU C 631 14.87 23.07 -32.34
CA LEU C 631 15.61 23.21 -33.62
C LEU C 631 14.74 22.72 -34.79
N LYS C 632 15.18 22.96 -36.02
CA LYS C 632 14.53 22.46 -37.27
C LYS C 632 14.92 21.00 -37.45
N ASP C 633 14.23 20.28 -38.34
CA ASP C 633 14.41 18.81 -38.55
C ASP C 633 15.89 18.54 -38.85
N TRP C 634 16.40 17.40 -38.37
CA TRP C 634 17.82 16.96 -38.45
C TRP C 634 18.31 17.02 -39.91
N ALA C 635 17.42 16.70 -40.86
CA ALA C 635 17.68 16.71 -42.31
C ALA C 635 18.14 18.11 -42.77
N ASP C 636 17.55 19.17 -42.20
CA ASP C 636 17.79 20.58 -42.60
C ASP C 636 18.92 21.18 -41.77
N ARG C 637 19.67 20.37 -41.03
CA ARG C 637 20.85 20.79 -40.22
C ARG C 637 22.02 19.85 -40.49
N PRO C 638 22.51 19.76 -41.75
CA PRO C 638 23.65 18.91 -42.08
C PRO C 638 24.97 19.52 -41.58
N GLY C 639 25.96 18.67 -41.29
CA GLY C 639 27.26 19.05 -40.71
C GLY C 639 27.16 19.15 -39.20
N GLU C 640 28.27 18.85 -38.49
CA GLU C 640 28.27 18.71 -37.01
C GLU C 640 28.25 20.10 -36.35
N GLU C 641 28.57 21.16 -37.10
CA GLU C 641 28.53 22.56 -36.59
C GLU C 641 27.07 23.02 -36.44
N ASN C 642 26.13 22.32 -37.07
CA ASN C 642 24.67 22.63 -37.03
C ASN C 642 23.95 21.69 -36.06
N LYS C 643 24.69 21.01 -35.17
CA LYS C 643 24.13 20.10 -34.14
C LYS C 643 24.26 20.75 -32.75
N VAL C 644 23.44 20.32 -31.80
CA VAL C 644 23.21 20.99 -30.47
C VAL C 644 24.56 21.34 -29.83
N GLU C 645 25.51 20.40 -29.83
CA GLU C 645 26.81 20.55 -29.11
C GLU C 645 27.51 21.83 -29.58
N ALA C 646 27.62 22.03 -30.90
CA ALA C 646 28.28 23.19 -31.54
C ALA C 646 27.45 24.46 -31.31
N ILE C 647 26.11 24.36 -31.45
CA ILE C 647 25.17 25.51 -31.31
C ILE C 647 25.29 26.06 -29.88
N THR C 648 25.15 25.19 -28.88
CA THR C 648 25.22 25.53 -27.43
C THR C 648 26.62 26.01 -27.07
N MET C 649 27.65 25.46 -27.73
CA MET C 649 29.08 25.86 -27.54
C MET C 649 29.24 27.32 -27.97
N ARG C 650 28.84 27.66 -29.20
CA ARG C 650 28.89 29.03 -29.77
C ARG C 650 27.98 29.95 -28.95
N ALA C 651 26.75 29.51 -28.67
CA ALA C 651 25.71 30.27 -27.95
C ALA C 651 26.23 30.69 -26.58
N THR C 652 26.81 29.75 -25.82
CA THR C 652 27.39 29.99 -24.46
C THR C 652 28.55 30.98 -24.56
N ARG C 653 29.39 30.82 -25.60
CA ARG C 653 30.55 31.72 -25.88
C ARG C 653 30.02 33.14 -26.13
N ALA C 654 28.99 33.26 -26.97
CA ALA C 654 28.36 34.54 -27.38
C ALA C 654 27.80 35.27 -26.15
N PHE C 655 27.13 34.54 -25.25
CA PHE C 655 26.39 35.10 -24.08
C PHE C 655 27.35 35.40 -22.92
N SER C 656 28.62 35.01 -23.02
CA SER C 656 29.67 35.24 -21.99
C SER C 656 29.86 36.74 -21.75
N GLN C 657 29.55 37.57 -22.75
CA GLN C 657 29.74 39.04 -22.75
C GLN C 657 28.68 39.72 -21.89
N ILE C 658 27.47 39.15 -21.80
CA ILE C 658 26.30 39.72 -21.08
C ILE C 658 26.70 39.94 -19.61
N LYS C 659 26.60 41.18 -19.13
CA LYS C 659 27.14 41.63 -17.82
C LYS C 659 26.13 41.37 -16.70
N ASP C 660 26.64 41.12 -15.49
CA ASP C 660 25.85 40.87 -14.24
C ASP C 660 24.72 39.87 -14.56
N ALA C 661 25.08 38.76 -15.22
CA ALA C 661 24.17 37.65 -15.60
C ALA C 661 25.00 36.44 -16.04
N MET C 662 24.69 35.27 -15.48
CA MET C 662 25.29 33.96 -15.87
C MET C 662 24.36 33.27 -16.86
N VAL C 663 24.74 33.23 -18.14
CA VAL C 663 23.91 32.71 -19.26
C VAL C 663 24.64 31.51 -19.89
N PHE C 664 24.02 30.33 -19.86
CA PHE C 664 24.59 29.05 -20.35
C PHE C 664 23.54 28.29 -21.16
N ALA C 665 23.87 27.97 -22.42
CA ALA C 665 23.12 27.06 -23.32
C ALA C 665 23.72 25.66 -23.16
N PHE C 666 22.88 24.64 -22.91
CA PHE C 666 23.31 23.25 -22.63
C PHE C 666 22.34 22.24 -23.23
N ASN C 667 22.88 21.09 -23.64
CA ASN C 667 22.15 19.91 -24.16
C ASN C 667 21.46 19.19 -22.99
N LEU C 668 20.60 18.22 -23.29
CA LEU C 668 19.92 17.35 -22.29
C LEU C 668 20.85 16.19 -21.93
N PRO C 669 20.86 15.72 -20.65
CA PRO C 669 21.61 14.52 -20.29
C PRO C 669 20.90 13.25 -20.78
N ALA C 670 21.54 12.09 -20.59
CA ALA C 670 21.02 10.76 -20.99
C ALA C 670 19.79 10.41 -20.13
N ILE C 671 19.97 10.44 -18.80
CA ILE C 671 18.88 10.21 -17.81
C ILE C 671 18.31 11.56 -17.39
N VAL C 672 17.29 12.04 -18.12
CA VAL C 672 16.67 13.39 -17.96
C VAL C 672 15.99 13.50 -16.59
N GLU C 673 15.73 12.37 -15.92
CA GLU C 673 15.08 12.31 -14.58
C GLU C 673 16.00 12.91 -13.50
N LEU C 674 17.33 12.74 -13.65
CA LEU C 674 18.34 13.08 -12.60
C LEU C 674 18.72 14.56 -12.65
N GLY C 675 18.72 15.16 -13.85
CA GLY C 675 19.02 16.58 -14.05
C GLY C 675 18.51 17.09 -15.39
N THR C 676 18.43 18.41 -15.56
CA THR C 676 17.97 19.10 -16.80
C THR C 676 19.17 19.32 -17.74
N ALA C 677 20.36 19.56 -17.18
CA ALA C 677 21.58 19.98 -17.91
C ALA C 677 22.53 18.78 -18.10
N THR C 678 23.33 18.82 -19.18
CA THR C 678 24.42 17.85 -19.50
C THR C 678 25.65 18.17 -18.64
N GLY C 679 26.74 17.45 -18.85
CA GLY C 679 28.02 17.63 -18.13
C GLY C 679 28.00 16.92 -16.78
N PHE C 680 28.73 17.46 -15.80
CA PHE C 680 28.88 16.89 -14.44
C PHE C 680 28.04 17.68 -13.44
N ASP C 681 27.73 17.07 -12.28
CA ASP C 681 26.89 17.63 -11.20
C ASP C 681 27.61 17.44 -9.87
N PHE C 682 28.38 18.45 -9.45
CA PHE C 682 29.30 18.43 -8.28
C PHE C 682 28.62 19.10 -7.08
N GLU C 683 28.81 18.54 -5.88
CA GLU C 683 28.29 19.11 -4.60
C GLU C 683 29.49 19.42 -3.68
N LEU C 684 29.63 20.69 -3.28
CA LEU C 684 30.62 21.13 -2.27
C LEU C 684 29.93 21.13 -0.90
N ILE C 685 30.39 20.29 0.03
CA ILE C 685 29.68 19.98 1.32
C ILE C 685 30.50 20.53 2.49
N ASP C 686 29.82 21.19 3.44
CA ASP C 686 30.38 21.67 4.73
C ASP C 686 30.26 20.53 5.75
N GLN C 687 31.37 19.81 5.97
CA GLN C 687 31.41 18.54 6.75
C GLN C 687 32.01 18.77 8.15
N ALA C 688 32.25 20.04 8.54
CA ALA C 688 32.91 20.41 9.81
C ALA C 688 32.32 21.70 10.40
N GLY C 689 31.04 21.97 10.14
CA GLY C 689 30.30 23.15 10.64
C GLY C 689 31.10 24.43 10.51
N LEU C 690 31.69 24.68 9.33
CA LEU C 690 32.52 25.88 9.04
C LEU C 690 31.62 27.11 8.92
N GLY C 691 30.44 26.95 8.32
CA GLY C 691 29.45 28.04 8.11
C GLY C 691 29.33 28.42 6.66
N HIS C 692 28.35 29.28 6.33
CA HIS C 692 27.99 29.69 4.94
C HIS C 692 29.16 30.42 4.27
N GLU C 693 29.73 31.42 4.96
CA GLU C 693 30.80 32.31 4.42
C GLU C 693 32.04 31.49 4.07
N LYS C 694 32.43 30.54 4.93
CA LYS C 694 33.62 29.68 4.73
C LYS C 694 33.39 28.72 3.56
N LEU C 695 32.15 28.27 3.36
CA LEU C 695 31.75 27.39 2.23
C LEU C 695 31.73 28.22 0.94
N THR C 696 31.24 29.47 0.99
CA THR C 696 31.24 30.44 -0.12
C THR C 696 32.68 30.68 -0.60
N GLN C 697 33.62 30.88 0.34
CA GLN C 697 35.06 31.14 0.07
C GLN C 697 35.68 29.91 -0.61
N ALA C 698 35.44 28.72 -0.05
CA ALA C 698 35.94 27.41 -0.57
C ALA C 698 35.41 27.19 -1.99
N ARG C 699 34.16 27.59 -2.25
CA ARG C 699 33.52 27.47 -3.58
C ARG C 699 34.23 28.41 -4.57
N ASN C 700 34.46 29.66 -4.18
CA ASN C 700 35.19 30.68 -4.97
C ASN C 700 36.61 30.19 -5.25
N GLN C 701 37.22 29.53 -4.26
CA GLN C 701 38.59 28.93 -4.36
C GLN C 701 38.61 27.86 -5.45
N LEU C 702 37.63 26.95 -5.44
CA LEU C 702 37.50 25.82 -6.40
C LEU C 702 37.17 26.36 -7.80
N LEU C 703 36.24 27.31 -7.90
CA LEU C 703 35.79 27.89 -9.19
C LEU C 703 36.92 28.72 -9.82
N ALA C 704 37.69 29.44 -9.00
CA ALA C 704 38.88 30.22 -9.42
C ALA C 704 39.94 29.28 -10.00
N GLU C 705 40.15 28.13 -9.36
CA GLU C 705 41.10 27.07 -9.80
C GLU C 705 40.62 26.44 -11.11
N ALA C 706 39.33 26.07 -11.17
CA ALA C 706 38.69 25.40 -12.34
C ALA C 706 38.83 26.29 -13.58
N ALA C 707 38.75 27.62 -13.41
CA ALA C 707 38.84 28.63 -14.49
C ALA C 707 40.24 28.66 -15.10
N LYS C 708 41.26 28.24 -14.35
CA LYS C 708 42.68 28.13 -14.82
C LYS C 708 42.87 26.88 -15.68
N HIS C 709 41.82 26.08 -15.88
CA HIS C 709 41.82 24.86 -16.73
C HIS C 709 40.68 24.94 -17.75
N PRO C 710 40.68 25.93 -18.67
CA PRO C 710 39.64 26.04 -19.69
C PRO C 710 39.73 24.94 -20.75
N ASP C 711 40.88 24.27 -20.85
CA ASP C 711 41.15 23.14 -21.79
C ASP C 711 40.44 21.87 -21.31
N MET C 712 40.05 21.80 -20.03
CA MET C 712 39.40 20.61 -19.42
C MET C 712 37.94 20.93 -19.07
N LEU C 713 37.70 22.05 -18.38
CA LEU C 713 36.36 22.43 -17.84
C LEU C 713 35.87 23.73 -18.50
N THR C 714 34.67 23.70 -19.09
CA THR C 714 33.91 24.88 -19.58
C THR C 714 32.49 24.85 -18.99
N SER C 715 31.74 25.94 -19.16
CA SER C 715 30.35 26.14 -18.66
C SER C 715 30.26 25.75 -17.18
N VAL C 716 31.30 26.05 -16.39
CA VAL C 716 31.35 25.78 -14.93
C VAL C 716 30.65 26.94 -14.20
N ARG C 717 29.61 26.65 -13.43
CA ARG C 717 28.83 27.65 -12.65
C ARG C 717 28.18 26.98 -11.45
N PRO C 718 28.00 27.71 -10.33
CA PRO C 718 27.22 27.20 -9.20
C PRO C 718 25.72 27.23 -9.53
N ASN C 719 24.98 26.19 -9.15
CA ASN C 719 23.50 26.14 -9.23
C ASN C 719 22.94 26.77 -7.95
N GLY C 720 23.19 28.07 -7.75
CA GLY C 720 22.82 28.83 -6.54
C GLY C 720 23.05 30.32 -6.73
N LEU C 721 22.77 31.11 -5.68
CA LEU C 721 22.80 32.60 -5.72
C LEU C 721 23.77 33.13 -4.65
N GLU C 722 24.34 34.31 -4.90
CA GLU C 722 25.23 35.04 -3.96
C GLU C 722 24.36 35.78 -2.94
N ASP C 723 24.92 36.10 -1.77
CA ASP C 723 24.24 36.83 -0.68
C ASP C 723 23.82 38.22 -1.21
N THR C 724 22.59 38.63 -0.89
CA THR C 724 21.92 39.84 -1.43
C THR C 724 21.43 40.70 -0.26
N PRO C 725 21.36 42.05 -0.41
CA PRO C 725 20.77 42.90 0.61
C PRO C 725 19.29 42.59 0.87
N GLN C 726 18.92 42.44 2.16
CA GLN C 726 17.52 42.33 2.66
C GLN C 726 17.15 43.65 3.34
N PHE C 727 15.90 44.09 3.18
CA PHE C 727 15.36 45.33 3.80
C PHE C 727 14.73 44.97 5.15
N LYS C 728 15.44 45.27 6.25
CA LYS C 728 14.98 44.99 7.64
C LYS C 728 14.25 46.21 8.18
N ILE C 729 12.94 46.08 8.43
CA ILE C 729 12.08 47.12 9.07
C ILE C 729 11.77 46.66 10.50
N ASP C 730 11.91 47.57 11.48
CA ASP C 730 11.73 47.30 12.93
C ASP C 730 10.50 48.05 13.44
N ILE C 731 9.42 47.33 13.77
CA ILE C 731 8.20 47.89 14.43
C ILE C 731 8.52 48.08 15.92
N ASP C 732 8.47 49.32 16.41
CA ASP C 732 8.64 49.67 17.85
C ASP C 732 7.27 49.55 18.53
N GLN C 733 7.03 48.46 19.24
CA GLN C 733 5.70 48.09 19.81
C GLN C 733 5.38 48.96 21.02
N GLU C 734 6.40 49.44 21.74
CA GLU C 734 6.27 50.38 22.88
C GLU C 734 5.74 51.72 22.36
N LYS C 735 6.33 52.22 21.26
CA LYS C 735 5.86 53.43 20.53
C LYS C 735 4.42 53.24 20.07
N ALA C 736 4.11 52.08 19.48
CA ALA C 736 2.79 51.72 18.92
C ALA C 736 1.74 51.68 20.05
N GLN C 737 2.07 51.05 21.17
CA GLN C 737 1.19 50.93 22.37
C GLN C 737 0.96 52.31 22.99
N ALA C 738 1.97 53.19 22.94
CA ALA C 738 1.91 54.59 23.42
C ALA C 738 0.95 55.42 22.57
N LEU C 739 0.87 55.11 21.26
CA LEU C 739 -0.01 55.79 20.27
C LEU C 739 -1.37 55.08 20.20
N GLY C 740 -1.49 53.90 20.82
CA GLY C 740 -2.73 53.10 20.87
C GLY C 740 -2.98 52.37 19.57
N VAL C 741 -1.92 51.91 18.91
CA VAL C 741 -1.96 51.21 17.59
C VAL C 741 -1.76 49.71 17.82
N SER C 742 -2.71 48.89 17.38
CA SER C 742 -2.70 47.41 17.48
C SER C 742 -1.52 46.85 16.67
N ILE C 743 -0.75 45.94 17.28
CA ILE C 743 0.44 45.27 16.65
C ILE C 743 -0.06 44.44 15.46
N ASN C 744 -1.23 43.83 15.59
CA ASN C 744 -1.87 42.96 14.57
C ASN C 744 -2.27 43.80 13.36
N ASP C 745 -2.78 45.01 13.59
CA ASP C 745 -3.20 45.96 12.53
C ASP C 745 -1.96 46.42 11.74
N ILE C 746 -0.85 46.70 12.43
CA ILE C 746 0.45 47.08 11.81
C ILE C 746 0.92 45.95 10.91
N ASN C 747 1.04 44.73 11.46
CA ASN C 747 1.50 43.51 10.76
C ASN C 747 0.65 43.29 9.50
N THR C 748 -0.68 43.35 9.65
CA THR C 748 -1.67 43.15 8.55
C THR C 748 -1.48 44.26 7.51
N THR C 749 -1.49 45.53 7.94
CA THR C 749 -1.37 46.72 7.05
C THR C 749 -0.11 46.58 6.18
N LEU C 750 1.05 46.39 6.82
CA LEU C 750 2.36 46.23 6.13
C LEU C 750 2.29 45.02 5.20
N GLY C 751 2.06 43.83 5.77
CA GLY C 751 2.04 42.53 5.06
C GLY C 751 1.10 42.56 3.86
N ALA C 752 -0.15 42.98 4.07
CA ALA C 752 -1.20 43.05 3.04
C ALA C 752 -0.77 44.00 1.92
N ALA C 753 -0.23 45.18 2.28
CA ALA C 753 0.17 46.25 1.34
C ALA C 753 1.33 45.76 0.45
N TRP C 754 2.46 45.40 1.06
CA TRP C 754 3.76 45.19 0.38
C TRP C 754 3.89 43.75 -0.16
N GLY C 755 3.32 42.77 0.56
CA GLY C 755 3.40 41.33 0.21
C GLY C 755 2.17 40.83 -0.51
N GLY C 756 1.01 41.46 -0.27
CA GLY C 756 -0.31 40.96 -0.72
C GLY C 756 -0.88 39.97 0.28
N SER C 757 -2.20 39.94 0.44
CA SER C 757 -2.92 39.07 1.40
C SER C 757 -4.04 38.30 0.68
N TYR C 758 -3.99 36.97 0.73
CA TYR C 758 -5.02 36.04 0.21
C TYR C 758 -6.19 36.02 1.22
N VAL C 759 -7.25 36.77 0.91
CA VAL C 759 -8.39 37.04 1.84
C VAL C 759 -9.31 35.82 1.88
N ASN C 760 -9.88 35.45 0.72
CA ASN C 760 -10.85 34.33 0.57
C ASN C 760 -11.01 34.03 -0.93
N ASP C 761 -11.94 33.14 -1.28
CA ASP C 761 -12.19 32.71 -2.69
C ASP C 761 -13.41 33.48 -3.24
N PHE C 762 -13.52 33.53 -4.57
CA PHE C 762 -14.70 34.02 -5.32
C PHE C 762 -14.91 33.09 -6.52
N ILE C 763 -15.99 33.27 -7.27
CA ILE C 763 -16.35 32.39 -8.43
C ILE C 763 -16.26 33.20 -9.72
N ASP C 764 -15.24 32.93 -10.54
CA ASP C 764 -15.02 33.53 -11.88
C ASP C 764 -15.56 32.56 -12.94
N ARG C 765 -16.76 32.82 -13.44
CA ARG C 765 -17.43 32.04 -14.52
C ARG C 765 -17.48 30.56 -14.13
N GLY C 766 -17.96 30.26 -12.91
CA GLY C 766 -18.27 28.90 -12.43
C GLY C 766 -17.05 28.19 -11.85
N ARG C 767 -15.89 28.86 -11.77
CA ARG C 767 -14.63 28.28 -11.23
C ARG C 767 -14.18 29.08 -10.01
N VAL C 768 -13.78 28.38 -8.94
CA VAL C 768 -13.26 28.98 -7.67
C VAL C 768 -11.86 29.55 -7.97
N LYS C 769 -11.67 30.85 -7.71
CA LYS C 769 -10.37 31.55 -7.82
C LYS C 769 -10.17 32.40 -6.56
N LYS C 770 -8.97 32.93 -6.38
CA LYS C 770 -8.54 33.62 -5.13
C LYS C 770 -8.92 35.10 -5.19
N VAL C 771 -8.97 35.75 -4.02
CA VAL C 771 -9.14 37.22 -3.85
C VAL C 771 -7.91 37.75 -3.13
N TYR C 772 -7.18 38.69 -3.74
CA TYR C 772 -5.96 39.33 -3.18
C TYR C 772 -6.20 40.82 -2.98
N VAL C 773 -6.00 41.30 -1.75
CA VAL C 773 -5.80 42.74 -1.43
C VAL C 773 -4.28 42.97 -1.38
N MET C 774 -3.82 44.02 -2.07
CA MET C 774 -2.38 44.40 -2.14
C MET C 774 -2.30 45.89 -2.48
N SER C 775 -1.20 46.55 -2.09
CA SER C 775 -0.90 47.95 -2.46
C SER C 775 -0.76 48.04 -3.98
N GLU C 776 -1.31 49.12 -4.58
CA GLU C 776 -1.07 49.47 -6.00
C GLU C 776 0.43 49.69 -6.17
N ALA C 777 1.01 49.17 -7.26
CA ALA C 777 2.47 49.02 -7.51
C ALA C 777 3.24 50.25 -6.99
N LYS C 778 2.78 51.46 -7.31
CA LYS C 778 3.55 52.73 -7.14
C LYS C 778 3.76 53.08 -5.66
N TYR C 779 2.99 52.48 -4.74
CA TYR C 779 3.06 52.78 -3.27
C TYR C 779 3.87 51.72 -2.52
N ARG C 780 4.45 50.74 -3.23
CA ARG C 780 5.21 49.61 -2.61
C ARG C 780 6.48 49.34 -3.43
N MET C 781 7.19 50.39 -3.86
CA MET C 781 8.41 50.30 -4.70
C MET C 781 9.65 50.69 -3.89
N LEU C 782 9.60 51.84 -3.20
CA LEU C 782 10.79 52.49 -2.56
C LEU C 782 10.72 52.34 -1.04
N PRO C 783 11.86 52.19 -0.35
CA PRO C 783 11.91 52.17 1.12
C PRO C 783 11.13 53.29 1.82
N ASP C 784 11.20 54.52 1.31
CA ASP C 784 10.60 55.74 1.93
C ASP C 784 9.06 55.66 1.89
N ASP C 785 8.49 54.87 0.98
CA ASP C 785 7.03 54.72 0.80
C ASP C 785 6.41 53.98 1.99
N ILE C 786 7.22 53.30 2.81
CA ILE C 786 6.76 52.56 4.03
C ILE C 786 5.95 53.50 4.92
N GLY C 787 6.50 54.70 5.19
CA GLY C 787 5.91 55.72 6.09
C GLY C 787 4.62 56.33 5.56
N ASP C 788 4.35 56.20 4.25
CA ASP C 788 3.13 56.74 3.58
C ASP C 788 1.89 55.96 4.04
N TRP C 789 2.07 54.77 4.62
CA TRP C 789 0.97 53.87 5.07
C TRP C 789 0.56 54.23 6.51
N TYR C 790 -0.75 54.37 6.74
CA TYR C 790 -1.35 54.81 8.02
C TYR C 790 -2.16 53.65 8.63
N VAL C 791 -2.07 53.50 9.95
CA VAL C 791 -2.82 52.51 10.78
C VAL C 791 -3.69 53.29 11.77
N ARG C 792 -4.95 52.89 11.95
CA ARG C 792 -5.92 53.57 12.84
C ARG C 792 -5.68 53.13 14.29
N ALA C 793 -5.52 54.10 15.19
CA ALA C 793 -5.37 53.91 16.65
C ALA C 793 -6.76 53.68 17.27
N ALA C 794 -6.80 53.26 18.54
CA ALA C 794 -8.04 52.97 19.30
C ALA C 794 -8.91 54.23 19.40
N ASP C 795 -8.29 55.40 19.54
CA ASP C 795 -8.97 56.72 19.67
C ASP C 795 -9.55 57.14 18.32
N GLY C 796 -9.00 56.63 17.20
CA GLY C 796 -9.49 56.87 15.83
C GLY C 796 -8.55 57.70 14.99
N GLN C 797 -7.42 58.15 15.55
CA GLN C 797 -6.38 58.93 14.84
C GLN C 797 -5.56 58.00 13.93
N MET C 798 -5.26 58.46 12.71
CA MET C 798 -4.43 57.75 11.72
C MET C 798 -2.95 58.05 12.00
N VAL C 799 -2.15 57.01 12.26
CA VAL C 799 -0.71 57.12 12.62
C VAL C 799 0.13 56.56 11.47
N PRO C 800 1.11 57.33 10.93
CA PRO C 800 1.99 56.83 9.88
C PRO C 800 3.00 55.82 10.44
N PHE C 801 3.52 54.92 9.59
CA PHE C 801 4.53 53.89 9.94
C PHE C 801 5.80 54.57 10.46
N SER C 802 6.10 55.78 9.96
CA SER C 802 7.28 56.60 10.36
C SER C 802 7.24 56.93 11.85
N ALA C 803 6.05 56.95 12.46
CA ALA C 803 5.81 57.29 13.88
C ALA C 803 6.35 56.19 14.81
N PHE C 804 6.21 54.92 14.43
CA PHE C 804 6.46 53.75 15.31
C PHE C 804 7.38 52.72 14.65
N SER C 805 8.10 53.08 13.58
CA SER C 805 8.98 52.12 12.83
C SER C 805 10.24 52.83 12.30
N SER C 806 11.34 52.08 12.25
CA SER C 806 12.61 52.43 11.56
C SER C 806 13.01 51.27 10.63
N SER C 807 14.01 51.47 9.76
CA SER C 807 14.47 50.46 8.77
C SER C 807 15.99 50.52 8.59
N ARG C 808 16.56 49.49 7.98
CA ARG C 808 18.01 49.37 7.68
C ARG C 808 18.24 48.19 6.73
N TRP C 809 19.39 48.16 6.05
CA TRP C 809 19.75 47.12 5.05
C TRP C 809 20.56 46.01 5.74
N GLU C 810 20.18 44.75 5.50
CA GLU C 810 20.80 43.53 6.09
C GLU C 810 21.34 42.67 4.94
N TYR C 811 22.40 41.89 5.18
CA TYR C 811 23.05 41.01 4.19
C TYR C 811 22.79 39.55 4.59
N GLY C 812 22.18 38.76 3.71
CA GLY C 812 21.84 37.35 3.94
C GLY C 812 21.67 36.58 2.64
N SER C 813 21.92 35.27 2.66
CA SER C 813 21.80 34.35 1.49
C SER C 813 20.35 34.25 1.05
N PRO C 814 20.04 34.44 -0.25
CA PRO C 814 18.68 34.26 -0.76
C PRO C 814 18.34 32.81 -1.07
N ARG C 815 19.34 31.91 -1.05
CA ARG C 815 19.20 30.47 -1.37
C ARG C 815 20.26 29.67 -0.61
N LEU C 816 19.84 28.85 0.35
CA LEU C 816 20.70 27.93 1.14
C LEU C 816 20.43 26.49 0.70
N GLU C 817 21.46 25.80 0.20
CA GLU C 817 21.38 24.41 -0.32
C GLU C 817 21.88 23.45 0.77
N ARG C 818 21.36 22.22 0.79
CA ARG C 818 21.82 21.12 1.66
C ARG C 818 21.93 19.84 0.83
N TYR C 819 22.91 18.99 1.16
CA TYR C 819 23.11 17.66 0.52
C TYR C 819 23.47 16.64 1.62
N ASN C 820 22.61 15.61 1.77
CA ASN C 820 22.71 14.56 2.82
C ASN C 820 22.75 15.22 4.20
N GLY C 821 21.92 16.25 4.41
CA GLY C 821 21.66 16.86 5.73
C GLY C 821 22.64 17.95 6.11
N LEU C 822 23.66 18.21 5.29
CA LEU C 822 24.74 19.18 5.58
C LEU C 822 24.69 20.34 4.58
N PRO C 823 25.15 21.55 4.96
CA PRO C 823 25.18 22.69 4.04
C PRO C 823 26.04 22.37 2.81
N SER C 824 25.48 22.57 1.62
CA SER C 824 26.12 22.23 0.32
C SER C 824 26.09 23.44 -0.61
N MET C 825 26.85 23.36 -1.71
CA MET C 825 26.77 24.29 -2.86
C MET C 825 26.99 23.48 -4.14
N GLU C 826 25.91 23.24 -4.90
CA GLU C 826 25.91 22.51 -6.18
C GLU C 826 26.68 23.34 -7.22
N ILE C 827 27.63 22.70 -7.92
CA ILE C 827 28.44 23.31 -9.02
C ILE C 827 28.20 22.49 -10.29
N LEU C 828 27.55 23.09 -11.29
CA LEU C 828 27.37 22.48 -12.64
C LEU C 828 28.60 22.81 -13.50
N GLY C 829 28.89 21.95 -14.47
CA GLY C 829 30.02 22.14 -15.41
C GLY C 829 29.98 21.13 -16.54
N GLN C 830 30.75 21.39 -17.60
CA GLN C 830 30.88 20.51 -18.78
C GLN C 830 32.37 20.23 -19.02
N ALA C 831 32.67 19.06 -19.59
CA ALA C 831 34.02 18.71 -20.12
C ALA C 831 34.26 19.51 -21.40
N ALA C 832 35.39 20.21 -21.49
CA ALA C 832 35.75 21.06 -22.65
C ALA C 832 35.83 20.19 -23.91
N PRO C 833 35.61 20.78 -25.11
CA PRO C 833 35.61 20.00 -26.35
C PRO C 833 36.83 19.08 -26.48
N GLY C 834 36.59 17.80 -26.81
CA GLY C 834 37.64 16.77 -26.99
C GLY C 834 37.94 16.01 -25.70
N LYS C 835 37.40 16.46 -24.56
CA LYS C 835 37.58 15.83 -23.23
C LYS C 835 36.27 15.14 -22.82
N SER C 836 36.37 14.04 -22.06
CA SER C 836 35.23 13.24 -21.55
C SER C 836 34.84 13.75 -20.15
N THR C 837 33.61 13.44 -19.72
CA THR C 837 33.07 13.79 -18.37
C THR C 837 33.95 13.14 -17.29
N GLY C 838 34.51 11.97 -17.57
CA GLY C 838 35.44 11.26 -16.65
C GLY C 838 36.68 12.09 -16.36
N GLU C 839 37.30 12.68 -17.39
CA GLU C 839 38.49 13.56 -17.27
C GLU C 839 38.13 14.79 -16.45
N ALA C 840 36.99 15.41 -16.76
CA ALA C 840 36.44 16.60 -16.08
C ALA C 840 36.19 16.30 -14.61
N MET C 841 35.60 15.13 -14.32
CA MET C 841 35.34 14.66 -12.93
C MET C 841 36.67 14.48 -12.19
N GLU C 842 37.66 13.86 -12.85
CA GLU C 842 39.01 13.57 -12.27
C GLU C 842 39.66 14.87 -11.80
N LEU C 843 39.63 15.93 -12.62
CA LEU C 843 40.26 17.24 -12.32
C LEU C 843 39.50 17.91 -11.17
N MET C 844 38.16 17.96 -11.25
CA MET C 844 37.27 18.55 -10.21
C MET C 844 37.59 17.90 -8.85
N GLU C 845 37.80 16.58 -8.83
CA GLU C 845 38.18 15.81 -7.62
C GLU C 845 39.56 16.28 -7.12
N GLN C 846 40.53 16.45 -8.04
CA GLN C 846 41.91 16.92 -7.73
C GLN C 846 41.85 18.32 -7.14
N LEU C 847 41.13 19.24 -7.80
CA LEU C 847 40.99 20.66 -7.37
C LEU C 847 40.31 20.73 -6.00
N ALA C 848 39.32 19.87 -5.76
CA ALA C 848 38.51 19.82 -4.52
C ALA C 848 39.36 19.35 -3.33
N SER C 849 40.40 18.55 -3.59
CA SER C 849 41.31 17.96 -2.57
C SER C 849 42.20 19.04 -1.93
N LYS C 850 42.38 20.18 -2.60
CA LYS C 850 43.25 21.30 -2.16
C LYS C 850 42.43 22.35 -1.39
N LEU C 851 41.15 22.08 -1.11
CA LEU C 851 40.23 23.03 -0.42
C LEU C 851 40.41 22.90 1.09
N PRO C 852 40.02 23.93 1.88
CA PRO C 852 40.16 23.88 3.34
C PRO C 852 39.62 22.58 3.97
N THR C 853 40.40 21.98 4.87
CA THR C 853 40.05 20.75 5.62
C THR C 853 38.76 21.04 6.42
N GLY C 854 37.72 20.24 6.22
CA GLY C 854 36.35 20.47 6.70
C GLY C 854 35.38 20.62 5.55
N VAL C 855 35.87 21.05 4.38
CA VAL C 855 35.10 21.14 3.10
C VAL C 855 35.32 19.85 2.32
N GLY C 856 34.29 18.98 2.26
CA GLY C 856 34.27 17.77 1.43
C GLY C 856 33.47 17.99 0.16
N TYR C 857 33.34 16.95 -0.67
CA TYR C 857 32.56 16.98 -1.94
C TYR C 857 31.90 15.62 -2.18
N ASP C 858 30.96 15.58 -3.12
CA ASP C 858 30.28 14.34 -3.58
C ASP C 858 29.68 14.60 -4.96
N TRP C 859 29.53 13.54 -5.76
CA TRP C 859 28.85 13.56 -7.08
C TRP C 859 27.39 13.15 -6.90
N THR C 860 26.48 13.82 -7.62
CA THR C 860 25.01 13.58 -7.56
C THR C 860 24.48 13.44 -9.00
N GLY C 861 23.22 13.04 -9.13
CA GLY C 861 22.51 12.87 -10.41
C GLY C 861 23.29 12.00 -11.39
N MET C 862 23.63 12.55 -12.55
CA MET C 862 24.30 11.84 -13.67
C MET C 862 25.72 11.42 -13.25
N SER C 863 26.43 12.31 -12.56
CA SER C 863 27.85 12.11 -12.13
C SER C 863 27.94 10.94 -11.14
N TYR C 864 26.94 10.78 -10.26
CA TYR C 864 26.84 9.65 -9.30
C TYR C 864 26.79 8.33 -10.08
N GLN C 865 25.92 8.27 -11.09
CA GLN C 865 25.70 7.07 -11.95
C GLN C 865 26.99 6.75 -12.72
N GLU C 866 27.68 7.78 -13.20
CA GLU C 866 28.94 7.67 -14.00
C GLU C 866 30.04 7.06 -13.12
N ARG C 867 30.22 7.58 -11.90
CA ARG C 867 31.22 7.09 -10.90
C ARG C 867 30.90 5.62 -10.58
N LEU C 868 29.63 5.33 -10.27
CA LEU C 868 29.13 3.97 -9.93
C LEU C 868 29.43 3.01 -11.09
N SER C 869 29.09 3.42 -12.31
CA SER C 869 29.26 2.64 -13.57
C SER C 869 30.73 2.20 -13.72
N GLY C 870 31.67 3.10 -13.45
CA GLY C 870 33.12 2.86 -13.57
C GLY C 870 33.67 2.04 -12.41
N ASN C 871 33.08 2.20 -11.21
CA ASN C 871 33.52 1.51 -9.97
C ASN C 871 33.25 0.00 -10.07
N GLN C 872 32.12 -0.39 -10.66
CA GLN C 872 31.63 -1.80 -10.68
C GLN C 872 32.13 -2.52 -11.95
N ALA C 873 32.71 -1.80 -12.91
CA ALA C 873 33.14 -2.32 -14.23
C ALA C 873 34.22 -3.40 -14.05
N PRO C 874 35.27 -3.18 -13.21
CA PRO C 874 36.30 -4.21 -12.98
C PRO C 874 35.73 -5.52 -12.44
N SER C 875 34.88 -5.44 -11.40
CA SER C 875 34.19 -6.59 -10.76
C SER C 875 33.33 -7.33 -11.80
N LEU C 876 32.70 -6.60 -12.71
CA LEU C 876 31.81 -7.14 -13.78
C LEU C 876 32.64 -7.97 -14.77
N TYR C 877 33.72 -7.39 -15.29
CA TYR C 877 34.65 -8.05 -16.26
C TYR C 877 35.23 -9.32 -15.63
N ALA C 878 35.59 -9.26 -14.33
CA ALA C 878 36.22 -10.35 -13.55
C ALA C 878 35.27 -11.54 -13.46
N ILE C 879 34.05 -11.33 -12.97
CA ILE C 879 33.01 -12.40 -12.78
C ILE C 879 32.63 -12.97 -14.15
N SER C 880 32.40 -12.10 -15.14
CA SER C 880 32.04 -12.47 -16.53
C SER C 880 33.07 -13.47 -17.09
N LEU C 881 34.36 -13.22 -16.84
CA LEU C 881 35.49 -14.08 -17.32
C LEU C 881 35.48 -15.41 -16.57
N ILE C 882 35.31 -15.38 -15.24
CA ILE C 882 35.31 -16.58 -14.36
C ILE C 882 34.11 -17.47 -14.73
N VAL C 883 32.95 -16.88 -15.03
CA VAL C 883 31.69 -17.61 -15.39
C VAL C 883 31.85 -18.27 -16.76
N VAL C 884 32.38 -17.54 -17.75
CA VAL C 884 32.66 -18.09 -19.12
C VAL C 884 33.62 -19.27 -18.98
N PHE C 885 34.66 -19.13 -18.15
CA PHE C 885 35.70 -20.16 -17.89
C PHE C 885 35.03 -21.44 -17.36
N LEU C 886 34.29 -21.32 -16.24
CA LEU C 886 33.65 -22.46 -15.53
C LEU C 886 32.61 -23.14 -16.43
N CYS C 887 31.93 -22.38 -17.29
CA CYS C 887 30.94 -22.88 -18.28
C CYS C 887 31.64 -23.78 -19.31
N LEU C 888 32.83 -23.39 -19.77
CA LEU C 888 33.64 -24.19 -20.73
C LEU C 888 34.19 -25.43 -20.02
N ALA C 889 34.72 -25.26 -18.81
CA ALA C 889 35.30 -26.34 -17.97
C ALA C 889 34.28 -27.46 -17.79
N ALA C 890 33.03 -27.11 -17.47
CA ALA C 890 31.91 -28.06 -17.22
C ALA C 890 31.50 -28.72 -18.55
N LEU C 891 31.37 -27.94 -19.62
CA LEU C 891 30.87 -28.39 -20.94
C LEU C 891 31.85 -29.38 -21.58
N TYR C 892 33.16 -29.10 -21.50
CA TYR C 892 34.24 -29.86 -22.19
C TYR C 892 35.07 -30.68 -21.19
N GLU C 893 34.61 -30.81 -19.94
CA GLU C 893 35.22 -31.67 -18.90
C GLU C 893 36.75 -31.51 -18.96
N SER C 894 37.23 -30.27 -18.85
CA SER C 894 38.66 -29.89 -19.01
C SER C 894 38.96 -28.61 -18.23
N TRP C 895 40.23 -28.41 -17.85
CA TRP C 895 40.77 -27.12 -17.32
C TRP C 895 41.69 -26.47 -18.37
N SER C 896 42.20 -27.25 -19.33
CA SER C 896 43.14 -26.82 -20.39
C SER C 896 42.39 -26.09 -21.50
N ILE C 897 41.29 -26.68 -22.00
CA ILE C 897 40.43 -26.10 -23.08
C ILE C 897 39.90 -24.74 -22.64
N PRO C 898 39.28 -24.61 -21.44
CA PRO C 898 38.92 -23.30 -20.89
C PRO C 898 40.09 -22.30 -20.97
N PHE C 899 41.26 -22.68 -20.43
CA PHE C 899 42.45 -21.80 -20.30
C PHE C 899 43.00 -21.47 -21.69
N SER C 900 43.00 -22.45 -22.61
CA SER C 900 43.40 -22.28 -24.03
C SER C 900 42.52 -21.20 -24.69
N VAL C 901 41.21 -21.24 -24.42
CA VAL C 901 40.20 -20.28 -24.97
C VAL C 901 40.41 -18.91 -24.31
N MET C 902 40.33 -18.84 -22.98
CA MET C 902 40.30 -17.57 -22.20
C MET C 902 41.51 -16.68 -22.53
N LEU C 903 42.61 -17.26 -23.02
CA LEU C 903 43.83 -16.51 -23.44
C LEU C 903 43.54 -15.64 -24.68
N VAL C 904 42.45 -15.94 -25.41
CA VAL C 904 42.05 -15.22 -26.66
C VAL C 904 41.51 -13.83 -26.31
N VAL C 905 40.95 -13.64 -25.10
CA VAL C 905 40.20 -12.41 -24.70
C VAL C 905 41.03 -11.17 -25.02
N PRO C 906 42.31 -11.05 -24.53
CA PRO C 906 43.14 -9.89 -24.86
C PRO C 906 43.25 -9.58 -26.36
N LEU C 907 43.28 -10.60 -27.22
CA LEU C 907 43.36 -10.44 -28.70
C LEU C 907 42.16 -9.62 -29.18
N GLY C 908 40.97 -9.91 -28.66
CA GLY C 908 39.74 -9.17 -28.96
C GLY C 908 39.74 -7.78 -28.33
N VAL C 909 40.04 -7.71 -27.03
CA VAL C 909 39.90 -6.47 -26.20
C VAL C 909 40.76 -5.35 -26.80
N ILE C 910 41.99 -5.64 -27.22
CA ILE C 910 42.95 -4.63 -27.76
C ILE C 910 42.33 -3.99 -29.02
N GLY C 911 41.67 -4.79 -29.87
CA GLY C 911 40.98 -4.33 -31.08
C GLY C 911 39.88 -3.33 -30.77
N ALA C 912 39.10 -3.60 -29.72
CA ALA C 912 38.00 -2.73 -29.23
C ALA C 912 38.58 -1.41 -28.73
N LEU C 913 39.66 -1.47 -27.95
CA LEU C 913 40.38 -0.28 -27.42
C LEU C 913 40.95 0.54 -28.57
N LEU C 914 41.55 -0.12 -29.57
CA LEU C 914 42.13 0.54 -30.78
C LEU C 914 41.03 1.29 -31.54
N ALA C 915 39.93 0.59 -31.86
CA ALA C 915 38.77 1.14 -32.63
C ALA C 915 38.20 2.36 -31.90
N ALA C 916 38.04 2.27 -30.57
CA ALA C 916 37.52 3.36 -29.70
C ALA C 916 38.53 4.51 -29.69
N THR C 917 39.81 4.19 -29.46
CA THR C 917 40.93 5.17 -29.34
C THR C 917 41.07 5.97 -30.64
N PHE C 918 40.99 5.33 -31.80
CA PHE C 918 41.22 5.95 -33.13
C PHE C 918 39.94 6.64 -33.63
N ARG C 919 38.76 6.20 -33.18
CA ARG C 919 37.46 6.84 -33.54
C ARG C 919 37.18 8.00 -32.58
N GLY C 920 37.93 8.08 -31.48
CA GLY C 920 37.82 9.17 -30.48
C GLY C 920 36.64 8.98 -29.56
N LEU C 921 36.24 7.72 -29.32
CA LEU C 921 35.15 7.35 -28.37
C LEU C 921 35.76 7.10 -26.99
N THR C 922 34.93 6.88 -25.98
CA THR C 922 35.31 6.81 -24.54
C THR C 922 34.96 5.43 -23.97
N ASN C 923 35.52 5.09 -22.81
CA ASN C 923 35.15 3.89 -22.01
C ASN C 923 33.82 4.18 -21.31
N ASP C 924 32.72 4.12 -22.07
CA ASP C 924 31.35 4.45 -21.59
C ASP C 924 30.59 3.15 -21.34
N VAL C 925 29.30 3.24 -20.99
CA VAL C 925 28.41 2.09 -20.65
C VAL C 925 28.35 1.14 -21.86
N TYR C 926 28.20 1.70 -23.07
CA TYR C 926 28.06 0.94 -24.34
C TYR C 926 29.38 0.19 -24.63
N PHE C 927 30.52 0.79 -24.30
CA PHE C 927 31.87 0.18 -24.45
C PHE C 927 32.02 -0.97 -23.45
N GLN C 928 31.53 -0.78 -22.21
CA GLN C 928 31.50 -1.81 -21.15
C GLN C 928 30.74 -3.04 -21.68
N VAL C 929 29.58 -2.82 -22.29
CA VAL C 929 28.76 -3.88 -22.94
C VAL C 929 29.57 -4.49 -24.09
N GLY C 930 30.26 -3.63 -24.86
CA GLY C 930 31.09 -4.03 -26.01
C GLY C 930 32.24 -4.93 -25.61
N LEU C 931 32.88 -4.66 -24.46
CA LEU C 931 34.00 -5.48 -23.93
C LEU C 931 33.49 -6.86 -23.52
N LEU C 932 32.33 -6.94 -22.87
CA LEU C 932 31.67 -8.21 -22.48
C LEU C 932 31.33 -9.01 -23.74
N THR C 933 30.75 -8.34 -24.76
CA THR C 933 30.45 -8.92 -26.09
C THR C 933 31.75 -9.45 -26.70
N THR C 934 32.85 -8.71 -26.57
CA THR C 934 34.19 -9.03 -27.15
C THR C 934 34.75 -10.31 -26.51
N ILE C 935 34.57 -10.49 -25.21
CA ILE C 935 34.98 -11.73 -24.47
C ILE C 935 34.31 -12.93 -25.14
N GLY C 936 33.00 -12.85 -25.36
CA GLY C 936 32.17 -13.90 -25.99
C GLY C 936 32.59 -14.15 -27.43
N LEU C 937 32.77 -13.08 -28.20
CA LEU C 937 33.20 -13.13 -29.63
C LEU C 937 34.56 -13.84 -29.74
N SER C 938 35.53 -13.41 -28.94
CA SER C 938 36.91 -13.95 -28.90
C SER C 938 36.88 -15.45 -28.57
N ALA C 939 36.14 -15.81 -27.52
CA ALA C 939 35.98 -17.20 -27.02
C ALA C 939 35.29 -18.07 -28.09
N LYS C 940 34.33 -17.48 -28.83
CA LYS C 940 33.54 -18.18 -29.88
C LYS C 940 34.46 -18.61 -31.02
N ASN C 941 35.39 -17.74 -31.43
CA ASN C 941 36.38 -18.03 -32.51
C ASN C 941 37.38 -19.07 -32.00
N ALA C 942 37.82 -18.95 -30.73
CA ALA C 942 38.77 -19.88 -30.07
C ALA C 942 38.14 -21.27 -29.97
N ILE C 943 36.88 -21.35 -29.54
CA ILE C 943 36.08 -22.62 -29.43
C ILE C 943 36.13 -23.36 -30.77
N LEU C 944 35.85 -22.67 -31.87
CA LEU C 944 35.71 -23.29 -33.22
C LEU C 944 36.98 -24.05 -33.61
N ILE C 945 38.15 -23.57 -33.20
CA ILE C 945 39.47 -24.26 -33.42
C ILE C 945 39.67 -25.33 -32.34
N VAL C 946 39.66 -24.94 -31.06
CA VAL C 946 40.06 -25.80 -29.91
C VAL C 946 39.11 -27.01 -29.80
N GLU C 947 37.80 -26.78 -29.85
CA GLU C 947 36.75 -27.83 -29.73
C GLU C 947 37.03 -28.94 -30.76
N PHE C 948 37.25 -28.56 -32.02
CA PHE C 948 37.45 -29.49 -33.17
C PHE C 948 38.77 -30.26 -32.99
N ALA C 949 39.85 -29.56 -32.63
CA ALA C 949 41.21 -30.13 -32.43
C ALA C 949 41.16 -31.22 -31.35
N LYS C 950 40.73 -30.87 -30.13
CA LYS C 950 40.54 -31.83 -28.99
C LYS C 950 39.72 -33.03 -29.47
N ASP C 951 38.67 -32.78 -30.27
CA ASP C 951 37.75 -33.82 -30.80
C ASP C 951 38.53 -34.77 -31.73
N LEU C 952 39.35 -34.22 -32.63
CA LEU C 952 40.19 -34.99 -33.57
C LEU C 952 41.20 -35.85 -32.78
N MET C 953 41.75 -35.31 -31.68
CA MET C 953 42.72 -36.01 -30.80
C MET C 953 42.04 -37.17 -30.06
N ASP C 954 40.80 -36.98 -29.62
CA ASP C 954 40.04 -37.96 -28.80
C ASP C 954 39.37 -38.99 -29.71
N LYS C 955 38.48 -38.53 -30.60
CA LYS C 955 37.61 -39.40 -31.44
C LYS C 955 38.44 -40.15 -32.49
N GLU C 956 39.60 -39.63 -32.90
CA GLU C 956 40.41 -40.18 -34.02
C GLU C 956 41.89 -40.35 -33.64
N GLY C 957 42.22 -40.27 -32.35
CA GLY C 957 43.59 -40.52 -31.81
C GLY C 957 44.68 -39.91 -32.67
N LYS C 958 44.55 -38.63 -33.03
CA LYS C 958 45.51 -37.87 -33.88
C LYS C 958 46.50 -37.10 -32.98
N GLY C 959 47.69 -36.79 -33.53
CA GLY C 959 48.73 -36.01 -32.85
C GLY C 959 48.31 -34.57 -32.63
N LEU C 960 48.86 -33.93 -31.59
CA LEU C 960 48.51 -32.54 -31.16
C LEU C 960 48.61 -31.58 -32.35
N ILE C 961 49.74 -31.60 -33.07
CA ILE C 961 50.05 -30.66 -34.19
C ILE C 961 49.13 -30.96 -35.38
N GLU C 962 49.00 -32.25 -35.74
CA GLU C 962 48.14 -32.73 -36.86
C GLU C 962 46.68 -32.34 -36.58
N ALA C 963 46.22 -32.52 -35.35
CA ALA C 963 44.84 -32.21 -34.88
C ALA C 963 44.60 -30.70 -34.99
N THR C 964 45.51 -29.90 -34.44
CA THR C 964 45.46 -28.41 -34.46
C THR C 964 45.41 -27.92 -35.91
N LEU C 965 46.18 -28.56 -36.80
CA LEU C 965 46.36 -28.13 -38.22
C LEU C 965 45.13 -28.54 -39.05
N ASP C 966 44.56 -29.72 -38.77
CA ASP C 966 43.32 -30.20 -39.43
C ASP C 966 42.15 -29.29 -39.01
N ALA C 967 42.11 -28.91 -37.73
CA ALA C 967 41.06 -28.07 -37.13
C ALA C 967 41.03 -26.71 -37.83
N VAL C 968 42.16 -26.00 -37.85
CA VAL C 968 42.28 -24.61 -38.40
C VAL C 968 41.90 -24.61 -39.89
N ARG C 969 42.31 -25.64 -40.65
CA ARG C 969 42.02 -25.75 -42.10
C ARG C 969 40.50 -25.79 -42.32
N MET C 970 39.82 -26.75 -41.68
CA MET C 970 38.37 -27.04 -41.87
C MET C 970 37.51 -25.93 -41.24
N ARG C 971 38.06 -25.19 -40.26
CA ARG C 971 37.30 -24.24 -39.40
C ARG C 971 37.57 -22.77 -39.79
N LEU C 972 38.47 -22.51 -40.75
CA LEU C 972 38.75 -21.12 -41.20
C LEU C 972 37.50 -20.53 -41.86
N ARG C 973 36.89 -21.24 -42.81
CA ARG C 973 35.72 -20.80 -43.59
C ARG C 973 34.59 -20.36 -42.65
N PRO C 974 34.13 -21.23 -41.70
CA PRO C 974 33.06 -20.84 -40.79
C PRO C 974 33.46 -19.70 -39.83
N ILE C 975 34.72 -19.69 -39.35
CA ILE C 975 35.26 -18.61 -38.46
C ILE C 975 35.10 -17.26 -39.18
N LEU C 976 35.54 -17.17 -40.44
CA LEU C 976 35.51 -15.93 -41.25
C LEU C 976 34.06 -15.60 -41.65
N MET C 977 33.27 -16.62 -42.02
CA MET C 977 31.82 -16.49 -42.35
C MET C 977 31.09 -15.82 -41.18
N THR C 978 31.22 -16.41 -39.98
CA THR C 978 30.50 -15.99 -38.74
C THR C 978 31.09 -14.69 -38.18
N SER C 979 32.36 -14.39 -38.50
CA SER C 979 33.08 -13.18 -38.03
C SER C 979 32.68 -11.97 -38.89
N LEU C 980 32.76 -12.10 -40.21
CA LEU C 980 32.35 -11.04 -41.18
C LEU C 980 30.87 -10.71 -40.99
N ALA C 981 30.04 -11.73 -40.69
CA ALA C 981 28.59 -11.59 -40.40
C ALA C 981 28.39 -10.55 -39.30
N PHE C 982 29.09 -10.71 -38.17
CA PHE C 982 29.05 -9.78 -37.02
C PHE C 982 29.66 -8.42 -37.40
N ILE C 983 30.90 -8.44 -37.92
CA ILE C 983 31.68 -7.23 -38.29
C ILE C 983 30.82 -6.32 -39.18
N LEU C 984 30.24 -6.88 -40.25
CA LEU C 984 29.36 -6.13 -41.20
C LEU C 984 27.99 -5.89 -40.56
N GLY C 985 27.52 -6.81 -39.73
CA GLY C 985 26.23 -6.72 -39.02
C GLY C 985 26.14 -5.49 -38.13
N VAL C 986 27.26 -5.08 -37.52
CA VAL C 986 27.34 -3.93 -36.56
C VAL C 986 27.93 -2.70 -37.26
N MET C 987 28.20 -2.77 -38.56
CA MET C 987 28.76 -1.64 -39.35
C MET C 987 27.72 -0.51 -39.46
N PRO C 988 26.43 -0.80 -39.75
CA PRO C 988 25.40 0.24 -39.79
C PRO C 988 25.40 1.13 -38.54
N LEU C 989 25.64 0.53 -37.36
CA LEU C 989 25.77 1.25 -36.06
C LEU C 989 27.00 2.18 -36.11
N VAL C 990 28.13 1.68 -36.64
CA VAL C 990 29.44 2.39 -36.69
C VAL C 990 29.33 3.60 -37.64
N ILE C 991 28.77 3.40 -38.84
CA ILE C 991 28.69 4.43 -39.93
C ILE C 991 27.44 5.29 -39.76
N SER C 992 26.63 5.06 -38.72
CA SER C 992 25.39 5.82 -38.42
C SER C 992 25.73 7.29 -38.16
N THR C 993 25.00 8.21 -38.80
CA THR C 993 25.11 9.68 -38.61
C THR C 993 23.73 10.29 -38.32
N GLY C 994 22.69 9.47 -38.15
CA GLY C 994 21.31 9.93 -37.93
C GLY C 994 21.10 10.43 -36.51
N ALA C 995 19.85 10.74 -36.15
CA ALA C 995 19.44 11.12 -34.78
C ALA C 995 19.64 9.94 -33.84
N GLY C 996 20.38 10.13 -32.74
CA GLY C 996 20.67 9.09 -31.74
C GLY C 996 21.83 8.20 -32.14
N SER C 997 22.59 8.59 -33.17
CA SER C 997 23.73 7.82 -33.73
C SER C 997 24.92 7.83 -32.76
N GLY C 998 24.97 8.81 -31.84
CA GLY C 998 25.98 8.87 -30.77
C GLY C 998 26.01 7.58 -29.97
N ALA C 999 24.83 7.02 -29.68
CA ALA C 999 24.64 5.73 -28.98
C ALA C 999 24.96 4.56 -29.92
N GLN C 1000 24.52 4.65 -31.18
CA GLN C 1000 24.78 3.62 -32.22
C GLN C 1000 26.29 3.46 -32.40
N ASN C 1001 27.00 4.58 -32.59
CA ASN C 1001 28.47 4.62 -32.82
C ASN C 1001 29.19 3.94 -31.64
N ALA C 1002 28.78 4.24 -30.41
CA ALA C 1002 29.40 3.73 -29.16
C ALA C 1002 29.22 2.21 -29.04
N VAL C 1003 28.03 1.71 -29.38
CA VAL C 1003 27.65 0.26 -29.28
C VAL C 1003 28.51 -0.56 -30.25
N GLY C 1004 28.56 -0.15 -31.52
CA GLY C 1004 29.09 -0.95 -32.64
C GLY C 1004 30.61 -0.84 -32.80
N THR C 1005 31.19 0.32 -32.53
CA THR C 1005 32.61 0.66 -32.84
C THR C 1005 33.54 -0.29 -32.09
N GLY C 1006 33.38 -0.40 -30.76
CA GLY C 1006 34.20 -1.28 -29.90
C GLY C 1006 34.15 -2.73 -30.35
N VAL C 1007 32.93 -3.29 -30.46
CA VAL C 1007 32.69 -4.73 -30.80
C VAL C 1007 33.22 -5.04 -32.21
N MET C 1008 33.05 -4.11 -33.16
CA MET C 1008 33.50 -4.29 -34.57
C MET C 1008 35.02 -4.46 -34.58
N GLY C 1009 35.75 -3.51 -33.98
CA GLY C 1009 37.20 -3.57 -33.77
C GLY C 1009 37.58 -4.78 -32.92
N GLY C 1010 36.74 -5.08 -31.92
CA GLY C 1010 36.86 -6.29 -31.08
C GLY C 1010 36.89 -7.55 -31.91
N MET C 1011 35.88 -7.75 -32.76
CA MET C 1011 35.68 -8.98 -33.58
C MET C 1011 36.80 -9.07 -34.64
N VAL C 1012 37.26 -7.93 -35.16
CA VAL C 1012 38.33 -7.84 -36.20
C VAL C 1012 39.59 -8.54 -35.68
N THR C 1013 40.12 -8.08 -34.54
CA THR C 1013 41.34 -8.63 -33.90
C THR C 1013 41.03 -10.00 -33.28
N ALA C 1014 39.78 -10.23 -32.87
CA ALA C 1014 39.30 -11.53 -32.31
C ALA C 1014 39.17 -12.57 -33.43
N THR C 1015 39.33 -12.15 -34.70
CA THR C 1015 39.39 -13.03 -35.90
C THR C 1015 40.82 -13.03 -36.44
N VAL C 1016 41.32 -11.86 -36.88
CA VAL C 1016 42.62 -11.67 -37.57
C VAL C 1016 43.75 -12.30 -36.74
N LEU C 1017 43.82 -11.99 -35.44
CA LEU C 1017 44.92 -12.46 -34.53
C LEU C 1017 44.60 -13.89 -34.04
N ALA C 1018 43.34 -14.14 -33.66
CA ALA C 1018 42.88 -15.41 -33.03
C ALA C 1018 43.29 -16.62 -33.88
N ILE C 1019 43.04 -16.57 -35.20
CA ILE C 1019 43.27 -17.71 -36.15
C ILE C 1019 44.76 -18.11 -36.12
N PHE C 1020 45.66 -17.21 -35.70
CA PHE C 1020 47.12 -17.46 -35.62
C PHE C 1020 47.55 -17.82 -34.18
N PHE C 1021 46.95 -17.18 -33.18
CA PHE C 1021 47.37 -17.26 -31.75
C PHE C 1021 46.65 -18.39 -31.00
N VAL C 1022 45.38 -18.66 -31.33
CA VAL C 1022 44.56 -19.74 -30.69
C VAL C 1022 45.30 -21.07 -30.86
N PRO C 1023 45.76 -21.43 -32.07
CA PRO C 1023 46.59 -22.62 -32.27
C PRO C 1023 47.79 -22.70 -31.31
N VAL C 1024 48.51 -21.59 -31.12
CA VAL C 1024 49.68 -21.49 -30.20
C VAL C 1024 49.20 -21.79 -28.77
N PHE C 1025 48.19 -21.07 -28.28
CA PHE C 1025 47.65 -21.22 -26.90
C PHE C 1025 47.37 -22.71 -26.64
N PHE C 1026 46.58 -23.34 -27.51
CA PHE C 1026 46.12 -24.75 -27.40
C PHE C 1026 47.35 -25.67 -27.31
N VAL C 1027 48.23 -25.60 -28.30
CA VAL C 1027 49.43 -26.48 -28.45
C VAL C 1027 50.38 -26.29 -27.25
N VAL C 1028 50.65 -25.03 -26.88
CA VAL C 1028 51.56 -24.66 -25.75
C VAL C 1028 50.96 -25.18 -24.43
N VAL C 1029 49.65 -24.98 -24.22
CA VAL C 1029 48.93 -25.32 -22.96
C VAL C 1029 48.83 -26.85 -22.83
N ARG C 1030 48.48 -27.55 -23.91
CA ARG C 1030 48.32 -29.04 -23.93
C ARG C 1030 49.68 -29.72 -23.68
N ARG C 1031 50.77 -29.12 -24.15
CA ARG C 1031 52.16 -29.65 -23.96
C ARG C 1031 52.57 -29.47 -22.49
N ARG C 1032 52.25 -28.33 -21.89
CA ARG C 1032 52.56 -28.01 -20.46
C ARG C 1032 51.67 -28.85 -19.54
N PHE C 1033 50.45 -29.21 -19.99
CA PHE C 1033 49.47 -30.04 -19.24
C PHE C 1033 48.84 -31.07 -20.19
N ASP D 13 2.84 0.59 59.56
CA ASP D 13 2.95 -0.63 58.71
C ASP D 13 1.54 -1.20 58.49
N LEU D 14 0.84 -1.57 59.58
CA LEU D 14 -0.52 -2.15 59.54
C LEU D 14 -1.53 -1.06 59.13
N GLY D 15 -1.27 0.20 59.50
CA GLY D 15 -2.11 1.36 59.15
C GLY D 15 -2.28 1.52 57.65
N LYS D 16 -1.18 1.38 56.89
CA LYS D 16 -1.15 1.53 55.41
C LYS D 16 -1.80 0.30 54.76
N LYS D 17 -1.79 -0.85 55.46
CA LYS D 17 -2.45 -2.11 55.02
C LYS D 17 -3.96 -2.01 55.25
N LEU D 18 -4.39 -1.29 56.29
CA LEU D 18 -5.83 -1.08 56.63
C LEU D 18 -6.45 -0.11 55.62
N LEU D 19 -5.76 0.99 55.32
CA LEU D 19 -6.19 2.01 54.31
C LEU D 19 -6.55 1.30 53.00
N GLU D 20 -5.67 0.43 52.51
CA GLU D 20 -5.85 -0.35 51.26
C GLU D 20 -7.06 -1.29 51.40
N ALA D 21 -7.12 -2.04 52.50
CA ALA D 21 -8.14 -3.07 52.79
C ALA D 21 -9.53 -2.43 52.96
N ALA D 22 -9.59 -1.29 53.66
CA ALA D 22 -10.82 -0.52 53.95
C ALA D 22 -11.42 0.03 52.65
N ARG D 23 -10.56 0.33 51.67
CA ARG D 23 -10.93 0.90 50.35
C ARG D 23 -11.31 -0.23 49.39
N ALA D 24 -10.57 -1.34 49.43
CA ALA D 24 -10.78 -2.55 48.58
C ALA D 24 -12.10 -3.24 48.98
N GLY D 25 -12.45 -3.18 50.27
CA GLY D 25 -13.68 -3.80 50.82
C GLY D 25 -13.43 -5.22 51.32
N ARG D 26 -12.21 -5.50 51.79
CA ARG D 26 -11.78 -6.83 52.28
C ARG D 26 -12.12 -6.93 53.78
N ASP D 27 -13.33 -7.38 54.10
CA ASP D 27 -13.90 -7.44 55.48
C ASP D 27 -13.02 -8.35 56.36
N ASP D 28 -12.54 -9.46 55.81
CA ASP D 28 -11.74 -10.48 56.54
C ASP D 28 -10.40 -9.90 56.98
N GLU D 29 -9.68 -9.21 56.08
CA GLU D 29 -8.36 -8.60 56.38
C GLU D 29 -8.53 -7.49 57.41
N VAL D 30 -9.59 -6.69 57.30
CA VAL D 30 -9.92 -5.58 58.24
C VAL D 30 -10.13 -6.17 59.63
N ARG D 31 -10.93 -7.25 59.74
CA ARG D 31 -11.17 -8.02 60.99
C ARG D 31 -9.83 -8.42 61.61
N ILE D 32 -8.95 -9.05 60.81
CA ILE D 32 -7.60 -9.53 61.24
C ILE D 32 -6.77 -8.31 61.70
N LEU D 33 -6.85 -7.20 60.98
CA LEU D 33 -6.09 -5.95 61.26
C LEU D 33 -6.63 -5.27 62.52
N MET D 34 -7.94 -5.34 62.76
CA MET D 34 -8.60 -4.80 63.98
C MET D 34 -8.10 -5.58 65.21
N ALA D 35 -7.83 -6.88 65.05
CA ALA D 35 -7.34 -7.80 66.10
C ALA D 35 -5.86 -7.52 66.40
N ASN D 36 -5.05 -7.29 65.35
CA ASN D 36 -3.58 -7.06 65.44
C ASN D 36 -3.29 -5.64 65.95
N GLY D 37 -4.29 -4.77 66.01
CA GLY D 37 -4.19 -3.41 66.56
C GLY D 37 -3.73 -2.40 65.52
N ALA D 38 -4.21 -2.54 64.28
CA ALA D 38 -3.95 -1.61 63.15
C ALA D 38 -4.58 -0.25 63.49
N ASP D 39 -3.86 0.84 63.21
CA ASP D 39 -4.25 2.23 63.54
C ASP D 39 -5.46 2.63 62.67
N VAL D 40 -6.60 2.93 63.31
CA VAL D 40 -7.87 3.33 62.63
C VAL D 40 -7.86 4.84 62.36
N ASN D 41 -6.88 5.56 62.89
CA ASN D 41 -6.69 7.02 62.65
C ASN D 41 -5.56 7.25 61.65
N ALA D 42 -4.98 6.17 61.10
CA ALA D 42 -4.04 6.21 59.96
C ALA D 42 -4.72 6.98 58.81
N ALA D 43 -3.97 7.82 58.11
CA ALA D 43 -4.47 8.67 57.01
C ALA D 43 -3.50 8.63 55.83
N ASP D 44 -4.03 8.76 54.60
CA ASP D 44 -3.23 8.91 53.36
C ASP D 44 -2.77 10.37 53.26
N VAL D 45 -2.12 10.74 52.15
CA VAL D 45 -1.50 12.08 51.92
C VAL D 45 -2.57 13.18 52.03
N VAL D 46 -3.83 12.88 51.65
CA VAL D 46 -4.94 13.89 51.58
C VAL D 46 -5.71 13.93 52.91
N GLY D 47 -5.42 13.01 53.85
CA GLY D 47 -5.99 13.00 55.20
C GLY D 47 -7.25 12.16 55.30
N TRP D 48 -7.37 11.13 54.44
CA TRP D 48 -8.51 10.17 54.43
C TRP D 48 -8.15 8.97 55.31
N THR D 49 -8.91 8.78 56.41
CA THR D 49 -8.81 7.63 57.34
C THR D 49 -9.47 6.41 56.69
N PRO D 50 -9.23 5.18 57.19
CA PRO D 50 -9.93 3.99 56.68
C PRO D 50 -11.45 4.18 56.59
N LEU D 51 -12.05 4.90 57.54
CA LEU D 51 -13.50 5.21 57.59
C LEU D 51 -13.88 6.08 56.38
N HIS D 52 -13.15 7.18 56.16
CA HIS D 52 -13.28 8.06 54.96
C HIS D 52 -13.39 7.19 53.71
N LEU D 53 -12.39 6.34 53.47
CA LEU D 53 -12.28 5.45 52.29
C LEU D 53 -13.48 4.48 52.25
N ALA D 54 -13.77 3.81 53.37
CA ALA D 54 -14.88 2.84 53.50
C ALA D 54 -16.22 3.53 53.21
N ALA D 55 -16.38 4.78 53.66
CA ALA D 55 -17.60 5.61 53.46
C ALA D 55 -17.73 5.99 51.98
N TYR D 56 -16.60 6.31 51.33
CA TYR D 56 -16.51 6.72 49.91
C TYR D 56 -16.90 5.55 48.99
N TRP D 57 -16.29 4.38 49.23
CA TRP D 57 -16.41 3.18 48.36
C TRP D 57 -17.64 2.34 48.74
N GLY D 58 -18.36 2.73 49.81
CA GLY D 58 -19.67 2.17 50.17
C GLY D 58 -19.58 0.82 50.86
N HIS D 59 -18.48 0.54 51.56
CA HIS D 59 -18.25 -0.71 52.33
C HIS D 59 -18.88 -0.56 53.72
N LEU D 60 -20.13 -1.02 53.86
CA LEU D 60 -20.99 -0.83 55.08
C LEU D 60 -20.39 -1.59 56.27
N GLU D 61 -20.10 -2.88 56.10
CA GLU D 61 -19.62 -3.79 57.17
C GLU D 61 -18.34 -3.21 57.81
N ILE D 62 -17.40 -2.73 57.00
CA ILE D 62 -16.09 -2.19 57.45
C ILE D 62 -16.33 -0.88 58.23
N VAL D 63 -17.25 -0.03 57.77
CA VAL D 63 -17.64 1.24 58.47
C VAL D 63 -18.09 0.88 59.89
N GLU D 64 -18.96 -0.13 60.03
CA GLU D 64 -19.47 -0.62 61.33
C GLU D 64 -18.31 -1.14 62.19
N VAL D 65 -17.44 -1.96 61.58
CA VAL D 65 -16.28 -2.62 62.26
C VAL D 65 -15.27 -1.56 62.69
N LEU D 66 -15.06 -0.52 61.88
CA LEU D 66 -14.09 0.59 62.17
C LEU D 66 -14.61 1.42 63.35
N LEU D 67 -15.89 1.79 63.34
CA LEU D 67 -16.53 2.67 64.35
C LEU D 67 -16.49 2.02 65.74
N LYS D 68 -16.77 0.72 65.82
CA LYS D 68 -16.77 -0.05 67.10
C LYS D 68 -15.32 -0.31 67.54
N ASN D 69 -14.34 -0.12 66.65
CA ASN D 69 -12.89 -0.15 66.97
C ASN D 69 -12.36 1.29 67.11
N GLY D 70 -13.20 2.20 67.59
CA GLY D 70 -12.82 3.55 68.06
C GLY D 70 -12.30 4.45 66.95
N ALA D 71 -12.85 4.34 65.74
CA ALA D 71 -12.54 5.21 64.59
C ALA D 71 -13.24 6.56 64.77
N ASP D 72 -12.54 7.66 64.50
CA ASP D 72 -13.08 9.05 64.62
C ASP D 72 -14.14 9.25 63.51
N VAL D 73 -15.41 9.33 63.91
CA VAL D 73 -16.59 9.49 63.00
C VAL D 73 -16.58 10.89 62.38
N ASN D 74 -15.99 11.86 63.09
CA ASN D 74 -15.90 13.29 62.65
C ASN D 74 -14.45 13.64 62.30
N ALA D 75 -13.66 12.64 61.86
CA ALA D 75 -12.35 12.86 61.20
C ALA D 75 -12.59 13.68 59.94
N TYR D 76 -11.70 14.63 59.62
CA TYR D 76 -11.78 15.46 58.40
C TYR D 76 -10.46 15.38 57.62
N ASP D 77 -10.56 15.47 56.29
CA ASP D 77 -9.40 15.52 55.36
C ASP D 77 -8.80 16.93 55.42
N THR D 78 -7.77 17.21 54.62
CA THR D 78 -7.05 18.51 54.61
C THR D 78 -7.93 19.61 54.01
N LEU D 79 -9.11 19.26 53.47
CA LEU D 79 -10.11 20.22 52.91
C LEU D 79 -11.38 20.25 53.78
N GLY D 80 -11.40 19.54 54.91
CA GLY D 80 -12.43 19.67 55.96
C GLY D 80 -13.61 18.71 55.79
N SER D 81 -13.58 17.85 54.76
CA SER D 81 -14.67 16.88 54.45
C SER D 81 -14.58 15.68 55.42
N THR D 82 -15.72 15.27 55.97
CA THR D 82 -15.87 14.14 56.94
C THR D 82 -16.42 12.92 56.20
N PRO D 83 -16.33 11.70 56.79
CA PRO D 83 -16.87 10.49 56.15
C PRO D 83 -18.35 10.60 55.76
N LEU D 84 -19.14 11.38 56.52
CA LEU D 84 -20.59 11.60 56.27
C LEU D 84 -20.78 12.34 54.94
N HIS D 85 -19.95 13.36 54.66
CA HIS D 85 -19.89 14.06 53.34
C HIS D 85 -19.77 13.01 52.24
N LEU D 86 -18.73 12.17 52.33
CA LEU D 86 -18.37 11.14 51.31
C LEU D 86 -19.51 10.13 51.15
N ALA D 87 -20.19 9.78 52.26
CA ALA D 87 -21.30 8.80 52.29
C ALA D 87 -22.58 9.43 51.74
N ALA D 88 -22.89 10.66 52.16
CA ALA D 88 -24.09 11.42 51.75
C ALA D 88 -24.00 11.81 50.26
N HIS D 89 -22.78 12.03 49.76
CA HIS D 89 -22.51 12.52 48.38
C HIS D 89 -22.62 11.36 47.37
N PHE D 90 -22.14 10.18 47.73
CA PHE D 90 -22.03 8.99 46.83
C PHE D 90 -23.18 8.01 47.07
N GLY D 91 -24.22 8.45 47.81
CA GLY D 91 -25.55 7.80 47.85
C GLY D 91 -25.56 6.51 48.66
N HIS D 92 -24.72 6.42 49.70
CA HIS D 92 -24.60 5.21 50.58
C HIS D 92 -25.50 5.38 51.80
N LEU D 93 -26.80 5.15 51.61
CA LEU D 93 -27.88 5.39 52.62
C LEU D 93 -27.51 4.71 53.94
N GLU D 94 -27.23 3.40 53.90
CA GLU D 94 -26.96 2.56 55.11
C GLU D 94 -25.82 3.17 55.93
N ILE D 95 -24.75 3.63 55.27
CA ILE D 95 -23.54 4.18 55.94
C ILE D 95 -23.89 5.54 56.55
N VAL D 96 -24.68 6.37 55.86
CA VAL D 96 -25.14 7.70 56.37
C VAL D 96 -25.87 7.48 57.70
N GLU D 97 -26.73 6.45 57.79
CA GLU D 97 -27.50 6.10 59.01
C GLU D 97 -26.53 5.62 60.11
N VAL D 98 -25.65 4.67 59.78
CA VAL D 98 -24.68 4.05 60.73
C VAL D 98 -23.75 5.14 61.29
N LEU D 99 -23.31 6.08 60.45
CA LEU D 99 -22.43 7.21 60.85
C LEU D 99 -23.18 8.14 61.80
N LEU D 100 -24.41 8.55 61.42
CA LEU D 100 -25.26 9.48 62.20
C LEU D 100 -25.61 8.85 63.56
N LYS D 101 -25.88 7.55 63.59
CA LYS D 101 -26.07 6.74 64.83
C LYS D 101 -24.88 6.93 65.77
N ASN D 102 -23.66 6.81 65.23
CA ASN D 102 -22.39 6.81 66.01
C ASN D 102 -21.88 8.24 66.20
N GLY D 103 -22.76 9.24 66.06
CA GLY D 103 -22.54 10.63 66.49
C GLY D 103 -21.86 11.49 65.43
N ALA D 104 -22.07 11.17 64.15
CA ALA D 104 -21.54 11.94 62.99
C ALA D 104 -22.19 13.34 62.99
N ASP D 105 -21.37 14.39 63.04
CA ASP D 105 -21.83 15.80 62.96
C ASP D 105 -22.59 15.99 61.65
N VAL D 106 -23.93 16.08 61.73
CA VAL D 106 -24.85 16.16 60.57
C VAL D 106 -24.66 17.51 59.85
N ASN D 107 -24.25 18.55 60.58
CA ASN D 107 -24.08 19.94 60.06
C ASN D 107 -22.58 20.23 59.82
N ALA D 108 -21.73 19.20 59.81
CA ALA D 108 -20.27 19.29 59.54
C ALA D 108 -20.05 20.07 58.25
N LYS D 109 -19.21 21.11 58.29
CA LYS D 109 -18.87 21.96 57.12
C LYS D 109 -17.40 21.73 56.74
N ASP D 110 -17.13 21.49 55.45
CA ASP D 110 -15.76 21.48 54.87
C ASP D 110 -15.31 22.95 54.74
N ASP D 111 -14.13 23.18 54.14
CA ASP D 111 -13.51 24.53 54.03
C ASP D 111 -14.31 25.42 53.07
N ASN D 112 -15.18 24.83 52.24
CA ASN D 112 -16.05 25.55 51.28
C ASN D 112 -17.37 25.94 51.96
N GLY D 113 -17.62 25.43 53.17
CA GLY D 113 -18.89 25.60 53.91
C GLY D 113 -19.95 24.63 53.43
N ILE D 114 -19.55 23.60 52.68
CA ILE D 114 -20.45 22.57 52.09
C ILE D 114 -20.74 21.50 53.15
N THR D 115 -22.02 21.17 53.34
CA THR D 115 -22.54 20.22 54.36
C THR D 115 -22.97 18.92 53.66
N PRO D 116 -23.12 17.80 54.40
CA PRO D 116 -23.61 16.55 53.81
C PRO D 116 -24.97 16.69 53.12
N LEU D 117 -25.82 17.62 53.58
CA LEU D 117 -27.15 17.92 52.99
C LEU D 117 -26.95 18.53 51.59
N HIS D 118 -26.07 19.52 51.47
CA HIS D 118 -25.69 20.18 50.18
C HIS D 118 -25.34 19.10 49.15
N LEU D 119 -24.43 18.18 49.52
CA LEU D 119 -23.89 17.11 48.63
C LEU D 119 -24.99 16.11 48.28
N ALA D 120 -25.77 15.67 49.28
CA ALA D 120 -26.90 14.73 49.11
C ALA D 120 -27.94 15.35 48.17
N ALA D 121 -28.27 16.62 48.39
CA ALA D 121 -29.19 17.42 47.55
C ALA D 121 -28.62 17.54 46.13
N ASN D 122 -27.32 17.80 46.01
CA ASN D 122 -26.60 18.03 44.73
C ASN D 122 -26.79 16.83 43.79
N ARG D 123 -26.67 15.61 44.32
CA ARG D 123 -26.73 14.34 43.55
C ARG D 123 -28.14 13.74 43.61
N GLY D 124 -29.10 14.45 44.22
CA GLY D 124 -30.53 14.11 44.24
C GLY D 124 -30.81 12.80 44.98
N HIS D 125 -30.14 12.58 46.10
CA HIS D 125 -30.33 11.40 46.99
C HIS D 125 -31.49 11.69 47.95
N LEU D 126 -32.71 11.28 47.57
CA LEU D 126 -33.98 11.60 48.29
C LEU D 126 -33.93 11.02 49.71
N GLU D 127 -33.72 9.69 49.82
CA GLU D 127 -33.72 8.93 51.08
C GLU D 127 -32.71 9.54 52.07
N ILE D 128 -31.49 9.80 51.59
CA ILE D 128 -30.35 10.31 52.43
C ILE D 128 -30.70 11.70 52.97
N VAL D 129 -31.26 12.58 52.14
CA VAL D 129 -31.64 13.97 52.54
C VAL D 129 -32.63 13.90 53.71
N GLU D 130 -33.63 13.01 53.62
CA GLU D 130 -34.67 12.79 54.66
C GLU D 130 -34.01 12.28 55.95
N VAL D 131 -33.06 11.35 55.84
CA VAL D 131 -32.28 10.80 56.99
C VAL D 131 -31.54 11.94 57.68
N LEU D 132 -30.76 12.72 56.92
CA LEU D 132 -29.99 13.89 57.44
C LEU D 132 -30.95 14.86 58.13
N LEU D 133 -32.14 15.07 57.55
CA LEU D 133 -33.18 16.00 58.09
C LEU D 133 -33.77 15.41 59.39
N LYS D 134 -34.02 14.10 59.41
CA LYS D 134 -34.50 13.36 60.61
C LYS D 134 -33.51 13.57 61.77
N TYR D 135 -32.20 13.57 61.46
CA TYR D 135 -31.09 13.72 62.44
C TYR D 135 -30.72 15.21 62.62
N GLY D 136 -31.57 16.13 62.15
CA GLY D 136 -31.52 17.57 62.49
C GLY D 136 -30.47 18.33 61.69
N ALA D 137 -30.50 18.19 60.35
CA ALA D 137 -29.63 18.95 59.42
C ALA D 137 -30.20 20.35 59.23
N ASP D 138 -29.38 21.38 59.44
CA ASP D 138 -29.75 22.82 59.23
C ASP D 138 -30.09 23.01 57.75
N VAL D 139 -31.40 23.02 57.42
CA VAL D 139 -31.93 23.12 56.03
C VAL D 139 -31.52 24.48 55.43
N ASN D 140 -31.33 25.50 56.28
CA ASN D 140 -30.98 26.89 55.88
C ASN D 140 -29.46 27.10 55.85
N ALA D 141 -28.67 26.04 56.04
CA ALA D 141 -27.19 26.07 56.01
C ALA D 141 -26.72 26.54 54.62
N GLN D 142 -25.88 27.57 54.59
CA GLN D 142 -25.33 28.18 53.35
C GLN D 142 -23.84 27.83 53.21
N ASP D 143 -23.37 27.65 51.97
CA ASP D 143 -21.93 27.46 51.65
C ASP D 143 -21.30 28.84 51.43
N LYS D 144 -20.08 28.90 50.90
CA LYS D 144 -19.32 30.16 50.66
C LYS D 144 -20.03 31.04 49.63
N PHE D 145 -20.89 30.45 48.79
CA PHE D 145 -21.65 31.15 47.72
C PHE D 145 -23.07 31.51 48.21
N GLY D 146 -23.36 31.29 49.50
CA GLY D 146 -24.63 31.64 50.14
C GLY D 146 -25.78 30.77 49.65
N LYS D 147 -25.47 29.56 49.15
CA LYS D 147 -26.45 28.64 48.51
C LYS D 147 -26.88 27.56 49.51
N THR D 148 -28.19 27.38 49.69
CA THR D 148 -28.82 26.30 50.51
C THR D 148 -28.96 25.03 49.66
N ALA D 149 -29.36 23.92 50.28
CA ALA D 149 -29.67 22.64 49.60
C ALA D 149 -30.91 22.83 48.71
N PHE D 150 -31.79 23.77 49.06
CA PHE D 150 -33.00 24.16 48.28
C PHE D 150 -32.56 24.88 47.00
N ASP D 151 -31.70 25.90 47.14
CA ASP D 151 -31.12 26.67 46.01
C ASP D 151 -30.52 25.70 44.99
N ILE D 152 -29.85 24.65 45.47
CA ILE D 152 -29.23 23.56 44.65
C ILE D 152 -30.34 22.77 43.95
N SER D 153 -31.39 22.38 44.69
CA SER D 153 -32.52 21.54 44.18
C SER D 153 -33.27 22.29 43.07
N ILE D 154 -33.51 23.59 43.26
CA ILE D 154 -34.21 24.47 42.27
C ILE D 154 -33.35 24.58 41.01
N ASN D 155 -32.04 24.82 41.16
CA ASN D 155 -31.07 24.99 40.04
C ASN D 155 -30.93 23.69 39.26
N ASN D 156 -30.94 22.54 39.95
CA ASN D 156 -30.82 21.19 39.34
C ASN D 156 -32.15 20.77 38.70
N GLY D 157 -33.26 21.41 39.08
CA GLY D 157 -34.61 21.12 38.56
C GLY D 157 -35.18 19.83 39.13
N ASN D 158 -34.72 19.43 40.32
CA ASN D 158 -35.24 18.26 41.09
C ASN D 158 -36.51 18.71 41.83
N GLU D 159 -37.68 18.38 41.29
CA GLU D 159 -39.01 18.84 41.78
C GLU D 159 -39.32 18.17 43.13
N ASP D 160 -39.03 16.87 43.25
CA ASP D 160 -39.27 16.05 44.48
C ASP D 160 -38.43 16.61 45.63
N LEU D 161 -37.12 16.73 45.42
CA LEU D 161 -36.13 17.24 46.42
C LEU D 161 -36.53 18.65 46.87
N ALA D 162 -36.94 19.51 45.94
CA ALA D 162 -37.41 20.89 46.19
C ALA D 162 -38.64 20.86 47.11
N GLU D 163 -39.54 19.88 46.90
CA GLU D 163 -40.79 19.69 47.67
C GLU D 163 -40.45 19.26 49.10
N ILE D 164 -39.47 18.35 49.25
CA ILE D 164 -39.01 17.78 50.56
C ILE D 164 -38.43 18.90 51.43
N LEU D 165 -37.66 19.82 50.83
CA LEU D 165 -36.93 20.91 51.54
C LEU D 165 -37.82 22.13 51.76
N GLN D 166 -39.14 22.00 51.52
CA GLN D 166 -40.17 23.04 51.82
C GLN D 166 -41.24 22.44 52.72
N LEU E 14 -54.92 18.08 -11.49
CA LEU E 14 -55.20 18.63 -12.85
C LEU E 14 -54.54 20.01 -12.99
N GLY E 15 -54.81 20.91 -12.03
CA GLY E 15 -54.14 22.23 -11.94
C GLY E 15 -52.65 22.09 -11.66
N LYS E 16 -52.25 20.96 -11.07
CA LYS E 16 -50.83 20.58 -10.81
C LYS E 16 -50.11 20.36 -12.15
N LYS E 17 -50.74 19.64 -13.09
CA LYS E 17 -50.18 19.36 -14.44
C LYS E 17 -49.89 20.67 -15.17
N LEU E 18 -50.76 21.67 -15.01
CA LEU E 18 -50.63 23.01 -15.65
C LEU E 18 -49.40 23.74 -15.09
N LEU E 19 -49.23 23.73 -13.76
CA LEU E 19 -48.05 24.30 -13.06
C LEU E 19 -46.77 23.68 -13.64
N GLU E 20 -46.72 22.35 -13.75
CA GLU E 20 -45.55 21.58 -14.25
C GLU E 20 -45.35 21.85 -15.75
N ALA E 21 -46.43 21.94 -16.53
CA ALA E 21 -46.41 22.13 -18.00
C ALA E 21 -46.00 23.57 -18.33
N ALA E 22 -46.51 24.55 -17.57
CA ALA E 22 -46.19 25.99 -17.72
C ALA E 22 -44.70 26.23 -17.41
N ARG E 23 -44.16 25.47 -16.45
CA ARG E 23 -42.73 25.52 -16.03
C ARG E 23 -41.85 24.91 -17.14
N ALA E 24 -42.22 23.71 -17.61
CA ALA E 24 -41.47 22.90 -18.61
C ALA E 24 -41.39 23.65 -19.95
N GLY E 25 -42.38 24.51 -20.24
CA GLY E 25 -42.50 25.23 -21.52
C GLY E 25 -43.19 24.39 -22.58
N ARG E 26 -43.96 23.38 -22.15
CA ARG E 26 -44.72 22.47 -23.05
C ARG E 26 -45.96 23.21 -23.58
N ASP E 27 -45.75 24.06 -24.59
CA ASP E 27 -46.78 24.96 -25.19
C ASP E 27 -48.04 24.15 -25.52
N ASP E 28 -47.87 22.96 -26.12
CA ASP E 28 -48.96 22.09 -26.62
C ASP E 28 -49.86 21.66 -25.45
N GLU E 29 -49.25 21.19 -24.35
CA GLU E 29 -49.95 20.57 -23.18
C GLU E 29 -50.73 21.64 -22.40
N VAL E 30 -50.21 22.87 -22.34
CA VAL E 30 -50.83 24.02 -21.59
C VAL E 30 -52.23 24.30 -22.17
N ARG E 31 -52.37 24.27 -23.49
CA ARG E 31 -53.66 24.51 -24.21
C ARG E 31 -54.62 23.34 -23.95
N ILE E 32 -54.11 22.11 -24.05
CA ILE E 32 -54.90 20.84 -23.85
C ILE E 32 -55.46 20.81 -22.43
N LEU E 33 -54.67 21.22 -21.44
CA LEU E 33 -55.02 21.18 -20.00
C LEU E 33 -56.10 22.23 -19.68
N MET E 34 -56.01 23.41 -20.29
CA MET E 34 -56.95 24.54 -20.07
C MET E 34 -58.20 24.38 -20.96
N ALA E 35 -58.21 23.38 -21.84
CA ALA E 35 -59.41 22.91 -22.57
C ALA E 35 -60.29 22.08 -21.64
N ASN E 36 -59.69 21.50 -20.59
CA ASN E 36 -60.39 20.73 -19.52
C ASN E 36 -60.59 21.62 -18.28
N GLY E 37 -60.52 22.95 -18.45
CA GLY E 37 -60.84 23.96 -17.42
C GLY E 37 -60.03 23.77 -16.14
N ALA E 38 -58.74 23.48 -16.26
CA ALA E 38 -57.79 23.40 -15.13
C ALA E 38 -57.56 24.80 -14.56
N ASP E 39 -57.54 24.94 -13.23
CA ASP E 39 -57.39 26.24 -12.52
C ASP E 39 -56.15 26.95 -13.06
N VAL E 40 -56.33 28.07 -13.75
CA VAL E 40 -55.24 28.88 -14.38
C VAL E 40 -54.59 29.76 -13.32
N ASN E 41 -55.24 29.88 -12.14
CA ASN E 41 -54.70 30.58 -10.95
C ASN E 41 -54.32 29.54 -9.87
N ALA E 42 -53.98 28.32 -10.28
CA ALA E 42 -53.53 27.22 -9.40
C ALA E 42 -52.16 27.57 -8.82
N ALA E 43 -52.05 27.68 -7.49
CA ALA E 43 -50.82 28.04 -6.76
C ALA E 43 -50.12 26.77 -6.27
N ASP E 44 -48.78 26.77 -6.26
CA ASP E 44 -47.93 25.69 -5.69
C ASP E 44 -47.64 26.02 -4.22
N VAL E 45 -46.71 25.28 -3.60
CA VAL E 45 -46.38 25.38 -2.14
C VAL E 45 -46.00 26.82 -1.78
N VAL E 46 -45.22 27.49 -2.64
CA VAL E 46 -44.64 28.85 -2.39
C VAL E 46 -45.59 29.94 -2.89
N GLY E 47 -46.68 29.57 -3.58
CA GLY E 47 -47.73 30.49 -4.05
C GLY E 47 -47.51 30.96 -5.47
N TRP E 48 -46.82 30.15 -6.29
CA TRP E 48 -46.52 30.46 -7.72
C TRP E 48 -47.61 29.87 -8.61
N THR E 49 -48.24 30.71 -9.44
CA THR E 49 -49.22 30.33 -10.48
C THR E 49 -48.47 29.83 -11.71
N PRO E 50 -49.16 29.26 -12.73
CA PRO E 50 -48.52 28.93 -14.00
C PRO E 50 -47.86 30.16 -14.65
N LEU E 51 -48.46 31.35 -14.47
CA LEU E 51 -48.00 32.64 -15.04
C LEU E 51 -46.68 33.06 -14.37
N HIS E 52 -46.49 32.72 -13.09
CA HIS E 52 -45.22 32.91 -12.34
C HIS E 52 -44.12 32.06 -12.99
N LEU E 53 -44.37 30.76 -13.13
CA LEU E 53 -43.41 29.76 -13.69
C LEU E 53 -43.09 30.12 -15.15
N ALA E 54 -44.08 30.58 -15.90
CA ALA E 54 -43.94 31.00 -17.32
C ALA E 54 -43.09 32.27 -17.41
N ALA E 55 -43.31 33.23 -16.51
CA ALA E 55 -42.60 34.53 -16.43
C ALA E 55 -41.14 34.30 -16.03
N TYR E 56 -40.89 33.39 -15.08
CA TYR E 56 -39.56 33.10 -14.50
C TYR E 56 -38.67 32.41 -15.54
N TRP E 57 -39.15 31.32 -16.12
CA TRP E 57 -38.38 30.42 -17.03
C TRP E 57 -38.34 30.99 -18.46
N GLY E 58 -39.13 32.05 -18.72
CA GLY E 58 -39.07 32.83 -19.97
C GLY E 58 -39.81 32.15 -21.11
N HIS E 59 -41.07 31.74 -20.88
CA HIS E 59 -41.97 31.12 -21.87
C HIS E 59 -43.01 32.14 -22.33
N LEU E 60 -42.71 32.87 -23.42
CA LEU E 60 -43.53 33.99 -23.96
C LEU E 60 -44.89 33.46 -24.46
N GLU E 61 -44.86 32.39 -25.24
CA GLU E 61 -46.07 31.79 -25.91
C GLU E 61 -47.08 31.37 -24.83
N ILE E 62 -46.61 30.77 -23.73
CA ILE E 62 -47.46 30.25 -22.63
C ILE E 62 -47.99 31.42 -21.78
N VAL E 63 -47.18 32.46 -21.56
CA VAL E 63 -47.59 33.69 -20.81
C VAL E 63 -48.82 34.30 -21.48
N GLU E 64 -48.79 34.44 -22.81
CA GLU E 64 -49.91 34.98 -23.63
C GLU E 64 -51.12 34.03 -23.53
N VAL E 65 -50.90 32.74 -23.76
CA VAL E 65 -51.96 31.68 -23.76
C VAL E 65 -52.65 31.64 -22.39
N LEU E 66 -51.91 31.87 -21.30
CA LEU E 66 -52.43 31.88 -19.91
C LEU E 66 -53.29 33.14 -19.68
N LEU E 67 -52.82 34.30 -20.15
CA LEU E 67 -53.50 35.62 -19.98
C LEU E 67 -54.74 35.69 -20.88
N LYS E 68 -54.72 35.04 -22.05
CA LYS E 68 -55.86 34.98 -23.00
C LYS E 68 -56.95 34.05 -22.43
N ASN E 69 -56.57 33.14 -21.53
CA ASN E 69 -57.49 32.21 -20.80
C ASN E 69 -57.84 32.79 -19.42
N GLY E 70 -57.59 34.08 -19.21
CA GLY E 70 -58.00 34.82 -18.00
C GLY E 70 -57.23 34.38 -16.77
N ALA E 71 -55.91 34.58 -16.76
CA ALA E 71 -55.02 34.32 -15.61
C ALA E 71 -54.79 35.62 -14.84
N ASP E 72 -54.88 35.58 -13.50
CA ASP E 72 -54.67 36.73 -12.60
C ASP E 72 -53.27 37.29 -12.83
N VAL E 73 -53.18 38.46 -13.48
CA VAL E 73 -51.91 39.11 -13.91
C VAL E 73 -51.18 39.68 -12.68
N ASN E 74 -51.92 40.01 -11.62
CA ASN E 74 -51.38 40.58 -10.35
C ASN E 74 -51.41 39.51 -9.25
N ALA E 75 -51.46 38.22 -9.62
CA ALA E 75 -51.28 37.07 -8.72
C ALA E 75 -49.93 37.22 -8.00
N TYR E 76 -49.90 37.08 -6.68
CA TYR E 76 -48.66 37.26 -5.85
C TYR E 76 -48.40 36.00 -5.03
N ASP E 77 -47.12 35.65 -4.88
CA ASP E 77 -46.64 34.48 -4.08
C ASP E 77 -46.70 34.84 -2.60
N THR E 78 -46.27 33.93 -1.72
CA THR E 78 -46.39 34.06 -0.25
C THR E 78 -45.49 35.19 0.26
N LEU E 79 -44.61 35.76 -0.58
CA LEU E 79 -43.75 36.92 -0.25
C LEU E 79 -44.16 38.17 -1.05
N GLY E 80 -45.20 38.08 -1.88
CA GLY E 80 -45.85 39.23 -2.53
C GLY E 80 -45.25 39.57 -3.90
N SER E 81 -44.47 38.64 -4.48
CA SER E 81 -43.83 38.81 -5.81
C SER E 81 -44.81 38.39 -6.91
N THR E 82 -44.98 39.23 -7.93
CA THR E 82 -45.88 39.03 -9.10
C THR E 82 -45.08 38.46 -10.27
N PRO E 83 -45.74 37.92 -11.31
CA PRO E 83 -45.03 37.50 -12.53
C PRO E 83 -44.19 38.63 -13.17
N LEU E 84 -44.66 39.88 -13.06
CA LEU E 84 -43.95 41.08 -13.58
C LEU E 84 -42.62 41.26 -12.84
N HIS E 85 -42.61 41.06 -11.51
CA HIS E 85 -41.39 41.05 -10.66
C HIS E 85 -40.35 40.11 -11.27
N LEU E 86 -40.77 38.89 -11.62
CA LEU E 86 -39.88 37.81 -12.13
C LEU E 86 -39.43 38.16 -13.55
N ALA E 87 -40.36 38.52 -14.44
CA ALA E 87 -40.12 38.89 -15.85
C ALA E 87 -39.09 40.03 -15.93
N ALA E 88 -39.26 41.08 -15.13
CA ALA E 88 -38.41 42.28 -15.09
C ALA E 88 -37.01 41.92 -14.57
N HIS E 89 -36.95 41.09 -13.52
CA HIS E 89 -35.70 40.72 -12.80
C HIS E 89 -34.80 39.84 -13.67
N PHE E 90 -35.38 39.05 -14.58
CA PHE E 90 -34.68 38.01 -15.38
C PHE E 90 -34.61 38.40 -16.86
N GLY E 91 -34.63 39.70 -17.16
CA GLY E 91 -34.37 40.25 -18.52
C GLY E 91 -35.26 39.62 -19.58
N HIS E 92 -36.56 39.49 -19.31
CA HIS E 92 -37.59 38.98 -20.26
C HIS E 92 -38.40 40.17 -20.80
N LEU E 93 -37.87 40.84 -21.83
CA LEU E 93 -38.43 42.09 -22.42
C LEU E 93 -39.84 41.84 -22.97
N GLU E 94 -39.99 40.78 -23.79
CA GLU E 94 -41.25 40.43 -24.50
C GLU E 94 -42.34 40.13 -23.47
N ILE E 95 -42.01 39.43 -22.39
CA ILE E 95 -42.97 38.98 -21.33
C ILE E 95 -43.41 40.18 -20.49
N VAL E 96 -42.48 41.09 -20.17
CA VAL E 96 -42.76 42.35 -19.42
C VAL E 96 -43.83 43.15 -20.18
N GLU E 97 -43.62 43.33 -21.49
CA GLU E 97 -44.54 44.08 -22.39
C GLU E 97 -45.93 43.44 -22.38
N VAL E 98 -46.00 42.12 -22.64
CA VAL E 98 -47.27 41.33 -22.70
C VAL E 98 -48.03 41.49 -21.37
N LEU E 99 -47.32 41.34 -20.25
CA LEU E 99 -47.89 41.47 -18.87
C LEU E 99 -48.46 42.88 -18.68
N LEU E 100 -47.69 43.92 -19.02
CA LEU E 100 -48.06 45.35 -18.87
C LEU E 100 -49.22 45.70 -19.80
N LYS E 101 -49.25 45.11 -21.01
CA LYS E 101 -50.37 45.26 -21.99
C LYS E 101 -51.65 44.67 -21.41
N ASN E 102 -51.54 43.65 -20.56
CA ASN E 102 -52.69 42.94 -19.91
C ASN E 102 -52.92 43.52 -18.51
N GLY E 103 -52.55 44.79 -18.29
CA GLY E 103 -52.88 45.56 -17.07
C GLY E 103 -52.26 44.96 -15.82
N ALA E 104 -50.94 44.76 -15.82
CA ALA E 104 -50.14 44.31 -14.66
C ALA E 104 -49.67 45.53 -13.87
N ASP E 105 -49.96 45.57 -12.56
CA ASP E 105 -49.54 46.66 -11.65
C ASP E 105 -48.03 46.87 -11.79
N VAL E 106 -47.63 47.94 -12.49
CA VAL E 106 -46.21 48.31 -12.76
C VAL E 106 -45.55 48.74 -11.45
N ASN E 107 -46.33 49.29 -10.50
CA ASN E 107 -45.85 49.79 -9.19
C ASN E 107 -46.09 48.73 -8.10
N ALA E 108 -46.32 47.47 -8.49
CA ALA E 108 -46.52 46.32 -7.58
C ALA E 108 -45.33 46.21 -6.62
N LYS E 109 -45.59 45.95 -5.34
CA LYS E 109 -44.57 45.81 -4.27
C LYS E 109 -44.70 44.46 -3.59
N ASP E 110 -43.59 43.74 -3.42
CA ASP E 110 -43.52 42.49 -2.61
C ASP E 110 -43.44 42.89 -1.14
N ASP E 111 -43.42 41.90 -0.23
CA ASP E 111 -43.43 42.11 1.24
C ASP E 111 -42.22 42.95 1.69
N ASN E 112 -41.22 43.11 0.81
CA ASN E 112 -39.96 43.87 1.09
C ASN E 112 -40.10 45.31 0.58
N GLY E 113 -41.16 45.63 -0.17
CA GLY E 113 -41.38 46.94 -0.80
C GLY E 113 -40.63 47.09 -2.12
N ILE E 114 -40.11 45.99 -2.66
CA ILE E 114 -39.33 45.94 -3.94
C ILE E 114 -40.33 45.89 -5.10
N THR E 115 -40.05 46.64 -6.18
CA THR E 115 -40.92 46.80 -7.38
C THR E 115 -40.24 46.16 -8.58
N PRO E 116 -40.98 45.90 -9.69
CA PRO E 116 -40.37 45.41 -10.93
C PRO E 116 -39.22 46.28 -11.45
N LEU E 117 -39.30 47.60 -11.23
CA LEU E 117 -38.25 48.58 -11.63
C LEU E 117 -36.98 48.31 -10.81
N HIS E 118 -37.12 48.27 -9.48
CA HIS E 118 -36.02 47.97 -8.51
C HIS E 118 -35.21 46.77 -9.02
N LEU E 119 -35.91 45.68 -9.40
CA LEU E 119 -35.30 44.39 -9.82
C LEU E 119 -34.62 44.54 -11.18
N ALA E 120 -35.37 45.02 -12.19
CA ALA E 120 -34.87 45.28 -13.56
C ALA E 120 -33.63 46.19 -13.49
N ALA E 121 -33.72 47.27 -12.70
CA ALA E 121 -32.65 48.27 -12.49
C ALA E 121 -31.41 47.61 -11.87
N ASN E 122 -31.62 46.74 -10.87
CA ASN E 122 -30.55 46.09 -10.07
C ASN E 122 -29.73 45.13 -10.97
N ARG E 123 -30.38 44.49 -11.94
CA ARG E 123 -29.73 43.53 -12.89
C ARG E 123 -29.31 44.25 -14.18
N GLY E 124 -29.66 45.53 -14.33
CA GLY E 124 -29.19 46.41 -15.40
C GLY E 124 -29.83 46.10 -16.75
N HIS E 125 -31.09 45.67 -16.75
CA HIS E 125 -31.91 45.42 -17.97
C HIS E 125 -32.46 46.75 -18.47
N LEU E 126 -31.64 47.49 -19.23
CA LEU E 126 -31.86 48.92 -19.62
C LEU E 126 -33.16 49.03 -20.44
N GLU E 127 -33.41 48.08 -21.34
CA GLU E 127 -34.59 48.05 -22.25
C GLU E 127 -35.87 47.91 -21.42
N ILE E 128 -35.86 47.03 -20.40
CA ILE E 128 -37.03 46.72 -19.52
C ILE E 128 -37.37 47.95 -18.67
N VAL E 129 -36.34 48.61 -18.10
CA VAL E 129 -36.49 49.83 -17.26
C VAL E 129 -37.30 50.88 -18.03
N GLU E 130 -36.97 51.09 -19.31
CA GLU E 130 -37.62 52.09 -20.19
C GLU E 130 -39.09 51.71 -20.43
N VAL E 131 -39.38 50.42 -20.63
CA VAL E 131 -40.76 49.89 -20.83
C VAL E 131 -41.57 50.11 -19.54
N LEU E 132 -40.95 49.87 -18.37
CA LEU E 132 -41.60 50.03 -17.04
C LEU E 132 -41.93 51.50 -16.80
N LEU E 133 -40.97 52.39 -17.06
CA LEU E 133 -41.13 53.87 -16.90
C LEU E 133 -42.23 54.38 -17.85
N LYS E 134 -42.31 53.80 -19.06
CA LYS E 134 -43.32 54.13 -20.10
C LYS E 134 -44.73 53.94 -19.55
N TYR E 135 -44.95 52.93 -18.72
CA TYR E 135 -46.29 52.54 -18.16
C TYR E 135 -46.52 53.24 -16.80
N GLY E 136 -45.63 54.16 -16.41
CA GLY E 136 -45.79 54.99 -15.21
C GLY E 136 -45.26 54.30 -13.96
N ALA E 137 -44.03 53.77 -14.03
CA ALA E 137 -43.28 53.18 -12.89
C ALA E 137 -42.73 54.33 -12.03
N ASP E 138 -43.29 54.51 -10.82
CA ASP E 138 -42.86 55.55 -9.84
C ASP E 138 -41.36 55.39 -9.60
N VAL E 139 -40.56 56.34 -10.10
CA VAL E 139 -39.06 56.34 -10.00
C VAL E 139 -38.65 56.57 -8.54
N ASN E 140 -39.45 57.31 -7.79
CA ASN E 140 -39.17 57.71 -6.38
C ASN E 140 -39.60 56.60 -5.42
N ALA E 141 -40.31 55.57 -5.92
CA ALA E 141 -40.77 54.39 -5.14
C ALA E 141 -39.59 53.80 -4.34
N GLN E 142 -39.79 53.60 -3.03
CA GLN E 142 -38.75 53.12 -2.08
C GLN E 142 -39.10 51.71 -1.61
N ASP E 143 -38.07 50.93 -1.25
CA ASP E 143 -38.19 49.59 -0.60
C ASP E 143 -38.16 49.82 0.92
N LYS E 144 -38.07 48.74 1.71
CA LYS E 144 -38.06 48.78 3.19
C LYS E 144 -36.80 49.45 3.73
N PHE E 145 -35.76 49.62 2.88
CA PHE E 145 -34.47 50.26 3.23
C PHE E 145 -34.40 51.68 2.64
N GLY E 146 -35.50 52.16 2.05
CA GLY E 146 -35.61 53.52 1.49
C GLY E 146 -34.69 53.73 0.29
N LYS E 147 -34.63 52.76 -0.62
CA LYS E 147 -33.77 52.79 -1.84
C LYS E 147 -34.65 52.94 -3.08
N THR E 148 -34.33 53.90 -3.93
CA THR E 148 -34.94 54.11 -5.27
C THR E 148 -34.13 53.29 -6.30
N ALA E 149 -34.62 53.24 -7.54
CA ALA E 149 -33.93 52.58 -8.68
C ALA E 149 -32.65 53.36 -9.02
N PHE E 150 -32.63 54.67 -8.75
CA PHE E 150 -31.46 55.56 -8.93
C PHE E 150 -30.38 55.19 -7.90
N ASP E 151 -30.77 55.08 -6.62
CA ASP E 151 -29.86 54.67 -5.51
C ASP E 151 -29.15 53.37 -5.89
N ILE E 152 -29.88 52.44 -6.51
CA ILE E 152 -29.36 51.12 -6.98
C ILE E 152 -28.31 51.35 -8.08
N SER E 153 -28.65 52.13 -9.10
CA SER E 153 -27.79 52.41 -10.29
C SER E 153 -26.49 53.09 -9.84
N ILE E 154 -26.55 54.01 -8.89
CA ILE E 154 -25.38 54.76 -8.34
C ILE E 154 -24.47 53.79 -7.57
N ASN E 155 -25.06 52.90 -6.76
CA ASN E 155 -24.33 51.89 -5.95
C ASN E 155 -23.72 50.84 -6.89
N ASN E 156 -24.48 50.39 -7.89
CA ASN E 156 -24.04 49.44 -8.94
C ASN E 156 -22.99 50.10 -9.85
N GLY E 157 -23.07 51.42 -10.01
CA GLY E 157 -22.16 52.21 -10.86
C GLY E 157 -22.52 52.10 -12.33
N ASN E 158 -23.76 51.68 -12.64
CA ASN E 158 -24.31 51.59 -14.01
C ASN E 158 -24.78 52.99 -14.43
N GLU E 159 -23.89 53.79 -15.01
CA GLU E 159 -24.12 55.23 -15.34
C GLU E 159 -25.08 55.35 -16.53
N ASP E 160 -25.14 54.33 -17.40
CA ASP E 160 -26.10 54.26 -18.54
C ASP E 160 -27.54 54.27 -17.99
N LEU E 161 -27.78 53.53 -16.90
CA LEU E 161 -29.10 53.37 -16.25
C LEU E 161 -29.44 54.62 -15.43
N ALA E 162 -28.46 55.15 -14.70
CA ALA E 162 -28.57 56.36 -13.83
C ALA E 162 -29.03 57.56 -14.68
N GLU E 163 -28.60 57.62 -15.94
CA GLU E 163 -28.96 58.70 -16.91
C GLU E 163 -30.46 58.66 -17.19
N ILE E 164 -31.05 57.47 -17.34
CA ILE E 164 -32.48 57.26 -17.71
C ILE E 164 -33.37 57.70 -16.53
N LEU E 165 -32.88 57.54 -15.30
CA LEU E 165 -33.62 57.87 -14.04
C LEU E 165 -33.21 59.26 -13.53
N GLN E 166 -32.47 60.04 -14.35
CA GLN E 166 -31.93 61.39 -14.00
C GLN E 166 -31.15 61.31 -12.69
C1B LMT F . -25.43 -48.68 -49.33
C2B LMT F . -25.08 -50.11 -49.73
C3B LMT F . -23.63 -50.20 -50.21
C4B LMT F . -23.38 -49.19 -51.33
C5B LMT F . -23.76 -47.79 -50.85
C6B LMT F . -23.57 -46.73 -51.93
O1B LMT F . -24.69 -48.33 -48.16
O2B LMT F . -25.25 -50.98 -48.60
O3B LMT F . -23.35 -51.53 -50.66
O4' LMT F . -22.02 -49.21 -51.75
O5B LMT F . -25.13 -47.76 -50.41
O6B LMT F . -24.05 -47.15 -53.20
C1' LMT F . -25.52 -46.11 -44.69
C2' LMT F . -25.97 -47.57 -44.70
C3' LMT F . -25.30 -48.36 -45.82
C4' LMT F . -25.41 -47.62 -47.14
C5' LMT F . -24.87 -46.21 -46.99
C6' LMT F . -24.90 -45.42 -48.29
O1' LMT F . -26.35 -45.36 -43.80
O2' LMT F . -25.64 -48.17 -43.44
O3' LMT F . -25.90 -49.66 -45.92
O5' LMT F . -25.66 -45.53 -46.00
O6' LMT F . -24.79 -44.02 -48.05
C1 LMT F . -25.77 -45.04 -42.54
C2 LMT F . -26.33 -43.71 -42.04
C3 LMT F . -26.04 -43.53 -40.56
C4 LMT F . -26.48 -42.16 -40.06
C5 LMT F . -25.62 -41.04 -40.66
C6 LMT F . -25.69 -39.78 -39.81
C7 LMT F . -25.43 -38.55 -40.67
C8 LMT F . -26.70 -38.06 -41.35
C9 LMT F . -27.25 -36.79 -40.70
C10 LMT F . -28.71 -36.54 -41.08
C11 LMT F . -29.63 -36.65 -39.87
C12 LMT F . -29.79 -38.09 -39.41
C1B LMT G . -12.08 -24.32 6.55
C2B LMT G . -12.74 -25.46 7.32
C3B LMT G . -12.01 -25.79 8.61
C4B LMT G . -10.52 -25.50 8.47
C5B LMT G . -10.29 -24.02 8.19
C6B LMT G . -8.98 -23.80 7.44
O1B LMT G . -13.06 -23.56 5.81
O2B LMT G . -14.10 -25.13 7.63
O3B LMT G . -12.21 -27.18 8.94
O4' LMT G . -9.83 -25.88 9.66
O5B LMT G . -11.38 -23.45 7.45
O6B LMT G . -7.88 -24.26 8.23
C1' LMT G . -14.79 -23.81 1.94
C2' LMT G . -14.73 -25.09 2.77
C3' LMT G . -14.40 -24.83 4.24
C4' LMT G . -13.22 -23.87 4.42
C5' LMT G . -13.51 -22.62 3.59
C6' LMT G . -12.42 -21.55 3.66
O1' LMT G . -14.80 -24.12 0.54
O2' LMT G . -15.98 -25.79 2.74
O3' LMT G . -14.14 -26.10 4.85
O5' LMT G . -13.66 -22.99 2.21
O6' LMT G . -11.92 -21.39 4.99
C1 LMT G . -16.04 -24.65 0.06
C2 LMT G . -16.17 -24.42 -1.45
C3 LMT G . -15.13 -25.19 -2.24
C4 LMT G . -15.33 -26.70 -2.16
C5 LMT G . -14.69 -27.39 -3.36
C6 LMT G . -14.76 -28.91 -3.23
C7 LMT G . -14.70 -29.59 -4.60
C8 LMT G . -14.10 -30.98 -4.51
C9 LMT G . -14.14 -31.67 -5.88
C10 LMT G . -13.52 -33.06 -5.83
C11 LMT G . -14.55 -34.15 -6.07
C12 LMT G . -13.97 -35.52 -5.82
C1 EDO H . -17.78 4.83 8.06
O1 EDO H . -17.55 3.86 7.06
C2 EDO H . -17.48 4.35 9.43
O2 EDO H . -17.96 5.22 10.43
C1 GOL I . -29.50 18.29 12.06
O1 GOL I . -30.13 18.72 13.26
C2 GOL I . -27.99 18.42 12.16
O2 GOL I . -27.36 17.50 11.26
C3 GOL I . -27.50 19.83 11.89
O3 GOL I . -27.25 20.05 10.50
C1 D12 J . -4.78 -6.43 -21.95
C2 D12 J . -4.11 -7.78 -22.07
C3 D12 J . -3.96 -8.50 -20.76
C4 D12 J . -3.83 -10.01 -20.88
C5 D12 J . -2.98 -10.67 -19.83
C6 D12 J . -2.10 -11.80 -20.35
C7 D12 J . -1.77 -12.87 -19.32
C8 D12 J . -2.00 -14.28 -19.81
C9 D12 J . -1.20 -15.35 -19.08
C10 D12 J . -0.74 -16.50 -19.95
C11 D12 J . -1.25 -17.86 -19.54
C12 D12 J . -1.04 -18.93 -20.58
N1 DDQ K . -30.79 -65.11 -21.79
O1 DDQ K . -29.90 -66.11 -22.22
CM1 DDQ K . -31.54 -65.65 -20.62
CM2 DDQ K . -31.74 -64.84 -22.92
C1 DDQ K . -29.98 -63.89 -21.45
C2 DDQ K . -30.49 -63.01 -20.32
C3 DDQ K . -31.87 -62.41 -20.58
C4 DDQ K . -31.94 -60.91 -20.47
C5 DDQ K . -32.48 -60.22 -21.70
C6 DDQ K . -32.61 -58.73 -21.56
C7 DDQ K . -33.72 -58.12 -22.38
C8 DDQ K . -33.76 -56.61 -22.36
C9 DDQ K . -33.32 -55.94 -21.08
C10 DDQ K . -33.07 -54.45 -21.22
C1 EDO L . -22.69 42.22 21.77
O1 EDO L . -22.77 41.44 20.59
C2 EDO L . -23.86 43.11 21.94
O2 EDO L . -24.12 43.42 23.30
C1 D12 M . -6.22 -44.76 -1.12
C2 D12 M . -5.11 -45.77 -1.06
C3 D12 M . -5.24 -46.89 -2.05
C4 D12 M . -4.38 -48.10 -1.76
C5 D12 M . -4.47 -49.20 -2.80
C6 D12 M . -3.41 -50.28 -2.65
C7 D12 M . -3.27 -51.20 -3.85
C8 D12 M . -1.86 -51.39 -4.33
C9 D12 M . -1.04 -52.34 -3.48
C10 D12 M . -0.30 -53.41 -4.27
C11 D12 M . 0.07 -54.63 -3.44
C12 D12 M . 1.03 -55.57 -4.12
C1 EDO N . -21.90 29.25 -12.04
O1 EDO N . -21.56 29.77 -10.77
C2 EDO N . -23.32 29.45 -12.41
O2 EDO N . -24.07 28.25 -12.41
C1 3YI O . -27.67 6.47 -9.32
N1 3YI O . -29.45 8.10 -9.02
O1 3YI O . -26.90 7.46 -9.83
C2 3YI O . -28.96 6.78 -8.89
O2 3YI O . -25.09 5.83 -10.17
C3 3YI O . -29.76 5.71 -8.37
O3 3YI O . -25.76 1.21 -8.93
C4 3YI O . -29.31 4.41 -8.26
O4 3YI O . -29.01 1.34 -7.55
C5 3YI O . -27.43 2.81 -8.63
O5 3YI O . -27.32 -0.25 -9.75
C6 3YI O . -26.15 2.53 -9.05
O6 3YI O . -28.58 1.52 -13.37
C7 3YI O . -25.32 3.53 -9.59
O7 3YI O . -32.42 2.05 -12.51
C8 3YI O . -25.85 4.81 -9.66
O8 3YI O . -33.10 2.12 -14.67
C9 3YI O . -27.17 5.14 -9.23
O9 3YI O . -31.94 5.55 -14.16
C10 3YI O . -27.97 4.09 -8.70
O10 3YI O . -31.60 7.78 -12.82
C11 3YI O . -28.00 1.57 -8.15
O11 3YI O . -29.56 8.34 -6.73
C12 3YI O . -26.97 0.50 -8.58
O12 3YI O . -30.10 3.45 -7.75
C13 3YI O . -26.62 -0.39 -7.40
O13 3YI O . -31.99 6.44 -8.53
C14 3YI O . -23.95 3.22 -10.04
C15 3YI O . -29.74 8.85 -7.82
C16 3YI O . -30.23 10.25 -8.00
C17 3YI O . -31.30 10.57 -8.78
C18 3YI O . -32.14 9.63 -9.50
C19 3YI O . -32.47 9.75 -10.79
C20 3YI O . -33.40 8.77 -11.48
C21 3YI O . -32.62 7.49 -11.92
C22 3YI O . -33.60 6.47 -12.62
C23 3YI O . -32.84 5.19 -13.18
C24 3YI O . -32.05 4.43 -12.06
C25 3YI O . -31.43 3.11 -12.63
C26 3YI O . -30.14 2.68 -11.86
C27 3YI O . -29.60 1.30 -12.40
C28 3YI O . -29.07 0.47 -11.23
C29 3YI O . -27.79 0.52 -10.84
C30 3YI O . -29.50 11.33 -7.33
C31 3YI O . -34.61 8.36 -10.62
C32 3YI O . -34.35 7.12 -13.77
C33 3YI O . -32.91 4.15 -10.84
C34 3YI O . -29.06 3.76 -12.00
C35 3YI O . -32.96 1.48 -13.63
C36 3YI O . -33.37 0.05 -13.51
C37 3YI O . -28.97 1.28 -14.70
C38 3YI O . -31.13 5.89 -7.88
C1B LMT P . 7.75 -40.49 -32.99
C2B LMT P . 8.35 -41.69 -33.73
C3B LMT P . 9.52 -42.32 -32.96
C4B LMT P . 9.15 -42.66 -31.52
C5B LMT P . 8.23 -41.61 -30.89
C6B LMT P . 8.65 -41.27 -29.46
O1B LMT P . 6.32 -40.63 -32.99
O2B LMT P . 7.35 -42.68 -33.98
O3B LMT P . 10.64 -41.44 -32.96
O4' LMT P . 8.51 -43.94 -31.49
O5B LMT P . 8.26 -40.40 -31.65
O6B LMT P . 8.64 -42.45 -28.65
C1' LMT P . 4.83 -36.85 -31.77
C2' LMT P . 4.47 -38.08 -30.94
C3' LMT P . 5.46 -39.20 -31.21
C4' LMT P . 5.48 -39.50 -32.71
C5' LMT P . 5.82 -38.22 -33.48
C6' LMT P . 5.80 -38.47 -34.99
O1' LMT P . 3.84 -35.84 -31.56
O2' LMT P . 4.45 -37.78 -29.54
O3' LMT P . 5.12 -40.37 -30.47
O5' LMT P . 4.88 -37.19 -33.16
O6' LMT P . 5.94 -37.24 -35.71
C1 LMT P . 4.21 -34.85 -30.62
C2 LMT P . 3.09 -33.81 -30.52
C3 LMT P . 3.22 -32.72 -31.58
C4 LMT P . 2.68 -31.37 -31.10
C5 LMT P . 3.63 -30.23 -31.44
C6 LMT P . 3.26 -28.94 -30.70
C7 LMT P . 4.44 -28.36 -29.93
C8 LMT P . 5.20 -27.29 -30.74
C9 LMT P . 5.24 -25.93 -30.04
C10 LMT P . 6.67 -25.53 -29.64
C11 LMT P . 6.76 -24.03 -29.43
C12 LMT P . 7.97 -23.67 -28.60
C1 EDO Q . -45.48 25.40 5.13
O1 EDO Q . -45.60 26.09 3.90
C2 EDO Q . -46.21 24.11 5.16
O2 EDO Q . -47.61 24.26 5.32
C1B LMT R . 20.35 -64.29 24.95
C2B LMT R . 20.90 -65.62 24.44
C3B LMT R . 20.11 -66.11 23.24
C4B LMT R . 18.62 -66.18 23.56
C5B LMT R . 18.13 -64.86 24.14
C6B LMT R . 16.70 -65.00 24.63
O1B LMT R . 20.57 -63.27 23.97
O2B LMT R . 22.28 -65.48 24.09
O3B LMT R . 20.58 -67.40 22.84
O4' LMT R . 17.91 -66.50 22.37
O5B LMT R . 18.95 -64.42 25.24
O6B LMT R . 16.68 -65.72 25.87
C1' LMT R . 21.89 -59.27 24.19
C2' LMT R . 22.95 -60.38 24.30
C3' LMT R . 22.43 -61.71 23.80
C4' LMT R . 21.11 -62.04 24.49
C5' LMT R . 20.12 -60.90 24.28
C6' LMT R . 18.78 -61.25 24.93
O1' LMT R . 22.44 -58.11 24.81
O2' LMT R . 24.12 -60.00 23.57
O3' LMT R . 23.39 -62.73 24.06
O5' LMT R . 20.67 -59.69 24.82
O6' LMT R . 18.00 -60.07 25.16
C1 LMT R . 21.53 -57.11 25.29
C2 LMT R . 21.26 -56.08 24.19
C3 LMT R . 20.67 -54.80 24.78
C4 LMT R . 21.67 -53.65 24.78
C5 LMT R . 22.77 -53.85 25.82
C6 LMT R . 23.58 -52.57 26.05
C7 LMT R . 22.83 -51.53 26.88
C8 LMT R . 22.49 -50.29 26.07
C9 LMT R . 21.46 -49.40 26.77
C10 LMT R . 22.15 -48.36 27.67
C11 LMT R . 21.15 -47.65 28.58
C12 LMT R . 21.67 -47.54 30.00
C1 EDO S . 10.30 39.12 40.28
O1 EDO S . 11.44 39.14 39.44
C2 EDO S . 9.44 37.93 40.10
O2 EDO S . 10.17 36.73 39.87
C1 GOL T . -10.47 -6.04 14.61
O1 GOL T . -11.30 -6.59 13.60
C2 GOL T . -11.15 -4.90 15.34
O2 GOL T . -10.23 -4.28 16.23
C3 GOL T . -12.38 -5.36 16.11
O3 GOL T . -12.64 -4.52 17.23
C1 EDO U . -9.78 27.04 47.05
O1 EDO U . -10.97 26.43 46.58
C2 EDO U . -8.62 26.12 47.06
O2 EDO U . -8.85 24.93 47.79
O21 DDR V . 7.66 -29.81 18.78
C21 DDR V . 8.21 -30.18 17.78
C22 DDR V . 8.75 -31.57 17.56
C23 DDR V . 8.51 -32.51 18.71
C24 DDR V . 9.06 -33.90 18.46
C25 DDR V . 8.02 -34.97 18.22
C26 DDR V . 7.62 -35.75 19.46
C27 DDR V . 6.93 -37.06 19.18
C28 DDR V . 6.47 -37.80 20.41
C29 DDR V . 5.24 -38.65 20.21
C30 DDR V . 5.49 -39.87 19.35
O52 DDR V . 8.41 -29.38 16.72
C52 DDR V . 7.25 -28.83 16.05
C53 DDR V . 7.20 -27.34 16.35
O53 DDR V . 7.21 -27.11 17.76
C51 DDR V . 7.34 -29.13 14.57
O51 DDR V . 6.08 -29.67 14.12
C1 DDR V . 6.10 -30.33 12.97
O1 DDR V . 6.35 -29.80 11.91
C2 DDR V . 5.76 -31.78 13.15
C3 DDR V . 6.85 -32.55 13.83
C4 DDR V . 6.59 -34.05 13.86
C5 DDR V . 7.63 -34.87 13.14
C6 DDR V . 7.56 -36.36 13.43
C7 DDR V . 7.68 -37.24 12.21
C8 DDR V . 8.71 -38.34 12.35
C9 DDR V . 8.65 -39.38 11.26
C10 DDR V . 9.85 -40.30 11.21
N1 DDQ W . 16.22 -45.40 -8.37
O1 DDQ W . 16.01 -46.02 -9.62
CM1 DDQ W . 16.84 -44.06 -8.61
CM2 DDQ W . 17.14 -46.26 -7.58
C1 DDQ W . 14.88 -45.27 -7.68
C2 DDQ W . 14.80 -44.18 -6.64
C3 DDQ W . 13.56 -44.26 -5.77
C4 DDQ W . 13.48 -43.19 -4.70
C5 DDQ W . 12.08 -42.73 -4.38
C6 DDQ W . 12.03 -41.59 -3.38
C7 DDQ W . 10.64 -41.30 -2.82
C8 DDQ W . 9.98 -40.09 -3.41
C9 DDQ W . 8.57 -39.85 -2.92
C10 DDQ W . 7.93 -38.59 -3.47
C1 3YI X . 4.45 -3.55 31.31
N1 3YI X . 3.39 -2.38 33.16
O1 3YI X . 3.23 -3.63 30.72
C2 3YI X . 4.56 -2.91 32.53
O2 3YI X . 4.30 -4.85 28.82
C3 3YI X . 5.86 -2.86 33.15
O3 3YI X . 9.03 -5.76 28.93
C4 3YI X . 6.98 -3.39 32.58
O4 3YI X . 9.98 -4.16 31.92
C5 3YI X . 7.97 -4.61 30.66
O5 3YI X . 10.18 -7.02 30.49
C6 3YI X . 7.86 -5.24 29.44
O6 3YI X . 7.07 -9.48 31.82
C7 3YI X . 6.62 -5.33 28.78
O7 3YI X . 7.28 -8.55 35.60
C8 3YI X . 5.52 -4.78 29.42
O8 3YI X . 6.40 -10.60 35.92
C9 3YI X . 5.60 -4.11 30.69
O9 3YI X . 3.42 -7.97 35.77
C10 3YI X . 6.89 -4.04 31.30
O10 3YI X . 2.19 -5.74 35.82
C11 3YI X . 9.37 -4.69 31.03
O11 3YI X . 4.29 -0.26 33.36
C12 3YI X . 9.98 -5.68 30.01
O12 3YI X . 8.18 -3.29 33.20
C13 3YI X . 11.24 -5.11 29.41
O13 3YI X . 5.67 -2.64 35.49
C14 3YI X . 6.51 -6.01 27.48
C15 3YI X . 3.34 -1.00 33.55
C16 3YI X . 2.07 -0.53 34.19
C17 3YI X . 1.61 -1.08 35.35
C18 3YI X . 2.31 -2.10 36.12
C19 3YI X . 1.70 -3.06 36.81
C20 3YI X . 2.47 -4.09 37.60
C21 3YI X . 3.12 -5.13 36.65
C22 3YI X . 3.85 -6.25 37.48
C23 3YI X . 4.43 -7.40 36.55
C24 3YI X . 5.51 -6.87 35.56
C25 3YI X . 6.18 -8.06 34.81
C26 3YI X . 6.72 -7.63 33.41
C27 3YI X . 7.71 -8.71 32.83
C28 3YI X . 8.94 -8.01 32.27
C29 3YI X . 9.03 -7.67 30.98
C30 3YI X . 1.25 0.50 33.52
C31 3YI X . 3.55 -3.49 38.51
C32 3YI X . 2.92 -6.89 38.51
C33 3YI X . 6.55 -6.00 36.25
C34 3YI X . 5.54 -7.39 32.45
C35 3YI X . 7.15 -9.71 36.30
C36 3YI X . 7.99 -9.85 37.53
C37 3YI X . 7.04 -10.86 32.09
C38 3YI X . 6.12 -2.21 34.45
C1 PTY Y . 44.08 -32.07 -15.75
C2 PTY Y . 41.99 -33.48 -21.58
C3 PTY Y . 42.40 -32.02 -21.60
O4 PTY Y . 42.85 -32.43 -15.06
C5 PTY Y . 44.15 -30.27 -17.54
C6 PTY Y . 44.06 -30.59 -16.06
O7 PTY Y . 45.20 -29.97 -15.41
C8 PTY Y . 45.06 -28.72 -14.96
O10 PTY Y . 45.37 -27.75 -15.62
C11 PTY Y . 44.47 -28.68 -13.57
C12 PTY Y . 44.52 -27.33 -12.91
C13 PTY Y . 43.49 -27.17 -11.81
C14 PTY Y . 42.25 -26.40 -12.21
C15 PTY Y . 42.03 -25.12 -11.42
C16 PTY Y . 40.58 -24.67 -11.37
C17 PTY Y . 40.38 -23.30 -10.79
C18 PTY Y . 39.46 -22.42 -11.59
C19 PTY Y . 39.18 -21.06 -10.97
C20 PTY Y . 38.01 -21.03 -10.02
C21 PTY Y . 37.33 -19.68 -9.90
C22 PTY Y . 37.95 -18.75 -8.88
C23 PTY Y . 36.95 -18.03 -8.00
C24 PTY Y . 37.44 -16.73 -7.40
C25 PTY Y . 36.74 -15.49 -7.93
C26 PTY Y . 36.50 -14.41 -6.91
C27 PTY Y . 35.55 -13.31 -7.36
C28 PTY Y . 36.22 -11.99 -7.71
C29 PTY Y . 35.29 -11.00 -8.37
C30 PTY Y . 42.94 -32.80 -13.78
C31 PTY Y . 41.58 -32.88 -13.14
O30 PTY Y . 43.98 -33.04 -13.23
C32 PTY Y . 41.61 -32.81 -11.63
C33 PTY Y . 40.38 -32.12 -11.04
C34 PTY Y . 40.65 -31.35 -9.76
C35 PTY Y . 40.37 -29.86 -9.85
C36 PTY Y . 40.38 -29.15 -8.51
C37 PTY Y . 39.75 -27.78 -8.53
C38 PTY Y . 39.75 -27.09 -7.18
C39 PTY Y . 39.47 -25.60 -7.24
C40 PTY Y . 38.88 -25.02 -5.97
C41 PTY Y . 39.07 -23.53 -5.82
C42 PTY Y . 38.10 -22.85 -4.86
C43 PTY Y . 37.78 -21.43 -5.18
C44 PTY Y . 36.61 -20.87 -4.39
P1 PTY Y . 42.55 -31.84 -18.96
O11 PTY Y . 41.99 -31.35 -20.38
O12 PTY Y . 43.85 -32.56 -19.20
O13 PTY Y . 41.43 -32.55 -18.25
O14 PTY Y . 42.86 -30.47 -18.18
N1 PTY Y . 42.84 -34.31 -22.42
C1B LMT Z . 58.74 -20.37 -41.29
C2B LMT Z . 59.04 -21.86 -41.50
C3B LMT Z . 59.23 -22.55 -40.16
C4B LMT Z . 60.32 -21.86 -39.34
C5B LMT Z . 60.18 -20.34 -39.31
C6B LMT Z . 61.49 -19.69 -38.87
O1B LMT Z . 57.52 -20.23 -40.57
O2B LMT Z . 57.96 -22.47 -42.22
O3B LMT Z . 59.58 -23.92 -40.37
O4' LMT Z . 60.23 -22.35 -38.00
O5B LMT Z . 59.84 -19.77 -40.59
O6B LMT Z . 61.96 -20.30 -37.67
C1' LMT Z . 54.53 -17.30 -40.45
C2' LMT Z . 55.00 -17.73 -41.84
C3' LMT Z . 55.74 -19.06 -41.76
C4' LMT Z . 56.87 -18.95 -40.73
C5' LMT Z . 56.29 -18.50 -39.38
C6' LMT Z . 57.37 -18.39 -38.31
O1' LMT Z . 53.94 -15.99 -40.52
O2' LMT Z . 53.88 -17.85 -42.72
O3' LMT Z . 56.26 -19.40 -43.05
O5' LMT Z . 55.63 -17.24 -39.55
O6' LMT Z . 57.05 -17.39 -37.33
C1 LMT Z . 52.57 -15.90 -40.10
C2 LMT Z . 52.44 -14.92 -38.94
C3 LMT Z . 51.20 -14.04 -39.08
C4 LMT Z . 50.73 -13.55 -37.71
C5 LMT Z . 50.30 -12.09 -37.77
C6 LMT Z . 49.82 -11.62 -36.39
C7 LMT Z . 51.00 -11.21 -35.51
C8 LMT Z . 51.44 -9.78 -35.81
C9 LMT Z . 50.90 -8.80 -34.77
C10 LMT Z . 51.77 -8.77 -33.51
C11 LMT Z . 51.53 -7.50 -32.73
C12 LMT Z . 52.32 -7.47 -31.43
C1 D12 AA . 26.38 -15.90 -11.54
C2 D12 AA . 26.00 -14.44 -11.47
C3 D12 AA . 26.80 -13.64 -10.46
C4 D12 AA . 26.49 -12.17 -10.44
C5 D12 AA . 27.12 -11.40 -9.30
C6 D12 AA . 26.40 -10.14 -8.92
C7 D12 AA . 27.09 -9.31 -7.86
C8 D12 AA . 27.01 -7.81 -8.08
C9 D12 AA . 27.15 -6.98 -6.82
C10 D12 AA . 27.85 -5.66 -7.02
C11 D12 AA . 29.31 -5.65 -6.66
C12 D12 AA . 30.02 -4.35 -6.92
C1 D12 BA . 14.58 -38.38 -29.05
C2 D12 BA . 14.53 -36.87 -29.13
C3 D12 BA . 13.13 -36.32 -29.28
C4 D12 BA . 13.01 -34.83 -29.05
C5 D12 BA . 11.66 -34.24 -29.45
C6 D12 BA . 11.15 -33.15 -28.53
C7 D12 BA . 11.94 -31.86 -28.58
C8 D12 BA . 11.10 -30.62 -28.48
C9 D12 BA . 11.86 -29.36 -28.13
C10 D12 BA . 11.02 -28.12 -27.98
C11 D12 BA . 11.79 -26.85 -27.82
C12 D12 BA . 10.92 -25.60 -27.81
C1 D10 CA . 37.57 -7.83 -20.31
C2 D10 CA . 38.15 -6.44 -20.14
C3 D10 CA . 39.36 -6.40 -19.24
C4 D10 CA . 40.10 -5.09 -19.25
C5 D10 CA . 41.61 -5.23 -19.15
C6 D10 CA . 42.33 -3.98 -18.68
C7 D10 CA . 43.32 -4.22 -17.57
C8 D10 CA . 43.82 -2.95 -16.90
C9 D10 CA . 45.15 -3.10 -16.20
C10 D10 CA . 45.62 -1.84 -15.49
O7 LPX DA . 17.60 -10.58 -17.90
C6 LPX DA . 17.41 -11.19 -16.87
O6 LPX DA . 16.67 -10.73 -15.87
C5 LPX DA . 15.74 -9.67 -16.18
C4 LPX DA . 14.89 -9.38 -14.96
O5 LPX DA . 14.11 -10.53 -14.66
C3 LPX DA . 13.98 -8.19 -15.13
O1 LPX DA . 14.31 -7.16 -14.15
P1 LPX DA . 14.06 -5.61 -14.48
O3 LPX DA . 15.35 -5.01 -14.98
O2 LPX DA . 13.03 -5.62 -15.72
C1 LPX DA . 13.15 -4.59 -16.75
C2 LPX DA . 11.84 -4.42 -17.48
N1 LPX DA . 11.95 -3.42 -18.55
O4 LPX DA . 13.35 -4.99 -13.31
C7 LPX DA . 17.95 -12.56 -16.56
C8 LPX DA . 18.94 -13.07 -17.58
C9 LPX DA . 18.28 -13.54 -18.86
C10 LPX DA . 17.57 -14.88 -18.77
C11 LPX DA . 16.80 -15.26 -20.02
C12 LPX DA . 15.74 -16.31 -19.78
C13 LPX DA . 15.03 -16.76 -21.04
C14 LPX DA . 15.91 -17.45 -22.05
C15 LPX DA . 15.35 -18.73 -22.63
C16 LPX DA . 14.43 -18.52 -23.82
C17 LPX DA . 14.26 -19.76 -24.69
C18 LPX DA . 12.82 -20.20 -24.86
C19 LPX DA . 11.96 -19.23 -25.66
C20 LPX DA . 10.87 -19.87 -26.49
C21 LPX DA . 10.10 -18.90 -27.35
C1 EDO EA . 20.81 19.83 -12.96
O1 EDO EA . 20.35 19.99 -14.29
C2 EDO EA . 19.88 20.39 -11.96
O2 EDO EA . 20.52 20.77 -10.76
C1 EDO FA . 12.30 19.01 -9.34
O1 EDO FA . 11.06 19.00 -8.68
C2 EDO FA . 13.38 18.38 -8.55
O2 EDO FA . 13.53 17.00 -8.83
C1 EDO GA . -8.44 28.73 -5.43
O1 EDO GA . -7.69 28.77 -6.61
C2 EDO GA . -7.76 28.04 -4.31
O2 EDO GA . -8.56 27.04 -3.70
C1 EDO HA . 20.26 10.17 -42.13
O1 EDO HA . 21.23 10.97 -41.49
C2 EDO HA . 20.28 8.75 -41.69
O2 EDO HA . 18.99 8.17 -41.61
C1 HEX IA . 11.50 -5.40 -36.33
C2 HEX IA . 11.35 -4.25 -35.36
C3 HEX IA . 9.94 -3.77 -35.18
C4 HEX IA . 9.77 -2.64 -34.19
C5 HEX IA . 8.43 -1.94 -34.24
C6 HEX IA . 8.42 -0.58 -33.56
C1 GOL JA . 0.95 36.84 -2.63
O1 GOL JA . 0.69 37.74 -1.55
C2 GOL JA . 1.29 37.58 -3.91
O2 GOL JA . 1.13 36.70 -5.02
C3 GOL JA . 0.45 38.83 -4.12
O3 GOL JA . 0.53 39.29 -5.46
C1B LMT KA . 2.69 -10.30 -20.86
C2B LMT KA . 3.10 -10.27 -19.38
C3B LMT KA . 3.16 -8.84 -18.84
C4B LMT KA . 3.60 -7.85 -19.91
C5B LMT KA . 2.70 -7.89 -21.15
C6B LMT KA . 3.50 -7.65 -22.43
O1B LMT KA . 1.87 -11.46 -21.11
O2B LMT KA . 2.16 -11.02 -18.59
O3B LMT KA . 4.06 -8.79 -17.73
O4' LMT KA . 3.59 -6.52 -19.36
O5B LMT KA . 1.97 -9.12 -21.22
O6B LMT KA . 2.64 -7.21 -23.49
C1' LMT KA . 3.16 -12.73 -24.95
C2' LMT KA . 1.97 -11.77 -24.92
C3' LMT KA . 1.88 -11.05 -23.57
C4' LMT KA . 1.91 -12.06 -22.42
C5' LMT KA . 3.10 -13.01 -22.56
C6' LMT KA . 3.10 -14.11 -21.50
O1' LMT KA . 3.17 -13.38 -26.23
O2' LMT KA . 2.10 -10.82 -25.97
O3' LMT KA . 0.69 -10.26 -23.52
O5' LMT KA . 3.07 -13.65 -23.85
O6' LMT KA . 3.20 -13.55 -20.18
C1 LMT KA . 2.94 -14.79 -26.25
C2 LMT KA . 4.27 -15.54 -26.17
C3 LMT KA . 4.40 -16.42 -24.93
C4 LMT KA . 5.77 -16.29 -24.28
C5 LMT KA . 6.81 -17.16 -24.99
C6 LMT KA . 8.24 -16.94 -24.49
C7 LMT KA . 8.43 -17.00 -22.97
C8 LMT KA . 9.52 -17.97 -22.52
C9 LMT KA . 9.21 -19.44 -22.82
C10 LMT KA . 7.78 -19.86 -22.47
C11 LMT KA . 7.61 -21.37 -22.48
C12 LMT KA . 7.79 -21.93 -23.88
C1B LMT LA . 38.43 -13.02 -64.07
C2B LMT LA . 37.70 -14.25 -64.63
C3B LMT LA . 38.66 -15.43 -64.83
C4B LMT LA . 40.12 -14.98 -64.87
C5B LMT LA . 40.50 -14.19 -63.62
C6B LMT LA . 41.65 -13.22 -63.92
O1B LMT LA . 37.48 -12.08 -63.57
O2B LMT LA . 36.64 -14.63 -63.76
O3B LMT LA . 38.34 -16.12 -66.04
O4' LMT LA . 40.97 -16.12 -64.99
O5B LMT LA . 39.38 -13.47 -63.09
O6B LMT LA . 42.72 -13.89 -64.57
C1' LMT LA . 37.41 -9.46 -60.24
C2' LMT LA . 38.78 -10.00 -60.67
C3' LMT LA . 38.74 -10.58 -62.08
C4' LMT LA . 37.60 -11.58 -62.23
C5' LMT LA . 36.32 -10.86 -61.83
C6' LMT LA . 35.07 -11.73 -62.02
O1' LMT LA . 37.41 -9.17 -58.83
O2' LMT LA . 39.76 -8.95 -60.65
O3' LMT LA . 40.02 -11.17 -62.34
O5' LMT LA . 36.40 -10.45 -60.47
O6' LMT LA . 33.92 -11.04 -61.52
C1 LMT LA . 37.92 -7.88 -58.47
C2 LMT LA . 38.95 -8.06 -57.36
C3 LMT LA . 40.20 -7.17 -57.53
C4 LMT LA . 41.49 -7.95 -57.22
C5 LMT LA . 42.55 -7.05 -56.60
C6 LMT LA . 43.06 -5.99 -57.57
C7 LMT LA . 42.37 -4.62 -57.49
C8 LMT LA . 42.10 -4.07 -56.08
C9 LMT LA . 43.30 -4.16 -55.13
C10 LMT LA . 43.70 -2.80 -54.55
C11 LMT LA . 45.15 -2.80 -54.10
C12 LMT LA . 45.37 -3.71 -52.92
C1 HEX MA . 50.50 -15.60 -44.34
C2 HEX MA . 49.07 -15.32 -43.92
C3 HEX MA . 48.03 -15.80 -44.91
C4 HEX MA . 46.66 -16.02 -44.32
C5 HEX MA . 45.51 -15.65 -45.22
C6 HEX MA . 44.16 -15.65 -44.54
C1 GOL NA . 23.63 37.92 -29.05
O1 GOL NA . 22.45 38.71 -29.16
C2 GOL NA . 24.79 38.70 -28.46
O2 GOL NA . 24.70 38.67 -27.03
C3 GOL NA . 26.14 38.19 -28.90
O3 GOL NA . 26.27 38.17 -30.32
#